data_6A5O
#
_entry.id   6A5O
#
_cell.length_a   1
_cell.length_b   1
_cell.length_c   1
_cell.angle_alpha   90
_cell.angle_beta   90
_cell.angle_gamma   90
#
_symmetry.space_group_name_H-M   'P 1'
#
loop_
_entity.id
_entity.type
_entity.pdbx_description
1 polymer 'DNA-directed RNA polymerase subunit'
2 polymer 'DNA-directed RNA polymerase subunit beta'
3 polymer 'RNA polymerase II third largest subunit B44, part of central core'
4 polymer 'RNA polymerase II subunit B32'
5 polymer 'RNA polymerase subunit ABC27, common to RNA polymerases I, II, and III'
6 polymer 'RNA polymerase subunit ABC23, common to RNA polymerases I, II, and III'
7 polymer 'RNA polymerase II subunit'
8 polymer 'DNA-directed RNA polymerases I, II, and III subunit RPABC3'
9 polymer 'DNA-directed RNA polymerase subunit'
10 polymer 'RNA polymerase subunit ABC10-beta, common to RNA polymerases I, II, and III'
11 polymer 'RNA polymerase II subunit B12.5'
12 polymer 'RNA polymerase subunit ABC10-alpha'
13 polymer "RNA (5'-R(P*UP*GP*GP*GP*UP*GP*GP*UP*GP*GP*C)-3')"
14 polymer 'DNA (198-MER)'
15 polymer 'DNA (198-MER)'
16 polymer 'Histone H3.3'
17 polymer 'Histone H4'
18 polymer 'Histone H2A type 1-B/E'
19 polymer 'Histone H2B type 1-J'
20 non-polymer 'ZINC ION'
21 non-polymer 'MAGNESIUM ION'
#
loop_
_entity_poly.entity_id
_entity_poly.type
_entity_poly.pdbx_seq_one_letter_code
_entity_poly.pdbx_strand_id
1 'polypeptide(L)'
;MSQFPYSSAPLRSVKEVQFGLLSPEEIRAISVVKIEYPEIMDESRQRPREGGLNDPKLGSIDRNFKCQTCGEGMAECPGH
FGHMELAKPVFHIGFIPKIKKVCECICMNCGKLLLDETNPTMAQAIRIRDPKKRFNAVWQLCKTKMVCEADAPVDEYSEQ
KVVSRGGCGNTQPVVRKDGMKLWGTWKKSGFSDRDAQPERKLLTPGEILNVFKHISPEDCFRLGFNEDYARPEWMIITVL
PVPPPQVRPSIAMDETTQGQDDLTHKLSDILKANINVQKLEMDGSPQHIINEVEQLLQFHVATYMDNDIAGQPQALQKSG
RPVKAIRARLKGKEGRLRGNLMGKRVDFSARTVISGDPNLELDQVGVPISIAKTLSYPETVTQYNIHRLTEYVRNGPNEH
PGAKYVIRDNGDRIDLRYHKRAGDIVLQYGWKVERHLMDDDPVLFNRQPSLHKMSMMAHRVKVMPYSTFRLNLSVTSPYN
ADFDGDEMNLHVPQSEETRAELSQLCAVPLQIVSPQSNKPVMGIVQDTLCGVRKMTLRDTFIEYEQVMNMLFWVPSWDGV
VPQPAILKPKPLWTGKQLLSIAIPSGIHLQRTDGGNSLLSPKDNGMLIVDGKVMFGVVDKKTVGSGGGGLIHTVMREKGP
KICAELFGNIQKVVNYWLLHNGFSIGIGDAIADASTMKEITHAISSAKEQVQEIIYKAQHNELELKPGMTLRESFEGEVS
RTLNDARDSAGRSAEMNLKDLNNVKQMVSAGSKGSFINIAQMSACVGQQMVEGKRIAFGFADRSLPHFTKDDFSPESKGF
VENSYLRGLTPQEFFFHAMAGREGLIDTAVKTAETGYIQRRLVKALEDIMVHYDGTTRNSLGDIIQFLYGEDGLDGTQVE
RQTIDTIPGSDKAFHKRYYVDLMDEKNSIKPDVIEYAADILGDVELQKELNSEYEQLVSDRKFLREIVFVNGDHNWPLPV
NLRRIIQNAQQIFHLDRAKASDLTIPEIIHGVRDLCKKLFVLRGENELIKEAQQNATSLFQCLVRARLATRRILEEFRLN
RDAFEWVLGTIEAQFQRSLVHPGEMVGVIAAQSIGEPATQMTLNTFHYAGVSSKNVTLGVPRLKEILNVAKNIKTPALTV
YLDREIALDIEKAKVIQSSIEYTTLKNVTSATEIYYDPDPTSTVIEEDFDTVEAYFSIPDEKVEETIDKQSPWLLRLELD
RARMLDKQLTMNQVADKISEVFSDDLFVMWSEDNADKLIIRCRVIRDPKAMDEELEAEEDQMLKRIEAHMLDLIALRGIP
GISKVYMVKHKVSVPDESGEYKNEELWALETDGINLAEVMAVPGVDSSRTYSNSFVEILSVLGIEATRSSLYKEILNVIA
FDGSYVNYRHMALLVDVMTSRGYLMAITRHGINRADTGALMRCSFEETVEILFEAGAAAELDDCRGVSENVMLGQLAPMG
TGAFDVMIDEKLLTSLPADYAPTMPLFKGKATQGSATPYDNNAQYDDEFNHDDVADVMFSPMAETGSGDDRSGGLTEYAG
IQSPYQPTSPGLSATSPGFAPTSPGFAPTSPRYSPTSPGYSPTSPSYSPTSPSYSPTSPSYSPTSPSYSPTSPSYSPTSP
SYSPTSPSYSPTSPSYSPTSPSYSPTSPQYSPTSPQYSPTSPQYSPTSPQYSPTSPQYSPTSPQYSPTSPQYSPTSPQYS
PTSPQYSPTSPQYSPTSPQYSPTSPQYSPTSPQYSPTSPQYSPASPQYSPSRHSPNGESKEGE
;
A
2 'polypeptide(L)'
;MSYDPYSIDDTITTEDCWTVISAFFEEKGLVSQQLDSFDEFMETSIQDLVWEEPRLILDQPAQHTNEKDNINKRYEIRFG
KIYLSRPTMTEADGTTHAMFPQEARLRNLTYSSPVYLDMEKSMFTSIDDEGNPNATLDWQQVHEPIKDGVEEGNKVHIGK
VPIMLRSKFCSLRTLDEVDLYKMKECPYDMGGYFVINGSEKVLIAQERSAANIVQVFKKAAPSPISHVAEIRSALEKGSR
LISTMQIKLYGREDKGTGRTIKATLPYVKQDIPIVIVFRALGVVPDGEILQHICYDENDWQMLEMLKPCIEEGFVIQDKE
VALDFIGRRGSAALGIRREKRIQYAKDILQKELLPHITQEEGFETRKTFFLGYMVNRLLLCALERKDQDDRDHFGKKRLD
LAGPLLANLFRILFRKLTREIYRYMQRCIETDRDFNLNLAVKSTTITSGLKYSLATGNWGEQKKAMSSRAGVSQVLNRYT
YSSTLSHLRRTNTPIGRDGKLAKPRQLHNTHWGLVCPAETPEGQACGLVKNLSLLSGISIGSPSEPIINFLEEWGMEPLE
DYDPAQHTKSTRIFVNGVWTGIHRDPSMLVSTMRDLRRSGAISPEVSIIRDIREREFKIFTDVGRVYRPLFIVEDDESKD
NKGELRITKEHIRKIQQGYDDDAMNDDSEEQEQDVYGWSSLVTSGVIEYVDGEEEETIMIAMTPEDLQTRSLEQKEIDLN
DTAKRIKPEMSTSSHHTFTHCEIHPSMILGVAASIIPFPDHNQSPRNTYQSAMGKQAMGVFLTNYNVRMDTMANILYYPQ
KPLAKTQAMEYLKFRELPAGQNAIVAIACYSGYNQEDSMIMNQSSIDRGLFRSLFFRSYMDQEKRFGISIVEEFEKPTRA
TTLRLKHGTYEKLDEDGLIAPGVRVSGDDIIIGKTTPIPPDTEELGQRTKYHTKRDASTPLRSTENGIVDQVLLTTNQEG
LKFVKVRMRTTKVPQIGDKFASRHGQKGTIGVTYRHEDMPFSAEGIVPDLIINPHAIPSRMTVAHLIECLLSKVGSIRGY
EGDATPFTDLTVDAVSNLLRDNGYQSRGFEVMYNGHTGKKLMAQVFFGPTYYQRLRHMVDDKIHARARGPVQVLTRQPVE
GRSRDGGLRFGEMERDCMIAHGAAGFLKERLMEASDAFRVHVCGICGLMSVIANLKKNQFECRSCKNKTNIYQLHIPYAA
KLLFQELMAMNIAPRLYTERSGVSMRS
;
B
3 'polypeptide(L)'
;MSKEPKVNIINAQDDEVELMLSDVNLSLANSLRRTMLAEVPTLAIDLVEIKMNTSVLADEFISHRLGLIPLVSEDVEEMK
YSRDCTCEDYCDECSVVLELSARHEGEEGTTDVYSSSLIKVSGPGNLNVGEPVRRDDYDQGILLCKLRNHQELNIRCIAK
KGIAKEHAKWSPCSAIAFEYDPHNKLKHTDFWFEVDAKKEWPDSKYATWEEPPKPGEVFDYKAKPNRFYMTVETTGSLKA
NQVFSRGIKTLQEKLANVLFELENSRPANTTAYGGATAYGGQTVYGRETSYGGNTNYGDYNAPY
;
C
4 'polypeptide(L)'
;MNVSTSTVGARRRRAKQQVDDEENATLLRLGPEFALKQYDHDGNEHDLIALSLSESRLLIREALKARSRARNGGVDIESS
NGEIDDDELAKVTSGAVANGVVKKTLDYLNTFARFKDEETCTAVDQLLHNSSDCSVLHPFEIAQLSSLGCEDVDEAITLI
PSLAAKKEVNLQRILDELNRLEDPYK
;
D
5 'polypeptide(L)'
;MEDNNRIISRLWRSFRTVKEMAADRGYFISQEEMDQSLEEFRSKICDSMGNPQRKLMSFLANPTPEALEKYSDLGTLWVE
FCDEPSVGIKTMRNFCLRIQEKNFSTGIFIYQNNITPSANKMIPTVSPAIIETFQESDLVVNITHHELVPKHIRLSDGEK
SQLLQRYKLKESQLPRIQREDPVARYLGLKRGQVVKIIRRSETSGRYASYRICL
;
E
6 'polypeptide(L)'
;MSEDEAFNEQTENFENFEDEHFSDDNFEDRSTQPEDYAVGVTADGRQIINGDGIQEVNGTIKAHRKRSNKELAILKEERT
TTPYLTKYERARILGTRALQISMNAPVLVDIEGETDPLQIAMKELSQRKIPLVIRRYLPDGSYEDWGCDELIVDN
;
F
7 'polypeptide(L)'
;MFFLKDLSLILTLHPSYFGPQMNQYLREKLLTDVEGTCTGQFGYIVTVLDGMNIDVGKGRIIPGSGSAEFEVKYRAVVWK
PFKGEVVDAIVSNVSPIGFFADVGPLNVFVSTRLIPDNLVYNPSNSPPAYMSNDELITKGSKVRLKVVGTRTDVNEIYAI
GSIKEDFLGAI
;
G
8 'polypeptide(L)'
;MSSALFDDIFTVQTVDNGRYNKVSRIIGISTTNSAIKLTLDINNEMFPVSQDDSLTVTLANSLSLDGEDESANFSKSWRP
PKPTDKSLADDYDYVMFGTVYKFEEGDEDKIKVYVSFGGLLMCLEGGYKSLASLKQDNLYILIRR
;
H
9 'polypeptide(L)'
;MASFRFCLECNNMLYPKEDKENQRLLYSCRNCDYTELAEDPKVYRHELITNIGETAGIVDDIGQDPTLPRSDKECPECHS
RDCVFFQSQQRRKDTNMTLFYVCLNCKKTFRDESE
;
I
10 'polypeptide(L)' MIIPVRCFSCGKVVGDKWDAYLRLLEEGKQEGDALDELKLKRYCCRRMVLTHVDLIEKFLRYNPLEKKDFDS J
11 'polypeptide(L)'
;MNAPDRFELFILPDDVPKLKITPDSRVPNCIIIKFEREDHTLANLLREELALYPDVTFVAYKVEHPLFANFVMRLQTEEG
TRPKQALERACASIINKLKTLDHKFNEEWNIKNFSLND
;
K
12 'polypeptide(L)' MSREGFVAPSGTDLAAAASGVAPNKHYGVKYTCGACAHNFSLNKSDPVRCKECGHRVIYKARTKRMIQFDAR L
13 'polyribonucleotide' UUGGUGUGUUU P
14 'polydeoxyribonucleotide'
;(DA)(DT)(DC)(DA)(DG)(DA)(DA)(DT)(DC)(DC)(DC)(DG)(DG)(DT)(DG)(DC)(DC)(DG)(DA)(DG)
(DG)(DC)(DC)(DG)(DC)(DT)(DC)(DA)(DA)(DT)(DT)(DG)(DG)(DT)(DC)(DG)(DT)(DA)(DG)(DA)
(DC)(DA)(DG)(DC)(DT)(DC)(DT)(DA)(DG)(DC)(DA)(DC)(DC)(DG)(DC)(DT)(DT)(DA)(DA)(DA)
(DC)(DG)(DC)(DA)(DC)(DG)(DT)(DA)(DC)(DG)(DC)(DG)(DC)(DT)(DG)(DT)(DC)(DC)(DC)(DC)
(DC)(DG)(DC)(DG)(DT)(DT)(DT)(DT)(DA)(DA)(DC)(DC)(DG)(DC)(DC)(DA)(DA)(DG)(DG)(DG)
(DG)(DA)(DT)(DT)(DA)(DC)(DA)(DC)(DC)(DC)(DA)(DA)(DG)(DA)(DC)(DA)(DC)(DC)(DA)(DG)
(DG)(DC)(DA)(DC)(DG)(DA)(DG)(DA)(DC)(DA)(DG)(DA)(DA)(DA)(DA)(DA)(DA)(DA)(DC)(DA)
(DA)(DC)(DG)(DA)(DA)(DA)(DA)(DC)(DG)(DG)(DC)(DC)(DA)(DC)(DC)(DA)(DC)(DC)(DC)(DA)
(DA)(DA)(DC)(DA)(DC)(DA)(DC)(DC)(DA)(DA)(DA)(DC)(DA)(DC)(DA)(DA)(DG)(DA)(DG)(DC)
(DT)(DA)(DA)(DT)(DT)(DG)(DA)(DC)(DT)(DG)(DA)(DC)(DG)(DT)(DA)(DA)(DG)(DC)
;
T
15 'polydeoxyribonucleotide'
;(DG)(DC)(DT)(DT)(DA)(DC)(DG)(DT)(DC)(DA)(DG)(DT)(DC)(DT)(DG)(DG)(DC)(DC)(DA)(DT)
(DC)(DT)(DT)(DT)(DG)(DT)(DG)(DT)(DT)(DT)(DG)(DG)(DT)(DG)(DT)(DG)(DT)(DT)(DT)(DG)
(DG)(DG)(DT)(DG)(DG)(DT)(DG)(DG)(DC)(DC)(DG)(DT)(DT)(DT)(DT)(DC)(DG)(DT)(DT)(DG)
(DT)(DT)(DT)(DT)(DT)(DT)(DT)(DC)(DT)(DG)(DT)(DC)(DT)(DC)(DG)(DT)(DG)(DC)(DC)(DT)
(DG)(DG)(DT)(DG)(DT)(DC)(DT)(DT)(DG)(DG)(DG)(DT)(DG)(DT)(DA)(DA)(DT)(DC)(DC)(DC)
(DC)(DT)(DT)(DG)(DG)(DC)(DG)(DG)(DT)(DT)(DA)(DA)(DA)(DA)(DC)(DG)(DC)(DG)(DG)(DG)
(DG)(DG)(DA)(DC)(DA)(DG)(DC)(DG)(DC)(DG)(DT)(DA)(DC)(DG)(DT)(DG)(DC)(DG)(DT)(DT)
(DT)(DA)(DA)(DG)(DC)(DG)(DG)(DT)(DG)(DC)(DT)(DA)(DG)(DA)(DG)(DC)(DT)(DG)(DT)(DC)
(DT)(DA)(DC)(DG)(DA)(DC)(DC)(DA)(DA)(DT)(DT)(DG)(DA)(DG)(DC)(DG)(DG)(DC)(DC)(DT)
(DC)(DG)(DG)(DC)(DA)(DC)(DC)(DG)(DG)(DG)(DA)(DT)(DT)(DC)(DT)(DG)(DA)(DT)
;
N
16 'polypeptide(L)'
;GSHMARTKQTARKSTGGKAPRKQLATKAARKSAPSTGGVKKPHRYRPGTVALREIRRYQKSTELLIRKLPFQRLVREIAQ
DFKTDLRFQSAAIGALQEASEAYLVGLFEDTNLCAIHAKRVTIMPKDIQLARRIRGERA
;
a,e
17 'polypeptide(L)'
;GSHMSGRGKGGKGLGKGGAKRHRKVLRDNIQGITKPAIRRLARRGGVKRISGLIYEETRGVLKVFLENVIRDAVTYTEHA
KRKTVTAMDVVYALKRQGRTLYGFGG
;
b,f
18 'polypeptide(L)'
;GSHMSGRGKQGGKARAKAKTRSSRAGLQFPVGRVHRLLRKGNYSERVGAGAPVYLAAVLEYLTAEILELAGNAARDNKKT
RIIPRHLQLAIRNDEELNKLLGRVTIAQGGVLPNIQAVLLPKKTESHHKAKGK
;
c,g
19 'polypeptide(L)'
;GSHMPEPAKSAPAPKKGSKKAVTKAQKKDGKKRKRSRKESYSIYVYKVLKQVHPDTGISSKAMGIMNSFVNDIFERIAGE
ASRLAHYNKRSTITSREIQTAVRLLLPGELAKHAVSEGTKAVTKYTSAK
;
d,h
#
# COMPACT_ATOMS: atom_id res chain seq x y z
N SER A 2 -37.95 -24.72 -15.76
CA SER A 2 -37.82 -25.96 -16.52
C SER A 2 -36.45 -26.57 -16.39
N GLN A 3 -35.45 -25.77 -16.02
CA GLN A 3 -34.10 -26.31 -15.92
C GLN A 3 -33.83 -27.09 -14.65
N PHE A 4 -34.77 -27.24 -13.83
CA PHE A 4 -34.62 -28.03 -12.63
C PHE A 4 -35.72 -29.08 -12.59
N PRO A 5 -35.51 -30.22 -11.93
CA PRO A 5 -36.62 -31.15 -11.75
C PRO A 5 -37.61 -30.59 -10.75
N TYR A 6 -38.87 -30.98 -10.93
CA TYR A 6 -39.95 -30.43 -10.13
C TYR A 6 -39.85 -30.84 -8.67
N SER A 7 -40.26 -29.95 -7.79
CA SER A 7 -40.35 -30.23 -6.37
C SER A 7 -41.64 -29.62 -5.87
N SER A 8 -42.07 -30.02 -4.67
CA SER A 8 -43.31 -29.47 -4.13
C SER A 8 -43.08 -28.31 -3.17
N ALA A 9 -41.86 -28.16 -2.67
CA ALA A 9 -41.56 -27.02 -1.80
C ALA A 9 -41.50 -25.75 -2.63
N PRO A 10 -42.21 -24.69 -2.25
CA PRO A 10 -42.32 -23.53 -3.14
C PRO A 10 -41.09 -22.64 -3.12
N LEU A 11 -40.81 -22.05 -4.27
CA LEU A 11 -39.69 -21.15 -4.46
C LEU A 11 -39.88 -19.90 -3.62
N ARG A 12 -38.91 -19.63 -2.75
CA ARG A 12 -38.79 -18.33 -2.12
C ARG A 12 -37.34 -17.91 -2.12
N SER A 13 -37.13 -16.61 -2.16
CA SER A 13 -35.80 -16.03 -2.12
C SER A 13 -35.37 -15.83 -0.68
N VAL A 14 -34.07 -15.82 -0.47
CA VAL A 14 -33.53 -15.64 0.86
C VAL A 14 -33.73 -14.20 1.29
N LYS A 15 -34.19 -13.99 2.53
CA LYS A 15 -34.25 -12.66 3.08
C LYS A 15 -33.24 -12.41 4.18
N GLU A 16 -33.10 -13.29 5.16
CA GLU A 16 -32.29 -12.96 6.31
C GLU A 16 -31.21 -14.00 6.50
N VAL A 17 -29.96 -13.57 6.50
CA VAL A 17 -28.88 -14.45 6.88
C VAL A 17 -28.82 -14.45 8.38
N GLN A 18 -29.02 -15.62 8.98
CA GLN A 18 -28.84 -15.81 10.40
C GLN A 18 -27.49 -16.45 10.61
N PHE A 19 -26.47 -15.63 10.77
CA PHE A 19 -25.17 -16.14 11.15
C PHE A 19 -25.21 -16.60 12.59
N GLY A 20 -24.43 -17.65 12.85
CA GLY A 20 -24.35 -18.22 14.17
C GLY A 20 -23.30 -19.31 14.20
N LEU A 21 -23.10 -19.88 15.36
CA LEU A 21 -22.15 -20.97 15.51
C LEU A 21 -22.89 -22.29 15.43
N LEU A 22 -22.19 -23.37 15.74
CA LEU A 22 -22.80 -24.68 15.78
C LEU A 22 -22.45 -25.38 17.08
N SER A 23 -23.47 -25.96 17.72
CA SER A 23 -23.25 -26.79 18.88
C SER A 23 -22.53 -28.06 18.45
N PRO A 24 -21.90 -28.78 19.37
CA PRO A 24 -21.52 -30.16 19.04
C PRO A 24 -22.74 -31.03 18.78
N GLU A 25 -23.82 -30.75 19.51
CA GLU A 25 -25.06 -31.49 19.38
C GLU A 25 -25.59 -31.44 17.96
N GLU A 26 -25.71 -30.26 17.40
CA GLU A 26 -26.46 -30.11 16.16
C GLU A 26 -25.67 -30.71 15.00
N ILE A 27 -24.34 -30.72 15.12
CA ILE A 27 -23.52 -31.52 14.22
C ILE A 27 -23.85 -32.99 14.38
N ARG A 28 -23.97 -33.47 15.62
CA ARG A 28 -24.30 -34.88 15.79
C ARG A 28 -25.71 -35.22 15.33
N ALA A 29 -26.57 -34.22 15.23
CA ALA A 29 -27.94 -34.51 14.86
C ALA A 29 -28.20 -34.30 13.37
N ILE A 30 -27.28 -33.63 12.66
CA ILE A 30 -27.53 -33.40 11.23
C ILE A 30 -27.00 -34.46 10.28
N SER A 31 -26.10 -35.33 10.71
CA SER A 31 -25.45 -36.18 9.71
C SER A 31 -26.19 -37.49 9.53
N VAL A 32 -25.57 -38.37 8.75
CA VAL A 32 -26.06 -39.72 8.57
C VAL A 32 -25.02 -40.74 8.92
N VAL A 33 -23.76 -40.36 9.08
CA VAL A 33 -22.74 -41.38 9.25
C VAL A 33 -21.62 -40.92 10.17
N LYS A 34 -21.21 -41.79 11.07
CA LYS A 34 -20.03 -41.57 11.88
C LYS A 34 -18.84 -42.11 11.10
N ILE A 35 -17.70 -41.47 11.24
CA ILE A 35 -16.59 -41.67 10.32
C ILE A 35 -15.47 -42.38 11.08
N GLU A 36 -14.90 -43.44 10.49
CA GLU A 36 -13.97 -44.24 11.28
C GLU A 36 -12.61 -44.63 10.69
N TYR A 37 -12.54 -44.94 9.41
CA TYR A 37 -11.39 -45.73 8.96
C TYR A 37 -10.46 -44.94 8.06
N PRO A 38 -9.15 -45.00 8.29
CA PRO A 38 -8.21 -44.19 7.50
C PRO A 38 -8.04 -44.65 6.08
N GLU A 39 -8.19 -45.94 5.79
CA GLU A 39 -8.06 -46.38 4.41
C GLU A 39 -9.28 -45.93 3.63
N ILE A 40 -9.08 -45.69 2.33
CA ILE A 40 -10.20 -45.38 1.46
C ILE A 40 -10.85 -46.66 0.97
N MET A 41 -10.08 -47.50 0.28
CA MET A 41 -10.52 -48.76 -0.31
C MET A 41 -10.95 -49.75 0.77
N ASP A 42 -11.72 -50.75 0.34
CA ASP A 42 -11.93 -51.90 1.21
C ASP A 42 -10.61 -52.62 1.44
N GLU A 43 -10.14 -53.37 0.44
CA GLU A 43 -8.79 -53.90 0.35
C GLU A 43 -8.36 -53.82 -1.11
N SER A 44 -8.51 -52.62 -1.69
CA SER A 44 -8.42 -52.35 -3.12
C SER A 44 -9.40 -53.20 -3.90
N ARG A 45 -10.67 -53.16 -3.52
CA ARG A 45 -11.68 -54.09 -3.99
C ARG A 45 -12.99 -53.45 -4.38
N GLN A 46 -12.97 -52.39 -5.22
CA GLN A 46 -14.06 -52.10 -6.14
C GLN A 46 -15.43 -51.80 -5.52
N ARG A 47 -15.70 -50.51 -5.17
CA ARG A 47 -16.50 -49.91 -4.08
C ARG A 47 -15.72 -49.88 -2.78
N PRO A 48 -14.88 -48.86 -2.61
CA PRO A 48 -14.14 -48.61 -1.37
C PRO A 48 -14.95 -48.60 -0.08
N ARG A 49 -14.22 -48.62 1.02
CA ARG A 49 -14.72 -49.06 2.31
C ARG A 49 -15.75 -48.11 2.90
N GLU A 50 -16.94 -48.64 3.19
CA GLU A 50 -17.86 -47.91 4.05
C GLU A 50 -17.32 -47.87 5.47
N GLY A 51 -17.23 -46.67 6.01
CA GLY A 51 -16.45 -46.41 7.20
C GLY A 51 -15.17 -45.65 6.94
N GLY A 52 -14.72 -45.63 5.69
CA GLY A 52 -13.72 -44.70 5.26
C GLY A 52 -14.33 -43.39 4.80
N LEU A 53 -13.56 -42.64 4.02
CA LEU A 53 -13.93 -41.28 3.70
C LEU A 53 -14.91 -41.15 2.55
N ASN A 54 -15.04 -42.15 1.70
CA ASN A 54 -15.86 -42.02 0.50
C ASN A 54 -17.18 -42.75 0.60
N ASP A 55 -17.83 -42.66 1.76
CA ASP A 55 -19.14 -43.24 1.99
C ASP A 55 -20.12 -42.86 0.88
N PRO A 56 -20.71 -43.84 0.21
CA PRO A 56 -21.83 -43.56 -0.68
C PRO A 56 -23.08 -43.07 0.02
N LYS A 57 -23.11 -43.03 1.33
CA LYS A 57 -24.20 -42.32 1.97
C LYS A 57 -23.93 -40.82 2.05
N LEU A 58 -22.73 -40.37 1.68
CA LEU A 58 -22.48 -38.93 1.62
C LEU A 58 -22.94 -38.33 0.31
N GLY A 59 -22.84 -39.08 -0.77
CA GLY A 59 -23.15 -38.58 -2.09
C GLY A 59 -22.04 -39.04 -3.02
N SER A 60 -22.41 -39.73 -4.09
CA SER A 60 -21.46 -40.45 -4.91
C SER A 60 -20.88 -39.50 -5.95
N ILE A 61 -19.56 -39.56 -6.14
CA ILE A 61 -18.88 -38.65 -7.07
C ILE A 61 -18.55 -39.40 -8.34
N ASP A 62 -19.30 -40.44 -8.61
CA ASP A 62 -19.20 -41.23 -9.83
C ASP A 62 -20.49 -41.01 -10.59
N ARG A 63 -20.41 -40.92 -11.92
CA ARG A 63 -21.61 -40.65 -12.70
C ARG A 63 -22.63 -41.77 -12.63
N ASN A 64 -22.20 -43.01 -12.55
CA ASN A 64 -23.07 -44.13 -12.83
C ASN A 64 -23.63 -44.81 -11.58
N PHE A 65 -23.12 -44.50 -10.41
CA PHE A 65 -23.65 -45.02 -9.16
C PHE A 65 -24.42 -43.91 -8.49
N LYS A 66 -25.73 -44.08 -8.34
CA LYS A 66 -26.55 -43.08 -7.71
C LYS A 66 -26.24 -42.96 -6.22
N CYS A 67 -26.67 -41.86 -5.61
CA CYS A 67 -26.39 -41.64 -4.20
C CYS A 67 -27.19 -42.58 -3.33
N GLN A 68 -26.62 -42.97 -2.21
CA GLN A 68 -27.29 -43.93 -1.36
C GLN A 68 -27.93 -43.29 -0.13
N THR A 69 -28.08 -41.97 -0.12
CA THR A 69 -28.93 -41.33 0.88
C THR A 69 -30.07 -40.56 0.25
N CYS A 70 -29.76 -39.62 -0.64
CA CYS A 70 -30.81 -38.88 -1.31
C CYS A 70 -31.46 -39.68 -2.42
N GLY A 71 -30.77 -40.66 -2.99
CA GLY A 71 -31.34 -41.44 -4.06
C GLY A 71 -31.43 -40.73 -5.40
N GLU A 72 -30.67 -39.66 -5.61
CA GLU A 72 -30.62 -38.97 -6.89
C GLU A 72 -29.36 -39.32 -7.65
N GLY A 73 -29.12 -38.58 -8.73
CA GLY A 73 -27.85 -38.66 -9.42
C GLY A 73 -26.83 -37.69 -8.83
N MET A 74 -25.71 -37.55 -9.53
CA MET A 74 -24.72 -36.57 -9.11
C MET A 74 -25.13 -35.17 -9.54
N ALA A 75 -26.05 -35.07 -10.50
CA ALA A 75 -26.47 -33.77 -10.99
C ALA A 75 -27.33 -33.05 -9.97
N GLU A 76 -28.01 -33.80 -9.12
CA GLU A 76 -28.98 -33.18 -8.23
C GLU A 76 -28.58 -33.26 -6.77
N CYS A 77 -27.79 -34.24 -6.38
CA CYS A 77 -27.43 -34.40 -4.98
C CYS A 77 -26.51 -33.27 -4.57
N PRO A 78 -26.90 -32.44 -3.61
CA PRO A 78 -25.99 -31.41 -3.11
C PRO A 78 -24.84 -32.01 -2.33
N GLY A 79 -24.99 -33.21 -1.83
CA GLY A 79 -24.10 -33.75 -0.83
C GLY A 79 -24.73 -33.77 0.53
N HIS A 80 -24.08 -34.47 1.46
CA HIS A 80 -24.55 -34.57 2.82
C HIS A 80 -23.34 -34.50 3.73
N PHE A 81 -23.47 -33.81 4.85
CA PHE A 81 -22.36 -33.69 5.78
C PHE A 81 -22.07 -35.00 6.49
N GLY A 82 -20.80 -35.22 6.80
CA GLY A 82 -20.40 -36.22 7.75
C GLY A 82 -19.77 -35.56 8.95
N HIS A 83 -19.46 -36.37 9.96
CA HIS A 83 -18.67 -35.84 11.06
C HIS A 83 -17.80 -36.92 11.66
N MET A 84 -16.60 -36.51 12.02
CA MET A 84 -15.58 -37.41 12.56
C MET A 84 -15.47 -37.10 14.04
N GLU A 85 -15.93 -38.03 14.86
CA GLU A 85 -15.83 -37.85 16.29
C GLU A 85 -14.38 -37.92 16.73
N LEU A 86 -13.81 -36.75 16.97
CA LEU A 86 -12.56 -36.62 17.68
C LEU A 86 -12.75 -37.16 19.08
N ALA A 87 -11.74 -37.88 19.56
CA ALA A 87 -11.76 -38.25 20.96
C ALA A 87 -11.47 -37.07 21.85
N LYS A 88 -10.52 -36.23 21.46
CA LYS A 88 -10.14 -35.11 22.27
C LYS A 88 -10.73 -33.85 21.67
N PRO A 89 -11.42 -33.03 22.47
CA PRO A 89 -11.94 -31.77 21.94
C PRO A 89 -10.83 -30.80 21.62
N VAL A 90 -11.04 -30.01 20.58
CA VAL A 90 -10.02 -29.10 20.08
C VAL A 90 -10.58 -27.69 19.97
N PHE A 91 -9.66 -26.74 19.92
CA PHE A 91 -10.01 -25.39 19.52
C PHE A 91 -10.44 -25.38 18.08
N HIS A 92 -11.37 -24.50 17.78
CA HIS A 92 -11.52 -23.99 16.43
C HIS A 92 -10.39 -22.99 16.21
N ILE A 93 -9.77 -23.00 15.03
CA ILE A 93 -8.55 -22.22 14.88
C ILE A 93 -8.88 -20.76 14.66
N GLY A 94 -10.14 -20.44 14.40
CA GLY A 94 -10.49 -19.09 13.99
C GLY A 94 -11.04 -18.22 15.09
N PHE A 95 -11.00 -18.67 16.32
CA PHE A 95 -11.61 -17.92 17.41
C PHE A 95 -10.64 -17.62 18.53
N ILE A 96 -9.36 -17.94 18.36
CA ILE A 96 -8.44 -17.98 19.49
C ILE A 96 -8.17 -16.61 20.12
N PRO A 97 -8.15 -15.50 19.40
CA PRO A 97 -8.25 -14.21 20.11
C PRO A 97 -9.57 -13.98 20.82
N LYS A 98 -10.72 -14.38 20.27
CA LYS A 98 -11.95 -14.09 21.02
C LYS A 98 -12.11 -15.04 22.20
N ILE A 99 -11.65 -16.28 22.06
CA ILE A 99 -11.63 -17.20 23.20
C ILE A 99 -10.62 -16.73 24.24
N LYS A 100 -9.51 -16.15 23.77
CA LYS A 100 -8.57 -15.49 24.66
C LYS A 100 -9.23 -14.41 25.48
N LYS A 101 -10.03 -13.55 24.84
CA LYS A 101 -10.69 -12.49 25.59
C LYS A 101 -11.71 -13.05 26.56
N VAL A 102 -12.39 -14.13 26.18
CA VAL A 102 -13.43 -14.66 27.04
C VAL A 102 -12.83 -15.27 28.29
N CYS A 103 -11.75 -16.03 28.17
CA CYS A 103 -11.07 -16.51 29.38
C CYS A 103 -10.26 -15.42 30.06
N GLU A 104 -10.08 -14.27 29.41
CA GLU A 104 -9.73 -13.11 30.21
C GLU A 104 -10.89 -12.58 31.02
N CYS A 105 -12.14 -12.82 30.61
CA CYS A 105 -13.21 -12.16 31.35
C CYS A 105 -13.54 -12.80 32.69
N ILE A 106 -13.88 -14.08 32.75
CA ILE A 106 -14.75 -14.58 33.80
C ILE A 106 -13.96 -15.45 34.79
N CYS A 107 -14.68 -15.93 35.80
CA CYS A 107 -14.09 -16.82 36.78
C CYS A 107 -13.70 -18.15 36.16
N MET A 108 -12.69 -18.78 36.75
CA MET A 108 -12.25 -20.09 36.30
C MET A 108 -12.75 -21.21 37.18
N ASN A 109 -13.60 -20.93 38.16
CA ASN A 109 -14.15 -22.01 38.97
C ASN A 109 -15.64 -22.15 38.72
N CYS A 110 -16.42 -21.09 38.95
CA CYS A 110 -17.83 -21.10 38.65
C CYS A 110 -18.13 -20.61 37.25
N GLY A 111 -17.22 -19.86 36.65
CA GLY A 111 -17.48 -19.30 35.35
C GLY A 111 -18.43 -18.13 35.39
N LYS A 112 -18.11 -17.10 36.16
CA LYS A 112 -18.97 -15.94 36.26
C LYS A 112 -18.21 -14.66 35.97
N LEU A 113 -18.91 -13.69 35.40
CA LEU A 113 -18.33 -12.40 35.00
C LEU A 113 -17.82 -11.63 36.20
N LEU A 114 -16.60 -11.12 36.12
CA LEU A 114 -16.00 -10.46 37.27
C LEU A 114 -16.53 -9.05 37.50
N LEU A 115 -17.57 -8.63 36.79
CA LEU A 115 -18.28 -7.41 37.13
C LEU A 115 -19.77 -7.67 37.09
N ASP A 116 -20.52 -6.84 37.82
CA ASP A 116 -21.98 -6.85 37.86
C ASP A 116 -22.50 -5.45 37.61
N GLU A 117 -23.78 -5.25 37.92
CA GLU A 117 -24.34 -3.90 37.81
C GLU A 117 -24.00 -3.01 39.01
N THR A 118 -23.15 -3.46 39.93
CA THR A 118 -22.78 -2.64 41.08
C THR A 118 -21.88 -1.48 40.68
N ASN A 119 -20.77 -1.78 40.02
CA ASN A 119 -19.90 -0.75 39.47
C ASN A 119 -20.65 0.00 38.38
N PRO A 120 -20.89 1.30 38.53
CA PRO A 120 -21.88 1.96 37.65
C PRO A 120 -21.40 2.19 36.23
N THR A 121 -20.10 2.26 35.98
CA THR A 121 -19.65 2.38 34.59
C THR A 121 -19.91 1.09 33.84
N MET A 122 -19.71 -0.05 34.52
CA MET A 122 -20.15 -1.32 33.98
C MET A 122 -21.67 -1.37 33.84
N ALA A 123 -22.39 -0.77 34.79
CA ALA A 123 -23.84 -0.72 34.71
C ALA A 123 -24.32 0.17 33.56
N GLN A 124 -23.50 1.12 33.14
CA GLN A 124 -23.83 1.92 31.96
C GLN A 124 -23.46 1.17 30.68
N ALA A 125 -22.37 0.40 30.72
CA ALA A 125 -21.98 -0.37 29.56
C ALA A 125 -22.96 -1.50 29.27
N ILE A 126 -23.70 -1.96 30.28
CA ILE A 126 -24.75 -2.96 30.06
C ILE A 126 -25.84 -2.50 29.10
N ARG A 127 -26.15 -1.21 29.07
CA ARG A 127 -27.30 -0.70 28.32
C ARG A 127 -27.10 -0.67 26.81
N ILE A 128 -25.98 -1.15 26.29
CA ILE A 128 -25.64 -0.91 24.88
C ILE A 128 -26.36 -1.93 23.99
N ARG A 129 -26.94 -1.44 22.89
CA ARG A 129 -27.68 -2.30 21.97
C ARG A 129 -26.77 -2.97 20.95
N ASP A 130 -25.58 -2.41 20.71
CA ASP A 130 -24.57 -3.06 19.87
C ASP A 130 -23.86 -4.16 20.63
N PRO A 131 -23.85 -5.40 20.14
CA PRO A 131 -23.10 -6.44 20.85
C PRO A 131 -21.60 -6.26 20.83
N LYS A 132 -21.05 -5.72 19.74
CA LYS A 132 -19.61 -5.77 19.54
C LYS A 132 -18.89 -4.83 20.49
N LYS A 133 -19.30 -3.57 20.51
CA LYS A 133 -18.63 -2.62 21.37
C LYS A 133 -19.10 -2.79 22.81
N ARG A 134 -20.23 -3.48 23.01
CA ARG A 134 -20.57 -3.98 24.34
C ARG A 134 -19.48 -4.89 24.85
N PHE A 135 -19.15 -5.91 24.07
CA PHE A 135 -18.12 -6.84 24.47
C PHE A 135 -16.77 -6.15 24.54
N ASN A 136 -16.58 -5.09 23.76
CA ASN A 136 -15.37 -4.27 23.92
C ASN A 136 -15.34 -3.57 25.27
N ALA A 137 -16.48 -3.04 25.71
CA ALA A 137 -16.49 -2.30 26.96
C ALA A 137 -16.34 -3.23 28.15
N VAL A 138 -16.91 -4.43 28.04
CA VAL A 138 -16.77 -5.39 29.11
C VAL A 138 -15.36 -5.95 29.11
N TRP A 139 -14.80 -6.15 27.92
CA TRP A 139 -13.42 -6.58 27.79
C TRP A 139 -12.46 -5.54 28.36
N GLN A 140 -12.80 -4.27 28.23
CA GLN A 140 -11.96 -3.22 28.78
C GLN A 140 -12.02 -3.19 30.29
N LEU A 141 -13.22 -3.26 30.86
CA LEU A 141 -13.36 -3.07 32.29
C LEU A 141 -12.99 -4.34 33.06
N CYS A 142 -12.90 -5.47 32.38
CA CYS A 142 -12.57 -6.70 33.09
C CYS A 142 -11.10 -7.05 33.03
N LYS A 143 -10.31 -6.43 32.16
CA LYS A 143 -8.91 -6.82 32.04
C LYS A 143 -8.08 -6.28 33.18
N THR A 144 -8.60 -5.27 33.90
CA THR A 144 -7.95 -4.77 35.09
C THR A 144 -8.35 -5.54 36.34
N LYS A 145 -9.56 -6.10 36.36
CA LYS A 145 -10.05 -6.87 37.49
C LYS A 145 -9.25 -8.16 37.58
N MET A 146 -8.51 -8.34 38.67
CA MET A 146 -7.52 -9.41 38.78
C MET A 146 -8.03 -10.64 39.54
N VAL A 147 -9.00 -10.47 40.43
CA VAL A 147 -9.41 -11.54 41.34
C VAL A 147 -10.87 -11.88 41.12
N CYS A 148 -11.16 -13.17 41.04
CA CYS A 148 -12.55 -13.63 41.16
C CYS A 148 -13.00 -13.30 42.56
N GLU A 149 -13.96 -12.41 42.65
CA GLU A 149 -14.57 -12.12 43.93
C GLU A 149 -15.37 -13.33 44.36
N ALA A 150 -14.95 -13.95 45.47
CA ALA A 150 -15.87 -14.84 46.18
C ALA A 150 -17.09 -14.07 46.63
N ASP A 151 -16.86 -12.86 47.13
CA ASP A 151 -17.87 -11.99 47.66
C ASP A 151 -18.59 -11.32 46.49
N ALA A 152 -19.58 -10.49 46.81
CA ALA A 152 -20.13 -9.65 45.77
C ALA A 152 -19.23 -8.46 45.54
N PRO A 153 -18.83 -8.19 44.29
CA PRO A 153 -17.85 -7.15 43.95
C PRO A 153 -18.35 -5.73 44.21
N LYS A 161 -21.86 -11.01 57.00
CA LYS A 161 -22.59 -11.58 55.87
C LYS A 161 -21.78 -11.55 54.58
N VAL A 162 -21.60 -12.73 53.98
CA VAL A 162 -20.92 -12.88 52.69
C VAL A 162 -22.00 -12.98 51.62
N VAL A 163 -22.02 -12.05 50.68
CA VAL A 163 -22.86 -12.16 49.52
C VAL A 163 -22.04 -12.91 48.48
N SER A 164 -22.03 -14.24 48.58
CA SER A 164 -21.25 -15.11 47.71
C SER A 164 -21.92 -15.15 46.34
N ARG A 165 -21.32 -14.44 45.39
CA ARG A 165 -21.86 -14.34 44.05
C ARG A 165 -21.82 -15.66 43.30
N GLY A 166 -20.90 -16.56 43.67
CA GLY A 166 -20.68 -17.80 42.99
C GLY A 166 -19.22 -18.19 42.91
N GLY A 167 -18.32 -17.23 43.01
CA GLY A 167 -16.91 -17.54 43.01
C GLY A 167 -16.45 -18.11 44.33
N CYS A 168 -15.24 -18.66 44.30
CA CYS A 168 -14.63 -19.23 45.48
C CYS A 168 -13.59 -18.33 46.12
N GLY A 169 -13.10 -17.31 45.40
CA GLY A 169 -12.08 -16.43 45.93
C GLY A 169 -10.72 -16.63 45.33
N ASN A 170 -10.49 -17.76 44.68
CA ASN A 170 -9.25 -17.97 43.95
C ASN A 170 -9.13 -16.94 42.83
N THR A 171 -7.90 -16.54 42.55
CA THR A 171 -7.64 -15.39 41.69
C THR A 171 -7.97 -15.70 40.24
N GLN A 172 -7.88 -14.69 39.43
CA GLN A 172 -8.09 -15.05 38.05
C GLN A 172 -6.80 -14.96 37.25
N PRO A 173 -6.54 -15.99 36.44
CA PRO A 173 -5.24 -16.11 35.80
C PRO A 173 -5.06 -15.11 34.67
N VAL A 174 -3.81 -15.01 34.22
CA VAL A 174 -3.44 -14.12 33.13
C VAL A 174 -3.31 -14.94 31.85
N VAL A 175 -4.06 -14.54 30.82
CA VAL A 175 -4.23 -15.35 29.62
C VAL A 175 -3.26 -14.88 28.55
N ARG A 176 -2.26 -15.70 28.26
CA ARG A 176 -1.40 -15.49 27.11
C ARG A 176 -1.92 -16.35 25.96
N LYS A 177 -1.53 -16.00 24.74
CA LYS A 177 -1.77 -16.85 23.58
C LYS A 177 -0.43 -17.28 22.99
N ASP A 178 -0.31 -18.56 22.68
CA ASP A 178 0.87 -19.07 21.98
C ASP A 178 0.41 -20.06 20.91
N GLY A 179 0.08 -19.53 19.74
CA GLY A 179 -0.33 -20.37 18.62
C GLY A 179 -1.61 -21.11 18.91
N MET A 180 -1.52 -22.43 18.89
CA MET A 180 -2.61 -23.29 19.30
C MET A 180 -2.71 -23.45 20.81
N LYS A 181 -1.60 -23.28 21.52
CA LYS A 181 -1.52 -23.64 22.92
C LYS A 181 -1.58 -22.40 23.82
N LEU A 182 -2.54 -22.40 24.75
CA LEU A 182 -2.78 -21.28 25.65
C LEU A 182 -2.02 -21.46 26.95
N TRP A 183 -1.52 -20.36 27.49
CA TRP A 183 -0.78 -20.39 28.75
C TRP A 183 -1.42 -19.44 29.75
N GLY A 184 -2.19 -20.01 30.69
CA GLY A 184 -2.77 -19.22 31.77
C GLY A 184 -1.88 -19.19 32.99
N THR A 185 -1.64 -17.99 33.52
CA THR A 185 -0.82 -17.80 34.70
C THR A 185 -1.69 -17.28 35.83
N TRP A 186 -2.12 -18.15 36.75
CA TRP A 186 -2.71 -17.69 37.99
C TRP A 186 -1.64 -17.03 38.82
N LYS A 187 -2.06 -16.15 39.72
CA LYS A 187 -1.20 -15.68 40.80
C LYS A 187 -1.52 -16.52 42.04
N LYS A 188 -1.25 -17.82 41.95
CA LYS A 188 -1.51 -18.72 43.08
C LYS A 188 -0.56 -18.39 44.22
N SER A 189 -1.15 -17.83 45.28
CA SER A 189 -0.44 -17.25 46.38
C SER A 189 -0.14 -18.28 47.46
N ARG A 194 2.42 -12.34 49.55
CA ARG A 194 1.59 -12.43 48.35
C ARG A 194 2.12 -13.44 47.36
N ASP A 195 3.37 -13.25 46.95
CA ASP A 195 3.91 -13.98 45.82
C ASP A 195 4.21 -15.43 46.17
N ALA A 196 3.74 -16.34 45.33
CA ALA A 196 4.12 -17.74 45.39
C ALA A 196 4.14 -18.26 43.96
N GLN A 197 4.21 -19.58 43.79
CA GLN A 197 4.49 -20.24 42.52
C GLN A 197 3.42 -19.91 41.47
N PRO A 198 3.78 -19.21 40.38
CA PRO A 198 2.83 -19.08 39.28
C PRO A 198 2.85 -20.34 38.43
N GLU A 199 1.70 -20.99 38.34
CA GLU A 199 1.57 -22.18 37.53
C GLU A 199 1.14 -21.74 36.14
N ARG A 200 2.10 -21.31 35.33
CA ARG A 200 1.80 -21.10 33.92
C ARG A 200 1.67 -22.49 33.32
N LYS A 201 0.47 -22.84 32.91
CA LYS A 201 0.21 -24.16 32.42
C LYS A 201 -0.62 -24.09 31.15
N LEU A 202 -0.48 -25.13 30.34
CA LEU A 202 -1.28 -25.25 29.15
C LEU A 202 -2.74 -25.39 29.51
N LEU A 203 -3.54 -24.47 29.03
CA LEU A 203 -4.97 -24.58 29.15
C LEU A 203 -5.36 -25.68 28.19
N THR A 204 -5.58 -26.86 28.75
CA THR A 204 -6.15 -27.93 27.99
C THR A 204 -7.56 -27.57 27.58
N PRO A 205 -7.93 -27.87 26.35
CA PRO A 205 -9.23 -27.45 25.84
C PRO A 205 -10.41 -28.08 26.56
N GLY A 206 -10.26 -29.33 27.02
CA GLY A 206 -11.35 -29.99 27.71
C GLY A 206 -11.64 -29.36 29.07
N GLU A 207 -10.61 -28.84 29.71
CA GLU A 207 -10.80 -28.09 30.95
C GLU A 207 -11.60 -26.83 30.69
N ILE A 208 -11.33 -26.18 29.57
CA ILE A 208 -12.09 -24.98 29.26
C ILE A 208 -13.50 -25.33 28.81
N LEU A 209 -13.69 -26.53 28.24
CA LEU A 209 -15.03 -26.98 27.90
C LEU A 209 -15.86 -27.18 29.16
N ASN A 210 -15.25 -27.78 30.17
CA ASN A 210 -15.95 -27.96 31.43
C ASN A 210 -16.16 -26.63 32.15
N VAL A 211 -15.29 -25.65 31.89
CA VAL A 211 -15.56 -24.30 32.35
C VAL A 211 -16.77 -23.73 31.62
N PHE A 212 -16.76 -23.84 30.30
CA PHE A 212 -17.72 -23.13 29.47
C PHE A 212 -19.11 -23.70 29.62
N LYS A 213 -19.23 -24.97 29.98
CA LYS A 213 -20.54 -25.55 30.26
C LYS A 213 -21.17 -25.01 31.54
N HIS A 214 -20.44 -24.24 32.34
CA HIS A 214 -20.96 -23.68 33.57
C HIS A 214 -21.26 -22.20 33.46
N ILE A 215 -21.85 -21.74 32.35
CA ILE A 215 -22.13 -20.32 32.21
C ILE A 215 -23.63 -20.08 32.22
N SER A 216 -24.06 -19.07 32.98
CA SER A 216 -25.44 -18.64 33.00
C SER A 216 -25.80 -17.95 31.68
N PRO A 217 -27.07 -18.04 31.26
CA PRO A 217 -27.49 -17.31 30.05
C PRO A 217 -27.44 -15.80 30.19
N GLU A 218 -27.48 -15.27 31.40
CA GLU A 218 -27.23 -13.84 31.57
C GLU A 218 -25.78 -13.48 31.27
N ASP A 219 -24.84 -14.32 31.69
CA ASP A 219 -23.47 -14.02 31.32
C ASP A 219 -23.23 -14.28 29.84
N CYS A 220 -24.08 -15.07 29.18
CA CYS A 220 -24.07 -15.12 27.73
C CYS A 220 -24.57 -13.82 27.13
N PHE A 221 -25.61 -13.24 27.73
CA PHE A 221 -26.25 -12.05 27.16
C PHE A 221 -25.44 -10.79 27.38
N ARG A 222 -24.73 -10.74 28.49
CA ARG A 222 -23.90 -9.58 28.75
C ARG A 222 -22.60 -9.62 27.98
N LEU A 223 -22.04 -10.80 27.78
CA LEU A 223 -20.73 -10.89 27.16
C LEU A 223 -20.77 -10.97 25.65
N GLY A 224 -21.79 -10.42 25.01
CA GLY A 224 -21.74 -10.35 23.56
C GLY A 224 -22.01 -11.63 22.83
N PHE A 225 -22.73 -12.55 23.43
CA PHE A 225 -23.13 -13.75 22.71
C PHE A 225 -24.65 -13.84 22.66
N ASN A 226 -25.17 -14.93 22.11
CA ASN A 226 -26.61 -15.19 22.19
C ASN A 226 -26.80 -16.69 22.31
N GLU A 227 -27.73 -17.08 23.17
CA GLU A 227 -27.78 -18.45 23.64
C GLU A 227 -28.16 -19.43 22.55
N ASP A 228 -29.29 -19.21 21.88
CA ASP A 228 -29.69 -20.13 20.83
C ASP A 228 -28.92 -19.96 19.53
N TYR A 229 -27.92 -19.09 19.48
CA TYR A 229 -27.13 -19.00 18.28
C TYR A 229 -25.64 -19.12 18.48
N ALA A 230 -25.08 -18.51 19.51
CA ALA A 230 -23.65 -18.49 19.68
C ALA A 230 -23.36 -18.70 21.16
N ARG A 231 -23.28 -19.94 21.54
CA ARG A 231 -23.06 -20.26 22.94
C ARG A 231 -21.61 -20.65 23.14
N PRO A 232 -20.84 -19.90 23.94
CA PRO A 232 -19.39 -20.00 23.87
C PRO A 232 -18.80 -21.27 24.44
N GLU A 233 -19.57 -22.31 24.70
CA GLU A 233 -18.94 -23.63 24.63
C GLU A 233 -19.01 -24.22 23.24
N TRP A 234 -19.53 -23.50 22.27
CA TRP A 234 -19.51 -24.05 20.93
C TRP A 234 -18.30 -23.59 20.17
N MET A 235 -17.50 -22.72 20.74
CA MET A 235 -16.24 -22.37 20.11
C MET A 235 -15.13 -23.33 20.45
N ILE A 236 -15.43 -24.52 20.89
CA ILE A 236 -14.43 -25.57 21.01
C ILE A 236 -14.97 -26.81 20.36
N ILE A 237 -14.21 -27.35 19.43
CA ILE A 237 -14.68 -28.44 18.60
C ILE A 237 -14.35 -29.74 19.28
N THR A 238 -15.39 -30.45 19.68
CA THR A 238 -15.30 -31.88 19.94
C THR A 238 -15.49 -32.69 18.68
N VAL A 239 -16.33 -32.21 17.77
CA VAL A 239 -16.75 -33.00 16.63
C VAL A 239 -16.57 -32.19 15.35
N LEU A 240 -15.53 -32.49 14.61
CA LEU A 240 -15.24 -31.69 13.43
C LEU A 240 -15.87 -32.34 12.23
N PRO A 241 -16.74 -31.64 11.52
CA PRO A 241 -17.57 -32.31 10.53
C PRO A 241 -16.78 -32.74 9.31
N VAL A 242 -17.40 -33.58 8.49
CA VAL A 242 -16.85 -33.97 7.21
C VAL A 242 -17.77 -33.42 6.12
N PRO A 243 -17.25 -32.68 5.16
CA PRO A 243 -18.08 -32.28 4.04
C PRO A 243 -18.28 -33.45 3.11
N PRO A 244 -19.34 -33.44 2.31
CA PRO A 244 -19.50 -34.46 1.28
C PRO A 244 -18.43 -34.31 0.20
N PRO A 245 -18.15 -35.38 -0.55
CA PRO A 245 -17.00 -35.33 -1.46
C PRO A 245 -17.21 -34.52 -2.73
N GLN A 246 -18.29 -33.75 -2.88
CA GLN A 246 -18.30 -32.80 -4.00
C GLN A 246 -17.27 -31.72 -3.78
N VAL A 247 -16.94 -31.45 -2.53
CA VAL A 247 -16.04 -30.36 -2.20
C VAL A 247 -14.61 -30.82 -2.25
N ARG A 248 -14.37 -32.12 -2.44
CA ARG A 248 -13.02 -32.62 -2.64
C ARG A 248 -12.97 -33.76 -3.66
N PRO A 249 -13.62 -33.61 -4.81
CA PRO A 249 -13.83 -34.79 -5.67
C PRO A 249 -12.55 -35.20 -6.38
N SER A 250 -12.44 -36.50 -6.60
CA SER A 250 -11.23 -37.11 -7.11
C SER A 250 -11.03 -36.73 -8.56
N ILE A 251 -9.79 -36.46 -8.90
CA ILE A 251 -9.44 -36.01 -10.24
C ILE A 251 -8.70 -37.12 -10.97
N ALA A 252 -9.07 -37.35 -12.23
CA ALA A 252 -8.46 -38.38 -13.05
C ALA A 252 -7.03 -37.95 -13.35
N MET A 253 -6.07 -38.59 -12.69
CA MET A 253 -4.66 -38.26 -12.85
C MET A 253 -4.21 -38.52 -14.27
N ASP A 254 -4.19 -39.79 -14.67
CA ASP A 254 -4.17 -40.15 -16.08
C ASP A 254 -5.22 -41.24 -16.32
N GLU A 255 -6.50 -40.83 -16.25
CA GLU A 255 -7.67 -41.57 -16.72
C GLU A 255 -7.84 -43.02 -16.26
N THR A 256 -7.05 -43.49 -15.29
CA THR A 256 -7.33 -44.72 -14.56
C THR A 256 -7.19 -44.54 -13.06
N THR A 257 -6.26 -43.68 -12.63
CA THR A 257 -5.92 -43.50 -11.23
C THR A 257 -6.47 -42.15 -10.80
N GLN A 258 -6.99 -42.07 -9.58
CA GLN A 258 -7.52 -40.82 -9.06
C GLN A 258 -6.56 -40.23 -8.05
N GLY A 259 -5.95 -39.11 -8.41
CA GLY A 259 -5.26 -38.32 -7.42
C GLY A 259 -6.34 -37.70 -6.59
N GLN A 260 -6.22 -37.69 -5.27
CA GLN A 260 -7.27 -37.11 -4.46
C GLN A 260 -7.06 -35.62 -4.25
N ASP A 261 -8.17 -34.97 -3.90
CA ASP A 261 -8.13 -33.60 -3.44
C ASP A 261 -7.50 -33.55 -2.06
N ASP A 262 -6.91 -32.38 -1.73
CA ASP A 262 -6.11 -32.28 -0.51
C ASP A 262 -6.96 -32.31 0.74
N LEU A 263 -8.26 -32.03 0.62
CA LEU A 263 -9.14 -32.27 1.75
C LEU A 263 -9.22 -33.74 2.09
N THR A 264 -9.24 -34.61 1.07
CA THR A 264 -9.27 -36.04 1.33
C THR A 264 -7.98 -36.50 1.98
N HIS A 265 -6.86 -35.95 1.53
CA HIS A 265 -5.58 -36.26 2.15
C HIS A 265 -5.53 -35.75 3.58
N LYS A 266 -6.13 -34.58 3.82
CA LYS A 266 -6.04 -34.04 5.16
C LYS A 266 -7.02 -34.73 6.12
N LEU A 267 -8.20 -35.12 5.64
CA LEU A 267 -9.12 -35.83 6.52
C LEU A 267 -8.63 -37.23 6.79
N SER A 268 -7.90 -37.80 5.84
CA SER A 268 -7.23 -39.06 6.12
C SER A 268 -6.15 -38.88 7.18
N ASP A 269 -5.38 -37.77 7.12
CA ASP A 269 -4.35 -37.52 8.12
C ASP A 269 -4.96 -37.27 9.50
N ILE A 270 -6.10 -36.60 9.53
CA ILE A 270 -6.82 -36.38 10.78
C ILE A 270 -7.32 -37.69 11.36
N LEU A 271 -7.85 -38.57 10.52
CA LEU A 271 -8.38 -39.81 11.05
C LEU A 271 -7.26 -40.75 11.48
N LYS A 272 -6.10 -40.65 10.84
CA LYS A 272 -4.95 -41.41 11.30
C LYS A 272 -4.46 -40.92 12.65
N ALA A 273 -4.37 -39.60 12.84
CA ALA A 273 -3.98 -39.11 14.16
C ALA A 273 -5.08 -39.35 15.19
N ASN A 274 -6.34 -39.47 14.75
CA ASN A 274 -7.43 -39.82 15.65
C ASN A 274 -7.27 -41.22 16.21
N ILE A 275 -7.02 -42.18 15.33
CA ILE A 275 -6.81 -43.54 15.79
C ILE A 275 -5.53 -43.67 16.59
N ASN A 276 -4.50 -42.90 16.23
CA ASN A 276 -3.32 -42.92 17.08
C ASN A 276 -3.49 -42.15 18.38
N VAL A 277 -4.55 -41.34 18.51
CA VAL A 277 -4.96 -40.91 19.84
C VAL A 277 -5.61 -42.06 20.59
N GLN A 278 -6.63 -42.69 20.01
CA GLN A 278 -7.37 -43.70 20.75
C GLN A 278 -6.57 -44.97 21.02
N LYS A 279 -5.47 -45.18 20.30
CA LYS A 279 -4.47 -46.16 20.69
C LYS A 279 -3.70 -45.96 21.99
N LEU A 280 -3.61 -44.74 22.51
CA LEU A 280 -2.80 -44.50 23.70
C LEU A 280 -3.52 -44.70 25.03
N GLU A 281 -4.79 -44.32 25.08
CA GLU A 281 -5.62 -44.48 26.27
C GLU A 281 -6.17 -45.89 26.39
N MET A 282 -5.79 -46.79 25.50
CA MET A 282 -6.16 -48.19 25.62
C MET A 282 -4.98 -49.09 25.90
N ASP A 283 -3.83 -48.51 26.26
CA ASP A 283 -2.64 -49.26 26.60
C ASP A 283 -1.66 -48.41 27.38
N GLY A 284 -0.47 -48.96 27.63
CA GLY A 284 0.60 -48.29 28.36
C GLY A 284 1.07 -47.04 27.64
N SER A 285 0.96 -45.89 28.31
CA SER A 285 1.18 -44.61 27.66
C SER A 285 2.19 -43.79 28.44
N PRO A 286 3.31 -43.43 27.84
CA PRO A 286 4.32 -42.69 28.60
C PRO A 286 4.10 -41.18 28.61
N GLN A 287 2.85 -40.74 28.73
CA GLN A 287 2.45 -39.45 29.29
C GLN A 287 2.82 -38.20 28.47
N HIS A 288 3.75 -38.32 27.53
CA HIS A 288 3.97 -37.21 26.60
C HIS A 288 3.86 -37.73 25.19
N ILE A 289 3.92 -39.05 25.03
CA ILE A 289 3.39 -39.71 23.85
C ILE A 289 1.92 -39.37 23.70
N ILE A 290 1.23 -39.30 24.82
CA ILE A 290 -0.12 -38.73 24.84
C ILE A 290 -0.08 -37.29 24.35
N ASN A 291 0.79 -36.47 24.95
CA ASN A 291 0.83 -35.03 24.66
C ASN A 291 1.17 -34.73 23.21
N GLU A 292 2.10 -35.48 22.63
CA GLU A 292 2.48 -35.19 21.26
C GLU A 292 1.41 -35.64 20.28
N VAL A 293 0.78 -36.78 20.52
CA VAL A 293 -0.27 -37.21 19.60
C VAL A 293 -1.49 -36.31 19.72
N GLU A 294 -1.79 -35.80 20.92
CA GLU A 294 -2.87 -34.83 21.03
C GLU A 294 -2.54 -33.51 20.35
N GLN A 295 -1.30 -33.02 20.50
CA GLN A 295 -0.92 -31.77 19.87
C GLN A 295 -0.83 -31.92 18.37
N LEU A 296 -0.56 -33.14 17.90
CA LEU A 296 -0.58 -33.41 16.48
C LEU A 296 -1.99 -33.43 15.95
N LEU A 297 -2.93 -33.95 16.74
CA LEU A 297 -4.35 -33.84 16.39
C LEU A 297 -4.77 -32.39 16.25
N GLN A 298 -4.37 -31.56 17.21
CA GLN A 298 -4.68 -30.13 17.14
C GLN A 298 -4.04 -29.49 15.91
N PHE A 299 -2.84 -29.93 15.55
CA PHE A 299 -2.15 -29.44 14.36
C PHE A 299 -2.90 -29.78 13.08
N HIS A 300 -3.40 -31.01 13.00
CA HIS A 300 -4.13 -31.41 11.81
C HIS A 300 -5.45 -30.68 11.71
N VAL A 301 -6.10 -30.41 12.84
CA VAL A 301 -7.33 -29.64 12.77
C VAL A 301 -7.03 -28.19 12.43
N ALA A 302 -5.85 -27.70 12.82
CA ALA A 302 -5.46 -26.34 12.48
C ALA A 302 -5.21 -26.19 10.99
N THR A 303 -4.48 -27.13 10.39
CA THR A 303 -4.23 -27.01 8.97
C THR A 303 -5.41 -27.43 8.12
N TYR A 304 -6.44 -28.07 8.69
CA TYR A 304 -7.65 -28.28 7.93
C TYR A 304 -8.32 -26.99 7.53
N MET A 305 -8.28 -25.97 8.38
CA MET A 305 -8.97 -24.75 8.01
C MET A 305 -8.03 -23.62 7.59
N ASP A 306 -6.72 -23.75 7.80
CA ASP A 306 -5.79 -22.64 7.64
C ASP A 306 -4.39 -23.21 7.50
N ASN A 307 -3.71 -22.93 6.40
CA ASN A 307 -2.28 -23.24 6.31
C ASN A 307 -1.44 -21.98 6.19
N ASP A 308 -1.85 -20.91 6.85
CA ASP A 308 -1.17 -19.64 6.74
C ASP A 308 -0.82 -19.05 8.10
N ILE A 309 -0.90 -19.87 9.15
CA ILE A 309 -0.74 -19.41 10.52
C ILE A 309 0.69 -18.92 10.72
N ALA A 310 0.82 -17.80 11.42
CA ALA A 310 2.12 -17.19 11.65
C ALA A 310 3.01 -18.05 12.53
N GLY A 311 4.31 -17.91 12.33
CA GLY A 311 5.31 -18.48 13.21
C GLY A 311 5.66 -19.93 12.97
N GLN A 312 4.77 -20.71 12.38
CA GLN A 312 4.99 -22.14 12.31
C GLN A 312 5.16 -22.49 10.84
N PRO A 313 5.88 -23.57 10.53
CA PRO A 313 6.01 -23.95 9.13
C PRO A 313 4.70 -24.47 8.56
N GLN A 314 4.58 -24.42 7.25
CA GLN A 314 3.32 -24.78 6.62
C GLN A 314 3.12 -26.29 6.60
N ALA A 315 1.87 -26.70 6.41
CA ALA A 315 1.60 -28.09 6.08
C ALA A 315 1.91 -28.34 4.60
N LEU A 316 2.66 -29.40 4.32
CA LEU A 316 3.30 -29.59 3.03
C LEU A 316 2.80 -30.87 2.34
N GLN A 317 2.77 -30.84 1.01
CA GLN A 317 2.24 -31.93 0.21
C GLN A 317 3.31 -32.92 -0.24
N LYS A 318 2.91 -33.75 -1.21
CA LYS A 318 3.81 -34.75 -1.75
C LYS A 318 4.48 -34.27 -3.04
N SER A 319 4.47 -32.96 -3.30
CA SER A 319 5.32 -32.45 -4.36
C SER A 319 6.36 -31.47 -3.85
N GLY A 320 6.23 -31.02 -2.62
CA GLY A 320 6.92 -29.85 -2.15
C GLY A 320 6.06 -28.60 -2.17
N ARG A 321 4.74 -28.75 -2.41
CA ARG A 321 3.83 -27.61 -2.46
C ARG A 321 3.03 -27.50 -1.16
N PRO A 322 2.51 -26.32 -0.84
CA PRO A 322 1.60 -26.21 0.29
C PRO A 322 0.24 -26.82 0.01
N VAL A 323 -0.53 -27.00 1.08
CA VAL A 323 -1.82 -27.66 0.98
C VAL A 323 -2.90 -26.63 0.77
N LYS A 324 -3.87 -26.96 -0.07
CA LYS A 324 -5.05 -26.15 -0.31
C LYS A 324 -6.00 -26.37 0.87
N ALA A 325 -6.10 -25.37 1.73
CA ALA A 325 -6.96 -25.39 2.90
C ALA A 325 -8.40 -25.04 2.53
N ILE A 326 -9.19 -24.70 3.55
CA ILE A 326 -10.44 -24.02 3.27
C ILE A 326 -10.24 -22.51 3.22
N ARG A 327 -9.28 -21.99 4.01
CA ARG A 327 -9.00 -20.56 3.96
C ARG A 327 -8.43 -20.14 2.61
N ALA A 328 -7.59 -20.99 2.01
CA ALA A 328 -7.10 -20.69 0.68
C ALA A 328 -8.16 -20.86 -0.39
N ARG A 329 -9.25 -21.54 -0.09
CA ARG A 329 -10.34 -21.58 -1.06
C ARG A 329 -11.25 -20.38 -0.94
N LEU A 330 -11.00 -19.48 -0.01
CA LEU A 330 -11.92 -18.35 0.12
C LEU A 330 -11.27 -16.98 -0.06
N LYS A 331 -10.10 -16.74 0.50
CA LYS A 331 -9.46 -15.45 0.30
C LYS A 331 -8.88 -15.36 -1.10
N GLY A 332 -8.26 -14.22 -1.38
CA GLY A 332 -7.50 -14.06 -2.60
C GLY A 332 -8.38 -13.70 -3.77
N LYS A 333 -7.72 -13.23 -4.83
CA LYS A 333 -8.39 -12.74 -6.03
C LYS A 333 -9.18 -13.83 -6.72
N GLU A 334 -8.65 -15.05 -6.70
CA GLU A 334 -9.24 -16.18 -7.38
C GLU A 334 -9.82 -17.19 -6.42
N GLY A 335 -10.37 -16.72 -5.30
CA GLY A 335 -11.16 -17.54 -4.41
C GLY A 335 -12.55 -17.74 -4.99
N ARG A 336 -13.47 -18.13 -4.10
CA ARG A 336 -14.79 -18.45 -4.62
C ARG A 336 -15.64 -17.20 -4.81
N LEU A 337 -15.36 -16.15 -4.03
CA LEU A 337 -16.20 -14.96 -4.12
C LEU A 337 -15.79 -14.05 -5.26
N ARG A 338 -14.59 -13.47 -5.16
CA ARG A 338 -14.15 -12.59 -6.22
C ARG A 338 -13.80 -13.36 -7.47
N GLY A 339 -13.49 -14.64 -7.34
CA GLY A 339 -13.18 -15.41 -8.51
C GLY A 339 -14.34 -16.23 -8.99
N ASN A 340 -15.40 -16.39 -8.19
CA ASN A 340 -16.48 -17.26 -8.63
C ASN A 340 -17.89 -16.77 -8.31
N LEU A 341 -18.08 -15.82 -7.40
CA LEU A 341 -19.42 -15.42 -7.02
C LEU A 341 -19.72 -13.97 -7.32
N MET A 342 -18.91 -13.05 -6.80
CA MET A 342 -19.03 -11.66 -7.18
C MET A 342 -18.76 -11.45 -8.66
N GLY A 343 -17.70 -12.07 -9.17
CA GLY A 343 -17.48 -12.18 -10.60
C GLY A 343 -17.05 -13.59 -10.92
N LYS A 344 -17.37 -14.03 -12.12
CA LYS A 344 -17.12 -15.40 -12.48
C LYS A 344 -16.94 -15.44 -13.99
N ARG A 345 -16.86 -16.65 -14.51
CA ARG A 345 -16.98 -16.85 -15.94
C ARG A 345 -18.39 -17.25 -16.28
N VAL A 346 -18.84 -16.89 -17.48
CA VAL A 346 -20.16 -17.30 -17.92
C VAL A 346 -20.16 -17.63 -19.38
N ASP A 347 -21.35 -17.96 -19.87
CA ASP A 347 -21.63 -18.43 -21.21
C ASP A 347 -22.46 -17.42 -21.98
N PHE A 348 -22.81 -17.81 -23.20
CA PHE A 348 -23.36 -16.93 -24.24
C PHE A 348 -22.54 -15.67 -24.42
N SER A 349 -21.23 -15.82 -24.32
CA SER A 349 -20.36 -14.73 -24.66
C SER A 349 -19.79 -15.02 -26.03
N ALA A 350 -18.90 -14.13 -26.45
CA ALA A 350 -18.17 -14.22 -27.69
C ALA A 350 -17.08 -13.18 -27.61
N ARG A 351 -16.18 -13.22 -28.57
CA ARG A 351 -14.96 -12.46 -28.41
C ARG A 351 -14.21 -12.48 -29.71
N THR A 352 -13.70 -11.34 -30.14
CA THR A 352 -12.86 -11.31 -31.34
C THR A 352 -11.98 -10.08 -31.37
N VAL A 353 -11.43 -9.83 -32.55
CA VAL A 353 -10.75 -8.60 -32.84
C VAL A 353 -11.62 -7.80 -33.80
N ILE A 354 -11.56 -6.48 -33.66
CA ILE A 354 -12.54 -5.54 -34.18
C ILE A 354 -12.01 -4.89 -35.44
N SER A 355 -12.88 -4.16 -36.14
CA SER A 355 -12.47 -3.32 -37.26
C SER A 355 -13.46 -2.19 -37.45
N GLY A 356 -12.94 -1.05 -37.84
CA GLY A 356 -13.77 0.09 -38.12
C GLY A 356 -14.55 -0.07 -39.41
N ASP A 357 -15.69 0.63 -39.51
CA ASP A 357 -16.54 0.55 -40.69
C ASP A 357 -17.53 1.72 -40.74
N PRO A 358 -17.14 2.86 -41.31
CA PRO A 358 -18.01 4.04 -41.24
C PRO A 358 -19.25 3.96 -42.03
N ASN A 359 -19.40 2.98 -42.89
CA ASN A 359 -20.65 2.80 -43.60
C ASN A 359 -21.71 2.15 -42.74
N LEU A 360 -22.02 2.75 -41.59
CA LEU A 360 -22.88 2.18 -40.58
C LEU A 360 -23.56 3.28 -39.78
N GLU A 361 -24.62 2.91 -39.07
CA GLU A 361 -25.25 3.80 -38.10
C GLU A 361 -24.39 3.91 -36.84
N LEU A 362 -24.97 4.44 -35.77
CA LEU A 362 -24.22 4.51 -34.53
C LEU A 362 -24.53 3.34 -33.62
N ASP A 363 -25.70 2.74 -33.76
CA ASP A 363 -26.07 1.62 -32.91
C ASP A 363 -25.99 0.27 -33.63
N GLN A 364 -24.97 0.06 -34.45
CA GLN A 364 -24.82 -1.18 -35.20
C GLN A 364 -23.41 -1.73 -35.04
N VAL A 365 -23.33 -3.05 -34.94
CA VAL A 365 -22.07 -3.75 -34.74
C VAL A 365 -22.03 -4.95 -35.67
N GLY A 366 -20.93 -5.12 -36.38
CA GLY A 366 -20.84 -6.19 -37.35
C GLY A 366 -20.67 -7.53 -36.67
N VAL A 367 -21.32 -8.54 -37.23
CA VAL A 367 -21.30 -9.88 -36.67
C VAL A 367 -20.75 -10.83 -37.71
N PRO A 368 -19.62 -11.47 -37.46
CA PRO A 368 -19.17 -12.56 -38.33
C PRO A 368 -20.16 -13.71 -38.30
N ILE A 369 -20.19 -14.48 -39.38
CA ILE A 369 -21.30 -15.40 -39.57
C ILE A 369 -21.19 -16.58 -38.62
N SER A 370 -19.97 -17.05 -38.38
CA SER A 370 -19.78 -18.23 -37.54
C SER A 370 -20.16 -17.93 -36.09
N ILE A 371 -19.87 -16.73 -35.62
CA ILE A 371 -20.32 -16.33 -34.30
C ILE A 371 -21.84 -16.25 -34.25
N ALA A 372 -22.48 -15.87 -35.33
CA ALA A 372 -23.93 -15.93 -35.35
C ALA A 372 -24.44 -17.36 -35.35
N LYS A 373 -23.69 -18.27 -35.95
CA LYS A 373 -24.07 -19.66 -35.92
C LYS A 373 -23.93 -20.25 -34.54
N THR A 374 -22.84 -19.97 -33.84
CA THR A 374 -22.59 -20.58 -32.53
C THR A 374 -23.57 -20.08 -31.49
N LEU A 375 -23.65 -18.77 -31.29
CA LEU A 375 -24.55 -18.26 -30.28
C LEU A 375 -25.98 -18.30 -30.78
N SER A 376 -26.91 -18.12 -29.85
CA SER A 376 -28.31 -18.13 -30.24
C SER A 376 -29.09 -17.25 -29.28
N TYR A 377 -30.40 -17.24 -29.47
CA TYR A 377 -31.32 -16.54 -28.61
C TYR A 377 -32.65 -17.27 -28.56
N PRO A 378 -33.18 -17.57 -27.39
CA PRO A 378 -34.52 -18.16 -27.33
C PRO A 378 -35.66 -17.17 -27.54
N GLU A 379 -36.18 -17.17 -28.74
CA GLU A 379 -37.41 -16.46 -29.03
C GLU A 379 -38.57 -17.40 -28.72
N THR A 380 -39.55 -16.89 -28.01
CA THR A 380 -40.74 -17.66 -27.73
C THR A 380 -41.57 -17.88 -29.00
N VAL A 381 -41.96 -19.12 -29.24
CA VAL A 381 -42.98 -19.42 -30.23
C VAL A 381 -44.29 -18.83 -29.77
N THR A 382 -44.73 -17.79 -30.45
CA THR A 382 -45.99 -17.13 -30.13
C THR A 382 -46.92 -17.29 -31.31
N GLN A 383 -48.04 -16.58 -31.25
CA GLN A 383 -48.97 -16.66 -32.36
C GLN A 383 -48.66 -15.62 -33.41
N TYR A 384 -47.61 -14.83 -33.22
CA TYR A 384 -47.28 -13.89 -34.27
C TYR A 384 -45.92 -14.12 -34.89
N ASN A 385 -45.29 -15.26 -34.63
CA ASN A 385 -43.99 -15.55 -35.23
C ASN A 385 -43.78 -16.99 -35.65
N ILE A 386 -44.83 -17.71 -36.04
CA ILE A 386 -44.70 -19.14 -36.32
C ILE A 386 -43.95 -19.36 -37.62
N HIS A 387 -44.23 -18.56 -38.64
CA HIS A 387 -43.83 -18.91 -39.99
C HIS A 387 -42.33 -18.82 -40.17
N ARG A 388 -41.75 -17.70 -39.75
CA ARG A 388 -40.31 -17.52 -39.85
C ARG A 388 -39.57 -18.53 -39.00
N LEU A 389 -40.07 -18.82 -37.80
CA LEU A 389 -39.36 -19.76 -36.94
C LEU A 389 -39.38 -21.17 -37.50
N THR A 390 -40.49 -21.56 -38.13
CA THR A 390 -40.51 -22.81 -38.87
C THR A 390 -39.50 -22.78 -40.02
N GLU A 391 -39.36 -21.64 -40.67
CA GLU A 391 -38.35 -21.53 -41.72
C GLU A 391 -36.95 -21.65 -41.14
N TYR A 392 -36.76 -21.19 -39.90
CA TYR A 392 -35.43 -21.20 -39.31
C TYR A 392 -35.09 -22.60 -38.87
N VAL A 393 -36.13 -23.38 -38.59
CA VAL A 393 -35.95 -24.82 -38.50
C VAL A 393 -35.51 -25.35 -39.85
N ARG A 394 -36.14 -24.89 -40.92
CA ARG A 394 -35.85 -25.46 -42.23
C ARG A 394 -34.48 -25.04 -42.76
N ASN A 395 -33.88 -24.02 -42.16
CA ASN A 395 -32.45 -23.81 -42.41
C ASN A 395 -31.61 -24.75 -41.58
N GLY A 396 -32.10 -25.15 -40.41
CA GLY A 396 -31.33 -26.00 -39.54
C GLY A 396 -30.11 -25.31 -38.99
N PRO A 397 -29.16 -26.08 -38.43
CA PRO A 397 -28.04 -25.46 -37.72
C PRO A 397 -26.78 -25.29 -38.53
N ASN A 398 -26.80 -25.51 -39.84
CA ASN A 398 -25.67 -25.14 -40.66
C ASN A 398 -25.96 -24.02 -41.62
N GLU A 399 -27.07 -23.34 -41.47
CA GLU A 399 -27.41 -22.29 -42.42
C GLU A 399 -28.01 -21.11 -41.69
N HIS A 400 -27.28 -20.04 -41.66
CA HIS A 400 -27.85 -18.78 -41.25
C HIS A 400 -28.70 -18.23 -42.38
N PRO A 401 -29.86 -17.64 -42.13
CA PRO A 401 -30.54 -17.40 -40.85
C PRO A 401 -31.38 -18.58 -40.38
N GLY A 402 -31.05 -19.11 -39.21
CA GLY A 402 -31.74 -20.33 -38.80
C GLY A 402 -31.83 -20.61 -37.32
N ALA A 403 -32.04 -21.88 -36.98
CA ALA A 403 -32.28 -22.29 -35.61
C ALA A 403 -31.41 -23.48 -35.27
N LYS A 404 -31.26 -23.71 -33.96
CA LYS A 404 -30.55 -24.86 -33.41
C LYS A 404 -31.42 -25.78 -32.57
N TYR A 405 -32.36 -25.25 -31.79
CA TYR A 405 -33.09 -26.09 -30.86
C TYR A 405 -34.55 -25.73 -30.81
N VAL A 406 -35.35 -26.70 -30.36
CA VAL A 406 -36.66 -26.44 -29.83
C VAL A 406 -36.67 -26.97 -28.41
N ILE A 407 -36.81 -26.09 -27.45
CA ILE A 407 -37.20 -26.52 -26.11
C ILE A 407 -38.71 -26.59 -26.12
N ARG A 408 -39.22 -27.77 -25.74
CA ARG A 408 -40.63 -28.00 -25.58
C ARG A 408 -41.18 -27.29 -24.36
N ASP A 409 -42.47 -27.52 -24.10
CA ASP A 409 -43.11 -26.96 -22.93
C ASP A 409 -42.65 -27.63 -21.64
N ASN A 410 -41.90 -28.73 -21.73
CA ASN A 410 -41.53 -29.48 -20.54
C ASN A 410 -40.05 -29.39 -20.19
N GLY A 411 -39.18 -29.21 -21.18
CA GLY A 411 -37.74 -29.39 -21.00
C GLY A 411 -37.11 -30.37 -21.95
N ASP A 412 -37.66 -30.56 -23.15
CA ASP A 412 -37.09 -31.49 -24.12
C ASP A 412 -36.16 -30.78 -25.08
N ARG A 413 -34.91 -31.24 -25.12
CA ARG A 413 -33.90 -30.73 -26.04
C ARG A 413 -33.81 -31.59 -27.29
N ILE A 414 -33.81 -30.93 -28.45
CA ILE A 414 -33.73 -31.61 -29.73
C ILE A 414 -32.58 -30.98 -30.51
N ASP A 415 -31.39 -31.55 -30.41
CA ASP A 415 -30.24 -30.99 -31.13
C ASP A 415 -30.37 -31.36 -32.60
N LEU A 416 -30.47 -30.35 -33.45
CA LEU A 416 -30.82 -30.56 -34.84
C LEU A 416 -29.65 -30.90 -35.74
N ARG A 417 -28.48 -31.17 -35.15
CA ARG A 417 -27.44 -31.90 -35.88
C ARG A 417 -27.65 -33.40 -35.74
N TYR A 418 -28.34 -33.80 -34.68
CA TYR A 418 -28.59 -35.20 -34.39
C TYR A 418 -30.07 -35.55 -34.57
N HIS A 419 -30.71 -35.04 -35.60
CA HIS A 419 -32.11 -35.32 -35.86
C HIS A 419 -32.34 -35.35 -37.37
N LYS A 420 -32.81 -36.48 -37.89
CA LYS A 420 -32.99 -36.65 -39.33
C LYS A 420 -34.19 -35.91 -39.88
N ARG A 421 -35.19 -35.58 -39.04
CA ARG A 421 -36.57 -35.41 -39.49
C ARG A 421 -37.18 -34.08 -39.10
N ALA A 422 -36.54 -32.98 -39.48
CA ALA A 422 -37.13 -31.66 -39.29
C ALA A 422 -38.44 -31.48 -40.04
N GLY A 423 -38.60 -32.18 -41.17
CA GLY A 423 -39.77 -32.00 -42.03
C GLY A 423 -41.08 -32.47 -41.43
N ASP A 424 -41.05 -33.38 -40.46
CA ASP A 424 -42.27 -33.87 -39.84
C ASP A 424 -42.53 -33.25 -38.49
N ILE A 425 -42.14 -32.01 -38.28
CA ILE A 425 -42.27 -31.39 -36.96
C ILE A 425 -43.16 -30.18 -37.03
N VAL A 426 -44.34 -30.27 -36.42
CA VAL A 426 -45.15 -29.11 -36.13
C VAL A 426 -44.69 -28.57 -34.80
N LEU A 427 -45.03 -27.33 -34.51
CA LEU A 427 -44.63 -26.71 -33.27
C LEU A 427 -45.88 -26.27 -32.50
N GLN A 428 -45.73 -26.07 -31.20
CA GLN A 428 -46.88 -25.75 -30.37
C GLN A 428 -46.81 -24.31 -29.90
N TYR A 429 -47.97 -23.72 -29.61
CA TYR A 429 -48.01 -22.34 -29.15
C TYR A 429 -47.46 -22.25 -27.74
N GLY A 430 -46.36 -21.53 -27.60
CA GLY A 430 -45.72 -21.41 -26.33
C GLY A 430 -44.49 -22.27 -26.16
N TRP A 431 -44.09 -23.04 -27.17
CA TRP A 431 -42.79 -23.69 -27.07
C TRP A 431 -41.67 -22.68 -27.21
N LYS A 432 -40.45 -23.16 -27.03
CA LYS A 432 -39.29 -22.29 -27.11
C LYS A 432 -38.38 -22.75 -28.23
N VAL A 433 -37.89 -21.78 -28.99
CA VAL A 433 -37.00 -22.02 -30.11
C VAL A 433 -35.83 -21.05 -29.99
N GLU A 434 -34.63 -21.59 -30.02
CA GLU A 434 -33.48 -20.71 -30.13
C GLU A 434 -33.11 -20.65 -31.59
N ARG A 435 -33.39 -19.52 -32.20
CA ARG A 435 -32.84 -19.22 -33.51
C ARG A 435 -31.46 -18.61 -33.36
N HIS A 436 -30.79 -18.42 -34.51
CA HIS A 436 -29.43 -17.91 -34.50
C HIS A 436 -29.42 -16.42 -34.16
N LEU A 437 -28.25 -15.83 -34.30
CA LEU A 437 -28.18 -14.40 -34.10
C LEU A 437 -28.52 -13.68 -35.38
N MET A 438 -29.79 -13.29 -35.53
CA MET A 438 -30.25 -12.60 -36.72
C MET A 438 -30.14 -11.12 -36.49
N ASP A 439 -30.43 -10.34 -37.54
CA ASP A 439 -30.31 -8.89 -37.48
C ASP A 439 -31.24 -8.29 -36.44
N ASP A 440 -30.86 -7.11 -35.95
CA ASP A 440 -31.68 -6.17 -35.18
C ASP A 440 -32.00 -6.70 -33.81
N ASP A 441 -31.13 -7.51 -33.22
CA ASP A 441 -31.35 -7.92 -31.85
C ASP A 441 -30.49 -7.05 -30.95
N PRO A 442 -30.81 -6.90 -29.69
CA PRO A 442 -29.84 -6.26 -28.79
C PRO A 442 -28.70 -7.21 -28.60
N VAL A 443 -27.50 -6.67 -28.58
CA VAL A 443 -26.41 -7.39 -27.97
C VAL A 443 -25.87 -6.45 -26.93
N LEU A 444 -25.22 -7.00 -25.95
CA LEU A 444 -24.40 -6.17 -25.12
C LEU A 444 -23.05 -6.11 -25.82
N PHE A 445 -22.28 -5.11 -25.51
CA PHE A 445 -20.98 -4.96 -26.10
C PHE A 445 -20.12 -4.25 -25.10
N ASN A 446 -18.86 -4.60 -25.07
CA ASN A 446 -18.14 -4.43 -23.82
C ASN A 446 -16.67 -4.63 -24.02
N ARG A 447 -15.86 -3.81 -23.40
CA ARG A 447 -14.44 -4.00 -23.47
C ARG A 447 -13.89 -4.04 -22.07
N GLN A 448 -13.12 -5.03 -21.78
CA GLN A 448 -12.34 -5.03 -20.58
C GLN A 448 -11.26 -3.97 -20.62
N PRO A 449 -11.02 -3.29 -19.51
CA PRO A 449 -11.87 -3.29 -18.33
C PRO A 449 -12.91 -2.20 -18.47
N SER A 450 -13.99 -2.27 -17.68
CA SER A 450 -15.00 -1.21 -17.59
C SER A 450 -14.45 -0.07 -16.75
N LEU A 451 -14.67 1.16 -17.21
CA LEU A 451 -14.16 2.31 -16.47
C LEU A 451 -15.18 3.42 -16.27
N HIS A 452 -16.24 3.45 -17.04
CA HIS A 452 -17.34 4.37 -16.74
C HIS A 452 -18.61 3.74 -17.28
N LYS A 453 -19.74 4.36 -16.97
CA LYS A 453 -21.02 3.68 -17.19
C LYS A 453 -21.42 3.59 -18.65
N MET A 454 -20.63 4.13 -19.57
CA MET A 454 -20.87 3.78 -20.96
C MET A 454 -20.10 2.54 -21.42
N SER A 455 -19.15 2.04 -20.62
CA SER A 455 -18.23 0.99 -21.10
C SER A 455 -18.91 -0.35 -21.34
N MET A 456 -20.22 -0.42 -21.17
CA MET A 456 -21.06 -1.49 -21.66
C MET A 456 -22.11 -0.68 -22.39
N MET A 457 -22.30 -0.93 -23.67
CA MET A 457 -23.43 -0.32 -24.36
C MET A 457 -24.11 -1.30 -25.30
N ALA A 458 -25.44 -1.19 -25.35
CA ALA A 458 -26.26 -2.04 -26.20
C ALA A 458 -26.13 -1.57 -27.64
N HIS A 459 -26.52 -2.42 -28.58
CA HIS A 459 -26.38 -2.15 -29.99
C HIS A 459 -27.47 -2.88 -30.75
N ARG A 460 -27.27 -3.01 -32.06
CA ARG A 460 -28.14 -3.85 -32.89
C ARG A 460 -27.28 -4.73 -33.78
N VAL A 461 -27.89 -5.76 -34.38
CA VAL A 461 -27.11 -6.79 -35.03
C VAL A 461 -27.06 -6.55 -36.52
N LYS A 462 -25.85 -6.50 -37.08
CA LYS A 462 -25.66 -6.52 -38.52
C LYS A 462 -24.73 -7.67 -38.88
N VAL A 463 -25.14 -8.48 -39.86
CA VAL A 463 -24.46 -9.73 -40.16
C VAL A 463 -23.58 -9.56 -41.39
N MET A 464 -22.30 -9.85 -41.23
CA MET A 464 -21.32 -9.62 -42.26
C MET A 464 -20.44 -10.84 -42.35
N PRO A 465 -19.93 -11.18 -43.52
CA PRO A 465 -18.84 -12.15 -43.59
C PRO A 465 -17.51 -11.55 -43.19
N TYR A 466 -16.44 -12.33 -43.43
CA TYR A 466 -15.06 -11.91 -43.23
C TYR A 466 -14.73 -11.56 -41.78
N SER A 467 -14.45 -12.57 -40.95
CA SER A 467 -14.79 -12.61 -39.53
C SER A 467 -14.08 -11.63 -38.61
N THR A 468 -14.57 -10.41 -38.50
CA THR A 468 -14.20 -9.45 -37.47
C THR A 468 -15.40 -8.65 -37.00
N PHE A 469 -15.21 -7.91 -35.91
CA PHE A 469 -16.26 -7.03 -35.42
C PHE A 469 -16.21 -5.66 -36.05
N ARG A 470 -17.35 -5.23 -36.51
CA ARG A 470 -17.46 -3.92 -37.13
C ARG A 470 -18.08 -2.97 -36.13
N LEU A 471 -17.69 -1.71 -36.24
CA LEU A 471 -18.15 -0.66 -35.36
C LEU A 471 -18.54 0.56 -36.18
N ASN A 472 -19.17 1.52 -35.53
CA ASN A 472 -19.09 2.88 -36.04
C ASN A 472 -17.83 3.49 -35.50
N LEU A 473 -17.36 4.56 -36.11
CA LEU A 473 -16.17 5.11 -35.51
C LEU A 473 -16.48 6.27 -34.62
N SER A 474 -17.73 6.65 -34.50
CA SER A 474 -17.98 7.61 -33.45
C SER A 474 -17.99 6.95 -32.09
N VAL A 475 -18.27 5.64 -31.99
CA VAL A 475 -18.21 5.00 -30.69
C VAL A 475 -16.81 4.63 -30.28
N THR A 476 -15.80 5.03 -31.02
CA THR A 476 -14.45 4.71 -30.60
C THR A 476 -14.06 5.45 -29.33
N SER A 477 -14.57 6.67 -29.15
CA SER A 477 -14.17 7.44 -27.98
C SER A 477 -14.65 6.87 -26.64
N PRO A 478 -15.92 6.46 -26.47
CA PRO A 478 -16.31 5.99 -25.13
C PRO A 478 -15.69 4.67 -24.70
N TYR A 479 -15.60 3.68 -25.57
CA TYR A 479 -14.96 2.44 -25.13
C TYR A 479 -13.45 2.59 -25.02
N ASN A 480 -12.88 3.67 -25.59
CA ASN A 480 -11.44 3.83 -25.77
C ASN A 480 -10.86 2.63 -26.48
N ALA A 481 -11.25 2.43 -27.73
CA ALA A 481 -10.65 1.38 -28.53
C ALA A 481 -10.01 1.96 -29.79
N ASP A 482 -8.81 1.48 -30.07
CA ASP A 482 -8.11 1.72 -31.31
C ASP A 482 -8.20 0.43 -32.10
N PHE A 483 -7.48 0.29 -33.18
CA PHE A 483 -7.64 -0.93 -33.96
C PHE A 483 -6.33 -1.68 -34.17
N ASP A 484 -5.43 -1.56 -33.21
CA ASP A 484 -4.22 -2.36 -33.20
C ASP A 484 -4.42 -3.72 -32.53
N GLY A 485 -5.65 -4.22 -32.50
CA GLY A 485 -5.93 -5.56 -32.03
C GLY A 485 -6.69 -5.67 -30.73
N ASP A 486 -7.70 -4.84 -30.48
CA ASP A 486 -8.39 -4.93 -29.23
C ASP A 486 -9.37 -6.09 -29.26
N GLU A 487 -9.72 -6.57 -28.08
CA GLU A 487 -10.77 -7.56 -27.93
C GLU A 487 -11.97 -6.91 -27.29
N MET A 488 -13.13 -7.13 -27.91
CA MET A 488 -14.35 -6.64 -27.32
C MET A 488 -15.32 -7.80 -27.27
N ASN A 489 -15.99 -7.96 -26.13
CA ASN A 489 -16.83 -9.11 -25.89
C ASN A 489 -18.25 -8.86 -26.35
N LEU A 490 -19.05 -9.91 -26.31
CA LEU A 490 -20.42 -9.80 -26.74
C LEU A 490 -21.32 -10.75 -25.97
N HIS A 491 -21.90 -10.26 -24.91
CA HIS A 491 -22.85 -11.03 -24.15
C HIS A 491 -24.19 -10.91 -24.84
N VAL A 492 -25.03 -11.90 -24.63
CA VAL A 492 -26.29 -12.07 -25.34
C VAL A 492 -27.37 -12.26 -24.28
N PRO A 493 -28.50 -11.61 -24.41
CA PRO A 493 -29.60 -11.89 -23.50
C PRO A 493 -30.18 -13.23 -23.83
N GLN A 494 -30.77 -13.87 -22.82
CA GLN A 494 -31.44 -15.14 -23.02
C GLN A 494 -32.89 -15.09 -22.60
N SER A 495 -33.49 -13.91 -22.60
CA SER A 495 -34.85 -13.75 -22.12
C SER A 495 -35.41 -12.51 -22.77
N GLU A 496 -36.72 -12.32 -22.62
CA GLU A 496 -37.31 -11.12 -23.16
C GLU A 496 -37.02 -9.94 -22.26
N GLU A 497 -37.02 -10.20 -20.95
CA GLU A 497 -36.91 -9.18 -19.92
C GLU A 497 -35.62 -8.39 -20.05
N THR A 498 -34.51 -9.10 -20.14
CA THR A 498 -33.23 -8.45 -20.26
C THR A 498 -33.05 -7.77 -21.59
N ARG A 499 -33.73 -8.25 -22.63
CA ARG A 499 -33.72 -7.56 -23.91
C ARG A 499 -34.28 -6.17 -23.79
N ALA A 500 -35.42 -6.05 -23.13
CA ALA A 500 -35.98 -4.70 -22.99
C ALA A 500 -35.16 -3.85 -22.04
N GLU A 501 -34.54 -4.49 -21.05
CA GLU A 501 -33.66 -3.77 -20.14
C GLU A 501 -32.53 -3.10 -20.89
N LEU A 502 -31.89 -3.84 -21.79
CA LEU A 502 -30.80 -3.26 -22.55
C LEU A 502 -31.30 -2.22 -23.53
N SER A 503 -32.41 -2.52 -24.21
CA SER A 503 -32.89 -1.68 -25.30
C SER A 503 -33.43 -0.36 -24.83
N GLN A 504 -33.76 -0.25 -23.54
CA GLN A 504 -34.20 1.03 -23.05
C GLN A 504 -33.20 1.71 -22.15
N LEU A 505 -32.22 0.99 -21.61
CA LEU A 505 -31.30 1.83 -20.85
C LEU A 505 -29.93 1.88 -21.47
N CYS A 506 -29.36 0.73 -21.78
CA CYS A 506 -27.95 0.69 -22.15
C CYS A 506 -27.72 0.92 -23.62
N ALA A 507 -28.76 1.28 -24.36
CA ALA A 507 -28.55 1.69 -25.74
C ALA A 507 -27.79 3.00 -25.78
N VAL A 508 -26.89 3.10 -26.75
CA VAL A 508 -26.06 4.26 -27.06
C VAL A 508 -26.79 5.59 -27.15
N PRO A 509 -27.97 5.72 -27.78
CA PRO A 509 -28.58 7.04 -27.82
C PRO A 509 -29.10 7.54 -26.48
N LEU A 510 -29.15 6.69 -25.46
CA LEU A 510 -29.57 7.19 -24.17
C LEU A 510 -28.39 7.39 -23.25
N GLN A 511 -27.19 7.12 -23.71
CA GLN A 511 -25.99 7.34 -22.91
C GLN A 511 -25.03 8.27 -23.60
N ILE A 512 -25.52 9.34 -24.19
CA ILE A 512 -24.61 10.19 -24.93
C ILE A 512 -23.92 11.17 -24.00
N VAL A 513 -24.60 11.58 -22.95
CA VAL A 513 -24.21 12.72 -22.17
C VAL A 513 -23.64 12.25 -20.84
N SER A 514 -22.34 12.43 -20.67
CA SER A 514 -21.81 11.81 -19.49
C SER A 514 -21.87 12.70 -18.27
N PRO A 515 -22.52 12.21 -17.21
CA PRO A 515 -22.59 12.96 -15.96
C PRO A 515 -21.28 13.13 -15.26
N GLN A 516 -20.24 12.41 -15.70
CA GLN A 516 -18.87 12.78 -15.37
C GLN A 516 -18.65 14.25 -15.56
N SER A 517 -18.95 14.74 -16.73
CA SER A 517 -18.66 16.14 -16.96
C SER A 517 -19.75 16.78 -17.78
N ASN A 518 -20.98 16.28 -17.67
CA ASN A 518 -22.24 16.87 -18.13
C ASN A 518 -22.16 17.38 -19.58
N LYS A 519 -21.47 16.60 -20.39
CA LYS A 519 -21.15 16.93 -21.78
C LYS A 519 -21.31 15.66 -22.60
N PRO A 520 -21.46 15.77 -23.91
CA PRO A 520 -21.47 14.56 -24.72
C PRO A 520 -20.07 14.03 -24.78
N VAL A 521 -19.96 12.71 -24.65
CA VAL A 521 -18.69 12.04 -24.83
C VAL A 521 -18.67 11.14 -26.02
N MET A 522 -19.54 11.34 -26.99
CA MET A 522 -19.40 10.64 -28.24
C MET A 522 -19.46 11.60 -29.40
N GLY A 523 -18.35 11.80 -30.06
CA GLY A 523 -18.28 12.87 -31.03
C GLY A 523 -17.86 12.44 -32.42
N ILE A 524 -16.88 13.16 -32.97
CA ILE A 524 -16.37 12.86 -34.30
C ILE A 524 -14.90 12.50 -34.17
N VAL A 525 -14.46 11.55 -34.96
CA VAL A 525 -13.06 11.13 -34.94
C VAL A 525 -12.47 11.40 -36.31
N GLN A 526 -11.22 10.96 -36.45
CA GLN A 526 -10.12 11.47 -37.28
C GLN A 526 -10.59 11.98 -38.64
N ASP A 527 -11.10 11.11 -39.50
CA ASP A 527 -11.21 11.50 -40.89
C ASP A 527 -12.45 12.33 -41.15
N THR A 528 -13.60 11.89 -40.64
CA THR A 528 -14.83 12.66 -40.79
C THR A 528 -14.65 14.08 -40.29
N LEU A 529 -13.90 14.24 -39.21
CA LEU A 529 -13.70 15.57 -38.67
C LEU A 529 -12.79 16.42 -39.56
N CYS A 530 -11.60 15.92 -39.89
CA CYS A 530 -10.68 16.81 -40.61
C CYS A 530 -11.15 17.01 -42.04
N GLY A 531 -11.93 16.05 -42.53
CA GLY A 531 -12.55 16.23 -43.82
C GLY A 531 -13.66 17.25 -43.83
N VAL A 532 -14.49 17.29 -42.79
CA VAL A 532 -15.57 18.26 -42.85
C VAL A 532 -15.02 19.66 -42.65
N ARG A 533 -13.92 19.78 -41.92
CA ARG A 533 -13.30 21.09 -41.82
C ARG A 533 -12.68 21.50 -43.14
N LYS A 534 -12.15 20.54 -43.91
CA LYS A 534 -11.73 20.90 -45.26
C LYS A 534 -12.91 21.12 -46.18
N MET A 535 -14.08 20.62 -45.82
CA MET A 535 -15.17 20.78 -46.76
C MET A 535 -15.80 22.15 -46.61
N THR A 536 -16.12 22.58 -45.40
CA THR A 536 -16.84 23.82 -45.29
C THR A 536 -15.96 25.00 -44.96
N LEU A 537 -14.74 25.04 -45.49
CA LEU A 537 -14.07 26.32 -45.68
C LEU A 537 -14.84 27.14 -46.70
N ARG A 538 -14.59 28.44 -46.71
CA ARG A 538 -15.43 29.34 -47.50
C ARG A 538 -15.22 29.16 -48.99
N ASP A 539 -14.01 28.87 -49.43
CA ASP A 539 -13.71 28.87 -50.86
C ASP A 539 -13.88 27.50 -51.51
N THR A 540 -14.77 26.67 -51.03
CA THR A 540 -14.92 25.34 -51.56
C THR A 540 -16.21 25.22 -52.33
N PHE A 541 -16.10 24.95 -53.61
CA PHE A 541 -17.25 24.93 -54.50
C PHE A 541 -17.37 23.52 -55.06
N ILE A 542 -18.59 23.10 -55.34
CA ILE A 542 -18.85 21.77 -55.86
C ILE A 542 -19.78 21.90 -57.05
N GLU A 543 -19.52 21.15 -58.10
CA GLU A 543 -20.46 21.06 -59.21
C GLU A 543 -21.73 20.35 -58.81
N TYR A 544 -22.76 20.50 -59.64
CA TYR A 544 -24.06 19.93 -59.30
C TYR A 544 -24.05 18.41 -59.33
N GLU A 545 -23.31 17.83 -60.28
CA GLU A 545 -23.38 16.40 -60.54
C GLU A 545 -22.91 15.59 -59.34
N GLN A 546 -21.75 15.93 -58.79
CA GLN A 546 -21.27 15.26 -57.59
C GLN A 546 -22.19 15.52 -56.40
N VAL A 547 -22.85 16.67 -56.41
CA VAL A 547 -23.73 17.01 -55.31
C VAL A 547 -24.94 16.10 -55.30
N MET A 548 -25.32 15.60 -56.47
CA MET A 548 -26.46 14.67 -56.55
C MET A 548 -26.24 13.45 -55.68
N ASN A 549 -25.08 12.81 -55.84
CA ASN A 549 -24.74 11.67 -55.01
C ASN A 549 -24.63 12.06 -53.55
N MET A 550 -23.91 13.17 -53.28
CA MET A 550 -23.64 13.56 -51.89
C MET A 550 -24.91 13.77 -51.09
N LEU A 551 -25.94 14.35 -51.70
CA LEU A 551 -27.19 14.44 -50.98
C LEU A 551 -28.00 13.18 -51.16
N PHE A 552 -27.58 12.26 -52.04
CA PHE A 552 -28.30 11.01 -51.95
C PHE A 552 -27.91 10.21 -50.74
N TRP A 553 -26.68 10.36 -50.26
CA TRP A 553 -26.22 9.56 -49.13
C TRP A 553 -26.97 9.81 -47.82
N VAL A 554 -27.65 10.94 -47.66
CA VAL A 554 -28.30 11.24 -46.39
C VAL A 554 -29.57 10.40 -46.29
N PRO A 555 -29.73 9.59 -45.25
CA PRO A 555 -30.98 8.83 -45.12
C PRO A 555 -32.16 9.68 -44.74
N SER A 556 -31.93 10.90 -44.29
CA SER A 556 -33.01 11.77 -43.84
C SER A 556 -33.23 12.93 -44.77
N TRP A 557 -32.64 12.92 -45.94
CA TRP A 557 -32.91 13.97 -46.88
C TRP A 557 -34.29 13.77 -47.46
N ASP A 558 -35.02 14.86 -47.63
CA ASP A 558 -36.39 14.72 -48.07
C ASP A 558 -36.50 14.32 -49.53
N GLY A 559 -35.61 14.83 -50.36
CA GLY A 559 -35.90 14.87 -51.77
C GLY A 559 -35.91 16.26 -52.37
N VAL A 560 -35.25 17.23 -51.74
CA VAL A 560 -35.22 18.59 -52.24
C VAL A 560 -33.79 19.09 -52.16
N VAL A 561 -33.22 19.47 -53.30
CA VAL A 561 -31.89 20.08 -53.23
C VAL A 561 -32.04 21.51 -52.73
N PRO A 562 -31.01 22.10 -52.15
CA PRO A 562 -31.09 23.52 -51.88
C PRO A 562 -30.95 24.31 -53.16
N GLN A 563 -31.12 25.60 -53.02
CA GLN A 563 -30.77 26.42 -54.13
C GLN A 563 -29.26 26.58 -54.16
N PRO A 564 -28.64 26.37 -55.31
CA PRO A 564 -27.21 26.55 -55.43
C PRO A 564 -26.85 27.99 -55.23
N ALA A 565 -25.79 28.19 -54.48
CA ALA A 565 -25.46 29.52 -54.00
C ALA A 565 -24.86 30.39 -55.11
N ILE A 566 -24.67 29.85 -56.29
CA ILE A 566 -24.40 30.64 -57.47
C ILE A 566 -25.35 30.12 -58.54
N LEU A 567 -25.94 31.01 -59.33
CA LEU A 567 -26.82 30.59 -60.43
C LEU A 567 -26.19 30.69 -61.80
N LYS A 568 -25.12 31.45 -61.92
CA LYS A 568 -24.65 31.93 -63.19
C LYS A 568 -23.28 32.50 -62.86
N PRO A 569 -22.25 32.20 -63.63
CA PRO A 569 -22.30 31.62 -64.97
C PRO A 569 -22.33 30.10 -65.09
N LYS A 570 -22.03 29.37 -64.02
CA LYS A 570 -22.17 27.92 -64.02
C LYS A 570 -22.47 27.52 -62.60
N PRO A 571 -23.58 26.83 -62.33
CA PRO A 571 -24.07 26.66 -60.95
C PRO A 571 -23.07 25.89 -60.12
N LEU A 572 -22.76 26.40 -58.94
CA LEU A 572 -21.86 25.70 -58.04
C LEU A 572 -22.62 25.63 -56.74
N TRP A 573 -21.96 25.15 -55.71
CA TRP A 573 -22.42 25.31 -54.35
C TRP A 573 -21.32 25.84 -53.48
N THR A 574 -21.62 25.97 -52.20
CA THR A 574 -20.61 25.90 -51.15
C THR A 574 -21.02 24.89 -50.11
N GLY A 575 -20.01 24.27 -49.50
CA GLY A 575 -20.24 23.04 -48.77
C GLY A 575 -21.02 23.24 -47.49
N LYS A 576 -21.11 24.47 -47.01
CA LYS A 576 -21.85 24.73 -45.79
C LYS A 576 -23.31 24.42 -45.96
N GLN A 577 -23.85 24.61 -47.16
CA GLN A 577 -25.24 24.22 -47.33
C GLN A 577 -25.40 22.72 -47.35
N LEU A 578 -24.38 22.00 -47.82
CA LEU A 578 -24.48 20.54 -47.79
C LEU A 578 -24.39 20.01 -46.37
N LEU A 579 -23.56 20.65 -45.55
CA LEU A 579 -23.55 20.34 -44.14
C LEU A 579 -24.87 20.74 -43.50
N SER A 580 -25.54 21.74 -44.09
CA SER A 580 -26.85 22.12 -43.59
C SER A 580 -27.92 21.14 -43.99
N ILE A 581 -27.66 20.29 -44.99
CA ILE A 581 -28.69 19.32 -45.36
C ILE A 581 -28.87 18.28 -44.25
N ALA A 582 -27.79 17.93 -43.57
CA ALA A 582 -27.88 16.90 -42.54
C ALA A 582 -28.59 17.36 -41.30
N ILE A 583 -28.25 18.54 -40.80
CA ILE A 583 -28.65 19.01 -39.47
C ILE A 583 -30.10 19.45 -39.49
N PRO A 584 -30.95 18.91 -38.63
CA PRO A 584 -32.39 19.07 -38.81
C PRO A 584 -32.88 20.46 -38.49
N SER A 585 -34.18 20.64 -38.70
CA SER A 585 -34.80 21.94 -38.60
C SER A 585 -35.27 22.22 -37.17
N GLY A 586 -34.76 23.31 -36.61
CA GLY A 586 -35.07 23.68 -35.25
C GLY A 586 -33.87 23.87 -34.34
N ILE A 587 -32.75 24.30 -34.88
CA ILE A 587 -31.51 24.40 -34.12
C ILE A 587 -31.15 25.87 -34.05
N HIS A 588 -30.49 26.27 -32.99
CA HIS A 588 -29.79 27.54 -32.96
C HIS A 588 -28.45 27.32 -32.30
N LEU A 589 -27.43 28.00 -32.80
CA LEU A 589 -26.17 27.95 -32.11
C LEU A 589 -25.39 29.19 -32.44
N GLN A 590 -25.01 29.93 -31.42
CA GLN A 590 -24.38 31.22 -31.59
C GLN A 590 -23.08 31.14 -30.84
N ARG A 591 -21.98 31.38 -31.50
CA ARG A 591 -20.78 31.41 -30.71
C ARG A 591 -19.95 32.58 -31.18
N THR A 592 -19.34 33.24 -30.23
CA THR A 592 -18.37 34.29 -30.51
C THR A 592 -17.01 33.80 -30.10
N ASP A 593 -16.13 33.56 -31.06
CA ASP A 593 -14.74 33.26 -30.77
C ASP A 593 -13.94 34.52 -30.97
N GLY A 594 -13.16 34.89 -29.96
CA GLY A 594 -12.20 35.97 -30.07
C GLY A 594 -12.77 37.34 -30.32
N GLY A 595 -14.06 37.52 -30.02
CA GLY A 595 -14.68 38.80 -30.29
C GLY A 595 -14.87 39.07 -31.76
N ASN A 596 -15.42 38.12 -32.49
CA ASN A 596 -15.65 38.37 -33.90
C ASN A 596 -16.81 39.32 -34.10
N SER A 597 -16.96 39.77 -35.32
CA SER A 597 -18.02 40.67 -35.72
C SER A 597 -19.21 39.89 -36.23
N LEU A 598 -20.13 40.61 -36.87
CA LEU A 598 -21.06 39.93 -37.75
C LEU A 598 -20.61 40.06 -39.18
N LEU A 599 -19.40 40.57 -39.37
CA LEU A 599 -18.76 40.80 -40.66
C LEU A 599 -17.70 39.75 -40.96
N SER A 600 -17.11 39.15 -39.94
CA SER A 600 -16.38 37.89 -40.02
C SER A 600 -15.17 37.86 -40.95
N PRO A 601 -14.07 38.55 -40.62
CA PRO A 601 -12.91 38.56 -41.53
C PRO A 601 -12.12 37.28 -41.52
N LYS A 602 -11.89 36.70 -40.36
CA LYS A 602 -11.13 35.48 -40.24
C LYS A 602 -11.97 34.26 -40.49
N ASP A 603 -13.29 34.45 -40.60
CA ASP A 603 -14.28 33.41 -40.89
C ASP A 603 -14.33 32.33 -39.81
N ASN A 604 -13.85 32.63 -38.62
CA ASN A 604 -14.05 31.72 -37.52
C ASN A 604 -15.30 32.14 -36.76
N GLY A 605 -15.54 31.49 -35.67
CA GLY A 605 -16.79 31.69 -35.01
C GLY A 605 -17.85 30.84 -35.67
N MET A 606 -19.07 30.98 -35.16
CA MET A 606 -20.19 30.20 -35.65
C MET A 606 -21.50 30.80 -35.20
N LEU A 607 -22.38 31.02 -36.18
CA LEU A 607 -23.79 31.32 -35.96
C LEU A 607 -24.60 30.42 -36.85
N ILE A 608 -25.53 29.70 -36.27
CA ILE A 608 -26.43 28.88 -37.04
C ILE A 608 -27.85 29.26 -36.69
N VAL A 609 -28.63 29.58 -37.70
CA VAL A 609 -30.05 29.81 -37.58
C VAL A 609 -30.72 28.87 -38.55
N ASP A 610 -31.86 28.27 -38.13
CA ASP A 610 -32.68 27.32 -38.90
C ASP A 610 -31.98 25.98 -39.07
N GLY A 611 -30.75 25.89 -38.62
CA GLY A 611 -29.94 24.76 -38.99
C GLY A 611 -29.25 24.91 -40.31
N LYS A 612 -29.26 26.10 -40.89
CA LYS A 612 -28.44 26.34 -42.07
C LYS A 612 -27.30 27.19 -41.61
N VAL A 613 -26.10 26.82 -41.99
CA VAL A 613 -24.91 27.53 -41.56
C VAL A 613 -24.98 28.93 -42.17
N MET A 614 -24.63 29.93 -41.38
CA MET A 614 -24.57 31.29 -41.89
C MET A 614 -23.14 31.69 -42.20
N PHE A 615 -22.20 31.31 -41.35
CA PHE A 615 -20.79 31.47 -41.63
C PHE A 615 -20.02 30.53 -40.73
N GLY A 616 -18.70 30.56 -40.85
CA GLY A 616 -17.85 29.92 -39.88
C GLY A 616 -17.31 28.55 -40.22
N VAL A 617 -16.05 28.33 -39.83
CA VAL A 617 -15.38 27.06 -40.08
C VAL A 617 -15.72 26.07 -38.98
N VAL A 618 -16.49 25.05 -39.34
CA VAL A 618 -17.02 24.11 -38.36
C VAL A 618 -15.90 23.17 -37.92
N ASP A 619 -15.47 23.26 -36.67
CA ASP A 619 -14.26 22.55 -36.25
C ASP A 619 -14.55 21.76 -34.98
N LYS A 620 -13.48 21.30 -34.32
CA LYS A 620 -13.60 20.52 -33.09
C LYS A 620 -14.35 21.28 -32.02
N LYS A 621 -13.96 22.53 -31.76
CA LYS A 621 -14.53 23.29 -30.66
C LYS A 621 -15.99 23.62 -30.84
N THR A 622 -16.58 23.30 -31.99
CA THR A 622 -18.02 23.19 -32.13
C THR A 622 -18.51 21.77 -32.09
N VAL A 623 -18.01 20.87 -32.94
CA VAL A 623 -18.65 19.56 -33.07
C VAL A 623 -17.85 18.45 -32.41
N GLY A 624 -16.86 18.78 -31.61
CA GLY A 624 -16.17 17.70 -30.95
C GLY A 624 -16.89 17.24 -29.69
N SER A 625 -16.12 17.04 -28.64
CA SER A 625 -16.68 16.60 -27.38
C SER A 625 -17.10 17.76 -26.50
N GLY A 626 -16.97 19.00 -26.96
CA GLY A 626 -17.19 20.14 -26.09
C GLY A 626 -18.66 20.34 -25.76
N GLY A 627 -18.93 20.43 -24.46
CA GLY A 627 -20.30 20.59 -24.00
C GLY A 627 -20.84 21.96 -24.38
N GLY A 628 -22.15 22.03 -24.57
CA GLY A 628 -22.69 23.16 -25.27
C GLY A 628 -22.30 23.22 -26.73
N GLY A 629 -21.86 22.12 -27.31
CA GLY A 629 -21.55 22.06 -28.71
C GLY A 629 -22.78 21.75 -29.53
N LEU A 630 -22.52 21.28 -30.75
CA LEU A 630 -23.61 20.98 -31.66
C LEU A 630 -24.39 19.76 -31.19
N ILE A 631 -23.68 18.73 -30.75
CA ILE A 631 -24.30 17.44 -30.46
C ILE A 631 -25.17 17.54 -29.22
N HIS A 632 -24.65 18.21 -28.19
CA HIS A 632 -25.41 18.43 -26.97
C HIS A 632 -26.67 19.20 -27.26
N THR A 633 -26.57 20.20 -28.12
CA THR A 633 -27.71 21.04 -28.45
C THR A 633 -28.76 20.26 -29.17
N VAL A 634 -28.33 19.40 -30.09
CA VAL A 634 -29.28 18.54 -30.79
C VAL A 634 -29.95 17.59 -29.83
N MET A 635 -29.20 17.08 -28.86
CA MET A 635 -29.78 16.15 -27.89
C MET A 635 -30.83 16.83 -27.04
N ARG A 636 -30.52 18.02 -26.54
CA ARG A 636 -31.44 18.73 -25.67
C ARG A 636 -32.68 19.18 -26.45
N GLU A 637 -32.53 19.44 -27.74
CA GLU A 637 -33.65 20.02 -28.41
C GLU A 637 -34.46 19.00 -29.20
N LYS A 638 -33.98 17.76 -29.34
CA LYS A 638 -34.67 16.81 -30.19
C LYS A 638 -34.73 15.37 -29.69
N GLY A 639 -34.28 15.10 -28.48
CA GLY A 639 -34.39 13.76 -27.97
C GLY A 639 -33.18 12.95 -28.40
N PRO A 640 -33.23 11.63 -28.23
CA PRO A 640 -32.05 10.83 -28.58
C PRO A 640 -31.91 10.56 -30.05
N LYS A 641 -33.01 10.25 -30.74
CA LYS A 641 -32.92 9.50 -31.98
C LYS A 641 -32.37 10.36 -33.10
N ILE A 642 -32.68 11.66 -33.05
CA ILE A 642 -32.18 12.53 -34.10
C ILE A 642 -30.70 12.78 -33.90
N CYS A 643 -30.25 12.76 -32.64
CA CYS A 643 -28.83 12.82 -32.36
C CYS A 643 -28.12 11.55 -32.79
N ALA A 644 -28.82 10.43 -32.76
CA ALA A 644 -28.26 9.23 -33.38
C ALA A 644 -28.09 9.42 -34.87
N GLU A 645 -29.09 10.00 -35.53
CA GLU A 645 -28.99 10.09 -36.98
C GLU A 645 -28.06 11.21 -37.43
N LEU A 646 -27.70 12.11 -36.52
CA LEU A 646 -26.71 13.14 -36.83
C LEU A 646 -25.38 12.54 -37.24
N PHE A 647 -24.91 11.54 -36.51
CA PHE A 647 -23.60 11.00 -36.79
C PHE A 647 -23.59 10.23 -38.08
N GLY A 648 -24.70 9.54 -38.35
CA GLY A 648 -24.85 8.88 -39.63
C GLY A 648 -24.79 9.85 -40.79
N ASN A 649 -25.56 10.94 -40.69
CA ASN A 649 -25.65 11.89 -41.79
C ASN A 649 -24.31 12.54 -42.07
N ILE A 650 -23.66 13.02 -41.02
CA ILE A 650 -22.39 13.71 -41.18
C ILE A 650 -21.29 12.76 -41.67
N GLN A 651 -21.18 11.57 -41.07
CA GLN A 651 -20.06 10.70 -41.46
C GLN A 651 -20.21 10.16 -42.86
N LYS A 652 -21.43 9.77 -43.27
CA LYS A 652 -21.56 9.28 -44.62
C LYS A 652 -21.31 10.39 -45.63
N VAL A 653 -21.81 11.60 -45.35
CA VAL A 653 -21.59 12.72 -46.26
C VAL A 653 -20.12 13.04 -46.43
N VAL A 654 -19.42 13.18 -45.32
CA VAL A 654 -18.08 13.69 -45.42
C VAL A 654 -17.12 12.58 -45.84
N ASN A 655 -17.49 11.33 -45.64
CA ASN A 655 -16.67 10.30 -46.26
C ASN A 655 -16.83 10.26 -47.76
N TYR A 656 -18.04 10.47 -48.29
CA TYR A 656 -18.16 10.46 -49.74
C TYR A 656 -17.42 11.63 -50.35
N TRP A 657 -17.50 12.78 -49.69
CA TRP A 657 -16.79 13.92 -50.23
C TRP A 657 -15.29 13.83 -49.98
N LEU A 658 -14.88 13.20 -48.88
CA LEU A 658 -13.44 13.11 -48.63
C LEU A 658 -12.83 11.99 -49.45
N LEU A 659 -13.67 11.11 -49.97
CA LEU A 659 -13.26 10.25 -51.06
C LEU A 659 -12.94 11.07 -52.30
N HIS A 660 -13.95 11.74 -52.87
CA HIS A 660 -13.76 12.40 -54.15
C HIS A 660 -12.87 13.62 -54.10
N ASN A 661 -12.67 14.21 -52.94
CA ASN A 661 -11.52 15.08 -52.80
C ASN A 661 -10.29 14.25 -52.57
N GLY A 662 -10.22 13.58 -51.44
CA GLY A 662 -8.98 13.00 -51.02
C GLY A 662 -8.20 13.93 -50.12
N PHE A 663 -7.22 13.34 -49.45
CA PHE A 663 -6.40 14.02 -48.47
C PHE A 663 -5.25 13.14 -48.10
N SER A 664 -4.08 13.73 -48.00
CA SER A 664 -2.92 12.92 -47.75
C SER A 664 -1.93 13.71 -46.94
N ILE A 665 -0.77 13.12 -46.74
CA ILE A 665 0.25 13.74 -45.95
C ILE A 665 1.59 13.28 -46.46
N GLY A 666 2.48 14.23 -46.71
CA GLY A 666 3.76 13.90 -47.28
C GLY A 666 4.86 14.53 -46.48
N ILE A 667 6.08 14.07 -46.78
CA ILE A 667 7.26 14.47 -46.02
C ILE A 667 7.54 15.96 -46.18
N GLY A 668 7.04 16.58 -47.24
CA GLY A 668 7.23 18.02 -47.40
C GLY A 668 6.44 18.81 -46.39
N ASP A 669 5.35 18.25 -45.90
CA ASP A 669 4.44 18.99 -45.04
C ASP A 669 5.02 19.33 -43.71
N ALA A 670 6.06 18.65 -43.28
CA ALA A 670 6.74 19.11 -42.10
C ALA A 670 7.95 19.96 -42.43
N ILE A 671 8.18 20.27 -43.69
CA ILE A 671 9.31 21.11 -44.06
C ILE A 671 8.79 22.53 -44.22
N ALA A 672 9.52 23.49 -43.66
CA ALA A 672 9.35 24.88 -44.04
C ALA A 672 10.52 25.28 -44.91
N ASP A 673 10.40 26.45 -45.55
CA ASP A 673 11.46 26.95 -46.40
C ASP A 673 12.72 27.25 -45.60
N ALA A 674 13.82 27.49 -46.32
CA ALA A 674 15.12 27.67 -45.68
C ALA A 674 15.16 28.92 -44.81
N SER A 675 14.40 29.96 -45.16
CA SER A 675 14.40 31.20 -44.39
C SER A 675 13.81 30.99 -43.00
N THR A 676 12.67 30.31 -42.91
CA THR A 676 12.07 30.09 -41.61
C THR A 676 12.91 29.14 -40.80
N MET A 677 13.59 28.21 -41.46
CA MET A 677 14.57 27.39 -40.79
C MET A 677 15.70 28.23 -40.21
N LYS A 678 16.10 29.27 -40.96
CA LYS A 678 17.13 30.19 -40.46
C LYS A 678 16.63 30.98 -39.26
N GLU A 679 15.35 31.34 -39.27
CA GLU A 679 14.80 32.13 -38.19
C GLU A 679 14.66 31.30 -36.93
N ILE A 680 14.21 30.06 -37.08
CA ILE A 680 14.10 29.14 -35.96
C ILE A 680 15.47 28.85 -35.38
N THR A 681 16.45 28.65 -36.27
CA THR A 681 17.81 28.38 -35.82
C THR A 681 18.38 29.57 -35.07
N HIS A 682 18.15 30.79 -35.57
CA HIS A 682 18.59 31.99 -34.89
C HIS A 682 17.93 32.14 -33.53
N ALA A 683 16.63 31.85 -33.46
CA ALA A 683 15.91 32.01 -32.21
C ALA A 683 16.40 31.03 -31.16
N ILE A 684 16.55 29.78 -31.54
CA ILE A 684 16.96 28.79 -30.55
C ILE A 684 18.43 28.98 -30.21
N SER A 685 19.23 29.51 -31.14
CA SER A 685 20.59 29.87 -30.81
C SER A 685 20.63 31.02 -29.82
N SER A 686 19.72 31.98 -29.98
CA SER A 686 19.61 33.07 -29.02
C SER A 686 19.13 32.56 -27.67
N ALA A 687 18.34 31.50 -27.69
CA ALA A 687 17.93 30.89 -26.44
C ALA A 687 19.09 30.21 -25.75
N LYS A 688 19.97 29.59 -26.52
CA LYS A 688 21.13 28.97 -25.91
C LYS A 688 22.10 30.03 -25.41
N GLU A 689 22.09 31.20 -26.06
CA GLU A 689 22.77 32.36 -25.50
C GLU A 689 22.12 32.78 -24.18
N GLN A 690 20.80 32.71 -24.09
CA GLN A 690 20.13 33.08 -22.84
C GLN A 690 20.47 32.12 -21.73
N VAL A 691 20.52 30.83 -22.03
CA VAL A 691 20.87 29.87 -20.98
C VAL A 691 22.34 29.99 -20.65
N GLN A 692 23.16 30.44 -21.60
CA GLN A 692 24.53 30.80 -21.27
C GLN A 692 24.58 31.99 -20.32
N GLU A 693 23.66 32.94 -20.48
CA GLU A 693 23.59 34.05 -19.53
C GLU A 693 23.18 33.55 -18.16
N ILE A 694 22.26 32.59 -18.12
CA ILE A 694 21.84 31.97 -16.87
C ILE A 694 23.02 31.32 -16.18
N ILE A 695 23.80 30.56 -16.94
CA ILE A 695 24.99 29.91 -16.41
C ILE A 695 25.99 30.95 -15.93
N TYR A 696 26.18 32.01 -16.72
CA TYR A 696 27.15 33.06 -16.39
C TYR A 696 26.81 33.73 -15.08
N LYS A 697 25.55 34.08 -14.90
CA LYS A 697 25.18 34.81 -13.69
C LYS A 697 25.10 33.87 -12.50
N ALA A 698 24.54 32.67 -12.67
CA ALA A 698 24.35 31.78 -11.54
C ALA A 698 25.66 31.17 -11.09
N GLN A 699 26.53 30.80 -12.02
CA GLN A 699 27.84 30.33 -11.66
C GLN A 699 28.80 31.46 -11.44
N HIS A 700 28.39 32.71 -11.69
CA HIS A 700 29.05 33.89 -11.14
C HIS A 700 28.26 34.44 -9.96
N ASN A 701 27.26 33.68 -9.49
CA ASN A 701 26.50 33.92 -8.27
C ASN A 701 25.77 35.25 -8.33
N GLU A 702 25.03 35.47 -9.40
CA GLU A 702 24.26 36.69 -9.60
C GLU A 702 22.78 36.39 -9.67
N LEU A 703 22.34 35.27 -9.13
CA LEU A 703 20.99 34.79 -9.42
C LEU A 703 20.10 34.88 -8.19
N GLU A 704 18.86 35.31 -8.38
CA GLU A 704 17.95 35.53 -7.28
C GLU A 704 16.97 34.37 -7.12
N LEU A 705 16.73 34.02 -5.86
CA LEU A 705 16.07 32.77 -5.49
C LEU A 705 14.59 33.00 -5.26
N LYS A 706 13.79 32.15 -5.88
CA LYS A 706 12.33 32.17 -5.94
C LYS A 706 11.73 31.78 -4.59
N PRO A 707 10.43 32.00 -4.36
CA PRO A 707 9.83 31.53 -3.12
C PRO A 707 9.76 30.01 -3.09
N GLY A 708 10.24 29.45 -1.99
CA GLY A 708 10.09 28.04 -1.69
C GLY A 708 11.08 27.11 -2.29
N MET A 709 11.85 27.57 -3.32
CA MET A 709 12.85 26.75 -3.96
C MET A 709 14.23 27.28 -3.66
N THR A 710 15.14 26.36 -3.37
CA THR A 710 16.51 26.74 -3.17
C THR A 710 17.23 26.86 -4.50
N LEU A 711 18.56 26.93 -4.41
CA LEU A 711 19.36 27.50 -5.48
C LEU A 711 19.34 26.63 -6.73
N ARG A 712 19.50 25.33 -6.57
CA ARG A 712 19.47 24.46 -7.73
C ARG A 712 18.06 24.30 -8.26
N GLU A 713 17.07 24.34 -7.38
CA GLU A 713 15.69 24.18 -7.83
C GLU A 713 15.25 25.38 -8.65
N SER A 714 15.60 26.59 -8.21
CA SER A 714 15.25 27.77 -8.99
C SER A 714 16.13 27.87 -10.24
N PHE A 715 17.34 27.34 -10.15
CA PHE A 715 18.19 27.25 -11.34
C PHE A 715 17.55 26.39 -12.42
N GLU A 716 17.14 25.18 -12.05
CA GLU A 716 16.52 24.28 -13.00
C GLU A 716 15.14 24.79 -13.43
N GLY A 717 14.44 25.51 -12.55
CA GLY A 717 13.17 26.10 -12.95
C GLY A 717 13.35 27.20 -13.98
N GLU A 718 14.41 27.98 -13.82
CA GLU A 718 14.74 28.99 -14.81
C GLU A 718 15.07 28.35 -16.15
N VAL A 719 15.85 27.27 -16.10
CA VAL A 719 16.21 26.53 -17.31
C VAL A 719 14.97 26.02 -18.01
N SER A 720 14.03 25.48 -17.22
CA SER A 720 12.82 24.90 -17.79
C SER A 720 11.96 25.97 -18.45
N ARG A 721 11.81 27.12 -17.80
CA ARG A 721 11.05 28.20 -18.40
C ARG A 721 11.71 28.72 -19.66
N THR A 722 13.03 28.85 -19.64
CA THR A 722 13.70 29.49 -20.75
C THR A 722 13.68 28.62 -22.00
N LEU A 723 13.94 27.31 -21.82
CA LEU A 723 13.89 26.45 -22.99
C LEU A 723 12.47 26.17 -23.43
N ASN A 724 11.51 26.22 -22.51
CA ASN A 724 10.12 26.19 -22.95
C ASN A 724 9.76 27.42 -23.76
N ASP A 725 10.32 28.58 -23.41
CA ASP A 725 10.05 29.79 -24.20
C ASP A 725 10.66 29.70 -25.57
N ALA A 726 11.87 29.15 -25.64
CA ALA A 726 12.52 28.82 -26.90
C ALA A 726 11.62 27.96 -27.77
N ARG A 727 11.12 26.88 -27.20
CA ARG A 727 10.31 25.94 -27.95
C ARG A 727 9.00 26.57 -28.39
N ASP A 728 8.42 27.41 -27.54
CA ASP A 728 7.13 27.99 -27.86
C ASP A 728 7.24 29.03 -28.97
N SER A 729 8.22 29.93 -28.88
CA SER A 729 8.35 30.94 -29.92
C SER A 729 8.80 30.33 -31.25
N ALA A 730 9.67 29.32 -31.19
CA ALA A 730 10.13 28.71 -32.42
C ALA A 730 9.02 27.93 -33.10
N GLY A 731 8.25 27.17 -32.32
CA GLY A 731 7.12 26.46 -32.88
C GLY A 731 6.04 27.40 -33.36
N ARG A 732 5.96 28.58 -32.75
CA ARG A 732 5.00 29.56 -33.20
C ARG A 732 5.39 30.14 -34.55
N SER A 733 6.67 30.45 -34.74
CA SER A 733 7.12 30.95 -36.04
C SER A 733 6.91 29.90 -37.12
N ALA A 734 7.23 28.65 -36.80
CA ALA A 734 7.05 27.57 -37.78
C ALA A 734 5.57 27.31 -38.02
N GLU A 735 4.72 27.62 -37.07
CA GLU A 735 3.30 27.52 -37.35
C GLU A 735 2.85 28.68 -38.22
N MET A 736 3.46 29.85 -38.03
CA MET A 736 2.99 31.03 -38.74
C MET A 736 3.36 30.99 -40.20
N ASN A 737 4.53 30.47 -40.53
CA ASN A 737 4.93 30.45 -41.93
C ASN A 737 4.09 29.50 -42.76
N LEU A 738 3.66 28.38 -42.20
CA LEU A 738 3.14 27.30 -43.02
C LEU A 738 1.85 27.69 -43.68
N LYS A 739 1.65 27.19 -44.89
CA LYS A 739 0.53 27.59 -45.69
C LYS A 739 -0.73 26.91 -45.18
N ASP A 740 -1.84 27.20 -45.84
CA ASP A 740 -3.07 26.57 -45.38
C ASP A 740 -3.52 25.45 -46.30
N LEU A 741 -2.92 25.34 -47.48
CA LEU A 741 -3.09 24.10 -48.19
C LEU A 741 -2.17 23.03 -47.68
N ASN A 742 -1.22 23.40 -46.83
CA ASN A 742 -0.41 22.47 -46.07
C ASN A 742 -1.29 21.53 -45.27
N ASN A 743 -0.99 20.24 -45.35
CA ASN A 743 -1.91 19.25 -44.81
C ASN A 743 -1.86 19.23 -43.28
N VAL A 744 -0.66 19.26 -42.71
CA VAL A 744 -0.49 19.06 -41.27
C VAL A 744 -1.14 20.19 -40.50
N LYS A 745 -1.03 21.42 -41.03
CA LYS A 745 -1.66 22.56 -40.38
C LYS A 745 -3.17 22.47 -40.49
N GLN A 746 -3.67 21.85 -41.55
CA GLN A 746 -5.11 21.59 -41.63
C GLN A 746 -5.54 20.59 -40.58
N MET A 747 -4.72 19.59 -40.31
CA MET A 747 -5.16 18.59 -39.32
C MET A 747 -5.15 19.15 -37.91
N VAL A 748 -4.10 19.88 -37.56
CA VAL A 748 -4.07 20.44 -36.22
C VAL A 748 -5.11 21.56 -36.09
N SER A 749 -5.33 22.32 -37.15
CA SER A 749 -6.36 23.35 -37.08
C SER A 749 -7.74 22.75 -37.25
N ALA A 750 -7.84 21.45 -37.40
CA ALA A 750 -9.12 20.80 -37.27
C ALA A 750 -9.28 20.16 -35.92
N GLY A 751 -8.17 19.80 -35.29
CA GLY A 751 -8.21 19.19 -33.98
C GLY A 751 -8.68 17.75 -33.91
N SER A 752 -8.91 17.10 -35.05
CA SER A 752 -9.19 15.69 -35.04
C SER A 752 -8.04 14.88 -34.50
N LYS A 753 -6.80 15.32 -34.73
CA LYS A 753 -5.68 14.66 -34.07
C LYS A 753 -4.53 15.64 -33.95
N GLY A 754 -3.96 15.73 -32.77
CA GLY A 754 -2.71 16.40 -32.61
C GLY A 754 -2.85 17.84 -32.18
N SER A 755 -1.73 18.54 -32.11
CA SER A 755 -1.75 19.88 -31.58
C SER A 755 -0.55 20.64 -32.07
N PHE A 756 -0.32 21.78 -31.40
CA PHE A 756 0.74 22.72 -31.74
C PHE A 756 2.11 22.13 -31.50
N ILE A 757 2.26 21.41 -30.40
CA ILE A 757 3.56 20.90 -30.00
C ILE A 757 3.99 19.78 -30.93
N ASN A 758 3.05 19.14 -31.62
CA ASN A 758 3.39 18.14 -32.61
C ASN A 758 4.16 18.75 -33.76
N ILE A 759 3.67 19.85 -34.32
CA ILE A 759 4.31 20.42 -35.48
C ILE A 759 5.60 21.10 -35.06
N ALA A 760 5.61 21.64 -33.83
CA ALA A 760 6.85 22.19 -33.31
C ALA A 760 7.92 21.12 -33.18
N GLN A 761 7.53 19.93 -32.72
CA GLN A 761 8.53 18.92 -32.53
C GLN A 761 8.96 18.28 -33.81
N MET A 762 8.05 18.15 -34.77
CA MET A 762 8.46 17.55 -36.03
C MET A 762 9.35 18.48 -36.81
N SER A 763 9.08 19.78 -36.79
CA SER A 763 9.76 20.63 -37.74
C SER A 763 10.80 21.55 -37.14
N ALA A 764 10.56 22.09 -35.96
CA ALA A 764 11.43 23.16 -35.47
C ALA A 764 12.32 22.70 -34.32
N CYS A 765 11.75 22.09 -33.29
CA CYS A 765 12.51 21.69 -32.12
C CYS A 765 11.74 20.71 -31.28
N VAL A 766 12.40 19.71 -30.73
CA VAL A 766 11.67 18.77 -29.90
C VAL A 766 11.64 19.24 -28.45
N GLY A 767 12.68 19.92 -28.00
CA GLY A 767 12.70 20.42 -26.65
C GLY A 767 13.52 19.55 -25.73
N GLN A 768 13.24 19.72 -24.44
CA GLN A 768 14.05 19.10 -23.42
C GLN A 768 13.53 17.71 -23.09
N GLN A 769 14.43 16.73 -23.09
CA GLN A 769 14.09 15.41 -22.60
C GLN A 769 14.00 15.45 -21.09
N MET A 770 12.98 14.82 -20.53
CA MET A 770 12.72 14.89 -19.10
C MET A 770 12.82 13.52 -18.46
N VAL A 771 13.08 13.53 -17.16
CA VAL A 771 12.75 12.42 -16.27
C VAL A 771 12.09 13.00 -15.04
N GLU A 772 10.87 12.55 -14.74
CA GLU A 772 10.11 12.92 -13.55
C GLU A 772 9.91 14.42 -13.46
N GLY A 773 9.70 15.04 -14.60
CA GLY A 773 9.62 16.47 -14.69
C GLY A 773 10.95 17.19 -14.77
N LYS A 774 12.04 16.57 -14.34
CA LYS A 774 13.28 17.32 -14.23
C LYS A 774 14.14 17.10 -15.44
N ARG A 775 15.23 17.86 -15.50
CA ARG A 775 16.28 17.47 -16.42
C ARG A 775 16.99 16.23 -15.90
N ILE A 776 17.86 15.70 -16.75
CA ILE A 776 18.25 14.32 -16.60
C ILE A 776 19.32 14.23 -15.54
N ALA A 777 19.20 13.22 -14.70
CA ALA A 777 20.18 12.98 -13.67
C ALA A 777 21.53 12.69 -14.28
N PHE A 778 22.57 13.11 -13.58
CA PHE A 778 23.91 12.64 -13.88
C PHE A 778 23.92 11.19 -13.45
N GLY A 779 23.70 10.32 -14.46
CA GLY A 779 23.71 8.89 -14.20
C GLY A 779 25.05 8.42 -13.69
N PHE A 780 26.11 8.92 -14.28
CA PHE A 780 27.44 8.78 -13.73
C PHE A 780 27.75 9.95 -12.82
N ALA A 781 29.03 10.04 -12.47
CA ALA A 781 29.53 11.22 -11.79
C ALA A 781 29.57 12.38 -12.78
N ASP A 782 28.77 13.40 -12.50
CA ASP A 782 28.88 14.75 -13.03
C ASP A 782 28.47 14.85 -14.50
N ARG A 783 27.94 13.79 -15.08
CA ARG A 783 27.63 13.79 -16.50
C ARG A 783 26.61 12.71 -16.76
N SER A 784 25.82 12.87 -17.81
CA SER A 784 24.75 11.91 -17.98
C SER A 784 24.93 11.05 -19.21
N LEU A 785 26.17 10.91 -19.69
CA LEU A 785 26.69 9.89 -20.60
C LEU A 785 28.20 9.93 -20.46
N PRO A 786 28.95 9.06 -21.12
CA PRO A 786 30.39 9.28 -21.21
C PRO A 786 30.86 10.04 -22.43
N HIS A 787 30.00 10.75 -23.14
CA HIS A 787 30.45 11.62 -24.21
C HIS A 787 30.52 13.07 -23.82
N PHE A 788 30.44 13.39 -22.55
CA PHE A 788 30.35 14.77 -22.14
C PHE A 788 31.43 15.08 -21.14
N THR A 789 31.51 16.34 -20.75
CA THR A 789 32.47 16.70 -19.75
C THR A 789 31.80 16.72 -18.38
N LYS A 790 32.59 17.00 -17.36
CA LYS A 790 31.97 17.08 -16.05
C LYS A 790 31.33 18.44 -15.82
N ASP A 791 30.17 18.41 -15.17
CA ASP A 791 29.47 19.58 -14.63
C ASP A 791 29.13 20.60 -15.71
N ASP A 792 28.68 20.11 -16.84
CA ASP A 792 28.24 20.98 -17.92
C ASP A 792 26.73 20.93 -17.96
N PHE A 793 26.07 22.00 -17.53
CA PHE A 793 24.62 22.03 -17.52
C PHE A 793 24.05 22.64 -18.79
N SER A 794 24.79 22.53 -19.88
CA SER A 794 24.35 22.95 -21.18
C SER A 794 23.18 22.09 -21.64
N PRO A 795 22.30 22.64 -22.47
CA PRO A 795 21.10 21.89 -22.87
C PRO A 795 21.36 20.62 -23.66
N GLU A 796 22.45 20.56 -24.41
CA GLU A 796 22.76 19.34 -25.16
C GLU A 796 23.30 18.24 -24.25
N SER A 797 23.76 18.60 -23.06
CA SER A 797 24.14 17.58 -22.10
C SER A 797 22.95 16.84 -21.55
N LYS A 798 22.09 17.54 -20.87
CA LYS A 798 21.05 16.92 -20.09
C LYS A 798 19.77 16.85 -20.90
N GLY A 799 19.89 16.80 -22.20
CA GLY A 799 18.83 16.30 -23.02
C GLY A 799 17.93 17.32 -23.65
N PHE A 800 18.47 18.36 -24.24
CA PHE A 800 17.66 19.17 -25.14
C PHE A 800 17.97 18.81 -26.57
N VAL A 801 16.98 18.24 -27.26
CA VAL A 801 17.04 18.02 -28.68
C VAL A 801 17.01 19.39 -29.34
N GLU A 802 18.12 19.76 -29.98
CA GLU A 802 18.11 20.98 -30.76
C GLU A 802 17.53 20.72 -32.12
N ASN A 803 17.64 19.49 -32.58
CA ASN A 803 17.23 19.18 -33.92
C ASN A 803 15.71 19.14 -34.03
N SER A 804 15.26 19.04 -35.25
CA SER A 804 13.92 18.56 -35.47
C SER A 804 13.94 17.06 -35.39
N TYR A 805 12.76 16.47 -35.51
CA TYR A 805 12.72 15.07 -35.85
C TYR A 805 13.28 14.82 -37.24
N LEU A 806 13.16 15.81 -38.11
CA LEU A 806 13.36 15.58 -39.52
C LEU A 806 14.84 15.48 -39.87
N ARG A 807 15.65 16.30 -39.24
CA ARG A 807 17.06 16.38 -39.62
C ARG A 807 17.81 15.16 -39.13
N GLY A 808 17.29 14.50 -38.13
CA GLY A 808 18.14 13.51 -37.52
C GLY A 808 18.61 13.94 -36.15
N LEU A 809 18.80 12.97 -35.30
CA LEU A 809 19.23 13.26 -33.97
C LEU A 809 20.71 12.94 -33.90
N THR A 810 21.42 13.67 -33.07
CA THR A 810 22.69 13.11 -32.65
C THR A 810 22.35 11.91 -31.78
N PRO A 811 23.22 10.90 -31.72
CA PRO A 811 22.89 9.69 -30.96
C PRO A 811 22.52 9.91 -29.51
N GLN A 812 23.18 10.86 -28.86
CA GLN A 812 22.93 11.13 -27.45
C GLN A 812 21.53 11.68 -27.27
N GLU A 813 21.12 12.51 -28.21
CA GLU A 813 19.80 13.06 -28.14
C GLU A 813 18.76 11.98 -28.42
N PHE A 814 19.12 11.02 -29.28
CA PHE A 814 18.21 9.90 -29.51
C PHE A 814 18.03 9.08 -28.26
N PHE A 815 19.11 8.90 -27.52
CA PHE A 815 19.06 8.07 -26.32
C PHE A 815 18.29 8.76 -25.20
N PHE A 816 18.39 10.08 -25.13
CA PHE A 816 17.67 10.78 -24.08
C PHE A 816 16.19 10.76 -24.37
N HIS A 817 15.81 10.79 -25.65
CA HIS A 817 14.41 10.58 -25.97
C HIS A 817 13.98 9.15 -25.69
N ALA A 818 14.94 8.23 -25.72
CA ALA A 818 14.58 6.88 -25.28
C ALA A 818 14.26 6.87 -23.80
N MET A 819 14.93 7.68 -23.00
CA MET A 819 14.55 7.73 -21.59
C MET A 819 13.20 8.39 -21.40
N ALA A 820 12.82 9.28 -22.31
CA ALA A 820 11.46 9.83 -22.24
C ALA A 820 10.42 8.75 -22.46
N GLY A 821 10.62 7.95 -23.48
CA GLY A 821 9.71 6.83 -23.69
C GLY A 821 9.74 5.84 -22.55
N ARG A 822 10.88 5.75 -21.87
CA ARG A 822 10.99 4.88 -20.72
C ARG A 822 10.11 5.38 -19.58
N GLU A 823 10.10 6.70 -19.35
CA GLU A 823 9.18 7.28 -18.38
C GLU A 823 7.75 6.96 -18.73
N GLY A 824 7.40 7.10 -20.01
CA GLY A 824 6.03 6.89 -20.43
C GLY A 824 5.58 5.45 -20.26
N LEU A 825 6.47 4.52 -20.58
CA LEU A 825 6.17 3.10 -20.39
C LEU A 825 5.96 2.74 -18.92
N ILE A 826 6.89 3.17 -18.06
CA ILE A 826 6.81 2.79 -16.67
C ILE A 826 5.58 3.41 -16.02
N ASP A 827 5.23 4.63 -16.44
CA ASP A 827 4.02 5.28 -15.96
C ASP A 827 2.78 4.48 -16.32
N THR A 828 2.66 4.14 -17.62
CA THR A 828 1.41 3.56 -18.10
C THR A 828 1.26 2.12 -17.68
N ALA A 829 2.35 1.49 -17.25
CA ALA A 829 2.17 0.13 -16.71
C ALA A 829 2.48 0.05 -15.22
N VAL A 830 2.62 1.17 -14.52
CA VAL A 830 2.77 1.08 -13.08
C VAL A 830 1.66 1.81 -12.34
N LYS A 831 1.36 3.06 -12.70
CA LYS A 831 0.33 3.77 -11.95
C LYS A 831 -1.07 3.23 -12.22
N THR A 832 -1.27 2.44 -13.26
CA THR A 832 -2.58 1.86 -13.49
C THR A 832 -2.91 0.82 -12.42
N ALA A 833 -1.90 0.35 -11.69
CA ALA A 833 -2.15 -0.40 -10.47
C ALA A 833 -2.93 0.41 -9.45
N GLU A 834 -2.45 1.61 -9.16
CA GLU A 834 -3.09 2.44 -8.16
C GLU A 834 -4.46 2.88 -8.63
N THR A 835 -4.59 3.16 -9.93
CA THR A 835 -5.89 3.58 -10.45
C THR A 835 -6.92 2.47 -10.38
N GLY A 836 -6.52 1.24 -10.70
CA GLY A 836 -7.46 0.14 -10.59
C GLY A 836 -7.88 -0.09 -9.15
N TYR A 837 -6.91 -0.05 -8.22
CA TYR A 837 -7.24 -0.35 -6.84
C TYR A 837 -8.12 0.73 -6.22
N ILE A 838 -7.81 2.00 -6.51
CA ILE A 838 -8.65 3.12 -6.06
C ILE A 838 -10.06 3.00 -6.61
N GLN A 839 -10.16 2.64 -7.89
CA GLN A 839 -11.47 2.62 -8.49
C GLN A 839 -12.30 1.47 -7.95
N ARG A 840 -11.64 0.36 -7.64
CA ARG A 840 -12.35 -0.74 -7.00
C ARG A 840 -12.84 -0.34 -5.62
N ARG A 841 -12.03 0.41 -4.87
CA ARG A 841 -12.44 0.77 -3.53
C ARG A 841 -13.55 1.79 -3.52
N LEU A 842 -13.57 2.73 -4.48
CA LEU A 842 -14.68 3.67 -4.51
C LEU A 842 -15.97 2.97 -4.89
N VAL A 843 -15.88 2.03 -5.83
CA VAL A 843 -17.03 1.23 -6.19
C VAL A 843 -17.57 0.48 -4.98
N LYS A 844 -16.71 -0.26 -4.27
CA LYS A 844 -17.22 -1.00 -3.12
C LYS A 844 -17.45 -0.10 -1.93
N ALA A 845 -17.01 1.15 -2.02
CA ALA A 845 -17.35 2.09 -0.98
C ALA A 845 -18.79 2.50 -1.08
N LEU A 846 -19.28 2.78 -2.27
CA LEU A 846 -20.60 3.37 -2.27
C LEU A 846 -21.71 2.43 -2.67
N GLU A 847 -21.45 1.13 -2.83
CA GLU A 847 -22.11 0.37 -3.91
C GLU A 847 -23.61 0.15 -3.70
N ASP A 848 -24.22 0.79 -2.74
CA ASP A 848 -25.63 0.58 -2.48
C ASP A 848 -26.47 1.83 -2.54
N ILE A 849 -25.84 3.00 -2.67
CA ILE A 849 -26.50 4.28 -2.47
C ILE A 849 -27.57 4.51 -3.51
N MET A 850 -28.80 4.64 -3.05
CA MET A 850 -29.92 4.72 -3.97
C MET A 850 -30.80 5.89 -3.60
N VAL A 851 -31.04 6.75 -4.57
CA VAL A 851 -31.98 7.84 -4.38
C VAL A 851 -33.40 7.30 -4.49
N HIS A 852 -34.15 7.41 -3.41
CA HIS A 852 -35.43 6.76 -3.28
C HIS A 852 -36.53 7.71 -3.66
N TYR A 853 -37.74 7.31 -3.34
CA TYR A 853 -38.85 8.16 -3.71
C TYR A 853 -39.13 9.28 -2.74
N ASP A 854 -38.17 9.70 -1.94
CA ASP A 854 -38.36 10.94 -1.20
C ASP A 854 -37.27 11.94 -1.44
N GLY A 855 -36.51 11.80 -2.53
CA GLY A 855 -35.43 12.70 -2.80
C GLY A 855 -34.30 12.67 -1.79
N THR A 856 -34.12 11.58 -1.08
CA THR A 856 -33.03 11.49 -0.13
C THR A 856 -32.03 10.42 -0.55
N THR A 857 -31.06 10.18 0.32
CA THR A 857 -29.85 9.50 -0.06
C THR A 857 -29.38 8.55 1.04
N ARG A 858 -29.82 7.29 0.99
CA ARG A 858 -29.57 6.37 2.10
C ARG A 858 -28.64 5.25 1.68
N ASN A 859 -28.01 4.62 2.67
CA ASN A 859 -27.26 3.39 2.44
C ASN A 859 -28.19 2.20 2.71
N SER A 860 -27.63 1.00 2.90
CA SER A 860 -28.47 -0.13 3.22
C SER A 860 -29.16 -0.01 4.55
N LEU A 861 -28.50 0.58 5.54
CA LEU A 861 -29.14 0.82 6.82
C LEU A 861 -30.21 1.90 6.75
N GLY A 862 -30.04 2.89 5.91
CA GLY A 862 -30.83 4.09 6.07
C GLY A 862 -30.09 5.26 6.67
N ASP A 863 -28.75 5.23 6.72
CA ASP A 863 -27.99 6.44 6.97
C ASP A 863 -28.20 7.41 5.83
N ILE A 864 -29.05 8.41 6.08
CA ILE A 864 -29.32 9.42 5.09
C ILE A 864 -28.09 10.30 4.96
N ILE A 865 -27.70 10.60 3.73
CA ILE A 865 -26.45 11.32 3.53
C ILE A 865 -26.66 12.73 3.02
N GLN A 866 -27.45 12.89 1.98
CA GLN A 866 -27.93 14.21 1.60
C GLN A 866 -29.43 14.19 1.72
N PHE A 867 -29.99 15.22 2.35
CA PHE A 867 -31.43 15.28 2.45
C PHE A 867 -32.08 15.51 1.11
N LEU A 868 -31.46 16.30 0.24
CA LEU A 868 -31.97 16.43 -1.10
C LEU A 868 -30.86 16.01 -2.03
N TYR A 869 -31.20 15.31 -3.11
CA TYR A 869 -30.15 14.75 -3.96
C TYR A 869 -29.37 15.86 -4.63
N GLY A 870 -28.05 15.82 -4.43
CA GLY A 870 -27.14 16.81 -4.98
C GLY A 870 -27.46 18.21 -4.59
N GLU A 871 -28.10 18.39 -3.44
CA GLU A 871 -28.65 19.63 -2.95
C GLU A 871 -29.70 20.27 -3.86
N ASP A 872 -30.17 19.61 -4.92
CA ASP A 872 -31.19 20.24 -5.75
C ASP A 872 -32.32 19.35 -6.22
N GLY A 873 -32.10 18.06 -6.34
CA GLY A 873 -33.10 17.22 -6.96
C GLY A 873 -32.97 17.10 -8.45
N LEU A 874 -31.89 17.59 -9.01
CA LEU A 874 -31.76 17.64 -10.45
C LEU A 874 -30.76 16.60 -10.93
N ASP A 875 -31.17 15.87 -11.97
CA ASP A 875 -30.33 14.85 -12.60
C ASP A 875 -29.05 15.45 -13.12
N GLY A 876 -27.95 14.71 -12.94
CA GLY A 876 -26.62 15.30 -13.09
C GLY A 876 -26.19 15.61 -14.51
N THR A 877 -26.79 14.96 -15.50
CA THR A 877 -26.49 15.27 -16.87
C THR A 877 -27.18 16.51 -17.35
N GLN A 878 -28.27 16.90 -16.70
CA GLN A 878 -29.25 17.77 -17.32
C GLN A 878 -28.98 19.23 -17.08
N VAL A 879 -27.73 19.64 -16.99
CA VAL A 879 -27.42 21.03 -16.74
C VAL A 879 -26.59 21.59 -17.88
N GLU A 880 -26.60 22.90 -18.01
CA GLU A 880 -25.70 23.63 -18.86
C GLU A 880 -25.17 24.78 -18.02
N ARG A 881 -24.04 25.35 -18.39
CA ARG A 881 -23.61 26.54 -17.69
C ARG A 881 -24.30 27.75 -18.31
N GLN A 882 -25.01 28.51 -17.50
CA GLN A 882 -25.74 29.65 -18.03
C GLN A 882 -25.29 30.88 -17.29
N THR A 883 -25.92 31.99 -17.61
CA THR A 883 -25.55 33.29 -17.08
C THR A 883 -26.71 33.91 -16.33
N ILE A 884 -26.58 33.96 -15.01
CA ILE A 884 -27.55 34.61 -14.15
C ILE A 884 -27.24 36.10 -14.26
N ASP A 885 -27.94 36.81 -15.15
CA ASP A 885 -27.52 38.13 -15.62
C ASP A 885 -27.55 39.20 -14.54
N THR A 886 -28.21 38.96 -13.44
CA THR A 886 -28.37 39.97 -12.43
C THR A 886 -27.28 39.93 -11.38
N ILE A 887 -26.25 39.14 -11.59
CA ILE A 887 -25.07 39.31 -10.75
C ILE A 887 -24.14 40.42 -11.21
N PRO A 888 -23.62 40.46 -12.45
CA PRO A 888 -22.53 41.40 -12.72
C PRO A 888 -23.08 42.79 -13.01
N GLY A 889 -22.18 43.70 -13.30
CA GLY A 889 -22.56 45.04 -13.66
C GLY A 889 -22.84 45.92 -12.45
N SER A 890 -22.92 47.22 -12.72
CA SER A 890 -23.13 48.25 -11.72
C SER A 890 -24.60 48.43 -11.41
N ASP A 891 -24.85 49.27 -10.40
CA ASP A 891 -26.21 49.65 -10.08
C ASP A 891 -26.81 50.49 -11.18
N LYS A 892 -25.97 51.24 -11.88
CA LYS A 892 -26.42 52.00 -13.05
C LYS A 892 -26.98 51.09 -14.11
N ALA A 893 -26.26 50.00 -14.39
CA ALA A 893 -26.68 49.09 -15.44
C ALA A 893 -27.98 48.40 -15.08
N PHE A 894 -28.14 48.04 -13.81
CA PHE A 894 -29.34 47.35 -13.39
C PHE A 894 -30.52 48.32 -13.38
N HIS A 895 -30.27 49.54 -12.91
CA HIS A 895 -31.33 50.53 -12.80
C HIS A 895 -31.68 51.11 -14.15
N LYS A 896 -30.82 50.88 -15.14
CA LYS A 896 -31.15 51.32 -16.49
C LYS A 896 -31.85 50.21 -17.26
N ARG A 897 -31.44 48.96 -17.06
CA ARG A 897 -32.06 47.87 -17.79
C ARG A 897 -33.44 47.54 -17.24
N TYR A 898 -33.58 47.48 -15.92
CA TYR A 898 -34.76 46.89 -15.32
C TYR A 898 -35.74 47.87 -14.75
N TYR A 899 -35.28 48.98 -14.18
CA TYR A 899 -36.14 49.84 -13.37
C TYR A 899 -37.23 50.44 -14.21
N VAL A 900 -38.44 49.97 -14.00
CA VAL A 900 -39.59 50.46 -14.70
C VAL A 900 -39.96 51.76 -14.03
N ASP A 901 -40.52 52.69 -14.78
CA ASP A 901 -40.99 53.95 -14.23
C ASP A 901 -42.23 54.33 -15.03
N LEU A 902 -43.37 54.36 -14.36
CA LEU A 902 -44.65 54.62 -15.01
C LEU A 902 -45.13 56.04 -14.83
N MET A 903 -44.35 56.92 -14.24
CA MET A 903 -44.75 58.31 -14.11
C MET A 903 -44.05 59.17 -15.15
N ASP A 904 -42.73 59.12 -15.15
CA ASP A 904 -41.93 59.66 -16.24
C ASP A 904 -42.29 58.93 -17.52
N GLU A 905 -42.48 59.67 -18.61
CA GLU A 905 -42.94 59.05 -19.85
C GLU A 905 -41.84 58.26 -20.51
N LYS A 906 -40.67 58.87 -20.68
CA LYS A 906 -39.63 58.36 -21.56
C LYS A 906 -38.95 57.11 -21.02
N ASN A 907 -38.86 56.92 -19.71
CA ASN A 907 -38.23 55.73 -19.14
C ASN A 907 -39.19 54.56 -19.07
N SER A 908 -40.42 54.74 -19.56
CA SER A 908 -41.37 53.66 -19.63
C SER A 908 -41.17 52.89 -20.92
N ILE A 909 -42.14 52.05 -21.25
CA ILE A 909 -42.18 51.34 -22.52
C ILE A 909 -42.30 52.35 -23.64
N LYS A 910 -41.35 52.31 -24.55
CA LYS A 910 -41.51 52.99 -25.81
C LYS A 910 -42.68 52.35 -26.55
N PRO A 911 -43.69 53.13 -26.92
CA PRO A 911 -45.04 52.55 -27.11
C PRO A 911 -45.23 51.83 -28.43
N ASP A 912 -44.20 51.71 -29.25
CA ASP A 912 -44.28 51.00 -30.52
C ASP A 912 -44.51 49.51 -30.36
N VAL A 913 -44.08 48.92 -29.25
CA VAL A 913 -44.11 47.47 -29.10
C VAL A 913 -45.40 46.94 -28.49
N ILE A 914 -46.24 47.81 -27.92
CA ILE A 914 -47.45 47.34 -27.24
C ILE A 914 -48.69 47.97 -27.85
N GLU A 915 -49.78 47.20 -27.87
CA GLU A 915 -51.04 47.69 -28.44
C GLU A 915 -51.75 48.66 -27.51
N TYR A 916 -51.80 48.32 -26.23
CA TYR A 916 -52.64 48.97 -25.25
C TYR A 916 -52.02 50.24 -24.67
N ALA A 917 -51.05 50.87 -25.36
CA ALA A 917 -50.19 51.87 -24.74
C ALA A 917 -50.94 53.14 -24.34
N ALA A 918 -52.15 53.30 -24.82
CA ALA A 918 -53.00 54.39 -24.33
C ALA A 918 -53.42 54.16 -22.88
N ASP A 919 -53.44 52.90 -22.45
CA ASP A 919 -54.17 52.56 -21.24
C ASP A 919 -53.27 52.57 -20.00
N ILE A 920 -52.16 53.29 -20.04
CA ILE A 920 -51.13 53.00 -19.05
C ILE A 920 -50.76 54.15 -18.14
N LEU A 921 -50.20 55.23 -18.70
CA LEU A 921 -49.18 56.02 -17.99
C LEU A 921 -49.74 56.76 -16.80
N GLY A 922 -49.09 56.58 -15.64
CA GLY A 922 -49.45 57.25 -14.42
C GLY A 922 -50.07 56.37 -13.33
N ASP A 923 -50.61 55.21 -13.71
CA ASP A 923 -51.40 54.37 -12.79
C ASP A 923 -50.53 53.78 -11.68
N VAL A 924 -50.77 54.22 -10.45
CA VAL A 924 -49.96 53.75 -9.32
C VAL A 924 -50.36 52.34 -8.92
N GLU A 925 -51.57 51.91 -9.33
CA GLU A 925 -52.06 50.55 -9.08
C GLU A 925 -51.15 49.50 -9.71
N LEU A 926 -50.48 49.88 -10.80
CA LEU A 926 -49.56 48.99 -11.47
C LEU A 926 -48.12 49.34 -11.12
N GLN A 927 -47.89 50.61 -10.78
CA GLN A 927 -46.60 51.06 -10.28
C GLN A 927 -46.20 50.36 -9.00
N LYS A 928 -47.15 50.04 -8.12
CA LYS A 928 -46.77 49.39 -6.88
C LYS A 928 -46.43 47.92 -7.08
N GLU A 929 -47.12 47.28 -8.03
CA GLU A 929 -46.68 45.98 -8.55
C GLU A 929 -45.23 46.02 -8.96
N LEU A 930 -44.89 47.00 -9.80
CA LEU A 930 -43.54 47.01 -10.36
C LEU A 930 -42.50 47.47 -9.35
N ASN A 931 -42.89 48.28 -8.37
CA ASN A 931 -41.93 48.61 -7.33
C ASN A 931 -41.67 47.42 -6.44
N SER A 932 -42.71 46.65 -6.13
CA SER A 932 -42.54 45.41 -5.39
C SER A 932 -41.65 44.43 -6.13
N GLU A 933 -41.77 44.39 -7.45
CA GLU A 933 -40.97 43.46 -8.23
C GLU A 933 -39.54 43.97 -8.40
N TYR A 934 -39.35 45.28 -8.46
CA TYR A 934 -37.99 45.78 -8.47
C TYR A 934 -37.30 45.55 -7.14
N GLU A 935 -38.03 45.71 -6.05
CA GLU A 935 -37.46 45.39 -4.74
C GLU A 935 -37.26 43.90 -4.57
N GLN A 936 -38.12 43.10 -5.20
CA GLN A 936 -37.90 41.67 -5.34
C GLN A 936 -36.56 41.37 -5.99
N LEU A 937 -36.24 42.08 -7.07
CA LEU A 937 -34.98 41.79 -7.72
C LEU A 937 -33.80 42.39 -6.98
N VAL A 938 -34.02 43.45 -6.22
CA VAL A 938 -32.91 43.91 -5.39
C VAL A 938 -32.67 42.92 -4.26
N SER A 939 -33.73 42.28 -3.79
CA SER A 939 -33.59 41.20 -2.82
C SER A 939 -32.85 40.03 -3.41
N ASP A 940 -33.18 39.67 -4.65
CA ASP A 940 -32.47 38.59 -5.31
C ASP A 940 -31.03 38.96 -5.61
N ARG A 941 -30.77 40.24 -5.88
CA ARG A 941 -29.41 40.63 -6.19
C ARG A 941 -28.56 40.62 -4.95
N LYS A 942 -29.12 41.06 -3.84
CA LYS A 942 -28.43 40.93 -2.57
C LYS A 942 -28.29 39.47 -2.19
N PHE A 943 -29.26 38.65 -2.57
CA PHE A 943 -29.24 37.23 -2.26
C PHE A 943 -28.12 36.53 -3.00
N LEU A 944 -28.13 36.59 -4.32
CA LEU A 944 -27.11 35.94 -5.13
C LEU A 944 -25.78 36.68 -5.06
N ARG A 945 -25.77 37.88 -4.50
CA ARG A 945 -24.52 38.59 -4.36
C ARG A 945 -23.83 38.26 -3.06
N GLU A 946 -24.59 38.12 -1.99
CA GLU A 946 -24.00 38.13 -0.68
C GLU A 946 -24.18 36.84 0.08
N ILE A 947 -25.05 35.95 -0.35
CA ILE A 947 -25.19 34.66 0.30
C ILE A 947 -24.48 33.57 -0.49
N VAL A 948 -24.82 33.44 -1.76
CA VAL A 948 -24.53 32.20 -2.48
C VAL A 948 -23.26 32.32 -3.31
N PHE A 949 -23.29 33.19 -4.30
CA PHE A 949 -22.21 33.37 -5.25
C PHE A 949 -21.53 34.67 -4.85
N VAL A 950 -20.62 34.58 -3.88
CA VAL A 950 -20.17 35.80 -3.24
C VAL A 950 -19.21 36.56 -4.12
N ASN A 951 -18.26 35.88 -4.76
CA ASN A 951 -17.29 36.60 -5.58
C ASN A 951 -17.82 37.00 -6.95
N GLY A 952 -19.09 36.75 -7.22
CA GLY A 952 -19.74 37.37 -8.34
C GLY A 952 -19.47 36.75 -9.67
N ASP A 953 -18.72 35.65 -9.72
CA ASP A 953 -18.53 34.97 -10.98
C ASP A 953 -19.84 34.31 -11.38
N HIS A 954 -20.49 34.85 -12.39
CA HIS A 954 -21.90 34.56 -12.56
C HIS A 954 -22.20 33.28 -13.29
N ASN A 955 -21.25 32.70 -13.99
CA ASN A 955 -21.49 31.54 -14.83
C ASN A 955 -21.58 30.32 -13.94
N TRP A 956 -22.73 29.64 -13.95
CA TRP A 956 -22.87 28.47 -13.08
C TRP A 956 -23.66 27.40 -13.79
N PRO A 957 -23.43 26.13 -13.47
CA PRO A 957 -24.18 25.07 -14.12
C PRO A 957 -25.56 24.99 -13.51
N LEU A 958 -26.57 25.33 -14.28
CA LEU A 958 -27.92 25.39 -13.76
C LEU A 958 -28.84 24.82 -14.82
N PRO A 959 -29.95 24.22 -14.44
CA PRO A 959 -30.77 23.49 -15.39
C PRO A 959 -31.56 24.41 -16.30
N VAL A 960 -32.61 23.81 -16.88
CA VAL A 960 -33.13 23.96 -18.23
C VAL A 960 -32.98 25.36 -18.80
N ASN A 961 -32.40 25.47 -19.99
CA ASN A 961 -31.92 26.77 -20.44
C ASN A 961 -32.98 27.49 -21.27
N LEU A 962 -33.47 28.59 -20.69
CA LEU A 962 -34.74 29.16 -21.12
C LEU A 962 -34.56 30.01 -22.36
N ARG A 963 -33.42 30.67 -22.46
CA ARG A 963 -33.09 31.56 -23.57
C ARG A 963 -33.25 30.85 -24.89
N ARG A 964 -32.86 29.58 -24.92
CA ARG A 964 -33.02 28.79 -26.12
C ARG A 964 -34.50 28.61 -26.43
N ILE A 965 -35.34 28.45 -25.40
CA ILE A 965 -36.77 28.34 -25.64
C ILE A 965 -37.35 29.65 -26.14
N ILE A 966 -36.85 30.77 -25.63
CA ILE A 966 -37.34 32.08 -26.08
C ILE A 966 -37.04 32.30 -27.54
N GLN A 967 -35.79 32.08 -27.93
CA GLN A 967 -35.48 32.28 -29.33
C GLN A 967 -36.04 31.18 -30.20
N ASN A 968 -36.36 30.03 -29.63
CA ASN A 968 -37.10 29.04 -30.40
C ASN A 968 -38.52 29.49 -30.67
N ALA A 969 -39.17 30.10 -29.69
CA ALA A 969 -40.50 30.64 -29.94
C ALA A 969 -40.43 31.79 -30.91
N GLN A 970 -39.37 32.60 -30.83
CA GLN A 970 -39.15 33.69 -31.74
C GLN A 970 -39.05 33.23 -33.17
N GLN A 971 -38.24 32.22 -33.42
CA GLN A 971 -38.13 31.73 -34.77
C GLN A 971 -39.39 30.97 -35.17
N ILE A 972 -40.13 30.42 -34.21
CA ILE A 972 -41.41 29.81 -34.58
C ILE A 972 -42.42 30.90 -34.92
N PHE A 973 -42.60 31.88 -34.05
CA PHE A 973 -43.66 32.86 -34.24
C PHE A 973 -43.23 34.09 -35.01
N HIS A 974 -42.16 33.99 -35.81
CA HIS A 974 -41.76 34.97 -36.80
C HIS A 974 -41.46 36.30 -36.14
N LEU A 975 -40.70 36.23 -35.06
CA LEU A 975 -40.66 37.39 -34.19
C LEU A 975 -39.53 38.36 -34.51
N ASP A 976 -39.54 38.84 -35.74
CA ASP A 976 -39.43 40.26 -36.04
C ASP A 976 -40.80 40.90 -35.85
N ARG A 977 -41.02 42.06 -36.47
CA ARG A 977 -42.19 42.92 -36.23
C ARG A 977 -42.19 43.31 -34.73
N ALA A 978 -41.42 44.33 -34.30
CA ALA A 978 -41.45 45.75 -34.77
C ALA A 978 -42.92 46.07 -35.04
N LYS A 979 -43.70 45.96 -33.98
CA LYS A 979 -45.14 45.78 -34.05
C LYS A 979 -45.67 45.91 -32.64
N ALA A 980 -46.90 46.37 -32.51
CA ALA A 980 -47.52 46.44 -31.20
C ALA A 980 -47.92 45.05 -30.71
N SER A 981 -47.85 44.84 -29.40
CA SER A 981 -48.29 43.59 -28.81
C SER A 981 -49.37 43.82 -27.77
N ASP A 982 -50.16 42.78 -27.51
CA ASP A 982 -51.32 42.91 -26.65
C ASP A 982 -51.13 42.27 -25.29
N LEU A 983 -49.89 42.05 -24.88
CA LEU A 983 -49.59 41.31 -23.66
C LEU A 983 -49.26 42.29 -22.55
N THR A 984 -50.04 42.26 -21.47
CA THR A 984 -49.97 43.34 -20.50
C THR A 984 -48.96 43.05 -19.41
N ILE A 985 -48.48 44.13 -18.81
CA ILE A 985 -47.58 44.00 -17.66
C ILE A 985 -48.14 43.20 -16.48
N PRO A 986 -49.41 43.37 -16.06
CA PRO A 986 -49.89 42.52 -14.94
C PRO A 986 -49.93 41.04 -15.26
N GLU A 987 -50.13 40.69 -16.52
CA GLU A 987 -50.04 39.30 -16.92
C GLU A 987 -48.61 38.77 -16.81
N ILE A 988 -47.61 39.63 -17.08
CA ILE A 988 -46.22 39.25 -16.85
C ILE A 988 -45.94 39.02 -15.38
N ILE A 989 -46.40 39.94 -14.53
CA ILE A 989 -46.09 39.83 -13.11
C ILE A 989 -46.73 38.59 -12.52
N HIS A 990 -48.00 38.37 -12.84
CA HIS A 990 -48.69 37.21 -12.31
C HIS A 990 -48.20 35.93 -12.95
N GLY A 991 -47.66 36.00 -14.17
CA GLY A 991 -47.04 34.82 -14.76
C GLY A 991 -45.79 34.40 -14.03
N VAL A 992 -44.92 35.36 -13.71
CA VAL A 992 -43.69 35.02 -12.98
C VAL A 992 -44.02 34.56 -11.56
N ARG A 993 -44.92 35.26 -10.89
CA ARG A 993 -45.22 34.91 -9.49
C ARG A 993 -46.02 33.62 -9.41
N ASP A 994 -46.78 33.30 -10.45
CA ASP A 994 -47.50 32.04 -10.46
C ASP A 994 -46.65 30.95 -11.06
N LEU A 995 -45.51 31.30 -11.62
CA LEU A 995 -44.50 30.30 -11.97
C LEU A 995 -43.76 29.82 -10.74
N CYS A 996 -43.23 30.77 -9.95
CA CYS A 996 -42.34 30.47 -8.83
C CYS A 996 -42.97 29.62 -7.73
N LYS A 997 -44.26 29.32 -7.80
CA LYS A 997 -44.87 28.36 -6.92
C LYS A 997 -45.32 27.11 -7.65
N LYS A 998 -44.89 26.91 -8.89
CA LYS A 998 -45.20 25.68 -9.60
C LYS A 998 -43.98 24.84 -9.91
N LEU A 999 -42.84 25.08 -9.26
CA LEU A 999 -41.66 24.26 -9.51
C LEU A 999 -41.48 23.25 -8.38
N PHE A 1000 -42.43 22.32 -8.31
CA PHE A 1000 -42.42 21.33 -7.25
C PHE A 1000 -41.26 20.38 -7.47
N VAL A 1001 -40.25 20.45 -6.62
CA VAL A 1001 -39.32 19.34 -6.49
C VAL A 1001 -39.80 18.37 -5.45
N LEU A 1002 -40.02 18.88 -4.25
CA LEU A 1002 -40.45 18.09 -3.11
C LEU A 1002 -41.95 18.32 -2.93
N ARG A 1003 -42.73 17.30 -3.24
CA ARG A 1003 -44.17 17.46 -3.32
C ARG A 1003 -44.80 17.01 -2.02
N GLY A 1004 -45.99 17.52 -1.75
CA GLY A 1004 -46.63 17.27 -0.47
C GLY A 1004 -46.86 18.64 0.14
N GLU A 1005 -47.42 18.65 1.35
CA GLU A 1005 -47.86 19.91 1.95
C GLU A 1005 -47.52 20.07 3.42
N ASN A 1006 -46.60 19.27 3.97
CA ASN A 1006 -46.17 19.49 5.35
C ASN A 1006 -45.24 20.70 5.38
N GLU A 1007 -44.97 21.22 6.59
CA GLU A 1007 -44.25 22.48 6.71
C GLU A 1007 -42.83 22.35 6.21
N LEU A 1008 -42.17 21.24 6.52
CA LEU A 1008 -40.81 21.09 6.04
C LEU A 1008 -40.79 20.82 4.54
N ILE A 1009 -41.90 20.32 3.99
CA ILE A 1009 -41.98 20.16 2.54
C ILE A 1009 -41.95 21.52 1.86
N LYS A 1010 -42.78 22.46 2.31
CA LYS A 1010 -42.84 23.79 1.70
C LYS A 1010 -41.56 24.57 1.97
N GLU A 1011 -40.99 24.41 3.16
CA GLU A 1011 -39.71 25.02 3.46
C GLU A 1011 -38.61 24.46 2.58
N ALA A 1012 -38.60 23.14 2.38
CA ALA A 1012 -37.55 22.55 1.56
C ALA A 1012 -37.80 22.82 0.08
N GLN A 1013 -39.05 23.08 -0.28
CA GLN A 1013 -39.37 23.54 -1.61
C GLN A 1013 -38.72 24.88 -1.88
N GLN A 1014 -38.89 25.82 -0.95
CA GLN A 1014 -38.34 27.15 -1.18
C GLN A 1014 -36.84 27.14 -0.97
N ASN A 1015 -36.32 26.23 -0.16
CA ASN A 1015 -34.88 26.07 -0.10
C ASN A 1015 -34.36 25.45 -1.37
N ALA A 1016 -35.19 24.66 -2.04
CA ALA A 1016 -34.73 23.92 -3.20
C ALA A 1016 -34.49 24.82 -4.40
N THR A 1017 -35.56 25.41 -4.94
CA THR A 1017 -35.45 26.10 -6.20
C THR A 1017 -35.33 27.60 -6.02
N SER A 1018 -34.62 28.06 -5.00
CA SER A 1018 -34.43 29.49 -4.88
C SER A 1018 -33.56 30.00 -6.02
N LEU A 1019 -32.46 29.29 -6.30
CA LEU A 1019 -31.53 29.75 -7.33
C LEU A 1019 -32.14 29.67 -8.71
N PHE A 1020 -32.99 28.67 -8.96
CA PHE A 1020 -33.60 28.55 -10.27
C PHE A 1020 -34.66 29.64 -10.50
N GLN A 1021 -35.48 29.93 -9.49
CA GLN A 1021 -36.42 31.04 -9.62
C GLN A 1021 -35.68 32.35 -9.71
N CYS A 1022 -34.54 32.44 -9.02
CA CYS A 1022 -33.66 33.59 -9.18
C CYS A 1022 -33.18 33.72 -10.61
N LEU A 1023 -32.94 32.58 -11.27
CA LEU A 1023 -32.55 32.64 -12.67
C LEU A 1023 -33.69 33.16 -13.53
N VAL A 1024 -34.89 32.66 -13.31
CA VAL A 1024 -36.01 33.04 -14.16
C VAL A 1024 -36.32 34.52 -14.02
N ARG A 1025 -36.35 35.00 -12.79
CA ARG A 1025 -36.55 36.43 -12.58
C ARG A 1025 -35.32 37.24 -12.93
N ALA A 1026 -34.16 36.60 -13.01
CA ALA A 1026 -33.00 37.31 -13.52
C ALA A 1026 -33.10 37.51 -15.02
N ARG A 1027 -33.80 36.63 -15.72
CA ARG A 1027 -34.07 36.82 -17.13
C ARG A 1027 -35.42 37.45 -17.41
N LEU A 1028 -36.49 36.79 -17.01
CA LEU A 1028 -37.78 37.20 -17.56
C LEU A 1028 -38.45 38.27 -16.70
N ALA A 1029 -37.77 39.40 -16.53
CA ALA A 1029 -38.35 40.57 -15.90
C ALA A 1029 -39.01 41.42 -16.97
N THR A 1030 -39.77 42.42 -16.52
CA THR A 1030 -40.72 43.09 -17.41
C THR A 1030 -40.03 43.95 -18.47
N ARG A 1031 -39.06 44.77 -18.09
CA ARG A 1031 -38.42 45.60 -19.10
C ARG A 1031 -37.57 44.78 -20.04
N ARG A 1032 -36.99 43.68 -19.57
CA ARG A 1032 -36.22 42.85 -20.50
C ARG A 1032 -37.10 42.18 -21.53
N ILE A 1033 -38.19 41.53 -21.10
CA ILE A 1033 -39.09 40.90 -22.04
C ILE A 1033 -39.70 41.93 -22.98
N LEU A 1034 -40.28 42.99 -22.42
CA LEU A 1034 -41.03 43.83 -23.32
C LEU A 1034 -40.19 44.91 -23.98
N GLU A 1035 -38.87 44.89 -23.81
CA GLU A 1035 -38.08 45.67 -24.76
C GLU A 1035 -37.12 44.81 -25.54
N GLU A 1036 -36.24 44.10 -24.85
CA GLU A 1036 -35.06 43.52 -25.49
C GLU A 1036 -35.42 42.29 -26.31
N PHE A 1037 -36.56 41.66 -26.03
CA PHE A 1037 -36.88 40.40 -26.69
C PHE A 1037 -38.15 40.49 -27.51
N ARG A 1038 -39.12 41.27 -27.04
CA ARG A 1038 -40.36 41.57 -27.75
C ARG A 1038 -41.18 40.31 -28.02
N LEU A 1039 -41.68 39.70 -26.97
CA LEU A 1039 -42.58 38.59 -27.17
C LEU A 1039 -43.98 39.06 -27.51
N ASN A 1040 -44.87 38.11 -27.74
CA ASN A 1040 -46.29 38.39 -27.67
C ASN A 1040 -46.88 37.60 -26.51
N ARG A 1041 -48.21 37.58 -26.43
CA ARG A 1041 -48.88 36.76 -25.44
C ARG A 1041 -48.63 35.28 -25.64
N ASP A 1042 -48.88 34.78 -26.85
CA ASP A 1042 -48.95 33.35 -27.09
C ASP A 1042 -47.58 32.72 -26.94
N ALA A 1043 -46.55 33.46 -27.35
CA ALA A 1043 -45.19 33.05 -27.06
C ALA A 1043 -44.94 32.96 -25.57
N PHE A 1044 -45.52 33.86 -24.80
CA PHE A 1044 -45.19 33.86 -23.39
C PHE A 1044 -45.87 32.72 -22.68
N GLU A 1045 -47.09 32.41 -23.07
CA GLU A 1045 -47.78 31.27 -22.48
C GLU A 1045 -47.11 29.96 -22.84
N TRP A 1046 -46.61 29.84 -24.08
CA TRP A 1046 -45.86 28.64 -24.46
C TRP A 1046 -44.56 28.55 -23.68
N VAL A 1047 -43.91 29.69 -23.42
CA VAL A 1047 -42.73 29.72 -22.57
C VAL A 1047 -43.05 29.21 -21.17
N LEU A 1048 -44.18 29.64 -20.61
CA LEU A 1048 -44.54 29.22 -19.26
C LEU A 1048 -44.79 27.70 -19.20
N GLY A 1049 -45.56 27.17 -20.15
CA GLY A 1049 -45.84 25.75 -20.18
C GLY A 1049 -44.60 24.90 -20.40
N THR A 1050 -43.66 25.41 -21.19
CA THR A 1050 -42.50 24.58 -21.48
C THR A 1050 -41.50 24.60 -20.34
N ILE A 1051 -41.36 25.74 -19.65
CA ILE A 1051 -40.46 25.74 -18.49
C ILE A 1051 -40.99 24.83 -17.40
N GLU A 1052 -42.32 24.78 -17.27
CA GLU A 1052 -42.97 23.76 -16.45
C GLU A 1052 -42.53 22.36 -16.83
N ALA A 1053 -42.75 21.97 -18.09
CA ALA A 1053 -42.53 20.58 -18.48
C ALA A 1053 -41.06 20.18 -18.42
N GLN A 1054 -40.13 21.07 -18.75
CA GLN A 1054 -38.75 20.59 -18.77
C GLN A 1054 -38.07 20.69 -17.42
N PHE A 1055 -38.51 21.59 -16.52
CA PHE A 1055 -37.96 21.44 -15.18
C PHE A 1055 -38.65 20.31 -14.45
N GLN A 1056 -39.74 19.77 -15.02
CA GLN A 1056 -40.21 18.49 -14.53
C GLN A 1056 -39.39 17.35 -15.10
N ARG A 1057 -38.95 17.47 -16.35
CA ARG A 1057 -38.20 16.34 -16.92
C ARG A 1057 -36.73 16.37 -16.59
N SER A 1058 -36.24 17.35 -15.86
CA SER A 1058 -34.87 17.23 -15.35
C SER A 1058 -34.80 17.01 -13.85
N LEU A 1059 -35.86 16.50 -13.23
CA LEU A 1059 -35.74 16.01 -11.88
C LEU A 1059 -34.95 14.72 -11.92
N VAL A 1060 -34.23 14.41 -10.85
CA VAL A 1060 -33.45 13.17 -10.87
C VAL A 1060 -34.38 11.97 -10.78
N HIS A 1061 -34.00 10.93 -11.34
CA HIS A 1061 -34.87 9.80 -11.31
C HIS A 1061 -34.60 8.99 -10.05
N PRO A 1062 -35.56 8.22 -9.58
CA PRO A 1062 -35.37 7.52 -8.31
C PRO A 1062 -34.79 6.14 -8.53
N GLY A 1063 -33.72 5.84 -7.82
CA GLY A 1063 -33.00 4.62 -8.06
C GLY A 1063 -31.75 4.78 -8.91
N GLU A 1064 -31.46 5.99 -9.37
CA GLU A 1064 -30.19 6.27 -10.03
C GLU A 1064 -29.09 5.99 -9.04
N MET A 1065 -28.32 4.96 -9.28
CA MET A 1065 -27.38 4.45 -8.29
C MET A 1065 -26.20 5.39 -8.21
N VAL A 1066 -26.45 6.56 -7.63
CA VAL A 1066 -25.59 7.71 -7.83
C VAL A 1066 -24.23 7.53 -7.23
N GLY A 1067 -24.13 6.67 -6.23
CA GLY A 1067 -22.83 6.36 -5.69
C GLY A 1067 -21.96 5.67 -6.72
N VAL A 1068 -22.56 4.79 -7.49
CA VAL A 1068 -21.77 3.97 -8.40
C VAL A 1068 -21.33 4.78 -9.60
N ILE A 1069 -22.27 5.49 -10.21
CA ILE A 1069 -21.96 6.45 -11.26
C ILE A 1069 -20.97 7.49 -10.76
N ALA A 1070 -21.12 7.88 -9.51
CA ALA A 1070 -20.25 8.87 -8.92
C ALA A 1070 -18.84 8.35 -8.78
N ALA A 1071 -18.71 7.14 -8.30
CA ALA A 1071 -17.41 6.57 -8.05
C ALA A 1071 -16.68 6.33 -9.34
N GLN A 1072 -17.37 5.80 -10.34
CA GLN A 1072 -16.74 5.63 -11.63
C GLN A 1072 -16.37 6.96 -12.25
N SER A 1073 -17.22 7.96 -12.11
CA SER A 1073 -16.99 9.18 -12.84
C SER A 1073 -16.05 10.10 -12.09
N ILE A 1074 -15.63 9.68 -10.92
CA ILE A 1074 -14.47 10.32 -10.33
C ILE A 1074 -13.22 9.50 -10.57
N GLY A 1075 -13.35 8.19 -10.68
CA GLY A 1075 -12.20 7.37 -11.00
C GLY A 1075 -11.71 7.55 -12.42
N GLU A 1076 -12.58 8.04 -13.28
CA GLU A 1076 -12.24 8.09 -14.70
C GLU A 1076 -11.25 9.20 -15.06
N PRO A 1077 -11.32 10.42 -14.52
CA PRO A 1077 -10.19 11.32 -14.78
C PRO A 1077 -8.97 10.98 -13.96
N ALA A 1078 -9.15 10.17 -12.92
CA ALA A 1078 -8.00 9.65 -12.21
C ALA A 1078 -7.19 8.70 -13.09
N THR A 1079 -7.85 8.04 -14.05
CA THR A 1079 -7.15 7.31 -15.09
C THR A 1079 -6.19 8.17 -15.86
N GLN A 1080 -6.65 9.30 -16.36
CA GLN A 1080 -5.81 10.06 -17.26
C GLN A 1080 -5.37 11.34 -16.61
N MET A 1081 -4.90 11.25 -15.38
CA MET A 1081 -4.18 12.36 -14.79
C MET A 1081 -2.77 11.96 -14.37
N ASN A 1095 4.76 24.56 -4.87
CA ASN A 1095 5.03 23.14 -5.01
C ASN A 1095 4.12 22.33 -4.08
N VAL A 1096 3.03 21.82 -4.63
CA VAL A 1096 2.10 21.00 -3.87
C VAL A 1096 1.81 19.72 -4.63
N THR A 1097 1.51 18.66 -3.88
CA THR A 1097 1.20 17.36 -4.45
C THR A 1097 -0.17 17.38 -5.09
N LEU A 1098 -0.24 16.97 -6.35
CA LEU A 1098 -1.50 16.87 -7.09
C LEU A 1098 -1.55 15.47 -7.70
N GLY A 1099 -2.61 15.20 -8.45
CA GLY A 1099 -2.70 13.93 -9.11
C GLY A 1099 -2.96 12.76 -8.17
N VAL A 1100 -2.50 11.58 -8.61
CA VAL A 1100 -2.92 10.33 -8.00
C VAL A 1100 -2.55 10.19 -6.53
N PRO A 1101 -1.34 10.51 -6.06
CA PRO A 1101 -1.10 10.39 -4.62
C PRO A 1101 -1.90 11.36 -3.79
N ARG A 1102 -2.18 12.55 -4.30
CA ARG A 1102 -3.01 13.47 -3.53
C ARG A 1102 -4.43 12.95 -3.42
N LEU A 1103 -4.92 12.34 -4.49
CA LEU A 1103 -6.23 11.70 -4.48
C LEU A 1103 -6.27 10.52 -3.53
N LYS A 1104 -5.20 9.73 -3.52
CA LYS A 1104 -5.08 8.60 -2.62
C LYS A 1104 -5.11 9.04 -1.17
N GLU A 1105 -4.38 10.10 -0.84
CA GLU A 1105 -4.35 10.57 0.53
C GLU A 1105 -5.68 11.16 0.94
N ILE A 1106 -6.38 11.80 0.01
CA ILE A 1106 -7.70 12.36 0.34
C ILE A 1106 -8.71 11.25 0.55
N LEU A 1107 -8.56 10.15 -0.17
CA LEU A 1107 -9.48 9.05 0.08
C LEU A 1107 -9.12 8.27 1.33
N ASN A 1108 -7.87 7.88 1.47
CA ASN A 1108 -7.51 6.86 2.45
C ASN A 1108 -7.19 7.44 3.80
N VAL A 1109 -7.99 8.40 4.26
CA VAL A 1109 -7.56 9.66 4.84
C VAL A 1109 -6.36 9.55 5.76
N ALA A 1110 -5.30 10.25 5.43
CA ALA A 1110 -4.11 10.12 6.23
C ALA A 1110 -4.19 11.13 7.34
N LYS A 1111 -3.64 10.78 8.49
CA LYS A 1111 -3.34 11.82 9.45
C LYS A 1111 -2.06 12.53 9.06
N ASN A 1112 -1.20 11.85 8.33
CA ASN A 1112 0.03 12.41 7.80
C ASN A 1112 -0.10 12.47 6.29
N ILE A 1113 -0.59 13.57 5.76
CA ILE A 1113 -0.37 13.86 4.35
C ILE A 1113 0.98 14.56 4.26
N LYS A 1114 1.49 14.68 3.03
CA LYS A 1114 2.92 14.92 2.89
C LYS A 1114 3.27 16.38 3.15
N THR A 1115 2.51 17.31 2.59
CA THR A 1115 2.82 18.73 2.65
C THR A 1115 1.52 19.51 2.81
N PRO A 1116 1.08 19.74 4.04
CA PRO A 1116 -0.16 20.49 4.23
C PRO A 1116 0.08 21.98 4.06
N ALA A 1117 -1.01 22.74 4.06
CA ALA A 1117 -0.91 24.14 3.71
C ALA A 1117 -2.06 24.92 4.35
N LEU A 1118 -1.85 26.22 4.51
CA LEU A 1118 -2.88 27.13 4.96
C LEU A 1118 -3.23 28.13 3.87
N THR A 1119 -4.46 28.61 3.91
CA THR A 1119 -4.90 29.75 3.12
C THR A 1119 -5.23 30.85 4.13
N VAL A 1120 -4.27 31.75 4.36
CA VAL A 1120 -4.47 32.71 5.43
C VAL A 1120 -4.72 34.08 4.84
N TYR A 1121 -5.98 34.53 4.93
CA TYR A 1121 -6.27 35.92 4.61
C TYR A 1121 -5.72 36.81 5.70
N LEU A 1122 -5.55 38.07 5.35
CA LEU A 1122 -5.26 39.08 6.35
C LEU A 1122 -6.43 40.05 6.38
N ASP A 1123 -6.43 40.90 7.39
CA ASP A 1123 -7.55 41.81 7.55
C ASP A 1123 -7.38 43.03 6.65
N ARG A 1124 -8.47 43.77 6.50
CA ARG A 1124 -8.66 44.60 5.32
C ARG A 1124 -7.78 45.83 5.35
N GLU A 1125 -7.44 46.28 6.55
CA GLU A 1125 -6.53 47.41 6.67
C GLU A 1125 -5.09 47.00 6.40
N ILE A 1126 -4.81 45.70 6.42
CA ILE A 1126 -3.48 45.24 6.06
C ILE A 1126 -3.52 44.64 4.66
N ALA A 1127 -4.72 44.33 4.17
CA ALA A 1127 -4.89 43.52 2.98
C ALA A 1127 -4.35 44.18 1.74
N LEU A 1128 -4.35 45.50 1.68
CA LEU A 1128 -3.65 46.21 0.64
C LEU A 1128 -2.41 46.91 1.18
N ASP A 1129 -1.79 46.35 2.22
CA ASP A 1129 -0.53 46.84 2.78
C ASP A 1129 0.50 45.73 2.72
N ILE A 1130 1.71 46.05 2.27
CA ILE A 1130 2.75 45.04 2.29
C ILE A 1130 3.47 45.03 3.63
N GLU A 1131 3.69 46.19 4.25
CA GLU A 1131 4.69 46.26 5.31
C GLU A 1131 4.20 45.67 6.61
N LYS A 1132 2.99 46.02 7.03
CA LYS A 1132 2.45 45.42 8.24
C LYS A 1132 2.18 43.95 8.03
N ALA A 1133 1.96 43.56 6.78
CA ALA A 1133 1.88 42.15 6.45
C ALA A 1133 3.21 41.45 6.65
N LYS A 1134 4.32 42.11 6.34
CA LYS A 1134 5.61 41.47 6.61
C LYS A 1134 5.87 41.41 8.11
N VAL A 1135 5.34 42.37 8.85
CA VAL A 1135 5.41 42.33 10.31
C VAL A 1135 4.64 41.12 10.85
N ILE A 1136 3.44 40.90 10.32
CA ILE A 1136 2.62 39.76 10.72
C ILE A 1136 3.29 38.44 10.33
N GLN A 1137 3.97 38.44 9.18
CA GLN A 1137 4.76 37.28 8.77
C GLN A 1137 5.81 36.93 9.80
N SER A 1138 6.67 37.90 10.12
CA SER A 1138 7.74 37.63 11.08
C SER A 1138 7.21 37.36 12.47
N SER A 1139 5.96 37.73 12.75
CA SER A 1139 5.34 37.35 14.01
C SER A 1139 4.80 35.93 14.01
N ILE A 1140 4.33 35.43 12.86
CA ILE A 1140 3.65 34.12 12.87
C ILE A 1140 4.62 32.95 12.73
N GLU A 1141 5.65 33.10 11.89
CA GLU A 1141 6.54 31.99 11.59
C GLU A 1141 7.33 31.55 12.80
N TYR A 1142 7.09 30.31 13.22
CA TYR A 1142 7.83 29.71 14.32
C TYR A 1142 9.30 29.63 13.96
N THR A 1143 10.14 29.77 14.95
CA THR A 1143 11.57 29.78 14.74
C THR A 1143 12.23 29.21 15.98
N THR A 1144 12.97 28.13 15.83
CA THR A 1144 13.67 27.65 17.00
C THR A 1144 14.89 28.50 17.27
N LEU A 1145 15.45 28.31 18.46
CA LEU A 1145 16.80 28.78 18.73
C LEU A 1145 17.80 28.07 17.84
N LYS A 1146 17.54 26.80 17.53
CA LYS A 1146 18.38 26.07 16.59
C LYS A 1146 18.19 26.60 15.17
N ASN A 1147 17.05 27.24 14.90
CA ASN A 1147 16.93 27.91 13.60
C ASN A 1147 17.80 29.14 13.50
N VAL A 1148 18.32 29.64 14.62
CA VAL A 1148 19.07 30.88 14.59
C VAL A 1148 20.41 30.79 15.27
N THR A 1149 20.73 29.68 15.94
CA THR A 1149 22.04 29.55 16.56
C THR A 1149 23.06 29.28 15.46
N SER A 1150 24.29 29.78 15.64
CA SER A 1150 25.30 29.64 14.60
C SER A 1150 26.39 28.63 14.95
N ALA A 1151 26.72 28.48 16.23
CA ALA A 1151 27.76 27.55 16.67
C ALA A 1151 27.60 27.29 18.16
N THR A 1152 27.86 26.06 18.58
CA THR A 1152 27.76 25.69 19.98
C THR A 1152 29.15 25.60 20.59
N GLU A 1153 29.32 26.21 21.76
CA GLU A 1153 30.62 26.36 22.42
C GLU A 1153 30.48 26.13 23.91
N ILE A 1154 31.34 25.28 24.47
CA ILE A 1154 31.30 24.99 25.90
C ILE A 1154 32.65 25.31 26.48
N TYR A 1155 32.68 26.16 27.51
CA TYR A 1155 33.91 26.64 28.12
C TYR A 1155 33.93 26.43 29.62
N TYR A 1156 34.95 27.02 30.24
CA TYR A 1156 35.06 27.13 31.69
C TYR A 1156 35.60 28.53 32.03
N ASP A 1157 34.76 29.33 32.69
CA ASP A 1157 35.10 30.70 33.04
C ASP A 1157 35.01 30.85 34.55
N PRO A 1158 36.11 30.66 35.28
CA PRO A 1158 36.03 30.73 36.75
C PRO A 1158 35.88 32.12 37.30
N ASP A 1159 36.18 33.15 36.53
CA ASP A 1159 36.47 34.45 37.10
C ASP A 1159 35.24 35.34 37.01
N PRO A 1160 34.82 35.95 38.12
CA PRO A 1160 33.82 37.03 38.02
C PRO A 1160 34.38 38.38 37.61
N THR A 1161 35.65 38.46 37.16
CA THR A 1161 36.17 39.73 36.64
C THR A 1161 36.81 39.62 35.27
N SER A 1162 37.54 38.55 34.97
CA SER A 1162 38.28 38.51 33.72
C SER A 1162 37.85 37.32 32.87
N THR A 1163 38.60 37.05 31.80
CA THR A 1163 38.26 35.95 30.91
C THR A 1163 39.52 35.49 30.17
N VAL A 1164 39.38 34.38 29.45
CA VAL A 1164 40.44 33.86 28.60
C VAL A 1164 40.15 34.20 27.15
N ILE A 1165 38.86 34.32 26.82
CA ILE A 1165 38.37 34.61 25.47
C ILE A 1165 38.75 36.04 25.11
N GLU A 1166 39.57 36.21 24.08
CA GLU A 1166 39.84 37.58 23.64
C GLU A 1166 38.82 38.08 22.64
N GLU A 1167 37.81 37.26 22.32
CA GLU A 1167 36.68 37.77 21.56
C GLU A 1167 35.76 38.60 22.44
N ASP A 1168 35.38 38.08 23.61
CA ASP A 1168 34.50 38.72 24.56
C ASP A 1168 35.24 39.54 25.60
N PHE A 1169 36.55 39.73 25.42
CA PHE A 1169 37.43 40.18 26.50
C PHE A 1169 37.05 41.54 27.03
N ASP A 1170 37.13 42.56 26.19
CA ASP A 1170 36.68 43.89 26.55
C ASP A 1170 35.17 43.92 26.80
N THR A 1171 34.41 43.06 26.13
CA THR A 1171 32.97 42.98 26.35
C THR A 1171 32.65 42.51 27.77
N VAL A 1172 33.32 41.47 28.24
CA VAL A 1172 32.97 41.00 29.57
C VAL A 1172 33.70 41.81 30.64
N GLU A 1173 34.84 42.42 30.31
CA GLU A 1173 35.45 43.40 31.22
C GLU A 1173 34.55 44.60 31.39
N ALA A 1174 33.76 44.92 30.36
CA ALA A 1174 32.64 45.82 30.57
C ALA A 1174 31.57 45.18 31.44
N TYR A 1175 31.25 43.91 31.23
CA TYR A 1175 30.05 43.38 31.87
C TYR A 1175 30.33 42.90 33.29
N PHE A 1176 31.55 42.45 33.58
CA PHE A 1176 31.82 41.94 34.92
C PHE A 1176 31.81 43.04 36.00
N SER A 1177 31.79 44.31 35.61
CA SER A 1177 31.48 45.39 36.54
C SER A 1177 30.54 46.38 35.87
N GLN A 1190 28.68 28.00 41.46
CA GLN A 1190 28.28 28.10 40.07
C GLN A 1190 28.37 26.74 39.38
N SER A 1191 27.85 26.67 38.16
CA SER A 1191 28.35 25.68 37.24
C SER A 1191 29.66 26.19 36.65
N PRO A 1192 30.73 25.41 36.78
CA PRO A 1192 31.99 25.78 36.14
C PRO A 1192 31.90 25.80 34.63
N TRP A 1193 31.09 24.94 34.06
CA TRP A 1193 31.08 24.78 32.62
C TRP A 1193 30.17 25.80 31.97
N LEU A 1194 30.79 26.79 31.35
CA LEU A 1194 30.10 27.90 30.72
C LEU A 1194 29.58 27.45 29.35
N LEU A 1195 28.32 27.77 29.06
CA LEU A 1195 27.72 27.53 27.77
C LEU A 1195 27.69 28.84 26.99
N ARG A 1196 28.34 28.85 25.83
CA ARG A 1196 28.47 30.04 25.00
C ARG A 1196 27.95 29.71 23.62
N LEU A 1197 27.16 30.60 23.03
CA LEU A 1197 26.68 30.39 21.67
C LEU A 1197 26.31 31.72 21.01
N GLU A 1198 26.24 31.68 19.68
CA GLU A 1198 26.11 32.88 18.86
C GLU A 1198 24.97 32.71 17.87
N LEU A 1199 24.21 33.79 17.66
CA LEU A 1199 23.13 33.81 16.69
C LEU A 1199 23.62 34.43 15.40
N ASP A 1200 22.91 34.15 14.30
CA ASP A 1200 23.29 34.75 13.02
C ASP A 1200 22.61 36.10 12.85
N ARG A 1201 23.41 37.09 12.43
CA ARG A 1201 22.92 38.46 12.30
C ARG A 1201 21.85 38.58 11.23
N ALA A 1202 22.05 37.90 10.10
CA ALA A 1202 21.06 37.96 9.02
C ALA A 1202 19.76 37.31 9.47
N ARG A 1203 19.86 36.31 10.36
CA ARG A 1203 18.65 35.78 10.97
C ARG A 1203 18.07 36.74 11.99
N MET A 1204 18.92 37.52 12.65
CA MET A 1204 18.43 38.47 13.65
C MET A 1204 17.68 39.62 13.01
N LEU A 1205 18.26 40.24 11.98
CA LEU A 1205 17.56 41.19 11.15
C LEU A 1205 16.37 40.56 10.46
N ASP A 1206 16.51 39.29 10.09
CA ASP A 1206 15.54 38.61 9.25
C ASP A 1206 14.33 38.24 10.08
N LYS A 1207 14.50 38.07 11.38
CA LYS A 1207 13.40 37.71 12.27
C LYS A 1207 13.23 38.65 13.45
N GLN A 1208 13.99 39.75 13.52
CA GLN A 1208 13.62 40.96 14.25
C GLN A 1208 13.51 40.74 15.76
N LEU A 1209 14.65 40.38 16.35
CA LEU A 1209 14.78 40.17 17.77
C LEU A 1209 15.78 41.14 18.37
N THR A 1210 15.96 41.04 19.69
CA THR A 1210 17.08 41.65 20.39
C THR A 1210 17.71 40.64 21.34
N MET A 1211 18.98 40.87 21.67
CA MET A 1211 19.69 40.01 22.62
C MET A 1211 19.03 40.00 23.99
N ASN A 1212 18.46 41.13 24.40
CA ASN A 1212 17.74 41.17 25.66
C ASN A 1212 16.49 40.33 25.59
N GLN A 1213 15.75 40.42 24.47
CA GLN A 1213 14.61 39.54 24.24
C GLN A 1213 15.01 38.08 24.29
N VAL A 1214 16.12 37.72 23.66
CA VAL A 1214 16.57 36.33 23.65
C VAL A 1214 16.96 35.87 25.05
N ALA A 1215 17.62 36.76 25.80
CA ALA A 1215 17.99 36.48 27.19
C ALA A 1215 16.76 36.23 28.04
N ASP A 1216 15.72 37.03 27.81
CA ASP A 1216 14.47 36.84 28.54
C ASP A 1216 13.78 35.55 28.14
N LYS A 1217 13.78 35.22 26.84
CA LYS A 1217 13.14 33.98 26.38
C LYS A 1217 13.82 32.75 26.95
N ILE A 1218 15.16 32.78 27.05
CA ILE A 1218 15.88 31.73 27.75
C ILE A 1218 15.49 31.71 29.22
N SER A 1219 15.38 32.89 29.80
CA SER A 1219 15.21 33.02 31.24
C SER A 1219 13.78 32.67 31.67
N GLU A 1220 12.85 32.55 30.70
CA GLU A 1220 11.50 32.22 31.10
C GLU A 1220 11.38 30.78 31.56
N VAL A 1221 12.17 29.89 30.99
CA VAL A 1221 12.13 28.51 31.44
C VAL A 1221 13.40 28.09 32.17
N PHE A 1222 14.46 28.90 32.08
CA PHE A 1222 15.72 28.62 32.78
C PHE A 1222 16.10 29.71 33.77
N SER A 1223 15.15 30.21 34.55
CA SER A 1223 15.33 31.43 35.34
C SER A 1223 16.38 31.29 36.42
N ASP A 1224 16.10 30.46 37.41
CA ASP A 1224 17.08 30.16 38.45
C ASP A 1224 17.68 28.79 38.27
N ASP A 1225 17.61 28.24 37.06
CA ASP A 1225 18.42 27.09 36.70
C ASP A 1225 19.63 27.48 35.87
N LEU A 1226 19.72 28.75 35.49
CA LEU A 1226 20.72 29.19 34.54
C LEU A 1226 20.90 30.69 34.68
N PHE A 1227 22.10 31.11 35.08
CA PHE A 1227 22.45 32.53 35.06
C PHE A 1227 22.62 32.93 33.60
N VAL A 1228 22.27 34.17 33.28
CA VAL A 1228 22.26 34.68 31.92
C VAL A 1228 23.23 35.85 31.81
N MET A 1229 24.16 35.75 30.87
CA MET A 1229 25.05 36.85 30.48
C MET A 1229 24.87 37.02 28.98
N TRP A 1230 24.96 38.24 28.50
CA TRP A 1230 24.78 38.48 27.09
C TRP A 1230 25.68 39.61 26.63
N SER A 1231 26.22 39.47 25.43
CA SER A 1231 26.95 40.55 24.79
C SER A 1231 25.99 41.41 23.97
N GLU A 1232 26.47 42.60 23.62
CA GLU A 1232 25.65 43.65 23.03
C GLU A 1232 25.13 43.27 21.65
N ASP A 1233 24.01 43.90 21.27
CA ASP A 1233 23.60 43.90 19.87
C ASP A 1233 24.56 44.71 19.01
N ASN A 1234 25.29 45.65 19.60
CA ASN A 1234 26.35 46.33 18.88
C ASN A 1234 27.68 45.61 18.96
N ALA A 1235 27.75 44.46 19.63
CA ALA A 1235 28.98 43.69 19.61
C ALA A 1235 29.16 43.02 18.24
N ASP A 1236 30.42 42.72 17.90
CA ASP A 1236 30.71 42.11 16.61
C ASP A 1236 30.23 40.66 16.55
N LYS A 1237 30.21 39.99 17.70
CA LYS A 1237 29.74 38.62 17.80
C LYS A 1237 28.58 38.56 18.77
N LEU A 1238 27.53 37.87 18.36
CA LEU A 1238 26.24 37.89 19.05
C LEU A 1238 26.27 36.84 20.16
N ILE A 1239 26.96 37.14 21.25
CA ILE A 1239 27.44 36.11 22.16
C ILE A 1239 26.50 35.95 23.34
N ILE A 1240 26.07 34.72 23.58
CA ILE A 1240 25.25 34.36 24.72
C ILE A 1240 26.05 33.39 25.59
N ARG A 1241 26.61 33.90 26.68
CA ARG A 1241 27.34 33.11 27.67
C ARG A 1241 26.42 32.83 28.84
N CYS A 1242 26.31 31.58 29.26
CA CYS A 1242 25.40 31.29 30.36
C CYS A 1242 26.01 30.30 31.34
N ARG A 1243 25.88 30.61 32.62
CA ARG A 1243 26.33 29.74 33.71
C ARG A 1243 25.11 29.02 34.25
N VAL A 1244 25.22 27.72 34.45
CA VAL A 1244 24.09 26.94 34.93
C VAL A 1244 24.03 27.06 36.46
N ILE A 1245 22.85 26.86 37.03
CA ILE A 1245 22.68 26.97 38.47
C ILE A 1245 22.35 25.62 39.07
N GLU A 1258 30.44 15.87 37.01
CA GLU A 1258 30.54 15.82 35.56
C GLU A 1258 29.37 16.56 34.94
N GLU A 1259 29.61 17.81 34.54
CA GLU A 1259 28.61 18.52 33.75
C GLU A 1259 29.03 18.68 32.31
N ASP A 1260 29.82 17.77 31.77
CA ASP A 1260 30.02 17.79 30.34
C ASP A 1260 28.81 17.21 29.63
N GLN A 1261 28.51 15.92 29.86
CA GLN A 1261 27.38 15.25 29.22
C GLN A 1261 26.04 15.77 29.73
N MET A 1262 26.01 16.25 30.96
CA MET A 1262 24.79 16.84 31.51
C MET A 1262 24.43 18.12 30.78
N LEU A 1263 25.41 18.99 30.56
CA LEU A 1263 25.21 20.14 29.71
C LEU A 1263 24.90 19.75 28.28
N LYS A 1264 25.39 18.59 27.83
CA LYS A 1264 25.02 18.14 26.50
C LYS A 1264 23.55 17.72 26.43
N ARG A 1265 23.06 17.08 27.49
CA ARG A 1265 21.63 16.75 27.56
C ARG A 1265 20.79 18.01 27.60
N ILE A 1266 21.25 19.01 28.33
CA ILE A 1266 20.52 20.26 28.42
C ILE A 1266 20.56 20.99 27.08
N GLU A 1267 21.65 20.86 26.34
CA GLU A 1267 21.75 21.46 25.02
C GLU A 1267 20.82 20.79 24.04
N ALA A 1268 20.68 19.47 24.17
CA ALA A 1268 19.68 18.73 23.42
C ALA A 1268 18.27 19.20 23.77
N HIS A 1269 17.98 19.29 25.07
CA HIS A 1269 16.73 19.83 25.61
C HIS A 1269 16.44 21.22 25.06
N MET A 1270 17.48 22.05 24.98
CA MET A 1270 17.40 23.40 24.44
C MET A 1270 16.97 23.41 22.99
N LEU A 1271 17.83 22.90 22.11
CA LEU A 1271 17.56 23.13 20.70
C LEU A 1271 16.48 22.20 20.17
N ASP A 1272 16.06 21.22 20.95
CA ASP A 1272 14.80 20.56 20.73
C ASP A 1272 13.62 21.44 21.10
N LEU A 1273 13.72 22.19 22.19
CA LEU A 1273 12.47 22.56 22.85
C LEU A 1273 12.34 24.05 23.14
N ILE A 1274 13.38 24.83 22.89
CA ILE A 1274 13.30 26.28 23.09
C ILE A 1274 12.44 26.90 21.99
N ALA A 1275 11.45 27.69 22.39
CA ALA A 1275 10.66 28.48 21.45
C ALA A 1275 11.03 29.95 21.61
N LEU A 1276 10.98 30.71 20.49
CA LEU A 1276 11.27 32.14 20.53
C LEU A 1276 10.01 32.96 20.32
N ARG A 1277 9.32 32.72 19.22
CA ARG A 1277 8.02 33.31 18.92
C ARG A 1277 7.32 32.35 17.97
N GLY A 1278 6.11 32.71 17.58
CA GLY A 1278 5.47 32.01 16.50
C GLY A 1278 4.72 30.76 16.92
N ILE A 1279 4.21 30.07 15.91
CA ILE A 1279 3.24 28.99 16.07
C ILE A 1279 3.98 27.67 15.89
N PRO A 1280 4.22 26.91 16.96
CA PRO A 1280 4.92 25.63 16.80
C PRO A 1280 4.08 24.64 16.01
N GLY A 1281 4.52 24.38 14.79
CA GLY A 1281 3.73 23.70 13.79
C GLY A 1281 3.69 24.38 12.45
N ILE A 1282 4.37 25.51 12.30
CA ILE A 1282 4.55 26.16 11.01
C ILE A 1282 6.06 26.32 10.83
N SER A 1283 6.56 25.80 9.72
CA SER A 1283 7.99 25.88 9.47
C SER A 1283 8.37 27.09 8.62
N LYS A 1284 7.51 27.48 7.67
CA LYS A 1284 7.87 28.51 6.72
C LYS A 1284 6.61 29.12 6.12
N VAL A 1285 6.67 30.44 5.91
CA VAL A 1285 5.53 31.26 5.48
C VAL A 1285 5.91 31.94 4.18
N TYR A 1286 4.95 32.09 3.26
CA TYR A 1286 5.19 32.87 2.06
C TYR A 1286 4.15 33.98 1.91
N MET A 1287 4.40 34.86 0.97
CA MET A 1287 3.51 35.98 0.69
C MET A 1287 3.00 35.85 -0.74
N VAL A 1288 1.70 35.67 -0.91
CA VAL A 1288 1.12 35.36 -2.20
C VAL A 1288 0.07 36.42 -2.52
N LYS A 1289 0.12 36.95 -3.74
CA LYS A 1289 -0.80 37.97 -4.18
C LYS A 1289 -2.07 37.31 -4.71
N HIS A 1290 -2.99 36.99 -3.81
CA HIS A 1290 -4.32 36.53 -4.19
C HIS A 1290 -5.09 37.68 -4.80
N LYS A 1291 -5.05 37.77 -6.12
CA LYS A 1291 -5.89 38.70 -6.86
C LYS A 1291 -7.33 38.26 -6.65
N VAL A 1292 -8.23 39.22 -6.55
CA VAL A 1292 -9.56 38.97 -5.99
C VAL A 1292 -10.54 39.98 -6.56
N SER A 1293 -11.74 39.49 -6.90
CA SER A 1293 -12.85 40.33 -7.33
C SER A 1293 -13.65 40.79 -6.11
N VAL A 1294 -13.85 42.10 -6.00
CA VAL A 1294 -14.56 42.74 -4.90
C VAL A 1294 -15.40 43.86 -5.50
N PRO A 1295 -16.68 43.95 -5.17
CA PRO A 1295 -17.56 44.89 -5.89
C PRO A 1295 -17.26 46.34 -5.56
N ASP A 1296 -17.57 47.20 -6.53
CA ASP A 1296 -17.19 48.60 -6.54
C ASP A 1296 -18.15 49.39 -5.67
N GLU A 1297 -18.09 50.72 -5.79
CA GLU A 1297 -19.11 51.58 -5.22
C GLU A 1297 -20.13 52.01 -6.28
N SER A 1298 -19.97 51.51 -7.50
CA SER A 1298 -21.04 51.54 -8.48
C SER A 1298 -21.92 50.30 -8.40
N GLY A 1299 -21.53 49.31 -7.63
CA GLY A 1299 -22.19 48.04 -7.65
C GLY A 1299 -21.57 47.03 -8.59
N GLU A 1300 -20.51 47.40 -9.28
CA GLU A 1300 -19.97 46.55 -10.32
C GLU A 1300 -18.76 45.78 -9.79
N TYR A 1301 -18.52 44.58 -10.33
CA TYR A 1301 -17.40 43.80 -9.83
C TYR A 1301 -16.12 44.22 -10.51
N LYS A 1302 -15.09 44.49 -9.71
CA LYS A 1302 -13.77 44.84 -10.19
C LYS A 1302 -12.75 43.97 -9.48
N ASN A 1303 -11.69 43.64 -10.20
CA ASN A 1303 -10.63 42.87 -9.61
C ASN A 1303 -9.75 43.76 -8.75
N GLU A 1304 -8.86 43.12 -8.01
CA GLU A 1304 -8.13 43.82 -6.98
C GLU A 1304 -6.95 42.97 -6.55
N GLU A 1305 -5.81 43.61 -6.31
CA GLU A 1305 -4.62 42.93 -5.82
C GLU A 1305 -4.51 43.10 -4.31
N LEU A 1306 -4.40 41.99 -3.61
CA LEU A 1306 -4.28 42.01 -2.15
C LEU A 1306 -3.03 41.27 -1.75
N TRP A 1307 -2.98 40.92 -0.48
CA TRP A 1307 -2.00 39.99 0.01
C TRP A 1307 -2.66 38.90 0.84
N ALA A 1308 -2.02 37.75 0.86
CA ALA A 1308 -2.50 36.61 1.64
C ALA A 1308 -1.29 35.80 2.07
N LEU A 1309 -1.52 34.84 2.97
CA LEU A 1309 -0.46 34.00 3.46
C LEU A 1309 -0.76 32.54 3.16
N GLU A 1310 0.19 31.89 2.50
CA GLU A 1310 0.22 30.44 2.39
C GLU A 1310 1.46 29.96 3.09
N THR A 1311 1.31 28.96 3.93
CA THR A 1311 2.37 28.54 4.82
C THR A 1311 2.65 27.07 4.70
N ASP A 1312 3.87 26.71 5.07
CA ASP A 1312 4.27 25.31 5.17
C ASP A 1312 3.80 24.77 6.52
N GLY A 1313 3.31 23.54 6.52
CA GLY A 1313 2.83 22.93 7.75
C GLY A 1313 1.49 23.50 8.19
N ILE A 1314 1.03 23.02 9.35
CA ILE A 1314 -0.27 23.38 9.91
C ILE A 1314 -0.17 23.45 11.42
N ASN A 1315 -0.86 24.45 11.99
CA ASN A 1315 -1.29 24.45 13.40
C ASN A 1315 -2.44 25.46 13.49
N LEU A 1316 -3.69 25.00 13.48
CA LEU A 1316 -4.77 25.90 13.09
C LEU A 1316 -5.16 26.87 14.20
N ALA A 1317 -5.29 26.38 15.43
CA ALA A 1317 -6.01 27.11 16.46
C ALA A 1317 -5.24 28.33 16.92
N GLU A 1318 -3.93 28.22 16.96
CA GLU A 1318 -3.12 29.36 17.34
C GLU A 1318 -3.13 30.42 16.26
N VAL A 1319 -3.27 30.00 15.00
CA VAL A 1319 -3.23 30.95 13.91
C VAL A 1319 -4.57 31.65 13.73
N MET A 1320 -5.68 31.01 14.09
CA MET A 1320 -6.98 31.68 13.98
C MET A 1320 -7.18 32.73 15.06
N ALA A 1321 -6.22 32.88 15.98
CA ALA A 1321 -6.37 33.83 17.07
C ALA A 1321 -5.30 34.92 17.10
N VAL A 1322 -4.29 34.86 16.25
CA VAL A 1322 -3.27 35.90 16.20
C VAL A 1322 -3.94 37.18 15.72
N PRO A 1323 -3.71 38.31 16.38
CA PRO A 1323 -4.37 39.55 15.97
C PRO A 1323 -3.91 40.03 14.61
N GLY A 1324 -4.89 40.26 13.73
CA GLY A 1324 -4.63 40.69 12.36
C GLY A 1324 -5.16 39.74 11.30
N VAL A 1325 -5.81 38.67 11.74
CA VAL A 1325 -6.10 37.55 10.86
C VAL A 1325 -7.61 37.33 10.81
N ASP A 1326 -8.13 37.16 9.60
CA ASP A 1326 -9.57 36.99 9.45
C ASP A 1326 -9.94 35.59 9.88
N SER A 1327 -10.50 35.50 11.08
CA SER A 1327 -11.03 34.27 11.62
C SER A 1327 -12.44 33.99 11.14
N SER A 1328 -12.89 34.65 10.11
CA SER A 1328 -14.09 34.18 9.45
C SER A 1328 -13.78 33.41 8.19
N ARG A 1329 -12.52 33.42 7.76
CA ARG A 1329 -12.20 32.97 6.42
C ARG A 1329 -10.96 32.10 6.29
N THR A 1330 -10.18 31.91 7.35
CA THR A 1330 -8.93 31.16 7.25
C THR A 1330 -9.22 29.70 6.94
N TYR A 1331 -8.31 29.06 6.22
CA TYR A 1331 -8.53 27.77 5.61
C TYR A 1331 -7.26 26.91 5.65
N SER A 1332 -7.44 25.60 5.70
CA SER A 1332 -6.33 24.67 5.52
C SER A 1332 -6.76 23.54 4.63
N ASN A 1333 -5.77 22.78 4.14
CA ASN A 1333 -6.04 21.60 3.36
C ASN A 1333 -6.21 20.34 4.19
N SER A 1334 -5.30 20.06 5.13
CA SER A 1334 -5.30 18.79 5.87
C SER A 1334 -6.44 18.84 6.87
N PHE A 1335 -7.55 18.25 6.48
CA PHE A 1335 -8.82 18.55 7.10
C PHE A 1335 -9.08 17.74 8.36
N VAL A 1336 -8.15 16.86 8.74
CA VAL A 1336 -8.27 16.23 10.05
C VAL A 1336 -8.12 17.27 11.14
N GLU A 1337 -7.23 18.21 10.89
CA GLU A 1337 -7.05 19.35 11.78
C GLU A 1337 -8.30 20.21 11.84
N ILE A 1338 -9.00 20.31 10.72
CA ILE A 1338 -10.26 21.04 10.67
C ILE A 1338 -11.31 20.38 11.54
N LEU A 1339 -11.51 19.08 11.37
CA LEU A 1339 -12.53 18.39 12.16
C LEU A 1339 -12.17 18.38 13.64
N SER A 1340 -10.89 18.45 13.95
CA SER A 1340 -10.51 18.71 15.33
C SER A 1340 -10.94 20.10 15.77
N VAL A 1341 -10.91 21.09 14.87
CA VAL A 1341 -11.19 22.46 15.32
C VAL A 1341 -12.58 22.93 14.91
N LEU A 1342 -13.01 22.74 13.67
CA LEU A 1342 -14.08 23.58 13.17
C LEU A 1342 -15.39 22.89 12.83
N GLY A 1343 -15.80 21.88 13.57
CA GLY A 1343 -17.10 21.32 13.30
C GLY A 1343 -17.05 20.30 12.18
N ILE A 1344 -18.19 19.66 11.94
CA ILE A 1344 -18.23 18.68 10.86
C ILE A 1344 -18.33 19.39 9.52
N GLU A 1345 -18.98 20.55 9.48
CA GLU A 1345 -19.39 21.05 8.19
C GLU A 1345 -18.25 21.77 7.51
N ALA A 1346 -17.38 22.37 8.30
CA ALA A 1346 -16.19 22.95 7.73
C ALA A 1346 -15.26 21.86 7.24
N THR A 1347 -15.33 20.70 7.86
CA THR A 1347 -14.56 19.57 7.34
C THR A 1347 -15.12 19.13 6.01
N ARG A 1348 -16.44 19.14 5.87
CA ARG A 1348 -17.07 18.79 4.60
C ARG A 1348 -16.66 19.75 3.48
N SER A 1349 -16.78 21.05 3.72
CA SER A 1349 -16.48 21.98 2.63
C SER A 1349 -14.99 22.04 2.33
N SER A 1350 -14.13 21.84 3.33
CA SER A 1350 -12.71 21.73 3.04
C SER A 1350 -12.42 20.50 2.18
N LEU A 1351 -13.12 19.41 2.46
CA LEU A 1351 -12.96 18.20 1.68
C LEU A 1351 -13.35 18.42 0.23
N TYR A 1352 -14.47 19.10 0.03
CA TYR A 1352 -14.92 19.41 -1.32
C TYR A 1352 -13.93 20.28 -2.06
N LYS A 1353 -13.38 21.27 -1.37
CA LYS A 1353 -12.40 22.13 -2.01
C LYS A 1353 -11.17 21.34 -2.41
N GLU A 1354 -10.79 20.35 -1.60
CA GLU A 1354 -9.66 19.51 -1.96
C GLU A 1354 -9.91 18.69 -3.22
N ILE A 1355 -11.05 18.02 -3.31
CA ILE A 1355 -11.34 17.20 -4.48
C ILE A 1355 -11.47 18.05 -5.73
N LEU A 1356 -12.16 19.19 -5.65
CA LEU A 1356 -12.36 20.00 -6.84
C LEU A 1356 -11.05 20.61 -7.30
N ASN A 1357 -10.15 20.91 -6.35
CA ASN A 1357 -8.80 21.32 -6.70
C ASN A 1357 -8.07 20.25 -7.49
N VAL A 1358 -7.92 19.06 -6.92
CA VAL A 1358 -6.92 18.15 -7.45
C VAL A 1358 -7.44 17.39 -8.66
N ILE A 1359 -8.76 17.34 -8.83
CA ILE A 1359 -9.25 16.96 -10.15
C ILE A 1359 -9.06 18.09 -11.15
N ALA A 1360 -9.58 19.28 -10.84
CA ALA A 1360 -9.60 20.31 -11.87
C ALA A 1360 -8.31 21.09 -11.96
N PHE A 1361 -7.20 20.49 -11.55
CA PHE A 1361 -5.91 21.08 -11.89
C PHE A 1361 -5.56 20.87 -13.36
N ASP A 1362 -5.87 19.70 -13.91
CA ASP A 1362 -5.53 19.47 -15.32
C ASP A 1362 -6.66 19.79 -16.29
N GLY A 1363 -7.31 20.93 -16.13
CA GLY A 1363 -8.43 21.29 -16.99
C GLY A 1363 -9.67 20.41 -16.97
N SER A 1364 -9.72 19.40 -16.11
CA SER A 1364 -10.81 18.46 -16.21
C SER A 1364 -11.96 18.87 -15.28
N TYR A 1365 -13.18 18.58 -15.73
CA TYR A 1365 -14.35 19.22 -15.18
C TYR A 1365 -15.29 18.20 -14.57
N VAL A 1366 -15.86 18.52 -13.40
CA VAL A 1366 -16.68 17.58 -12.62
C VAL A 1366 -17.93 18.30 -12.11
N ASN A 1367 -19.10 17.69 -12.32
CA ASN A 1367 -20.36 18.16 -11.77
C ASN A 1367 -20.29 18.23 -10.26
N TYR A 1368 -21.07 19.13 -9.67
CA TYR A 1368 -20.99 19.35 -8.24
C TYR A 1368 -21.54 18.18 -7.47
N ARG A 1369 -22.57 17.55 -8.00
CA ARG A 1369 -23.32 16.65 -7.15
C ARG A 1369 -22.59 15.34 -6.95
N HIS A 1370 -21.69 14.95 -7.85
CA HIS A 1370 -20.90 13.76 -7.61
C HIS A 1370 -19.89 13.97 -6.52
N MET A 1371 -19.13 15.06 -6.60
CA MET A 1371 -18.24 15.42 -5.51
C MET A 1371 -19.00 15.63 -4.22
N ALA A 1372 -20.23 16.13 -4.31
CA ALA A 1372 -21.01 16.39 -3.11
C ALA A 1372 -21.41 15.10 -2.44
N LEU A 1373 -21.81 14.12 -3.23
CA LEU A 1373 -22.18 12.83 -2.68
C LEU A 1373 -20.97 12.15 -2.06
N LEU A 1374 -19.81 12.32 -2.67
CA LEU A 1374 -18.63 11.71 -2.08
C LEU A 1374 -18.23 12.39 -0.79
N VAL A 1375 -18.26 13.72 -0.77
CA VAL A 1375 -17.80 14.37 0.45
C VAL A 1375 -18.82 14.27 1.54
N ASP A 1376 -20.07 13.93 1.23
CA ASP A 1376 -21.02 13.79 2.32
C ASP A 1376 -21.06 12.35 2.85
N VAL A 1377 -20.77 11.36 2.01
CA VAL A 1377 -20.63 10.01 2.56
C VAL A 1377 -19.36 9.93 3.39
N MET A 1378 -18.32 10.64 3.01
CA MET A 1378 -17.12 10.64 3.83
C MET A 1378 -17.31 11.33 5.19
N THR A 1379 -18.36 12.11 5.36
CA THR A 1379 -18.77 12.53 6.69
C THR A 1379 -20.22 12.21 6.96
N SER A 1380 -20.64 10.98 6.70
CA SER A 1380 -21.91 10.51 7.24
C SER A 1380 -21.94 10.58 8.74
N ARG A 1381 -21.06 9.85 9.38
CA ARG A 1381 -21.17 9.49 10.78
C ARG A 1381 -20.39 10.38 11.70
N GLY A 1382 -20.26 11.66 11.40
CA GLY A 1382 -19.62 12.57 12.31
C GLY A 1382 -18.12 12.44 12.38
N TYR A 1383 -17.55 11.43 11.79
CA TYR A 1383 -16.12 11.39 11.61
C TYR A 1383 -15.85 10.76 10.25
N LEU A 1384 -14.62 10.94 9.80
CA LEU A 1384 -14.23 10.65 8.43
C LEU A 1384 -14.22 9.15 8.19
N MET A 1385 -15.32 8.62 7.69
CA MET A 1385 -15.41 7.20 7.41
C MET A 1385 -14.56 6.93 6.18
N ALA A 1386 -13.25 6.76 6.36
CA ALA A 1386 -12.32 6.74 5.24
C ALA A 1386 -12.48 5.47 4.41
N ILE A 1387 -11.91 5.47 3.21
CA ILE A 1387 -12.16 4.34 2.32
C ILE A 1387 -11.07 3.29 2.47
N THR A 1388 -11.22 2.43 3.46
CA THR A 1388 -10.44 1.21 3.58
C THR A 1388 -11.36 0.11 4.04
N ARG A 1389 -10.76 -0.98 4.50
CA ARG A 1389 -11.49 -1.95 5.27
C ARG A 1389 -11.92 -1.39 6.62
N HIS A 1390 -11.12 -0.47 7.18
CA HIS A 1390 -11.43 0.10 8.49
C HIS A 1390 -12.67 0.97 8.42
N GLY A 1391 -12.93 1.55 7.27
CA GLY A 1391 -14.12 2.34 7.15
C GLY A 1391 -15.31 1.42 7.09
N ILE A 1392 -15.43 0.68 6.00
CA ILE A 1392 -16.70 0.06 5.66
C ILE A 1392 -16.96 -1.14 6.53
N ASN A 1393 -15.91 -1.92 6.85
CA ASN A 1393 -16.12 -3.11 7.67
C ASN A 1393 -16.44 -2.79 9.12
N ARG A 1394 -16.03 -1.63 9.61
CA ARG A 1394 -16.44 -1.17 10.93
C ARG A 1394 -17.74 -0.41 10.89
N ALA A 1395 -18.52 -0.56 9.84
CA ALA A 1395 -19.93 -0.20 9.86
C ALA A 1395 -20.72 -1.42 10.28
N ASP A 1396 -21.91 -1.18 10.81
CA ASP A 1396 -22.78 -2.28 11.15
C ASP A 1396 -23.68 -2.71 10.03
N THR A 1397 -23.26 -2.51 8.79
CA THR A 1397 -24.10 -2.79 7.64
C THR A 1397 -24.12 -4.28 7.34
N GLY A 1398 -24.57 -4.61 6.12
CA GLY A 1398 -24.75 -5.99 5.74
C GLY A 1398 -23.47 -6.80 5.82
N ALA A 1399 -23.62 -8.06 6.24
CA ALA A 1399 -22.46 -8.85 6.61
C ALA A 1399 -21.68 -9.29 5.39
N LEU A 1400 -22.36 -9.85 4.39
CA LEU A 1400 -21.63 -10.31 3.21
C LEU A 1400 -21.14 -9.13 2.38
N MET A 1401 -21.83 -7.98 2.42
CA MET A 1401 -21.36 -6.80 1.71
C MET A 1401 -20.03 -6.34 2.27
N ARG A 1402 -19.89 -6.39 3.58
CA ARG A 1402 -18.60 -6.10 4.16
C ARG A 1402 -17.64 -7.25 3.94
N CYS A 1403 -18.14 -8.47 3.72
CA CYS A 1403 -17.18 -9.54 3.55
C CYS A 1403 -16.64 -9.57 2.14
N SER A 1404 -17.35 -8.97 1.20
CA SER A 1404 -16.98 -9.04 -0.21
C SER A 1404 -15.85 -8.12 -0.56
N PHE A 1405 -15.40 -7.28 0.36
CA PHE A 1405 -14.32 -6.39 -0.03
C PHE A 1405 -12.96 -6.88 0.42
N GLU A 1406 -12.72 -6.97 1.72
CA GLU A 1406 -11.43 -7.47 2.18
C GLU A 1406 -11.65 -8.34 3.39
N GLU A 1407 -10.64 -9.16 3.69
CA GLU A 1407 -10.49 -9.88 4.95
C GLU A 1407 -11.66 -10.81 5.24
N THR A 1408 -12.08 -11.57 4.23
CA THR A 1408 -13.37 -12.23 4.28
C THR A 1408 -13.39 -13.37 5.29
N VAL A 1409 -12.22 -13.93 5.59
CA VAL A 1409 -12.14 -14.98 6.58
C VAL A 1409 -12.45 -14.45 7.98
N GLU A 1410 -11.74 -13.41 8.43
CA GLU A 1410 -11.95 -12.85 9.77
C GLU A 1410 -13.37 -12.33 9.93
N ILE A 1411 -13.91 -11.72 8.87
CA ILE A 1411 -15.19 -11.05 9.02
C ILE A 1411 -16.32 -12.06 8.87
N LEU A 1412 -16.05 -13.18 8.23
CA LEU A 1412 -17.02 -14.26 8.36
C LEU A 1412 -16.98 -14.90 9.73
N PHE A 1413 -15.79 -14.95 10.34
CA PHE A 1413 -15.74 -15.50 11.69
C PHE A 1413 -16.40 -14.57 12.69
N GLU A 1414 -16.38 -13.28 12.42
CA GLU A 1414 -17.12 -12.38 13.29
C GLU A 1414 -18.58 -12.31 12.89
N ALA A 1415 -18.91 -12.76 11.69
CA ALA A 1415 -20.32 -12.91 11.34
C ALA A 1415 -20.96 -14.01 12.17
N GLY A 1416 -20.42 -15.21 12.08
CA GLY A 1416 -21.01 -16.31 12.82
C GLY A 1416 -20.67 -16.26 14.31
N ALA A 1417 -19.67 -15.46 14.68
CA ALA A 1417 -19.17 -15.46 16.04
C ALA A 1417 -20.00 -14.62 17.00
N ALA A 1418 -20.98 -13.88 16.51
CA ALA A 1418 -21.74 -13.00 17.39
C ALA A 1418 -23.19 -12.87 16.97
N ALA A 1419 -23.69 -13.83 16.19
CA ALA A 1419 -25.10 -14.07 15.98
C ALA A 1419 -25.76 -12.89 15.30
N GLU A 1420 -25.15 -12.45 14.22
CA GLU A 1420 -25.64 -11.27 13.53
C GLU A 1420 -26.89 -11.58 12.77
N LEU A 1421 -27.73 -10.56 12.59
CA LEU A 1421 -28.89 -10.66 11.73
C LEU A 1421 -28.72 -9.74 10.54
N ASP A 1422 -28.38 -10.33 9.41
CA ASP A 1422 -28.23 -9.57 8.18
C ASP A 1422 -29.51 -9.78 7.38
N ASP A 1423 -30.29 -8.72 7.26
CA ASP A 1423 -31.50 -8.75 6.46
C ASP A 1423 -31.24 -8.56 4.98
N CYS A 1424 -29.96 -8.46 4.60
CA CYS A 1424 -29.51 -8.63 3.21
C CYS A 1424 -30.03 -7.52 2.30
N ARG A 1425 -30.22 -6.33 2.86
CA ARG A 1425 -30.60 -5.21 2.00
C ARG A 1425 -29.42 -4.60 1.28
N GLY A 1426 -28.19 -4.99 1.63
CA GLY A 1426 -27.05 -4.65 0.82
C GLY A 1426 -27.13 -5.26 -0.57
N VAL A 1427 -26.28 -4.77 -1.48
CA VAL A 1427 -26.37 -5.20 -2.86
C VAL A 1427 -25.66 -6.53 -3.06
N SER A 1428 -24.46 -6.64 -2.50
CA SER A 1428 -23.59 -7.79 -2.76
C SER A 1428 -24.19 -9.09 -2.26
N GLU A 1429 -24.90 -9.03 -1.12
CA GLU A 1429 -25.74 -10.14 -0.68
C GLU A 1429 -26.70 -10.56 -1.79
N ASN A 1430 -27.43 -9.61 -2.33
CA ASN A 1430 -28.53 -10.00 -3.18
C ASN A 1430 -28.04 -10.42 -4.55
N VAL A 1431 -26.80 -10.10 -4.88
CA VAL A 1431 -26.16 -10.72 -6.03
C VAL A 1431 -25.73 -12.14 -5.70
N MET A 1432 -24.98 -12.32 -4.62
CA MET A 1432 -24.47 -13.66 -4.34
C MET A 1432 -25.50 -14.55 -3.71
N LEU A 1433 -26.64 -14.03 -3.33
CA LEU A 1433 -27.78 -14.89 -3.08
C LEU A 1433 -28.69 -14.95 -4.29
N GLY A 1434 -28.25 -14.40 -5.40
CA GLY A 1434 -28.89 -14.63 -6.68
C GLY A 1434 -30.29 -14.06 -6.74
N GLN A 1435 -30.46 -12.84 -6.30
CA GLN A 1435 -31.78 -12.30 -6.13
C GLN A 1435 -31.97 -11.07 -6.99
N LEU A 1436 -33.24 -10.69 -7.11
CA LEU A 1436 -33.58 -9.39 -7.62
C LEU A 1436 -32.94 -8.35 -6.72
N ALA A 1437 -31.89 -7.71 -7.21
CA ALA A 1437 -31.19 -6.74 -6.39
C ALA A 1437 -32.06 -5.50 -6.21
N PRO A 1438 -31.85 -4.71 -5.15
CA PRO A 1438 -32.77 -3.58 -4.92
C PRO A 1438 -32.39 -2.24 -5.55
N MET A 1439 -32.49 -2.14 -6.88
CA MET A 1439 -32.25 -0.89 -7.59
C MET A 1439 -32.78 -1.04 -9.00
N GLY A 1440 -32.71 0.04 -9.76
CA GLY A 1440 -32.99 0.00 -11.18
C GLY A 1440 -34.40 -0.41 -11.53
N THR A 1441 -34.55 -1.65 -11.98
CA THR A 1441 -35.87 -2.23 -12.11
C THR A 1441 -36.28 -2.96 -10.85
N GLY A 1442 -35.34 -3.40 -10.04
CA GLY A 1442 -35.64 -4.18 -8.87
C GLY A 1442 -35.68 -3.42 -7.57
N ALA A 1443 -35.81 -2.10 -7.59
CA ALA A 1443 -36.02 -1.36 -6.34
C ALA A 1443 -37.45 -1.38 -5.89
N PHE A 1444 -38.31 -2.14 -6.56
CA PHE A 1444 -39.74 -1.96 -6.43
C PHE A 1444 -40.46 -3.09 -7.15
N ASP A 1445 -41.44 -3.66 -6.48
CA ASP A 1445 -42.20 -4.77 -7.03
C ASP A 1445 -43.28 -4.27 -7.95
N VAL A 1446 -43.79 -5.17 -8.77
CA VAL A 1446 -44.90 -4.85 -9.65
C VAL A 1446 -46.02 -5.81 -9.32
N MET A 1447 -47.24 -5.30 -9.13
CA MET A 1447 -48.40 -6.14 -8.86
C MET A 1447 -49.19 -6.40 -10.13
N ILE A 1448 -50.24 -7.21 -9.98
CA ILE A 1448 -51.37 -7.20 -10.91
C ILE A 1448 -52.43 -6.30 -10.29
N ASP A 1449 -53.41 -5.87 -11.08
CA ASP A 1449 -54.29 -4.78 -10.65
C ASP A 1449 -55.74 -5.21 -10.80
N GLU A 1450 -56.46 -5.33 -9.69
CA GLU A 1450 -57.89 -5.62 -9.84
C GLU A 1450 -58.64 -4.37 -10.30
N LYS A 1451 -58.07 -3.18 -10.07
CA LYS A 1451 -58.71 -1.93 -10.47
C LYS A 1451 -58.84 -1.84 -11.99
N LEU A 1452 -57.73 -1.99 -12.70
CA LEU A 1452 -57.74 -1.82 -14.15
C LEU A 1452 -58.30 -3.04 -14.85
N LEU A 1453 -58.14 -4.22 -14.25
CA LEU A 1453 -58.71 -5.43 -14.83
C LEU A 1453 -60.19 -5.55 -14.53
N THR A 1454 -60.71 -4.75 -13.60
CA THR A 1454 -62.15 -4.50 -13.58
C THR A 1454 -62.60 -3.58 -14.70
N SER A 1455 -61.80 -2.56 -15.04
CA SER A 1455 -62.11 -1.71 -16.18
C SER A 1455 -62.05 -2.46 -17.50
N LEU A 1456 -61.23 -3.50 -17.57
CA LEU A 1456 -61.13 -4.34 -18.76
C LEU A 1456 -62.33 -5.30 -18.85
N PRO A 1457 -62.73 -5.67 -20.07
CA PRO A 1457 -63.98 -6.43 -20.26
C PRO A 1457 -63.96 -7.85 -19.70
N ASP B 9 47.85 6.38 -44.92
CA ASP B 9 46.45 6.31 -44.51
C ASP B 9 45.63 7.46 -45.07
N ASP B 10 44.34 7.45 -44.75
CA ASP B 10 43.40 8.48 -45.17
C ASP B 10 42.31 8.53 -44.12
N THR B 11 41.16 9.07 -44.49
CA THR B 11 40.01 9.08 -43.60
C THR B 11 39.46 7.68 -43.46
N ILE B 12 39.36 7.22 -42.22
CA ILE B 12 38.56 6.04 -41.97
C ILE B 12 37.11 6.38 -42.27
N THR B 13 36.59 5.85 -43.35
CA THR B 13 35.23 6.15 -43.71
C THR B 13 34.30 5.25 -42.93
N THR B 14 33.03 5.29 -43.33
CA THR B 14 32.03 4.43 -42.71
C THR B 14 32.27 2.97 -43.07
N GLU B 15 32.49 2.69 -44.36
CA GLU B 15 32.58 1.30 -44.81
C GLU B 15 33.86 0.63 -44.30
N ASP B 16 34.83 1.42 -43.86
CA ASP B 16 35.99 0.86 -43.17
C ASP B 16 35.58 0.28 -41.82
N CYS B 17 34.66 0.94 -41.14
CA CYS B 17 34.10 0.35 -39.94
C CYS B 17 33.26 -0.87 -40.29
N TRP B 18 32.67 -0.92 -41.49
CA TRP B 18 31.99 -2.17 -41.82
C TRP B 18 32.97 -3.29 -42.17
N THR B 19 34.19 -2.95 -42.59
CA THR B 19 35.26 -3.94 -42.61
C THR B 19 35.53 -4.48 -41.21
N VAL B 20 35.55 -3.58 -40.23
CA VAL B 20 35.81 -3.98 -38.85
C VAL B 20 34.73 -4.92 -38.35
N ILE B 21 33.49 -4.61 -38.68
CA ILE B 21 32.37 -5.43 -38.23
C ILE B 21 32.35 -6.77 -38.97
N SER B 22 32.78 -6.81 -40.24
CA SER B 22 32.86 -8.10 -40.90
C SER B 22 33.89 -9.01 -40.25
N ALA B 23 35.01 -8.44 -39.79
CA ALA B 23 35.99 -9.28 -39.11
C ALA B 23 35.49 -9.81 -37.77
N PHE B 24 34.82 -8.95 -36.99
CA PHE B 24 34.24 -9.37 -35.73
C PHE B 24 33.19 -10.44 -35.92
N PHE B 25 32.20 -10.16 -36.77
CA PHE B 25 31.12 -11.12 -36.97
C PHE B 25 31.49 -12.21 -37.95
N GLU B 26 32.76 -12.34 -38.33
CA GLU B 26 33.17 -13.60 -38.89
C GLU B 26 34.02 -14.38 -37.89
N GLU B 27 34.63 -13.69 -36.93
CA GLU B 27 35.21 -14.49 -35.86
C GLU B 27 34.13 -15.13 -35.01
N LYS B 28 33.31 -14.33 -34.36
CA LYS B 28 32.49 -14.92 -33.32
C LYS B 28 31.17 -15.46 -33.82
N GLY B 29 30.69 -14.99 -34.96
CA GLY B 29 29.30 -15.34 -35.15
C GLY B 29 28.48 -14.51 -34.19
N LEU B 30 27.46 -15.12 -33.63
CA LEU B 30 26.71 -14.42 -32.60
C LEU B 30 26.94 -14.91 -31.20
N VAL B 31 26.71 -16.19 -30.93
CA VAL B 31 26.36 -16.65 -29.61
C VAL B 31 27.57 -17.27 -28.90
N SER B 32 28.70 -16.60 -29.06
CA SER B 32 29.86 -16.71 -28.18
C SER B 32 29.52 -16.95 -26.72
N GLN B 33 28.59 -16.17 -26.19
CA GLN B 33 28.32 -16.14 -24.75
C GLN B 33 27.81 -17.48 -24.23
N GLN B 34 27.09 -18.22 -25.03
CA GLN B 34 26.71 -19.56 -24.63
C GLN B 34 27.92 -20.46 -24.74
N LEU B 35 28.51 -20.46 -25.93
CA LEU B 35 29.42 -21.52 -26.34
C LEU B 35 30.71 -21.48 -25.56
N ASP B 36 31.28 -20.30 -25.39
CA ASP B 36 32.63 -20.20 -24.87
C ASP B 36 32.65 -20.44 -23.38
N SER B 37 31.62 -19.99 -22.68
CA SER B 37 31.54 -20.26 -21.25
C SER B 37 31.10 -21.69 -20.98
N PHE B 38 30.32 -22.28 -21.88
CA PHE B 38 29.99 -23.69 -21.71
C PHE B 38 31.21 -24.55 -21.97
N ASP B 39 32.09 -24.08 -22.85
CA ASP B 39 33.40 -24.70 -23.01
C ASP B 39 34.22 -24.57 -21.75
N GLU B 40 34.17 -23.40 -21.10
CA GLU B 40 34.82 -23.23 -19.80
C GLU B 40 34.32 -24.23 -18.79
N PHE B 41 33.00 -24.46 -18.77
CA PHE B 41 32.42 -25.48 -17.91
C PHE B 41 32.98 -26.86 -18.19
N MET B 42 32.85 -27.33 -19.43
CA MET B 42 33.24 -28.70 -19.73
C MET B 42 34.72 -28.91 -19.67
N GLU B 43 35.51 -27.85 -19.77
CA GLU B 43 36.95 -28.06 -19.73
C GLU B 43 37.48 -28.00 -18.30
N THR B 44 36.92 -27.16 -17.45
CA THR B 44 37.59 -27.00 -16.17
C THR B 44 36.68 -27.15 -14.96
N SER B 45 35.40 -26.79 -15.11
CA SER B 45 34.57 -26.60 -13.93
C SER B 45 34.25 -27.92 -13.26
N ILE B 46 33.98 -28.98 -14.02
CA ILE B 46 33.61 -30.23 -13.39
C ILE B 46 34.83 -30.89 -12.78
N GLN B 47 36.00 -30.70 -13.40
CA GLN B 47 37.24 -31.17 -12.82
C GLN B 47 37.51 -30.53 -11.46
N ASP B 48 37.18 -29.25 -11.32
CA ASP B 48 37.42 -28.61 -10.02
C ASP B 48 36.23 -28.73 -9.06
N LEU B 49 35.02 -28.97 -9.56
CA LEU B 49 33.94 -29.24 -8.62
C LEU B 49 34.06 -30.63 -8.05
N VAL B 50 34.59 -31.56 -8.82
CA VAL B 50 34.92 -32.84 -8.24
C VAL B 50 36.10 -32.68 -7.31
N TRP B 51 37.18 -32.05 -7.76
CA TRP B 51 38.34 -31.94 -6.88
C TRP B 51 38.21 -30.81 -5.85
N GLU B 52 37.01 -30.28 -5.62
CA GLU B 52 36.78 -29.41 -4.47
C GLU B 52 36.90 -30.17 -3.17
N GLU B 53 35.97 -31.12 -2.95
CA GLU B 53 35.89 -31.94 -1.75
C GLU B 53 36.08 -33.37 -2.20
N PRO B 54 37.33 -33.79 -2.40
CA PRO B 54 37.55 -35.06 -3.09
C PRO B 54 37.35 -36.29 -2.23
N ARG B 55 37.39 -36.19 -0.89
CA ARG B 55 37.38 -37.40 -0.08
C ARG B 55 36.33 -37.40 1.00
N LEU B 56 35.69 -38.55 1.15
CA LEU B 56 34.88 -38.89 2.30
C LEU B 56 35.66 -39.83 3.21
N ILE B 57 35.28 -39.84 4.50
CA ILE B 57 35.89 -40.69 5.51
C ILE B 57 34.79 -41.25 6.40
N LEU B 58 34.67 -42.57 6.43
CA LEU B 58 34.03 -43.29 7.52
C LEU B 58 35.09 -43.86 8.46
N ASP B 59 34.61 -44.37 9.60
CA ASP B 59 35.40 -45.09 10.58
C ASP B 59 34.46 -45.79 11.56
N GLN B 60 34.69 -47.08 11.78
CA GLN B 60 33.95 -47.83 12.78
C GLN B 60 35.01 -48.37 13.73
N PRO B 61 35.48 -47.52 14.65
CA PRO B 61 36.86 -47.67 15.15
C PRO B 61 37.06 -48.68 16.26
N ALA B 62 36.13 -48.75 17.21
CA ALA B 62 36.42 -49.42 18.47
C ALA B 62 35.14 -49.60 19.27
N GLN B 63 35.23 -50.54 20.21
CA GLN B 63 34.16 -51.08 21.03
C GLN B 63 32.96 -51.43 20.13
N HIS B 64 33.20 -52.40 19.26
CA HIS B 64 32.20 -53.05 18.43
C HIS B 64 31.67 -54.25 19.23
N THR B 65 31.26 -53.99 20.48
CA THR B 65 31.31 -54.94 21.60
C THR B 65 32.65 -55.68 21.63
N ASN B 66 33.72 -54.92 21.46
CA ASN B 66 35.00 -55.45 21.03
C ASN B 66 35.74 -56.18 22.13
N GLU B 67 36.86 -56.76 21.71
CA GLU B 67 37.91 -57.24 22.60
C GLU B 67 38.95 -56.14 22.77
N LYS B 68 38.42 -54.94 23.03
CA LYS B 68 39.04 -53.64 22.82
C LYS B 68 39.75 -53.53 21.47
N ASP B 69 39.15 -54.06 20.41
CA ASP B 69 39.73 -53.99 19.07
C ASP B 69 39.60 -52.54 18.61
N ASN B 70 40.64 -51.77 18.90
CA ASN B 70 40.73 -50.37 18.51
C ASN B 70 41.44 -50.26 17.16
N ILE B 71 40.63 -50.18 16.11
CA ILE B 71 41.12 -50.27 14.74
C ILE B 71 40.50 -49.18 13.90
N ASN B 72 41.31 -48.22 13.47
CA ASN B 72 40.81 -47.21 12.57
C ASN B 72 40.66 -47.81 11.18
N LYS B 73 39.57 -48.52 10.98
CA LYS B 73 39.08 -48.86 9.66
C LYS B 73 38.51 -47.58 9.08
N ARG B 74 39.38 -46.76 8.50
CA ARG B 74 38.92 -45.53 7.89
C ARG B 74 38.65 -45.74 6.41
N TYR B 75 37.39 -45.58 6.05
CA TYR B 75 36.91 -45.84 4.71
C TYR B 75 37.01 -44.56 3.88
N GLU B 76 37.93 -44.57 2.92
CA GLU B 76 38.37 -43.37 2.25
C GLU B 76 38.22 -43.51 0.74
N ILE B 77 37.29 -42.76 0.15
CA ILE B 77 37.11 -42.73 -1.30
C ILE B 77 37.67 -41.42 -1.80
N ARG B 78 38.47 -41.46 -2.86
CA ARG B 78 38.99 -40.25 -3.48
C ARG B 78 38.53 -40.17 -4.93
N PHE B 79 37.83 -39.09 -5.27
CA PHE B 79 37.32 -38.91 -6.62
C PHE B 79 38.41 -38.41 -7.55
N GLY B 80 38.39 -38.88 -8.79
CA GLY B 80 39.44 -38.53 -9.73
C GLY B 80 39.00 -37.90 -11.04
N LYS B 81 39.59 -38.35 -12.14
CA LYS B 81 39.41 -37.74 -13.45
C LYS B 81 38.01 -38.03 -13.99
N ILE B 82 37.47 -37.09 -14.74
CA ILE B 82 36.19 -37.26 -15.42
C ILE B 82 36.47 -37.82 -16.81
N TYR B 83 35.54 -38.57 -17.37
CA TYR B 83 35.67 -38.98 -18.76
C TYR B 83 34.53 -38.41 -19.59
N LEU B 84 34.89 -37.88 -20.76
CA LEU B 84 34.04 -37.05 -21.60
C LEU B 84 33.94 -37.69 -22.97
N SER B 85 32.78 -37.61 -23.62
CA SER B 85 32.64 -38.17 -24.96
C SER B 85 31.49 -37.56 -25.73
N ARG B 86 31.18 -38.20 -26.85
CA ARG B 86 29.98 -37.94 -27.62
C ARG B 86 28.75 -38.39 -26.82
N PRO B 87 27.55 -37.94 -27.18
CA PRO B 87 26.37 -38.51 -26.55
C PRO B 87 26.19 -39.94 -27.01
N THR B 88 25.43 -40.72 -26.25
CA THR B 88 25.24 -42.12 -26.63
C THR B 88 23.83 -42.59 -26.29
N MET B 89 23.17 -43.16 -27.29
CA MET B 89 21.84 -43.75 -27.12
C MET B 89 21.98 -45.26 -26.96
N THR B 90 22.00 -45.73 -25.73
CA THR B 90 21.94 -47.16 -25.47
C THR B 90 20.50 -47.56 -25.73
N GLU B 91 20.30 -48.47 -26.67
CA GLU B 91 18.97 -48.86 -27.06
C GLU B 91 18.33 -49.75 -26.00
N ALA B 92 17.01 -49.95 -26.13
CA ALA B 92 16.35 -51.01 -25.39
C ALA B 92 16.85 -52.37 -25.85
N ASP B 93 17.27 -52.44 -27.11
CA ASP B 93 18.06 -53.54 -27.62
C ASP B 93 19.35 -53.71 -26.81
N GLY B 94 19.91 -52.61 -26.35
CA GLY B 94 21.13 -52.62 -25.58
C GLY B 94 22.31 -52.06 -26.34
N THR B 95 22.22 -52.01 -27.67
CA THR B 95 23.32 -51.52 -28.48
C THR B 95 23.49 -50.02 -28.30
N THR B 96 24.73 -49.58 -28.37
CA THR B 96 25.08 -48.18 -28.24
C THR B 96 25.57 -47.67 -29.59
N HIS B 97 25.11 -46.48 -29.95
CA HIS B 97 25.57 -45.88 -31.19
C HIS B 97 25.64 -44.38 -31.03
N ALA B 98 26.26 -43.73 -32.02
CA ALA B 98 26.40 -42.29 -32.02
C ALA B 98 25.05 -41.65 -32.27
N MET B 99 24.49 -41.06 -31.22
CA MET B 99 23.27 -40.29 -31.33
C MET B 99 23.59 -39.02 -32.11
N PHE B 100 22.60 -38.45 -32.76
CA PHE B 100 22.86 -37.17 -33.38
C PHE B 100 21.68 -36.23 -33.21
N PRO B 101 21.91 -34.90 -33.25
CA PRO B 101 20.85 -33.95 -32.90
C PRO B 101 19.60 -34.05 -33.72
N GLN B 102 19.72 -34.52 -34.95
CA GLN B 102 18.50 -34.89 -35.66
C GLN B 102 17.84 -36.09 -35.01
N GLU B 103 18.63 -37.16 -34.76
CA GLU B 103 18.07 -38.35 -34.13
C GLU B 103 17.65 -38.05 -32.70
N ALA B 104 18.30 -37.07 -32.08
CA ALA B 104 17.81 -36.54 -30.82
C ALA B 104 16.43 -35.92 -30.98
N ARG B 105 16.29 -34.96 -31.89
CA ARG B 105 15.06 -34.18 -31.92
C ARG B 105 13.89 -35.00 -32.41
N LEU B 106 14.16 -35.98 -33.25
CA LEU B 106 13.05 -36.76 -33.79
C LEU B 106 12.46 -37.68 -32.75
N ARG B 107 13.22 -37.98 -31.70
CA ARG B 107 12.91 -39.11 -30.86
C ARG B 107 12.72 -38.76 -29.40
N ASN B 108 12.39 -37.52 -29.09
CA ASN B 108 12.19 -37.01 -27.74
C ASN B 108 13.37 -37.28 -26.81
N LEU B 109 14.54 -37.34 -27.39
CA LEU B 109 15.70 -37.78 -26.64
C LEU B 109 16.23 -36.68 -25.75
N THR B 110 17.35 -36.97 -25.15
CA THR B 110 18.08 -36.00 -24.37
C THR B 110 19.49 -36.06 -24.85
N TYR B 111 19.94 -35.02 -25.54
CA TYR B 111 21.26 -35.02 -26.14
C TYR B 111 22.24 -34.93 -24.99
N SER B 112 22.66 -36.09 -24.51
CA SER B 112 23.26 -36.23 -23.20
C SER B 112 24.44 -37.18 -23.29
N SER B 113 25.47 -36.86 -22.61
CA SER B 113 26.62 -37.69 -22.83
C SER B 113 26.91 -38.56 -21.64
N PRO B 114 27.67 -39.63 -21.81
CA PRO B 114 28.30 -40.27 -20.67
C PRO B 114 29.24 -39.30 -19.99
N VAL B 115 29.03 -39.14 -18.70
CA VAL B 115 29.99 -38.47 -17.83
C VAL B 115 30.52 -39.52 -16.88
N TYR B 116 31.71 -40.01 -17.14
CA TYR B 116 32.28 -41.07 -16.33
C TYR B 116 33.21 -40.49 -15.30
N LEU B 117 33.53 -41.31 -14.30
CA LEU B 117 34.37 -40.93 -13.17
C LEU B 117 34.93 -42.16 -12.48
N ASP B 118 36.23 -42.18 -12.26
CA ASP B 118 36.86 -43.25 -11.52
C ASP B 118 36.95 -42.87 -10.05
N MET B 119 37.02 -43.89 -9.19
CA MET B 119 36.91 -43.68 -7.75
C MET B 119 38.07 -44.37 -7.06
N GLU B 120 38.89 -43.58 -6.37
CA GLU B 120 40.05 -44.10 -5.64
C GLU B 120 39.62 -44.39 -4.20
N LYS B 121 39.16 -45.61 -3.97
CA LYS B 121 38.78 -46.08 -2.64
C LYS B 121 39.99 -46.63 -1.92
N SER B 122 40.30 -46.04 -0.78
CA SER B 122 41.47 -46.44 -0.03
C SER B 122 41.08 -46.72 1.42
N MET B 123 41.97 -47.41 2.14
CA MET B 123 41.74 -47.82 3.52
C MET B 123 42.94 -47.41 4.35
N PHE B 124 42.68 -46.61 5.36
CA PHE B 124 43.66 -46.48 6.43
C PHE B 124 43.75 -47.77 7.20
N THR B 125 44.96 -48.30 7.24
CA THR B 125 45.34 -49.30 8.22
C THR B 125 46.30 -48.62 9.19
N SER B 126 45.73 -47.87 10.13
CA SER B 126 46.45 -47.23 11.21
C SER B 126 45.73 -47.60 12.49
N ILE B 127 46.04 -48.77 13.03
CA ILE B 127 45.29 -49.34 14.14
C ILE B 127 45.75 -48.76 15.47
N ASP B 128 44.83 -48.08 16.16
CA ASP B 128 45.10 -47.52 17.49
C ASP B 128 43.80 -47.28 18.24
N GLY B 153 33.04 -49.74 -9.28
CA GLY B 153 34.35 -49.24 -8.90
C GLY B 153 35.28 -49.12 -10.07
N ASN B 154 34.82 -48.41 -11.10
CA ASN B 154 35.61 -48.11 -12.28
C ASN B 154 34.94 -46.90 -12.92
N LYS B 155 35.02 -46.77 -14.23
CA LYS B 155 34.29 -45.71 -14.91
C LYS B 155 32.79 -45.95 -14.76
N VAL B 156 32.23 -45.50 -13.65
CA VAL B 156 30.79 -45.52 -13.49
C VAL B 156 30.22 -44.37 -14.30
N HIS B 157 29.16 -44.64 -15.03
CA HIS B 157 28.34 -43.55 -15.51
C HIS B 157 27.67 -42.93 -14.30
N ILE B 158 28.23 -41.82 -13.84
CA ILE B 158 27.71 -41.14 -12.66
C ILE B 158 26.60 -40.19 -13.00
N GLY B 159 26.36 -39.93 -14.27
CA GLY B 159 25.31 -39.02 -14.66
C GLY B 159 25.42 -38.62 -16.12
N LYS B 160 24.32 -38.05 -16.61
CA LYS B 160 24.20 -37.54 -17.96
C LYS B 160 24.11 -36.02 -17.93
N VAL B 161 25.21 -35.33 -18.18
CA VAL B 161 25.19 -33.88 -18.38
C VAL B 161 24.78 -33.63 -19.83
N PRO B 162 23.66 -32.97 -20.09
CA PRO B 162 23.22 -32.74 -21.48
C PRO B 162 24.14 -31.78 -22.21
N ILE B 163 24.40 -32.07 -23.47
CA ILE B 163 25.37 -31.32 -24.26
C ILE B 163 24.65 -30.29 -25.10
N MET B 164 25.13 -29.06 -25.06
CA MET B 164 24.62 -27.97 -25.89
C MET B 164 24.84 -28.27 -27.36
N LEU B 165 24.02 -27.70 -28.22
CA LEU B 165 24.35 -27.69 -29.63
C LEU B 165 25.61 -26.88 -29.87
N ARG B 166 26.26 -27.16 -30.99
CA ARG B 166 27.41 -26.46 -31.57
C ARG B 166 28.58 -26.26 -30.63
N SER B 167 28.72 -27.05 -29.57
CA SER B 167 29.83 -26.86 -28.66
C SER B 167 31.06 -27.59 -29.17
N LYS B 168 32.19 -27.33 -28.51
CA LYS B 168 33.36 -28.19 -28.65
C LYS B 168 33.04 -29.63 -28.30
N PHE B 169 32.21 -29.85 -27.31
CA PHE B 169 31.92 -31.19 -26.86
C PHE B 169 30.58 -31.68 -27.36
N CYS B 170 30.02 -30.99 -28.33
CA CYS B 170 29.11 -31.62 -29.25
C CYS B 170 29.91 -32.09 -30.45
N SER B 171 29.36 -33.04 -31.19
CA SER B 171 30.06 -33.58 -32.34
C SER B 171 29.80 -32.80 -33.61
N LEU B 172 29.28 -31.58 -33.51
CA LEU B 172 29.03 -30.75 -34.67
C LEU B 172 29.77 -29.43 -34.64
N ARG B 173 30.78 -29.28 -33.78
CA ARG B 173 31.67 -28.14 -33.93
C ARG B 173 32.40 -28.20 -35.27
N THR B 174 32.94 -29.35 -35.61
CA THR B 174 33.69 -29.55 -36.84
C THR B 174 32.79 -29.99 -37.99
N LEU B 175 33.40 -30.59 -39.01
CA LEU B 175 32.77 -31.52 -39.95
C LEU B 175 31.86 -30.97 -41.05
N ASP B 176 32.35 -30.03 -41.88
CA ASP B 176 32.01 -30.09 -43.31
C ASP B 176 30.56 -29.88 -43.73
N GLU B 177 30.13 -28.62 -43.90
CA GLU B 177 28.78 -28.19 -44.28
C GLU B 177 28.07 -29.10 -45.29
N VAL B 178 28.83 -29.63 -46.26
CA VAL B 178 28.38 -30.73 -47.11
C VAL B 178 27.81 -31.87 -46.29
N ASP B 179 28.63 -32.43 -45.40
CA ASP B 179 28.17 -33.49 -44.54
C ASP B 179 27.17 -33.01 -43.51
N LEU B 180 27.12 -31.71 -43.25
CA LEU B 180 26.09 -31.20 -42.36
C LEU B 180 24.74 -31.23 -43.04
N TYR B 181 24.72 -31.09 -44.37
CA TYR B 181 23.48 -31.39 -45.08
C TYR B 181 23.27 -32.88 -45.12
N LYS B 182 24.36 -33.65 -45.10
CA LYS B 182 24.20 -35.07 -44.89
C LYS B 182 23.84 -35.37 -43.43
N MET B 183 24.04 -34.42 -42.54
CA MET B 183 23.63 -34.57 -41.15
C MET B 183 22.58 -33.57 -40.69
N LYS B 184 21.93 -32.88 -41.62
CA LYS B 184 20.65 -32.19 -41.38
C LYS B 184 20.81 -30.95 -40.51
N GLU B 185 22.00 -30.37 -40.47
CA GLU B 185 22.25 -29.15 -39.74
C GLU B 185 22.46 -27.96 -40.68
N CYS B 186 21.67 -26.91 -40.50
CA CYS B 186 21.75 -25.74 -41.38
C CYS B 186 22.99 -24.93 -41.09
N PRO B 187 23.71 -24.46 -42.09
CA PRO B 187 24.90 -23.63 -41.81
C PRO B 187 24.56 -22.27 -41.25
N TYR B 188 23.41 -21.70 -41.59
CA TYR B 188 23.00 -20.44 -40.99
C TYR B 188 22.31 -20.65 -39.65
N ASP B 189 22.43 -21.83 -39.05
CA ASP B 189 22.13 -22.05 -37.65
C ASP B 189 23.37 -21.67 -36.87
N MET B 190 23.21 -21.50 -35.56
CA MET B 190 24.30 -21.06 -34.72
C MET B 190 24.30 -21.78 -33.38
N GLY B 191 23.22 -22.47 -33.02
CA GLY B 191 23.19 -23.24 -31.79
C GLY B 191 23.06 -22.35 -30.56
N GLY B 192 23.77 -22.74 -29.49
CA GLY B 192 23.84 -21.98 -28.26
C GLY B 192 23.00 -22.52 -27.13
N TYR B 193 22.16 -23.49 -27.39
CA TYR B 193 21.07 -23.84 -26.50
C TYR B 193 21.04 -25.35 -26.32
N PHE B 194 20.24 -25.82 -25.37
CA PHE B 194 20.34 -27.22 -25.01
C PHE B 194 19.12 -27.94 -25.53
N VAL B 195 19.13 -29.23 -25.33
CA VAL B 195 18.09 -30.13 -25.77
C VAL B 195 17.72 -30.98 -24.57
N ILE B 196 16.45 -30.95 -24.17
CA ILE B 196 16.03 -31.71 -23.02
C ILE B 196 14.71 -32.39 -23.35
N ASN B 197 14.66 -33.72 -23.13
CA ASN B 197 13.49 -34.58 -23.32
C ASN B 197 12.89 -34.39 -24.71
N GLY B 198 13.79 -34.19 -25.66
CA GLY B 198 13.49 -33.70 -26.96
C GLY B 198 13.66 -32.22 -27.16
N SER B 199 12.90 -31.39 -26.49
CA SER B 199 12.66 -30.08 -27.03
C SER B 199 13.81 -29.17 -26.66
N GLU B 200 13.77 -27.96 -27.19
CA GLU B 200 14.92 -27.06 -27.13
C GLU B 200 14.73 -26.14 -25.95
N LYS B 201 15.73 -26.05 -25.09
CA LYS B 201 15.68 -25.08 -24.02
C LYS B 201 16.96 -24.26 -24.03
N VAL B 202 16.92 -23.10 -23.37
CA VAL B 202 17.90 -22.05 -23.54
C VAL B 202 18.27 -21.57 -22.15
N LEU B 203 19.38 -20.84 -22.02
CA LEU B 203 19.66 -20.21 -20.74
C LEU B 203 19.72 -18.70 -20.85
N ILE B 204 18.72 -18.09 -20.26
CA ILE B 204 18.70 -16.67 -19.99
C ILE B 204 19.88 -16.39 -19.10
N ALA B 205 20.61 -15.36 -19.43
CA ALA B 205 21.62 -14.90 -18.51
C ALA B 205 20.95 -14.25 -17.31
N GLN B 206 20.82 -15.00 -16.24
CA GLN B 206 20.24 -14.49 -15.01
C GLN B 206 21.22 -13.50 -14.42
N GLU B 207 20.67 -12.49 -13.75
CA GLU B 207 21.41 -11.30 -13.36
C GLU B 207 21.46 -11.16 -11.86
N ARG B 208 22.58 -11.46 -11.26
CA ARG B 208 22.66 -11.41 -9.82
C ARG B 208 23.33 -10.11 -9.44
N SER B 209 23.18 -9.76 -8.17
CA SER B 209 23.85 -8.59 -7.63
C SER B 209 25.34 -8.84 -7.57
N ALA B 210 26.11 -7.77 -7.66
CA ALA B 210 27.55 -7.93 -7.63
C ALA B 210 28.02 -8.29 -6.23
N ALA B 211 29.08 -9.09 -6.16
CA ALA B 211 29.66 -9.46 -4.90
C ALA B 211 30.86 -8.59 -4.57
N ASN B 212 31.11 -8.49 -3.27
CA ASN B 212 32.41 -8.12 -2.70
C ASN B 212 32.82 -6.70 -3.05
N ILE B 213 31.84 -5.84 -3.26
CA ILE B 213 32.08 -4.43 -3.52
C ILE B 213 31.54 -3.63 -2.36
N VAL B 214 32.18 -2.51 -2.06
CA VAL B 214 31.96 -1.82 -0.80
C VAL B 214 30.94 -0.73 -1.01
N GLN B 215 29.67 -1.07 -0.82
CA GLN B 215 28.56 -0.20 -1.20
C GLN B 215 28.14 0.67 -0.03
N VAL B 216 27.43 1.76 -0.32
CA VAL B 216 26.67 2.49 0.69
C VAL B 216 25.31 2.86 0.14
N PHE B 217 24.24 2.39 0.79
CA PHE B 217 22.89 2.86 0.50
C PHE B 217 22.34 3.62 1.68
N LYS B 218 21.43 4.54 1.41
CA LYS B 218 20.75 5.27 2.48
C LYS B 218 19.36 4.70 2.69
N LYS B 219 18.91 4.70 3.94
CA LYS B 219 17.71 3.99 4.33
C LYS B 219 16.56 4.98 4.46
N ALA B 220 15.34 4.47 4.23
CA ALA B 220 14.12 5.26 4.27
C ALA B 220 13.84 5.77 5.69
N ALA B 221 13.00 6.81 5.76
CA ALA B 221 12.95 7.66 6.94
C ALA B 221 12.17 7.09 8.13
N PRO B 222 10.95 6.49 7.99
CA PRO B 222 10.28 5.99 9.21
C PRO B 222 10.98 4.80 9.82
N SER B 223 12.07 5.07 10.51
CA SER B 223 13.04 4.15 11.04
C SER B 223 14.08 4.93 11.80
N PRO B 224 14.70 4.33 12.81
CA PRO B 224 15.85 4.98 13.47
C PRO B 224 17.16 4.75 12.76
N ILE B 225 17.14 4.21 11.58
CA ILE B 225 18.35 3.78 10.91
C ILE B 225 18.41 4.38 9.52
N SER B 226 19.47 5.14 9.23
CA SER B 226 19.51 6.00 8.04
C SER B 226 20.56 5.64 7.01
N HIS B 227 21.82 5.43 7.41
CA HIS B 227 22.88 5.08 6.46
C HIS B 227 23.27 3.61 6.67
N VAL B 228 23.65 2.96 5.58
CA VAL B 228 23.89 1.52 5.52
C VAL B 228 25.15 1.28 4.69
N ALA B 229 26.02 0.40 5.15
CA ALA B 229 27.16 -0.07 4.36
C ALA B 229 27.14 -1.58 4.27
N GLU B 230 26.84 -2.09 3.07
CA GLU B 230 26.40 -3.47 2.87
C GLU B 230 27.39 -4.18 1.95
N ILE B 231 27.39 -5.51 2.00
CA ILE B 231 28.23 -6.35 1.16
C ILE B 231 27.50 -7.67 0.95
N ARG B 232 27.83 -8.40 -0.12
CA ARG B 232 27.42 -9.80 -0.28
C ARG B 232 28.62 -10.65 -0.68
N SER B 233 28.98 -11.60 0.16
CA SER B 233 30.22 -12.35 -0.01
C SER B 233 30.02 -13.54 -0.92
N ALA B 234 31.09 -13.93 -1.63
CA ALA B 234 31.10 -15.16 -2.41
C ALA B 234 32.52 -15.56 -2.76
N LEU B 235 32.81 -16.85 -2.62
CA LEU B 235 34.16 -17.38 -2.81
C LEU B 235 34.66 -17.17 -4.23
N GLU B 236 35.97 -16.96 -4.34
CA GLU B 236 36.65 -16.58 -5.58
C GLU B 236 36.59 -17.72 -6.61
N LYS B 237 37.17 -18.86 -6.26
CA LYS B 237 36.76 -20.12 -6.85
C LYS B 237 35.29 -20.37 -6.54
N GLY B 238 34.57 -20.94 -7.50
CA GLY B 238 33.26 -21.46 -7.20
C GLY B 238 32.12 -20.48 -7.40
N SER B 239 32.36 -19.22 -7.03
CA SER B 239 31.41 -18.11 -7.16
C SER B 239 30.11 -18.44 -6.43
N ARG B 240 30.20 -18.66 -5.12
CA ARG B 240 29.03 -19.05 -4.35
C ARG B 240 28.90 -18.23 -3.06
N LEU B 241 27.69 -17.70 -2.85
CA LEU B 241 27.33 -16.88 -1.70
C LEU B 241 27.58 -17.59 -0.38
N ILE B 242 28.27 -16.90 0.54
CA ILE B 242 28.40 -17.38 1.91
C ILE B 242 27.89 -16.34 2.91
N SER B 243 28.51 -15.15 2.97
CA SER B 243 28.11 -14.26 4.06
C SER B 243 27.49 -12.99 3.50
N THR B 244 26.88 -12.23 4.39
CA THR B 244 26.27 -10.94 4.08
C THR B 244 26.37 -10.06 5.32
N MET B 245 27.50 -9.38 5.46
CA MET B 245 27.68 -8.51 6.61
C MET B 245 26.94 -7.22 6.31
N GLN B 246 26.21 -6.73 7.29
CA GLN B 246 25.43 -5.51 7.12
C GLN B 246 25.84 -4.52 8.19
N ILE B 247 25.73 -3.24 7.87
CA ILE B 247 25.99 -2.16 8.81
C ILE B 247 24.76 -1.28 8.81
N LYS B 248 24.25 -0.95 10.00
CA LYS B 248 23.13 -0.02 10.14
C LYS B 248 23.47 1.12 11.10
N LEU B 249 23.59 2.33 10.55
CA LEU B 249 23.81 3.54 11.36
C LEU B 249 22.58 3.78 12.23
N TYR B 250 22.75 3.57 13.53
CA TYR B 250 21.71 3.98 14.45
C TYR B 250 21.69 5.50 14.52
N GLY B 251 20.50 6.04 14.46
CA GLY B 251 20.36 7.45 14.18
C GLY B 251 19.51 7.71 12.96
N ARG B 252 18.35 8.30 13.19
CA ARG B 252 17.61 8.99 12.15
C ARG B 252 18.17 10.42 12.15
N GLU B 253 17.73 11.25 11.22
CA GLU B 253 18.14 12.64 11.16
C GLU B 253 17.67 13.36 12.42
N ASP B 254 18.61 13.65 13.32
CA ASP B 254 18.36 14.19 14.65
C ASP B 254 17.33 13.37 15.43
N LYS B 255 17.51 12.06 15.42
CA LYS B 255 16.81 11.13 16.28
C LYS B 255 17.74 9.94 16.47
N GLY B 256 17.74 9.34 17.66
CA GLY B 256 18.82 8.44 18.02
C GLY B 256 20.06 9.16 18.49
N THR B 257 20.02 9.76 19.69
CA THR B 257 21.01 10.66 20.33
C THR B 257 22.44 10.13 20.18
N GLY B 258 22.75 8.93 20.65
CA GLY B 258 24.09 8.41 20.44
C GLY B 258 24.28 7.97 19.01
N ARG B 259 25.01 8.76 18.22
CA ARG B 259 25.13 8.51 16.78
C ARG B 259 26.28 7.55 16.51
N THR B 260 26.14 6.36 17.10
CA THR B 260 27.10 5.29 17.00
C THR B 260 26.44 4.15 16.21
N ILE B 261 27.23 3.15 15.82
CA ILE B 261 26.74 2.13 14.89
C ILE B 261 27.00 0.77 15.51
N LYS B 262 26.16 -0.21 15.20
CA LYS B 262 26.39 -1.60 15.50
C LYS B 262 26.60 -2.34 14.19
N ALA B 263 27.06 -3.59 14.28
CA ALA B 263 27.14 -4.51 13.15
C ALA B 263 26.07 -5.58 13.26
N THR B 264 25.76 -6.21 12.12
CA THR B 264 24.98 -7.43 12.05
C THR B 264 25.82 -8.48 11.37
N LEU B 265 25.83 -9.70 11.91
CA LEU B 265 26.74 -10.68 11.37
C LEU B 265 25.97 -11.88 10.80
N PRO B 266 26.63 -12.78 10.06
CA PRO B 266 25.98 -14.05 9.74
C PRO B 266 26.10 -15.05 10.89
N TYR B 267 25.06 -15.88 11.03
CA TYR B 267 24.83 -16.77 12.19
C TYR B 267 24.90 -16.02 13.51
N VAL B 268 24.15 -14.92 13.61
CA VAL B 268 23.75 -14.33 14.89
C VAL B 268 22.25 -14.11 14.81
N LYS B 269 21.69 -13.55 15.87
CA LYS B 269 20.26 -13.29 15.88
C LYS B 269 19.95 -11.83 16.17
N GLN B 270 20.96 -10.98 16.32
CA GLN B 270 20.76 -9.68 16.94
C GLN B 270 21.97 -8.79 16.64
N ASP B 271 21.75 -7.48 16.67
CA ASP B 271 22.79 -6.54 16.25
C ASP B 271 23.85 -6.39 17.33
N ILE B 272 25.09 -6.29 16.91
CA ILE B 272 26.26 -6.32 17.80
C ILE B 272 27.07 -5.06 17.55
N PRO B 273 27.55 -4.38 18.58
CA PRO B 273 28.24 -3.11 18.35
C PRO B 273 29.54 -3.21 17.58
N ILE B 274 29.88 -2.09 16.94
CA ILE B 274 30.95 -2.03 15.93
C ILE B 274 32.32 -2.20 16.57
N VAL B 275 32.57 -1.45 17.64
CA VAL B 275 33.91 -1.50 18.23
C VAL B 275 34.13 -2.85 18.89
N ILE B 276 33.05 -3.49 19.33
CA ILE B 276 33.15 -4.82 19.94
C ILE B 276 33.53 -5.86 18.90
N VAL B 277 32.94 -5.77 17.69
CA VAL B 277 33.34 -6.77 16.71
C VAL B 277 34.71 -6.46 16.15
N PHE B 278 35.15 -5.19 16.20
CA PHE B 278 36.55 -4.89 15.93
C PHE B 278 37.47 -5.56 16.93
N ARG B 279 37.17 -5.43 18.21
CA ARG B 279 38.01 -6.03 19.23
C ARG B 279 37.90 -7.55 19.17
N ALA B 280 36.81 -8.05 18.62
CA ALA B 280 36.62 -9.46 18.36
C ALA B 280 37.48 -9.98 17.24
N LEU B 281 37.66 -9.21 16.18
CA LEU B 281 38.56 -9.63 15.13
C LEU B 281 40.04 -9.49 15.50
N GLY B 282 40.36 -8.90 16.64
CA GLY B 282 41.71 -8.97 17.14
C GLY B 282 42.43 -7.65 17.18
N VAL B 283 41.68 -6.57 17.29
CA VAL B 283 42.26 -5.24 17.49
C VAL B 283 41.52 -4.56 18.63
N VAL B 284 42.11 -4.62 19.82
CA VAL B 284 41.46 -4.13 21.03
C VAL B 284 41.55 -2.63 21.33
N PRO B 285 42.67 -1.91 21.21
CA PRO B 285 42.69 -0.58 21.82
C PRO B 285 42.02 0.44 20.93
N ASP B 286 41.71 1.58 21.50
CA ASP B 286 40.99 2.62 20.78
C ASP B 286 41.90 3.27 19.75
N GLY B 287 43.18 3.41 20.11
CA GLY B 287 44.14 4.07 19.25
C GLY B 287 44.39 3.32 17.95
N GLU B 288 44.45 2.00 18.00
CA GLU B 288 44.71 1.25 16.79
C GLU B 288 43.46 1.13 15.92
N ILE B 289 42.27 1.19 16.51
CA ILE B 289 41.06 1.20 15.69
C ILE B 289 40.92 2.52 14.97
N LEU B 290 41.25 3.61 15.65
CA LEU B 290 41.29 4.88 14.95
C LEU B 290 42.48 5.00 14.00
N GLN B 291 43.53 4.22 14.21
CA GLN B 291 44.63 4.20 13.25
C GLN B 291 44.29 3.41 12.00
N HIS B 292 43.65 2.24 12.15
CA HIS B 292 43.10 1.50 11.04
C HIS B 292 42.08 2.30 10.27
N ILE B 293 41.18 2.98 10.95
CA ILE B 293 40.06 3.56 10.22
C ILE B 293 40.42 4.95 9.72
N CYS B 294 40.71 5.87 10.65
CA CYS B 294 40.75 7.28 10.31
C CYS B 294 41.96 7.61 9.47
N TYR B 295 41.76 8.43 8.43
CA TYR B 295 42.86 8.85 7.58
C TYR B 295 43.19 10.31 7.75
N ASP B 296 42.42 11.04 8.55
CA ASP B 296 42.72 12.45 8.74
C ASP B 296 42.42 12.83 10.18
N GLU B 297 43.50 13.11 10.92
CA GLU B 297 43.41 13.69 12.25
C GLU B 297 42.93 15.14 12.24
N ASN B 298 42.72 15.73 11.06
CA ASN B 298 42.12 17.04 10.95
C ASN B 298 40.66 16.99 10.53
N ASP B 299 40.17 15.82 10.12
CA ASP B 299 38.76 15.65 9.76
C ASP B 299 37.90 15.58 11.01
N TRP B 300 37.85 16.69 11.74
CA TRP B 300 37.31 16.70 13.09
C TRP B 300 35.79 16.60 13.11
N GLN B 301 35.17 16.80 11.96
CA GLN B 301 33.73 16.61 11.85
C GLN B 301 33.40 15.13 11.92
N MET B 302 34.03 14.35 11.05
CA MET B 302 33.87 12.91 11.09
C MET B 302 34.49 12.33 12.36
N LEU B 303 35.64 12.86 12.78
CA LEU B 303 36.25 12.49 14.05
C LEU B 303 35.34 12.83 15.22
N GLU B 304 34.56 13.89 15.08
CA GLU B 304 33.58 14.25 16.09
C GLU B 304 32.45 13.24 16.13
N MET B 305 31.99 12.80 14.95
CA MET B 305 30.98 11.75 14.92
C MET B 305 31.54 10.41 15.36
N LEU B 306 32.86 10.23 15.25
CA LEU B 306 33.53 9.02 15.73
C LEU B 306 33.40 8.80 17.23
N LYS B 307 33.81 9.78 18.07
CA LYS B 307 33.96 9.69 19.52
C LYS B 307 32.86 8.97 20.30
N PRO B 308 31.55 9.13 20.01
CA PRO B 308 30.57 8.38 20.80
C PRO B 308 30.57 6.89 20.52
N CYS B 309 31.09 6.45 19.38
CA CYS B 309 31.17 5.03 19.10
C CYS B 309 32.12 4.33 20.07
N ILE B 310 33.29 4.92 20.26
CA ILE B 310 34.24 4.43 21.24
C ILE B 310 33.67 4.59 22.65
N GLU B 311 33.06 5.75 22.95
CA GLU B 311 32.52 5.98 24.29
C GLU B 311 31.40 5.02 24.64
N GLU B 312 30.67 4.53 23.65
CA GLU B 312 29.71 3.47 23.89
C GLU B 312 30.37 2.11 24.01
N GLY B 313 31.41 1.84 23.21
CA GLY B 313 32.03 0.53 23.30
C GLY B 313 33.06 0.36 24.40
N PHE B 314 32.93 1.08 25.51
CA PHE B 314 33.97 1.04 26.53
C PHE B 314 33.86 -0.20 27.39
N VAL B 315 32.65 -0.74 27.53
CA VAL B 315 32.41 -1.74 28.56
C VAL B 315 32.96 -3.11 28.22
N ILE B 316 33.48 -3.30 27.00
CA ILE B 316 34.10 -4.55 26.59
C ILE B 316 35.52 -4.20 26.18
N GLN B 317 36.51 -4.57 27.00
CA GLN B 317 37.82 -3.93 26.90
C GLN B 317 38.91 -4.74 26.25
N ASP B 318 38.77 -6.05 26.11
CA ASP B 318 39.80 -6.79 25.38
C ASP B 318 39.16 -7.98 24.68
N LYS B 319 40.04 -8.81 24.09
CA LYS B 319 39.63 -9.62 22.94
C LYS B 319 38.67 -10.73 23.34
N GLU B 320 39.06 -11.52 24.32
CA GLU B 320 38.34 -12.76 24.59
C GLU B 320 37.02 -12.50 25.29
N VAL B 321 36.91 -11.37 25.99
CA VAL B 321 35.62 -11.06 26.59
C VAL B 321 34.62 -10.61 25.52
N ALA B 322 35.10 -10.03 24.43
CA ALA B 322 34.21 -9.75 23.31
C ALA B 322 33.86 -11.01 22.56
N LEU B 323 34.83 -11.93 22.46
CA LEU B 323 34.56 -13.25 21.91
C LEU B 323 33.49 -13.97 22.73
N ASP B 324 33.58 -13.86 24.05
CA ASP B 324 32.55 -14.41 24.94
C ASP B 324 31.23 -13.70 24.78
N PHE B 325 31.27 -12.38 24.53
CA PHE B 325 30.04 -11.64 24.34
C PHE B 325 29.31 -12.04 23.08
N ILE B 326 30.04 -12.23 21.99
CA ILE B 326 29.38 -12.65 20.75
C ILE B 326 29.00 -14.12 20.83
N GLY B 327 29.66 -14.84 21.73
CA GLY B 327 29.19 -16.18 22.06
C GLY B 327 27.81 -16.20 22.68
N ARG B 328 27.40 -15.09 23.32
CA ARG B 328 26.11 -15.11 24.00
C ARG B 328 24.94 -14.94 23.06
N ARG B 329 25.08 -14.24 21.94
CA ARG B 329 23.96 -14.07 21.02
C ARG B 329 23.98 -15.04 19.86
N GLY B 330 25.14 -15.24 19.24
CA GLY B 330 25.26 -15.94 17.96
C GLY B 330 25.59 -17.42 17.96
N SER B 331 24.68 -18.23 18.48
CA SER B 331 24.66 -19.69 18.31
C SER B 331 25.84 -20.43 18.92
N ALA B 332 26.64 -19.79 19.78
CA ALA B 332 27.51 -20.58 20.64
C ALA B 332 26.66 -21.15 21.75
N ALA B 333 26.75 -22.46 21.99
CA ALA B 333 25.66 -23.13 22.67
C ALA B 333 25.73 -22.95 24.18
N LEU B 334 24.57 -23.08 24.81
CA LEU B 334 24.38 -22.76 26.22
C LEU B 334 25.06 -23.82 27.06
N GLY B 335 25.91 -23.38 27.98
CA GLY B 335 26.59 -24.31 28.87
C GLY B 335 27.84 -24.91 28.26
N ILE B 336 28.00 -24.74 26.96
CA ILE B 336 29.29 -24.95 26.32
C ILE B 336 30.29 -23.92 26.80
N ARG B 337 31.28 -24.35 27.58
CA ARG B 337 32.07 -23.44 28.41
C ARG B 337 32.94 -22.51 27.58
N ARG B 338 33.54 -21.52 28.27
CA ARG B 338 34.27 -20.39 27.70
C ARG B 338 35.22 -20.78 26.58
N GLU B 339 35.98 -21.86 26.75
CA GLU B 339 36.99 -22.21 25.76
C GLU B 339 36.38 -22.71 24.45
N LYS B 340 35.17 -23.28 24.48
CA LYS B 340 34.59 -23.81 23.24
C LYS B 340 33.51 -22.89 22.68
N ARG B 341 32.85 -22.13 23.56
CA ARG B 341 32.13 -20.92 23.18
C ARG B 341 33.03 -19.98 22.38
N ILE B 342 34.21 -19.70 22.90
CA ILE B 342 35.15 -18.81 22.23
C ILE B 342 35.78 -19.47 21.01
N GLN B 343 35.93 -20.79 21.05
CA GLN B 343 36.26 -21.55 19.84
C GLN B 343 35.27 -21.31 18.71
N TYR B 344 33.97 -21.44 19.00
CA TYR B 344 32.90 -21.23 18.04
C TYR B 344 32.85 -19.80 17.52
N ALA B 345 33.09 -18.83 18.41
CA ALA B 345 33.19 -17.44 17.98
C ALA B 345 34.41 -17.23 17.08
N LYS B 346 35.50 -17.92 17.36
CA LYS B 346 36.65 -17.91 16.46
C LYS B 346 36.38 -18.62 15.14
N ASP B 347 35.32 -19.43 15.06
CA ASP B 347 34.98 -20.08 13.81
C ASP B 347 34.09 -19.19 12.96
N ILE B 348 33.14 -18.49 13.58
CA ILE B 348 32.38 -17.50 12.84
C ILE B 348 33.27 -16.28 12.52
N LEU B 349 34.40 -16.14 13.18
CA LEU B 349 35.31 -15.11 12.68
C LEU B 349 36.50 -15.69 11.92
N GLN B 350 36.58 -17.03 11.80
CA GLN B 350 37.58 -17.63 10.92
C GLN B 350 37.01 -17.95 9.56
N LYS B 351 36.01 -18.83 9.52
CA LYS B 351 35.07 -18.96 8.43
C LYS B 351 33.95 -17.98 8.71
N GLU B 352 32.92 -18.03 7.88
CA GLU B 352 31.61 -17.43 8.19
C GLU B 352 31.58 -15.95 8.54
N LEU B 353 32.66 -15.22 8.27
CA LEU B 353 32.64 -13.76 8.19
C LEU B 353 33.86 -13.35 7.39
N LEU B 354 33.65 -12.41 6.48
CA LEU B 354 34.59 -12.12 5.40
C LEU B 354 35.19 -13.34 4.68
N PRO B 355 34.35 -14.30 4.26
CA PRO B 355 34.93 -15.55 3.75
C PRO B 355 35.57 -15.40 2.38
N HIS B 356 35.04 -14.53 1.53
CA HIS B 356 35.53 -14.37 0.18
C HIS B 356 36.90 -13.76 0.13
N ILE B 357 37.26 -12.98 1.14
CA ILE B 357 38.61 -12.44 1.22
C ILE B 357 39.59 -13.57 1.35
N THR B 358 39.45 -14.33 2.42
CA THR B 358 40.26 -15.49 2.69
C THR B 358 39.46 -16.34 3.66
N GLN B 359 39.79 -17.62 3.72
CA GLN B 359 39.25 -18.45 4.77
C GLN B 359 40.33 -19.02 5.67
N GLU B 360 41.58 -18.66 5.45
CA GLU B 360 42.63 -18.90 6.42
C GLU B 360 42.83 -17.65 7.27
N GLU B 361 43.48 -17.84 8.42
CA GLU B 361 43.68 -16.74 9.33
C GLU B 361 45.02 -16.07 9.10
N GLY B 362 45.41 -15.24 10.06
CA GLY B 362 46.71 -14.59 10.04
C GLY B 362 46.69 -13.23 9.40
N PHE B 363 45.62 -12.90 8.69
CA PHE B 363 45.54 -11.63 8.01
C PHE B 363 44.38 -10.80 8.52
N GLU B 364 44.30 -10.69 9.85
CA GLU B 364 43.49 -9.70 10.53
C GLU B 364 43.79 -8.28 10.07
N THR B 365 44.99 -7.98 9.58
CA THR B 365 45.20 -6.70 8.92
C THR B 365 44.39 -6.62 7.65
N ARG B 366 44.34 -7.69 6.86
CA ARG B 366 43.55 -7.68 5.64
C ARG B 366 42.07 -7.54 5.96
N LYS B 367 41.60 -8.29 6.95
CA LYS B 367 40.19 -8.22 7.35
C LYS B 367 39.84 -6.86 7.94
N THR B 368 40.60 -6.41 8.95
CA THR B 368 40.26 -5.17 9.62
C THR B 368 40.48 -3.98 8.73
N PHE B 369 41.46 -4.02 7.85
CA PHE B 369 41.69 -2.88 7.00
C PHE B 369 40.64 -2.81 5.91
N PHE B 370 40.07 -3.96 5.54
CA PHE B 370 38.86 -3.91 4.73
C PHE B 370 37.73 -3.24 5.48
N LEU B 371 37.56 -3.60 6.74
CA LEU B 371 36.45 -3.04 7.47
C LEU B 371 36.70 -1.59 7.84
N GLY B 372 37.97 -1.20 7.94
CA GLY B 372 38.30 0.19 8.17
C GLY B 372 38.02 1.03 6.94
N TYR B 373 38.20 0.44 5.75
CA TYR B 373 37.69 1.09 4.56
C TYR B 373 36.17 1.20 4.62
N MET B 374 35.49 0.20 5.18
CA MET B 374 34.03 0.32 5.30
C MET B 374 33.62 1.46 6.22
N VAL B 375 34.31 1.62 7.35
CA VAL B 375 33.92 2.65 8.30
C VAL B 375 34.25 4.02 7.75
N ASN B 376 35.46 4.15 7.19
CA ASN B 376 35.85 5.22 6.28
C ASN B 376 34.73 5.60 5.33
N ARG B 377 34.19 4.61 4.63
CA ARG B 377 33.26 4.92 3.55
C ARG B 377 31.92 5.35 4.08
N LEU B 378 31.39 4.61 5.06
CA LEU B 378 30.05 4.93 5.54
C LEU B 378 30.03 6.26 6.27
N LEU B 379 31.15 6.64 6.89
CA LEU B 379 31.17 7.98 7.44
C LEU B 379 31.41 9.04 6.39
N LEU B 380 32.06 8.71 5.27
CA LEU B 380 32.09 9.65 4.15
C LEU B 380 30.68 9.94 3.66
N CYS B 381 29.84 8.91 3.57
CA CYS B 381 28.53 9.14 2.97
C CYS B 381 27.54 9.67 3.99
N ALA B 382 27.74 9.40 5.28
CA ALA B 382 26.79 9.94 6.25
C ALA B 382 27.00 11.42 6.49
N LEU B 383 28.16 11.94 6.18
CA LEU B 383 28.33 13.38 6.16
C LEU B 383 28.09 13.97 4.80
N GLU B 384 27.73 13.13 3.83
CA GLU B 384 27.40 13.53 2.45
C GLU B 384 28.53 14.29 1.80
N ARG B 385 29.70 13.67 1.79
CA ARG B 385 30.79 14.12 0.96
C ARG B 385 30.75 13.50 -0.41
N LYS B 386 29.56 13.11 -0.87
CA LYS B 386 29.34 12.20 -1.99
C LYS B 386 27.83 12.09 -2.15
N ASP B 387 27.40 11.59 -3.30
CA ASP B 387 26.05 11.07 -3.41
C ASP B 387 25.93 9.76 -2.64
N GLN B 388 24.70 9.29 -2.55
CA GLN B 388 24.52 7.88 -2.28
C GLN B 388 24.94 7.08 -3.49
N ASP B 389 25.25 5.80 -3.27
CA ASP B 389 25.39 4.90 -4.40
C ASP B 389 24.02 4.57 -4.96
N ASP B 390 23.99 4.11 -6.20
CA ASP B 390 22.73 3.84 -6.86
C ASP B 390 22.71 2.39 -7.29
N ARG B 391 21.49 1.88 -7.52
CA ARG B 391 21.29 0.46 -7.69
C ARG B 391 21.71 -0.03 -9.06
N ASP B 392 21.73 0.82 -10.05
CA ASP B 392 21.71 0.32 -11.41
C ASP B 392 22.89 0.78 -12.25
N HIS B 393 23.86 1.43 -11.63
CA HIS B 393 25.06 1.87 -12.32
C HIS B 393 25.83 0.64 -12.76
N PHE B 394 25.72 0.33 -14.05
CA PHE B 394 25.66 -1.06 -14.50
C PHE B 394 26.98 -1.78 -14.36
N GLY B 395 28.07 -1.05 -14.15
CA GLY B 395 29.29 -1.68 -13.70
C GLY B 395 29.17 -2.35 -12.36
N LYS B 396 28.22 -1.92 -11.53
CA LYS B 396 28.05 -2.53 -10.23
C LYS B 396 27.10 -3.72 -10.27
N LYS B 397 27.00 -4.40 -11.40
CA LYS B 397 26.32 -5.69 -11.48
C LYS B 397 27.12 -6.64 -12.33
N ARG B 398 26.68 -7.89 -12.33
CA ARG B 398 27.33 -8.97 -13.06
C ARG B 398 26.25 -9.80 -13.74
N LEU B 399 26.66 -10.89 -14.38
CA LEU B 399 25.73 -11.80 -15.04
C LEU B 399 26.11 -13.27 -14.86
N ASP B 400 25.10 -14.13 -14.88
CA ASP B 400 25.25 -15.56 -14.72
C ASP B 400 24.76 -16.25 -16.00
N LEU B 401 25.66 -16.86 -16.74
CA LEU B 401 25.23 -17.71 -17.84
C LEU B 401 25.35 -19.19 -17.48
N ALA B 402 25.28 -20.04 -18.52
CA ALA B 402 25.27 -21.50 -18.41
C ALA B 402 26.43 -22.03 -17.58
N GLY B 403 27.58 -21.37 -17.66
CA GLY B 403 28.75 -21.73 -16.90
C GLY B 403 28.52 -21.73 -15.41
N PRO B 404 28.30 -20.54 -14.85
CA PRO B 404 28.00 -20.48 -13.41
C PRO B 404 26.72 -21.18 -12.98
N LEU B 405 25.73 -21.31 -13.86
CA LEU B 405 24.52 -22.01 -13.46
C LEU B 405 24.72 -23.51 -13.36
N LEU B 406 25.43 -24.10 -14.34
CA LEU B 406 25.75 -25.50 -14.20
C LEU B 406 26.72 -25.71 -13.06
N ALA B 407 27.55 -24.71 -12.76
CA ALA B 407 28.42 -24.81 -11.59
C ALA B 407 27.61 -24.94 -10.31
N ASN B 408 26.58 -24.12 -10.16
CA ASN B 408 25.79 -24.17 -8.94
C ASN B 408 24.96 -25.45 -8.84
N LEU B 409 24.26 -25.82 -9.92
CA LEU B 409 23.34 -26.95 -9.79
C LEU B 409 24.10 -28.27 -9.76
N PHE B 410 25.23 -28.33 -10.46
CA PHE B 410 26.17 -29.45 -10.39
C PHE B 410 26.76 -29.59 -9.01
N ARG B 411 27.16 -28.46 -8.38
CA ARG B 411 27.61 -28.49 -6.99
C ARG B 411 26.56 -29.08 -6.07
N ILE B 412 25.31 -28.68 -6.27
CA ILE B 412 24.23 -29.14 -5.41
C ILE B 412 24.04 -30.64 -5.51
N LEU B 413 23.78 -31.15 -6.72
CA LEU B 413 23.50 -32.58 -6.80
C LEU B 413 24.76 -33.42 -6.67
N PHE B 414 25.92 -32.78 -6.72
CA PHE B 414 27.16 -33.44 -6.42
C PHE B 414 27.32 -33.67 -4.92
N ARG B 415 26.96 -32.68 -4.10
CA ARG B 415 26.84 -32.91 -2.66
C ARG B 415 25.82 -33.98 -2.34
N LYS B 416 24.73 -34.01 -3.12
CA LYS B 416 23.72 -35.03 -2.87
C LYS B 416 24.26 -36.42 -3.17
N LEU B 417 25.08 -36.55 -4.22
CA LEU B 417 25.82 -37.77 -4.49
C LEU B 417 26.73 -38.17 -3.35
N THR B 418 27.45 -37.19 -2.80
CA THR B 418 28.33 -37.41 -1.65
C THR B 418 27.60 -38.13 -0.53
N ARG B 419 26.46 -37.58 -0.13
CA ARG B 419 25.76 -38.23 0.98
C ARG B 419 25.06 -39.51 0.56
N GLU B 420 24.80 -39.73 -0.73
CA GLU B 420 24.25 -41.03 -1.14
C GLU B 420 25.26 -42.15 -1.02
N ILE B 421 26.48 -41.91 -1.49
CA ILE B 421 27.55 -42.90 -1.30
C ILE B 421 27.81 -43.12 0.17
N TYR B 422 27.76 -42.05 0.96
CA TYR B 422 27.96 -42.16 2.41
C TYR B 422 26.90 -43.05 3.06
N ARG B 423 25.63 -42.86 2.64
CA ARG B 423 24.53 -43.71 3.10
C ARG B 423 24.73 -45.17 2.77
N TYR B 424 25.12 -45.48 1.54
CA TYR B 424 25.31 -46.88 1.19
C TYR B 424 26.52 -47.47 1.87
N MET B 425 27.55 -46.65 2.13
CA MET B 425 28.73 -47.13 2.83
C MET B 425 28.40 -47.56 4.25
N GLN B 426 27.60 -46.78 4.98
CA GLN B 426 27.28 -47.20 6.35
C GLN B 426 26.28 -48.34 6.41
N ARG B 427 25.83 -48.87 5.27
CA ARG B 427 25.08 -50.12 5.31
C ARG B 427 25.92 -51.30 4.87
N CYS B 428 26.81 -51.13 3.91
CA CYS B 428 27.65 -52.26 3.55
C CYS B 428 29.00 -52.26 4.24
N ILE B 429 29.10 -51.68 5.43
CA ILE B 429 30.25 -51.87 6.30
C ILE B 429 29.84 -52.52 7.63
N GLU B 430 28.62 -52.27 8.10
CA GLU B 430 27.98 -53.06 9.14
C GLU B 430 28.01 -54.55 8.84
N THR B 431 27.49 -54.94 7.67
CA THR B 431 27.57 -56.35 7.28
C THR B 431 28.86 -56.68 6.57
N ASP B 432 29.70 -55.67 6.32
CA ASP B 432 31.09 -55.84 5.86
C ASP B 432 31.17 -56.60 4.54
N ARG B 433 30.72 -55.97 3.47
CA ARG B 433 30.71 -56.58 2.15
C ARG B 433 31.70 -55.84 1.27
N ASP B 434 32.42 -56.60 0.44
CA ASP B 434 33.30 -55.97 -0.54
C ASP B 434 32.45 -55.39 -1.67
N PHE B 435 32.04 -54.14 -1.52
CA PHE B 435 31.14 -53.53 -2.48
C PHE B 435 31.88 -53.07 -3.72
N ASN B 436 31.25 -53.31 -4.87
CA ASN B 436 31.87 -53.10 -6.17
C ASN B 436 31.67 -51.68 -6.67
N LEU B 437 30.84 -50.90 -5.97
CA LEU B 437 30.42 -49.52 -6.22
C LEU B 437 29.49 -49.36 -7.42
N ASN B 438 29.32 -50.41 -8.22
CA ASN B 438 28.57 -50.27 -9.45
C ASN B 438 27.09 -50.54 -9.25
N LEU B 439 26.73 -51.14 -8.14
CA LEU B 439 25.35 -51.07 -7.69
C LEU B 439 25.21 -50.04 -6.60
N ALA B 440 26.25 -49.26 -6.36
CA ALA B 440 26.22 -48.21 -5.35
C ALA B 440 26.00 -46.83 -5.96
N VAL B 441 25.85 -46.75 -7.28
CA VAL B 441 25.49 -45.50 -7.93
C VAL B 441 24.20 -45.77 -8.70
N LYS B 442 23.09 -45.36 -8.12
CA LYS B 442 21.84 -45.28 -8.84
C LYS B 442 21.85 -43.94 -9.56
N SER B 443 22.40 -43.91 -10.77
CA SER B 443 22.71 -42.62 -11.38
C SER B 443 21.50 -41.97 -12.03
N THR B 444 20.27 -42.31 -11.62
CA THR B 444 19.13 -41.46 -11.90
C THR B 444 19.13 -40.19 -11.06
N THR B 445 20.04 -40.05 -10.10
CA THR B 445 20.11 -38.86 -9.26
C THR B 445 20.38 -37.60 -10.08
N ILE B 446 21.58 -37.48 -10.64
CA ILE B 446 21.97 -36.22 -11.22
C ILE B 446 21.35 -36.04 -12.60
N THR B 447 21.16 -37.15 -13.30
CA THR B 447 20.46 -37.07 -14.57
C THR B 447 19.01 -36.66 -14.37
N SER B 448 18.34 -37.23 -13.36
CA SER B 448 16.95 -36.86 -13.10
C SER B 448 16.84 -35.42 -12.62
N GLY B 449 17.82 -34.96 -11.83
CA GLY B 449 17.80 -33.59 -11.34
C GLY B 449 17.99 -32.55 -12.43
N LEU B 450 19.05 -32.70 -13.23
CA LEU B 450 19.31 -31.73 -14.28
C LEU B 450 18.23 -31.78 -15.34
N LYS B 451 17.62 -32.95 -15.53
CA LYS B 451 16.59 -33.07 -16.52
C LYS B 451 15.32 -32.35 -16.09
N TYR B 452 14.96 -32.43 -14.81
CA TYR B 452 13.79 -31.64 -14.38
C TYR B 452 14.12 -30.16 -14.31
N SER B 453 15.33 -29.84 -13.89
CA SER B 453 15.67 -28.46 -13.60
C SER B 453 15.99 -27.67 -14.87
N LEU B 454 16.06 -28.34 -16.01
CA LEU B 454 15.94 -27.58 -17.24
C LEU B 454 14.61 -27.84 -17.92
N ALA B 455 13.84 -28.82 -17.44
CA ALA B 455 12.54 -29.06 -18.01
C ALA B 455 11.57 -27.95 -17.69
N THR B 456 11.46 -27.60 -16.43
CA THR B 456 10.66 -26.44 -16.09
C THR B 456 11.48 -25.30 -15.53
N GLY B 457 12.74 -25.52 -15.19
CA GLY B 457 13.54 -24.42 -14.74
C GLY B 457 13.28 -23.95 -13.34
N ASN B 458 12.39 -24.61 -12.60
CA ASN B 458 12.19 -24.27 -11.20
C ASN B 458 13.45 -24.66 -10.47
N TRP B 459 14.34 -23.69 -10.35
CA TRP B 459 15.76 -23.95 -10.30
C TRP B 459 16.14 -24.43 -8.90
N GLY B 460 16.43 -25.71 -8.83
CA GLY B 460 16.91 -26.28 -7.59
C GLY B 460 16.58 -27.76 -7.55
N GLU B 461 16.86 -28.36 -6.41
CA GLU B 461 16.28 -29.66 -6.12
C GLU B 461 14.78 -29.51 -6.10
N GLN B 462 14.07 -30.52 -6.62
CA GLN B 462 12.62 -30.42 -6.72
C GLN B 462 11.99 -30.33 -5.33
N LYS B 463 12.64 -30.94 -4.33
CA LYS B 463 12.26 -30.71 -2.94
C LYS B 463 12.88 -29.45 -2.36
N LYS B 464 13.24 -28.49 -3.20
CA LYS B 464 13.27 -27.09 -2.84
C LYS B 464 12.49 -26.28 -3.86
N ALA B 465 11.27 -26.73 -4.18
CA ALA B 465 10.49 -26.18 -5.28
C ALA B 465 10.20 -24.70 -5.12
N MET B 466 9.49 -24.31 -4.07
CA MET B 466 9.37 -22.88 -3.82
C MET B 466 10.64 -22.39 -3.14
N SER B 467 10.64 -21.08 -2.83
CA SER B 467 11.79 -20.31 -2.38
C SER B 467 12.92 -20.45 -3.38
N SER B 468 12.57 -20.52 -4.66
CA SER B 468 13.57 -20.77 -5.68
C SER B 468 13.33 -19.84 -6.87
N ARG B 469 14.42 -19.39 -7.47
CA ARG B 469 14.34 -18.45 -8.57
C ARG B 469 13.72 -19.11 -9.80
N ALA B 470 12.45 -18.81 -10.02
CA ALA B 470 11.62 -19.53 -10.96
C ALA B 470 11.84 -19.02 -12.37
N GLY B 471 11.55 -19.87 -13.34
CA GLY B 471 11.72 -19.53 -14.74
C GLY B 471 13.15 -19.24 -15.18
N VAL B 472 14.11 -20.13 -14.90
CA VAL B 472 15.46 -19.91 -15.41
C VAL B 472 15.51 -20.18 -16.90
N SER B 473 15.08 -21.35 -17.31
CA SER B 473 15.26 -21.76 -18.69
C SER B 473 13.93 -21.81 -19.40
N GLN B 474 13.97 -21.55 -20.70
CA GLN B 474 12.77 -21.25 -21.44
C GLN B 474 12.70 -22.10 -22.68
N VAL B 475 11.47 -22.39 -23.09
CA VAL B 475 11.20 -22.87 -24.44
C VAL B 475 11.85 -21.92 -25.42
N LEU B 476 12.74 -22.44 -26.26
CA LEU B 476 13.29 -21.57 -27.28
C LEU B 476 12.21 -21.31 -28.30
N ASN B 477 12.17 -20.10 -28.84
CA ASN B 477 11.11 -19.78 -29.77
C ASN B 477 11.63 -19.82 -31.20
N ARG B 478 10.94 -20.57 -32.05
CA ARG B 478 11.24 -20.67 -33.47
C ARG B 478 10.10 -20.14 -34.31
N TYR B 479 9.66 -18.91 -34.08
CA TYR B 479 8.60 -18.39 -34.94
C TYR B 479 9.19 -17.70 -36.15
N THR B 480 10.19 -16.85 -35.96
CA THR B 480 11.06 -16.50 -37.08
C THR B 480 12.49 -16.37 -36.60
N TYR B 481 13.35 -16.07 -37.56
CA TYR B 481 14.79 -16.22 -37.39
C TYR B 481 15.37 -15.15 -36.47
N SER B 482 14.99 -13.89 -36.69
CA SER B 482 15.53 -12.82 -35.86
C SER B 482 15.05 -12.93 -34.43
N SER B 483 13.84 -13.48 -34.25
CA SER B 483 13.28 -13.69 -32.93
C SER B 483 14.15 -14.60 -32.10
N THR B 484 14.58 -15.68 -32.71
CA THR B 484 15.53 -16.55 -32.08
C THR B 484 16.85 -15.84 -31.87
N LEU B 485 17.25 -14.98 -32.80
CA LEU B 485 18.54 -14.32 -32.66
C LEU B 485 18.58 -13.39 -31.46
N SER B 486 17.46 -12.78 -31.13
CA SER B 486 17.45 -11.99 -29.90
C SER B 486 17.35 -12.90 -28.70
N HIS B 487 16.46 -13.89 -28.78
CA HIS B 487 16.03 -14.65 -27.62
C HIS B 487 17.13 -15.52 -27.05
N LEU B 488 18.14 -15.83 -27.86
CA LEU B 488 19.34 -16.48 -27.35
C LEU B 488 20.26 -15.54 -26.61
N ARG B 489 19.92 -14.27 -26.50
CA ARG B 489 20.85 -13.31 -25.91
C ARG B 489 20.28 -12.71 -24.65
N ARG B 490 19.03 -13.02 -24.37
CA ARG B 490 18.23 -12.23 -23.44
C ARG B 490 18.67 -12.42 -22.00
N THR B 491 18.70 -11.33 -21.23
CA THR B 491 18.88 -11.37 -19.79
C THR B 491 17.56 -11.07 -19.09
N ASN B 492 17.43 -11.50 -17.84
CA ASN B 492 16.24 -11.26 -17.03
C ASN B 492 16.69 -10.79 -15.65
N THR B 493 15.80 -10.14 -14.92
CA THR B 493 16.19 -9.51 -13.66
C THR B 493 15.32 -10.00 -12.52
N PRO B 494 15.91 -10.53 -11.46
CA PRO B 494 15.17 -10.95 -10.27
C PRO B 494 15.08 -9.87 -9.20
N ILE B 495 14.29 -8.84 -9.43
CA ILE B 495 13.73 -8.13 -8.27
C ILE B 495 12.43 -8.78 -7.86
N GLY B 496 11.98 -9.74 -8.67
CA GLY B 496 10.65 -10.27 -8.52
C GLY B 496 9.76 -9.24 -9.16
N ARG B 497 8.57 -9.04 -8.60
CA ARG B 497 7.75 -7.92 -9.03
C ARG B 497 7.24 -7.21 -7.78
N ASP B 498 7.82 -7.55 -6.62
CA ASP B 498 7.42 -6.95 -5.35
C ASP B 498 8.20 -5.66 -5.12
N GLY B 499 7.55 -4.54 -5.35
CA GLY B 499 8.19 -3.24 -5.42
C GLY B 499 7.97 -2.64 -6.80
N LYS B 500 7.13 -1.62 -6.87
CA LYS B 500 6.73 -1.06 -8.17
C LYS B 500 7.73 0.00 -8.65
N LEU B 501 8.90 0.03 -8.01
CA LEU B 501 9.87 1.13 -7.97
C LEU B 501 10.36 1.43 -9.39
N ALA B 502 10.43 2.71 -9.77
CA ALA B 502 10.78 3.06 -11.13
C ALA B 502 12.25 3.39 -11.21
N LYS B 503 12.97 3.23 -10.11
CA LYS B 503 14.42 3.37 -10.21
C LYS B 503 15.07 2.15 -10.85
N PRO B 504 14.74 0.90 -10.51
CA PRO B 504 15.33 -0.20 -11.30
C PRO B 504 14.73 -0.35 -12.68
N ARG B 505 13.64 0.32 -13.01
CA ARG B 505 13.11 0.19 -14.36
C ARG B 505 13.60 1.28 -15.31
N GLN B 506 14.37 2.26 -14.82
CA GLN B 506 14.88 3.34 -15.66
C GLN B 506 15.90 2.84 -16.66
N LEU B 507 15.93 3.51 -17.78
CA LEU B 507 17.02 3.29 -18.73
C LEU B 507 18.22 4.05 -18.21
N HIS B 508 18.91 3.48 -17.22
CA HIS B 508 19.93 4.24 -16.53
C HIS B 508 21.23 4.26 -17.30
N ASN B 509 21.92 5.40 -17.24
CA ASN B 509 22.65 5.88 -18.39
C ASN B 509 24.06 5.34 -18.47
N THR B 510 24.31 4.26 -17.80
CA THR B 510 25.39 3.36 -18.10
C THR B 510 25.16 2.51 -19.33
N HIS B 511 23.98 2.58 -19.94
CA HIS B 511 23.56 1.62 -20.94
C HIS B 511 24.11 1.87 -22.33
N TRP B 512 25.19 2.62 -22.46
CA TRP B 512 25.58 2.96 -23.81
C TRP B 512 26.32 1.80 -24.43
N GLY B 513 25.61 1.08 -25.30
CA GLY B 513 26.13 -0.03 -26.05
C GLY B 513 26.13 -1.35 -25.34
N LEU B 514 25.46 -1.46 -24.20
CA LEU B 514 25.51 -2.68 -23.42
C LEU B 514 24.19 -3.42 -23.43
N VAL B 515 23.09 -2.70 -23.49
CA VAL B 515 21.76 -3.26 -23.62
C VAL B 515 21.04 -2.49 -24.69
N CYS B 516 19.77 -2.75 -24.84
CA CYS B 516 19.05 -2.14 -25.93
C CYS B 516 18.13 -1.03 -25.45
N PRO B 517 18.39 0.21 -25.83
CA PRO B 517 17.45 1.29 -25.51
C PRO B 517 16.14 1.20 -26.26
N ALA B 518 16.05 0.38 -27.29
CA ALA B 518 14.74 0.16 -27.85
C ALA B 518 14.06 -1.02 -27.21
N GLU B 519 14.64 -2.21 -27.31
CA GLU B 519 13.89 -3.44 -27.07
C GLU B 519 13.71 -3.61 -25.58
N THR B 520 12.46 -3.86 -25.20
CA THR B 520 11.97 -4.35 -23.95
C THR B 520 10.50 -4.58 -24.22
N PRO B 521 9.89 -5.61 -23.66
CA PRO B 521 8.49 -5.89 -23.95
C PRO B 521 7.55 -4.81 -23.44
N GLU B 522 6.30 -4.90 -23.88
CA GLU B 522 5.26 -4.05 -23.31
C GLU B 522 4.73 -4.65 -22.02
N GLY B 523 4.73 -3.85 -20.97
CA GLY B 523 4.02 -4.21 -19.75
C GLY B 523 4.87 -4.66 -18.58
N GLN B 524 4.53 -5.84 -18.04
CA GLN B 524 5.02 -6.28 -16.74
C GLN B 524 6.52 -6.46 -16.72
N ALA B 525 7.09 -6.78 -17.86
CA ALA B 525 8.52 -6.98 -17.95
C ALA B 525 9.28 -5.68 -18.05
N CYS B 526 8.61 -4.55 -18.32
CA CYS B 526 9.32 -3.40 -18.85
C CYS B 526 10.20 -2.77 -17.80
N GLY B 527 11.38 -2.35 -18.23
CA GLY B 527 12.41 -1.91 -17.31
C GLY B 527 13.32 -3.01 -16.80
N LEU B 528 12.84 -4.25 -16.77
CA LEU B 528 13.68 -5.35 -16.35
C LEU B 528 14.54 -5.89 -17.47
N VAL B 529 13.90 -6.29 -18.55
CA VAL B 529 14.40 -7.31 -19.46
C VAL B 529 15.39 -6.71 -20.43
N LYS B 530 16.64 -7.14 -20.33
CA LYS B 530 17.71 -6.45 -21.05
C LYS B 530 18.36 -7.37 -22.06
N ASN B 531 18.28 -6.98 -23.32
CA ASN B 531 18.77 -7.77 -24.45
C ASN B 531 20.20 -7.37 -24.67
N LEU B 532 21.12 -8.33 -24.63
CA LEU B 532 22.51 -7.95 -24.75
C LEU B 532 22.80 -7.43 -26.14
N SER B 533 23.52 -6.30 -26.18
CA SER B 533 23.63 -5.48 -27.37
C SER B 533 24.44 -6.15 -28.45
N LEU B 534 24.43 -5.50 -29.60
CA LEU B 534 25.11 -6.05 -30.76
C LEU B 534 26.61 -5.86 -30.65
N LEU B 535 27.07 -5.17 -29.61
CA LEU B 535 28.44 -5.29 -29.16
C LEU B 535 28.56 -5.78 -27.72
N SER B 536 27.85 -6.84 -27.38
CA SER B 536 28.05 -7.44 -26.08
C SER B 536 29.01 -8.61 -26.17
N GLY B 537 29.79 -8.77 -25.13
CA GLY B 537 30.52 -10.00 -24.93
C GLY B 537 30.57 -10.31 -23.45
N ILE B 538 30.61 -11.59 -23.13
CA ILE B 538 30.50 -12.06 -21.75
C ILE B 538 31.87 -12.54 -21.29
N SER B 539 32.38 -11.91 -20.24
CA SER B 539 33.73 -12.20 -19.77
C SER B 539 33.75 -13.46 -18.91
N ILE B 540 34.71 -14.33 -19.20
CA ILE B 540 34.56 -15.72 -18.80
C ILE B 540 34.83 -15.94 -17.33
N GLY B 541 35.95 -15.48 -16.83
CA GLY B 541 36.38 -15.98 -15.55
C GLY B 541 37.79 -16.48 -15.79
N SER B 542 38.72 -15.95 -15.02
CA SER B 542 40.10 -15.93 -15.45
C SER B 542 40.96 -16.08 -14.21
N PRO B 543 42.16 -16.64 -14.33
CA PRO B 543 43.05 -16.72 -13.17
C PRO B 543 43.47 -15.35 -12.70
N SER B 544 43.01 -15.00 -11.51
CA SER B 544 43.40 -13.73 -10.93
C SER B 544 44.82 -13.77 -10.44
N GLU B 545 45.38 -14.96 -10.19
CA GLU B 545 46.72 -15.07 -9.64
C GLU B 545 47.84 -14.46 -10.49
N PRO B 546 47.90 -14.62 -11.82
CA PRO B 546 48.94 -13.89 -12.55
C PRO B 546 48.73 -12.41 -12.54
N ILE B 547 47.49 -11.95 -12.37
CA ILE B 547 47.25 -10.52 -12.28
C ILE B 547 47.87 -10.00 -11.00
N ILE B 548 47.75 -10.78 -9.92
CA ILE B 548 48.44 -10.50 -8.65
C ILE B 548 49.94 -10.45 -8.89
N ASN B 549 50.43 -11.34 -9.75
CA ASN B 549 51.84 -11.33 -10.07
C ASN B 549 52.21 -10.11 -10.88
N PHE B 550 51.29 -9.61 -11.70
CA PHE B 550 51.55 -8.36 -12.41
C PHE B 550 51.58 -7.19 -11.46
N LEU B 551 50.80 -7.29 -10.40
CA LEU B 551 50.79 -6.23 -9.41
C LEU B 551 52.10 -6.19 -8.65
N GLU B 552 52.48 -7.32 -8.05
CA GLU B 552 53.73 -7.35 -7.28
C GLU B 552 54.95 -7.41 -8.19
N GLU B 553 54.71 -7.49 -9.50
CA GLU B 553 55.76 -7.51 -10.49
C GLU B 553 56.38 -6.14 -10.70
N TRP B 554 55.78 -5.09 -10.13
CA TRP B 554 56.29 -3.73 -10.29
C TRP B 554 56.51 -3.00 -8.97
N GLY B 555 56.63 -3.74 -7.87
CA GLY B 555 56.78 -3.10 -6.58
C GLY B 555 55.51 -2.59 -5.95
N MET B 556 54.38 -3.28 -6.12
CA MET B 556 53.22 -3.02 -5.29
C MET B 556 53.56 -3.36 -3.85
N GLU B 557 53.10 -2.54 -2.93
CA GLU B 557 53.61 -2.78 -1.61
C GLU B 557 52.58 -3.53 -0.78
N PRO B 558 53.01 -4.44 0.10
CA PRO B 558 52.06 -5.29 0.82
C PRO B 558 51.27 -4.54 1.89
N LEU B 559 50.30 -5.26 2.46
CA LEU B 559 49.35 -4.67 3.40
C LEU B 559 49.88 -4.55 4.81
N GLU B 560 50.92 -5.30 5.16
CA GLU B 560 51.41 -5.29 6.54
C GLU B 560 52.40 -4.16 6.83
N ASP B 561 52.94 -3.51 5.79
CA ASP B 561 53.79 -2.33 5.97
C ASP B 561 52.99 -1.05 5.92
N TYR B 562 51.69 -1.13 6.18
CA TYR B 562 50.79 -0.03 5.90
C TYR B 562 50.54 0.80 7.15
N ASP B 563 50.88 2.08 7.06
CA ASP B 563 50.53 3.07 8.06
C ASP B 563 49.99 4.26 7.28
N PRO B 564 48.70 4.57 7.42
CA PRO B 564 48.15 5.71 6.66
C PRO B 564 48.67 7.05 7.11
N ALA B 565 49.20 7.16 8.33
CA ALA B 565 49.89 8.38 8.71
C ALA B 565 51.28 8.43 8.10
N GLN B 566 51.89 7.28 7.86
CA GLN B 566 53.13 7.26 7.10
C GLN B 566 52.86 7.49 5.61
N HIS B 567 51.79 6.91 5.09
CA HIS B 567 51.42 7.10 3.69
C HIS B 567 49.92 7.36 3.57
N THR B 568 49.59 8.63 3.48
CA THR B 568 48.21 9.06 3.28
C THR B 568 47.82 9.11 1.82
N LYS B 569 48.79 9.06 0.91
CA LYS B 569 48.54 9.37 -0.48
C LYS B 569 48.75 8.17 -1.38
N SER B 570 49.07 7.00 -0.83
CA SER B 570 49.22 5.81 -1.63
C SER B 570 47.88 5.35 -2.21
N THR B 571 47.97 4.53 -3.25
CA THR B 571 46.80 4.12 -4.02
C THR B 571 46.42 2.68 -3.71
N ARG B 572 45.19 2.52 -3.24
CA ARG B 572 44.73 1.27 -2.66
C ARG B 572 43.96 0.47 -3.69
N ILE B 573 44.38 -0.78 -3.89
CA ILE B 573 44.20 -1.47 -5.15
C ILE B 573 43.35 -2.71 -4.95
N PHE B 574 42.30 -2.83 -5.75
CA PHE B 574 41.35 -3.92 -5.62
C PHE B 574 41.53 -4.96 -6.71
N VAL B 575 41.38 -6.22 -6.30
CA VAL B 575 41.33 -7.36 -7.20
C VAL B 575 40.05 -8.06 -6.87
N ASN B 576 38.97 -7.69 -7.58
CA ASN B 576 37.68 -8.40 -7.56
C ASN B 576 36.98 -8.29 -6.21
N GLY B 577 37.50 -7.47 -5.30
CA GLY B 577 36.94 -7.35 -3.97
C GLY B 577 37.90 -7.52 -2.83
N VAL B 578 39.17 -7.78 -3.06
CA VAL B 578 40.18 -7.75 -2.01
C VAL B 578 41.13 -6.59 -2.23
N TRP B 579 41.21 -5.72 -1.25
CA TRP B 579 42.28 -4.75 -1.26
C TRP B 579 43.56 -5.48 -0.90
N THR B 580 44.57 -5.35 -1.73
CA THR B 580 45.75 -6.17 -1.63
C THR B 580 47.01 -5.39 -1.34
N GLY B 581 46.99 -4.07 -1.44
CA GLY B 581 48.19 -3.32 -1.15
C GLY B 581 48.03 -1.86 -1.49
N ILE B 582 49.16 -1.18 -1.52
CA ILE B 582 49.17 0.24 -1.84
C ILE B 582 50.32 0.51 -2.81
N HIS B 583 50.26 1.65 -3.49
CA HIS B 583 51.36 2.14 -4.30
C HIS B 583 51.19 3.63 -4.51
N ARG B 584 52.28 4.31 -4.87
CA ARG B 584 52.24 5.75 -5.06
C ARG B 584 51.74 6.18 -6.43
N ASP B 585 52.31 5.69 -7.52
CA ASP B 585 52.03 6.23 -8.85
C ASP B 585 51.28 5.17 -9.65
N PRO B 586 49.99 5.37 -9.87
CA PRO B 586 49.27 4.45 -10.74
C PRO B 586 49.52 4.70 -12.21
N SER B 587 50.08 5.85 -12.61
CA SER B 587 50.05 6.22 -14.02
C SER B 587 51.00 5.39 -14.86
N MET B 588 52.23 5.19 -14.38
CA MET B 588 53.16 4.33 -15.09
C MET B 588 52.66 2.90 -15.13
N LEU B 589 51.99 2.49 -14.06
CA LEU B 589 51.52 1.11 -13.99
C LEU B 589 50.35 0.89 -14.93
N VAL B 590 49.43 1.85 -15.02
CA VAL B 590 48.31 1.67 -15.93
C VAL B 590 48.77 1.81 -17.36
N SER B 591 49.86 2.56 -17.59
CA SER B 591 50.48 2.54 -18.91
C SER B 591 50.98 1.15 -19.26
N THR B 592 51.74 0.54 -18.33
CA THR B 592 52.32 -0.78 -18.59
C THR B 592 51.26 -1.85 -18.74
N MET B 593 50.29 -1.88 -17.83
CA MET B 593 49.28 -2.93 -17.86
C MET B 593 48.29 -2.72 -18.99
N ARG B 594 47.96 -1.47 -19.27
CA ARG B 594 47.04 -1.21 -20.36
C ARG B 594 47.70 -1.56 -21.68
N ASP B 595 49.01 -1.35 -21.79
CA ASP B 595 49.72 -1.77 -22.99
C ASP B 595 49.99 -3.28 -22.98
N LEU B 596 49.89 -3.93 -21.84
CA LEU B 596 50.04 -5.38 -21.85
C LEU B 596 48.72 -6.05 -22.17
N ARG B 597 47.62 -5.35 -21.99
CA ARG B 597 46.37 -5.81 -22.59
C ARG B 597 46.30 -5.42 -24.07
N ARG B 598 46.93 -4.31 -24.42
CA ARG B 598 47.11 -3.96 -25.83
C ARG B 598 48.10 -4.88 -26.54
N SER B 599 48.91 -5.62 -25.79
CA SER B 599 49.74 -6.67 -26.34
C SER B 599 49.12 -8.04 -26.17
N GLY B 600 48.90 -8.48 -24.93
CA GLY B 600 48.34 -9.80 -24.66
C GLY B 600 49.01 -10.59 -23.56
N ALA B 601 49.73 -9.93 -22.66
CA ALA B 601 50.27 -10.64 -21.50
C ALA B 601 49.17 -11.06 -20.54
N ILE B 602 48.08 -10.32 -20.54
CA ILE B 602 46.89 -10.59 -19.73
C ILE B 602 45.92 -11.33 -20.63
N SER B 603 44.90 -11.94 -20.04
CA SER B 603 43.68 -12.16 -20.79
C SER B 603 43.23 -10.83 -21.36
N PRO B 604 42.97 -10.76 -22.66
CA PRO B 604 42.48 -9.50 -23.22
C PRO B 604 41.01 -9.23 -22.93
N GLU B 605 40.31 -10.03 -22.12
CA GLU B 605 39.01 -9.57 -21.67
C GLU B 605 38.96 -9.18 -20.18
N VAL B 606 40.12 -9.00 -19.53
CA VAL B 606 40.18 -8.53 -18.14
C VAL B 606 40.19 -7.01 -18.12
N SER B 607 39.21 -6.42 -17.45
CA SER B 607 39.11 -4.97 -17.35
C SER B 607 40.05 -4.41 -16.29
N ILE B 608 41.22 -3.97 -16.71
CA ILE B 608 42.10 -3.15 -15.90
C ILE B 608 41.62 -1.73 -16.04
N ILE B 609 41.19 -1.15 -14.94
CA ILE B 609 40.41 0.09 -14.92
C ILE B 609 41.05 1.01 -13.90
N ARG B 610 41.32 2.25 -14.30
CA ARG B 610 41.93 3.22 -13.39
C ARG B 610 40.87 4.18 -12.89
N ASP B 611 40.99 4.58 -11.63
CA ASP B 611 40.45 5.83 -11.14
C ASP B 611 41.64 6.62 -10.60
N ILE B 612 41.48 7.94 -10.55
CA ILE B 612 42.49 8.79 -9.93
C ILE B 612 41.91 9.48 -8.70
N ARG B 613 40.58 9.59 -8.65
CA ARG B 613 39.89 10.38 -7.63
C ARG B 613 40.02 9.78 -6.24
N GLU B 614 39.83 8.46 -6.12
CA GLU B 614 39.80 7.85 -4.80
C GLU B 614 41.18 7.55 -4.26
N ARG B 615 42.24 7.84 -5.01
CA ARG B 615 43.56 7.20 -4.86
C ARG B 615 43.38 5.69 -4.77
N GLU B 616 42.68 5.15 -5.76
CA GLU B 616 42.34 3.73 -5.86
C GLU B 616 42.36 3.33 -7.32
N PHE B 617 42.47 2.03 -7.55
CA PHE B 617 42.69 1.47 -8.87
C PHE B 617 42.30 0.01 -8.85
N LYS B 618 41.30 -0.35 -9.63
CA LYS B 618 40.70 -1.67 -9.51
C LYS B 618 41.08 -2.53 -10.71
N ILE B 619 41.12 -3.83 -10.49
CA ILE B 619 41.14 -4.80 -11.57
C ILE B 619 40.07 -5.82 -11.30
N PHE B 620 39.02 -5.79 -12.10
CA PHE B 620 38.05 -6.86 -12.09
C PHE B 620 38.60 -7.94 -13.00
N THR B 621 38.43 -9.20 -12.61
CA THR B 621 38.53 -10.35 -13.52
C THR B 621 37.25 -11.15 -13.51
N ASP B 622 36.16 -10.56 -13.03
CA ASP B 622 35.05 -11.32 -12.51
C ASP B 622 34.24 -11.92 -13.64
N VAL B 623 33.50 -12.94 -13.31
CA VAL B 623 32.65 -13.61 -14.28
C VAL B 623 31.41 -12.76 -14.51
N GLY B 624 30.97 -12.70 -15.75
CA GLY B 624 29.73 -12.05 -16.06
C GLY B 624 29.77 -10.54 -16.13
N ARG B 625 30.93 -9.95 -16.42
CA ARG B 625 30.96 -8.53 -16.71
C ARG B 625 30.59 -8.32 -18.16
N VAL B 626 29.73 -7.36 -18.41
CA VAL B 626 29.30 -7.03 -19.75
C VAL B 626 30.30 -6.03 -20.33
N TYR B 627 31.15 -6.49 -21.25
CA TYR B 627 32.14 -5.58 -21.83
C TYR B 627 31.67 -5.11 -23.20
N ARG B 628 32.42 -4.17 -23.77
CA ARG B 628 32.15 -3.73 -25.12
C ARG B 628 33.44 -3.18 -25.72
N PRO B 629 33.58 -3.20 -27.03
CA PRO B 629 34.78 -2.67 -27.66
C PRO B 629 34.61 -1.22 -28.10
N LEU B 630 35.75 -0.53 -28.19
CA LEU B 630 35.80 0.82 -28.74
C LEU B 630 37.06 0.95 -29.59
N PHE B 631 37.01 1.83 -30.58
CA PHE B 631 38.23 2.15 -31.29
C PHE B 631 39.18 2.90 -30.37
N ILE B 632 40.38 2.36 -30.21
CA ILE B 632 41.38 2.99 -29.37
C ILE B 632 41.83 4.26 -30.06
N VAL B 633 41.38 5.38 -29.57
CA VAL B 633 41.91 6.65 -29.99
C VAL B 633 43.29 6.75 -29.39
N GLU B 634 44.25 7.21 -30.18
CA GLU B 634 45.55 7.45 -29.63
C GLU B 634 45.45 8.65 -28.73
N ASP B 635 45.20 8.38 -27.48
CA ASP B 635 44.98 9.38 -26.46
C ASP B 635 46.23 10.06 -25.97
N ASP B 636 47.35 9.91 -26.67
CA ASP B 636 48.62 10.29 -26.07
C ASP B 636 49.34 11.26 -27.00
N GLU B 637 49.73 12.42 -26.47
CA GLU B 637 50.61 13.31 -27.22
C GLU B 637 52.04 12.80 -27.12
N SER B 638 52.34 11.81 -27.96
CA SER B 638 53.69 11.31 -28.15
C SER B 638 54.04 11.29 -29.63
N LYS B 639 53.03 11.12 -30.49
CA LYS B 639 53.26 11.09 -31.92
C LYS B 639 52.02 11.63 -32.60
N ASP B 640 52.05 11.61 -33.92
CA ASP B 640 51.04 12.31 -34.69
C ASP B 640 49.72 11.56 -34.74
N ASN B 641 49.66 10.35 -34.19
CA ASN B 641 48.40 9.63 -34.13
C ASN B 641 47.43 10.24 -33.12
N LYS B 642 47.91 11.19 -32.30
CA LYS B 642 47.11 11.77 -31.23
C LYS B 642 45.89 12.47 -31.80
N GLY B 643 44.75 12.19 -31.17
CA GLY B 643 43.46 12.58 -31.68
C GLY B 643 42.91 11.67 -32.76
N GLU B 644 43.77 11.07 -33.54
CA GLU B 644 43.35 10.27 -34.68
C GLU B 644 43.01 8.89 -34.17
N LEU B 645 42.47 8.09 -35.07
CA LEU B 645 42.26 6.68 -34.77
C LEU B 645 43.54 5.90 -35.00
N ARG B 646 43.80 4.90 -34.16
CA ARG B 646 44.99 4.09 -34.36
C ARG B 646 44.82 3.14 -35.52
N ILE B 647 43.58 2.83 -35.87
CA ILE B 647 43.29 1.92 -36.96
C ILE B 647 43.68 2.52 -38.30
N THR B 648 44.60 1.84 -39.00
CA THR B 648 45.19 2.31 -40.24
C THR B 648 44.44 1.67 -41.39
N LYS B 649 44.73 2.12 -42.62
CA LYS B 649 44.13 1.41 -43.75
C LYS B 649 44.89 0.16 -44.11
N GLU B 650 46.13 0.02 -43.65
CA GLU B 650 46.89 -1.20 -43.89
C GLU B 650 46.21 -2.38 -43.22
N HIS B 651 45.66 -2.14 -42.03
CA HIS B 651 44.89 -3.17 -41.35
C HIS B 651 43.62 -3.50 -42.13
N ILE B 652 43.06 -2.52 -42.82
CA ILE B 652 41.86 -2.76 -43.59
C ILE B 652 42.16 -3.65 -44.80
N ARG B 653 43.27 -3.37 -45.47
CA ARG B 653 43.70 -4.23 -46.57
C ARG B 653 44.03 -5.62 -46.07
N LYS B 654 44.58 -5.71 -44.85
CA LYS B 654 44.86 -7.03 -44.29
C LYS B 654 43.58 -7.80 -44.04
N ILE B 655 42.53 -7.13 -43.58
CA ILE B 655 41.26 -7.84 -43.37
C ILE B 655 40.63 -8.20 -44.70
N GLN B 656 40.91 -7.42 -45.74
CA GLN B 656 40.37 -7.82 -47.04
C GLN B 656 41.22 -8.88 -47.73
N GLN B 657 42.42 -9.16 -47.24
CA GLN B 657 43.11 -10.33 -47.76
C GLN B 657 42.72 -11.60 -47.02
N GLY B 658 42.32 -11.48 -45.77
CA GLY B 658 42.08 -12.64 -44.96
C GLY B 658 43.30 -13.14 -44.22
N TYR B 659 44.47 -12.56 -44.48
CA TYR B 659 45.70 -12.98 -43.84
C TYR B 659 46.61 -11.78 -43.65
N ASP B 660 47.60 -11.97 -42.79
CA ASP B 660 48.63 -10.96 -42.69
C ASP B 660 49.79 -11.33 -43.59
N ASP B 661 50.45 -10.30 -44.10
CA ASP B 661 51.59 -10.46 -45.01
C ASP B 661 52.84 -10.92 -44.28
N ASP B 662 52.79 -12.18 -43.82
CA ASP B 662 53.90 -12.94 -43.24
C ASP B 662 54.52 -12.28 -42.00
N VAL B 675 47.11 -16.68 -40.42
CA VAL B 675 45.74 -16.28 -40.14
C VAL B 675 45.70 -14.91 -39.42
N TYR B 676 44.81 -14.04 -39.88
CA TYR B 676 44.67 -12.71 -39.31
C TYR B 676 43.19 -12.36 -39.22
N GLY B 677 42.56 -12.73 -38.11
CA GLY B 677 41.16 -12.43 -37.87
C GLY B 677 41.02 -11.44 -36.73
N TRP B 678 39.79 -11.37 -36.22
CA TRP B 678 39.44 -10.35 -35.23
C TRP B 678 40.24 -10.52 -33.95
N SER B 679 40.64 -11.76 -33.65
CA SER B 679 41.54 -12.03 -32.54
C SER B 679 42.85 -11.29 -32.63
N SER B 680 43.42 -11.16 -33.82
CA SER B 680 44.67 -10.43 -33.93
C SER B 680 44.45 -8.92 -33.84
N LEU B 681 43.25 -8.46 -34.17
CA LEU B 681 42.92 -7.07 -33.88
C LEU B 681 42.91 -6.82 -32.39
N VAL B 682 42.28 -7.71 -31.65
CA VAL B 682 42.23 -7.60 -30.20
C VAL B 682 43.62 -7.64 -29.61
N THR B 683 44.47 -8.52 -30.13
CA THR B 683 45.83 -8.61 -29.65
C THR B 683 46.79 -7.79 -30.49
N SER B 684 46.30 -6.74 -31.13
CA SER B 684 47.14 -5.83 -31.89
C SER B 684 47.30 -4.50 -31.20
N GLY B 685 46.31 -4.14 -30.38
CA GLY B 685 46.29 -2.83 -29.79
C GLY B 685 45.47 -1.83 -30.54
N VAL B 686 44.50 -2.27 -31.34
CA VAL B 686 43.66 -1.32 -32.04
C VAL B 686 42.30 -1.17 -31.39
N ILE B 687 41.88 -2.14 -30.59
CA ILE B 687 40.57 -2.14 -29.97
C ILE B 687 40.75 -2.68 -28.56
N GLU B 688 40.24 -1.94 -27.60
CA GLU B 688 40.33 -2.32 -26.21
C GLU B 688 38.92 -2.52 -25.69
N TYR B 689 38.79 -3.37 -24.72
CA TYR B 689 37.50 -3.64 -24.18
C TYR B 689 37.28 -2.80 -22.94
N VAL B 690 36.04 -2.38 -22.74
CA VAL B 690 35.60 -1.77 -21.49
C VAL B 690 34.26 -2.36 -21.09
N ASP B 691 34.11 -2.61 -19.80
CA ASP B 691 32.82 -2.87 -19.19
C ASP B 691 32.34 -1.60 -18.50
N GLY B 692 31.26 -1.76 -17.73
CA GLY B 692 30.55 -0.60 -17.21
C GLY B 692 31.33 0.18 -16.15
N GLU B 693 32.36 -0.42 -15.59
CA GLU B 693 33.16 0.32 -14.62
C GLU B 693 34.17 1.23 -15.32
N GLU B 694 34.73 0.80 -16.45
CA GLU B 694 35.66 1.72 -17.11
C GLU B 694 34.89 2.76 -17.92
N GLU B 695 33.58 2.53 -18.10
CA GLU B 695 32.72 3.52 -18.73
C GLU B 695 32.66 4.81 -17.91
N GLU B 696 32.93 4.70 -16.62
CA GLU B 696 33.13 5.86 -15.76
C GLU B 696 34.28 6.73 -16.22
N THR B 697 35.39 6.15 -16.65
CA THR B 697 36.62 6.90 -16.74
C THR B 697 37.11 7.10 -18.17
N ILE B 698 36.24 7.45 -19.09
CA ILE B 698 36.59 7.55 -20.50
C ILE B 698 36.13 8.89 -21.06
N MET B 699 36.36 9.07 -22.35
CA MET B 699 35.94 10.29 -23.02
C MET B 699 35.73 10.01 -24.49
N ILE B 700 34.48 10.04 -24.94
CA ILE B 700 34.15 9.52 -26.25
C ILE B 700 33.72 10.66 -27.17
N ALA B 701 34.13 10.60 -28.43
CA ALA B 701 33.38 11.27 -29.49
C ALA B 701 32.64 10.21 -30.29
N MET B 702 31.58 10.61 -30.99
CA MET B 702 30.72 9.59 -31.55
C MET B 702 31.23 9.03 -32.87
N THR B 703 31.52 9.88 -33.85
CA THR B 703 31.92 9.38 -35.15
C THR B 703 33.31 9.89 -35.45
N PRO B 704 34.07 9.17 -36.28
CA PRO B 704 35.44 9.60 -36.59
C PRO B 704 35.57 10.87 -37.43
N GLU B 705 34.47 11.49 -37.86
CA GLU B 705 34.62 12.85 -38.39
C GLU B 705 34.63 13.87 -37.28
N ASP B 706 34.34 13.47 -36.06
CA ASP B 706 34.33 14.42 -34.98
C ASP B 706 35.62 14.41 -34.20
N LEU B 707 36.54 13.51 -34.52
CA LEU B 707 37.82 13.53 -33.83
C LEU B 707 38.65 14.72 -34.23
N GLN B 708 38.83 14.96 -35.53
CA GLN B 708 39.36 16.23 -35.97
C GLN B 708 38.28 17.27 -35.84
N THR B 709 38.63 18.42 -35.28
CA THR B 709 37.64 19.47 -35.16
C THR B 709 37.41 20.10 -36.52
N ARG B 710 36.14 20.08 -36.94
CA ARG B 710 35.74 20.24 -38.33
C ARG B 710 35.49 21.70 -38.70
N SER B 711 35.03 21.89 -39.94
CA SER B 711 34.74 23.20 -40.49
C SER B 711 33.39 23.69 -40.00
N LEU B 719 28.74 28.15 -43.70
CA LEU B 719 28.06 26.88 -43.54
C LEU B 719 26.54 27.08 -43.61
N ASN B 720 25.84 26.68 -42.53
CA ASN B 720 24.38 26.78 -42.38
C ASN B 720 23.64 26.12 -43.53
N ASP B 721 23.74 24.79 -43.63
CA ASP B 721 22.97 24.01 -44.59
C ASP B 721 21.80 23.37 -43.84
N THR B 722 20.59 23.49 -44.40
CA THR B 722 19.42 22.96 -43.71
C THR B 722 19.08 21.54 -44.11
N ALA B 723 20.07 20.71 -44.41
CA ALA B 723 19.83 19.29 -44.60
C ALA B 723 20.44 18.45 -43.47
N LYS B 724 21.65 18.78 -43.06
CA LYS B 724 22.50 17.91 -42.25
C LYS B 724 22.03 17.90 -40.80
N ARG B 725 22.88 17.30 -39.95
CA ARG B 725 22.62 17.27 -38.51
C ARG B 725 23.73 17.99 -37.76
N ILE B 726 23.40 18.43 -36.56
CA ILE B 726 24.23 19.38 -35.84
C ILE B 726 24.90 18.70 -34.66
N LYS B 727 26.16 18.31 -34.84
CA LYS B 727 26.94 17.81 -33.71
C LYS B 727 27.26 18.97 -32.78
N PRO B 728 27.46 18.73 -31.49
CA PRO B 728 27.90 19.81 -30.60
C PRO B 728 29.35 20.21 -30.87
N GLU B 729 29.74 21.36 -30.35
CA GLU B 729 31.04 21.91 -30.69
C GLU B 729 32.16 21.23 -29.91
N MET B 730 31.91 20.92 -28.63
CA MET B 730 32.92 20.45 -27.66
C MET B 730 34.07 21.43 -27.53
N SER B 731 33.73 22.70 -27.34
CA SER B 731 34.70 23.77 -27.19
C SER B 731 35.03 24.06 -25.73
N THR B 732 34.63 23.19 -24.80
CA THR B 732 35.01 23.38 -23.41
C THR B 732 36.48 23.12 -23.19
N SER B 733 36.93 21.89 -23.39
CA SER B 733 38.36 21.59 -23.43
C SER B 733 38.91 22.02 -24.77
N SER B 734 39.80 23.00 -24.74
CA SER B 734 40.48 23.44 -25.96
C SER B 734 41.39 22.34 -26.49
N HIS B 735 41.98 21.56 -25.59
CA HIS B 735 42.91 20.51 -25.92
C HIS B 735 42.44 19.25 -25.23
N HIS B 736 41.48 18.55 -25.84
CA HIS B 736 40.95 17.31 -25.29
C HIS B 736 41.99 16.22 -25.31
N THR B 737 41.78 15.21 -24.48
CA THR B 737 42.43 13.93 -24.63
C THR B 737 41.31 12.91 -24.81
N PHE B 738 40.78 12.79 -26.02
CA PHE B 738 39.85 11.71 -26.29
C PHE B 738 40.58 10.39 -26.22
N THR B 739 40.00 9.43 -25.52
CA THR B 739 40.64 8.14 -25.43
C THR B 739 39.91 7.10 -26.24
N HIS B 740 38.67 7.35 -26.60
CA HIS B 740 37.86 6.34 -27.24
C HIS B 740 36.94 7.03 -28.23
N CYS B 741 36.72 6.38 -29.36
CA CYS B 741 35.70 6.82 -30.30
C CYS B 741 34.91 5.60 -30.70
N GLU B 742 33.61 5.78 -30.90
CA GLU B 742 32.75 4.66 -31.25
C GLU B 742 33.09 4.10 -32.61
N ILE B 743 33.03 2.77 -32.72
CA ILE B 743 33.12 2.13 -34.03
C ILE B 743 31.95 2.54 -34.89
N HIS B 744 30.76 2.31 -34.37
CA HIS B 744 29.62 2.83 -35.10
C HIS B 744 28.50 3.03 -34.12
N PRO B 745 27.70 4.09 -34.24
CA PRO B 745 26.63 4.31 -33.27
C PRO B 745 25.50 3.35 -33.41
N SER B 746 25.20 2.84 -34.60
CA SER B 746 24.08 1.90 -34.70
C SER B 746 24.40 0.55 -34.08
N MET B 747 25.63 0.37 -33.63
CA MET B 747 26.03 -0.65 -32.69
C MET B 747 25.67 -0.33 -31.25
N ILE B 748 24.84 0.66 -30.94
CA ILE B 748 24.34 0.69 -29.57
C ILE B 748 23.09 -0.13 -29.46
N LEU B 749 22.56 -0.62 -30.56
CA LEU B 749 21.24 -1.20 -30.53
C LEU B 749 21.28 -2.65 -30.05
N GLY B 750 20.10 -3.19 -29.80
CA GLY B 750 19.93 -4.61 -29.66
C GLY B 750 19.75 -5.26 -31.01
N VAL B 751 19.63 -6.59 -30.98
CA VAL B 751 19.52 -7.35 -32.21
C VAL B 751 18.17 -7.14 -32.88
N ALA B 752 17.10 -7.13 -32.11
CA ALA B 752 15.81 -6.79 -32.70
C ALA B 752 15.64 -5.28 -32.84
N ALA B 753 16.71 -4.50 -32.67
CA ALA B 753 16.64 -3.06 -32.84
C ALA B 753 17.40 -2.55 -34.05
N SER B 754 18.41 -3.28 -34.53
CA SER B 754 19.15 -2.80 -35.68
C SER B 754 18.43 -3.04 -36.97
N ILE B 755 17.39 -3.86 -36.94
CA ILE B 755 16.54 -4.09 -38.10
C ILE B 755 15.86 -2.83 -38.57
N ILE B 756 15.64 -1.89 -37.69
CA ILE B 756 14.66 -0.83 -37.95
C ILE B 756 15.29 0.21 -38.88
N PRO B 757 14.61 0.61 -39.94
CA PRO B 757 15.16 1.61 -40.85
C PRO B 757 15.10 2.99 -40.22
N PHE B 758 16.27 3.60 -40.05
CA PHE B 758 16.45 4.89 -39.41
C PHE B 758 15.77 4.97 -38.05
N PRO B 759 16.31 4.38 -37.01
CA PRO B 759 15.68 4.54 -35.70
C PRO B 759 15.79 5.95 -35.16
N ASP B 760 16.67 6.75 -35.72
CA ASP B 760 16.95 8.08 -35.26
C ASP B 760 16.04 9.15 -35.84
N HIS B 761 14.82 8.81 -36.22
CA HIS B 761 13.83 9.80 -36.61
C HIS B 761 12.44 9.44 -36.09
N ASN B 762 12.29 9.05 -34.82
CA ASN B 762 11.01 8.57 -34.30
C ASN B 762 10.77 8.96 -32.85
N GLN B 763 9.55 8.71 -32.39
CA GLN B 763 9.24 8.82 -30.97
C GLN B 763 9.47 7.50 -30.28
N SER B 764 10.42 7.49 -29.35
CA SER B 764 11.06 6.25 -28.92
C SER B 764 10.17 5.14 -28.36
N PRO B 765 8.94 5.37 -27.87
CA PRO B 765 8.05 4.23 -27.66
C PRO B 765 7.73 3.45 -28.92
N ARG B 766 7.72 4.09 -30.08
CA ARG B 766 7.51 3.31 -31.29
C ARG B 766 8.76 2.53 -31.66
N ASN B 767 9.94 2.96 -31.22
CA ASN B 767 11.12 2.14 -31.42
C ASN B 767 11.04 0.89 -30.58
N THR B 768 10.63 1.05 -29.34
CA THR B 768 10.45 -0.10 -28.46
C THR B 768 9.37 -1.03 -28.98
N TYR B 769 8.30 -0.47 -29.55
CA TYR B 769 7.24 -1.31 -30.11
C TYR B 769 7.73 -2.10 -31.31
N GLN B 770 8.48 -1.46 -32.20
CA GLN B 770 8.98 -2.16 -33.38
C GLN B 770 9.97 -3.24 -33.01
N SER B 771 10.80 -3.00 -31.99
CA SER B 771 11.70 -4.05 -31.56
C SER B 771 10.95 -5.19 -30.90
N ALA B 772 9.85 -4.89 -30.21
CA ALA B 772 9.07 -5.96 -29.60
C ALA B 772 7.96 -6.45 -30.50
N MET B 773 7.99 -6.06 -31.76
CA MET B 773 7.14 -6.73 -32.74
C MET B 773 7.96 -7.46 -33.77
N GLY B 774 9.24 -7.07 -33.92
CA GLY B 774 10.08 -7.70 -34.94
C GLY B 774 10.26 -9.17 -34.69
N LYS B 775 10.16 -9.59 -33.44
CA LYS B 775 10.15 -11.00 -33.09
C LYS B 775 8.90 -11.73 -33.53
N GLN B 776 7.82 -11.06 -33.90
CA GLN B 776 6.66 -11.85 -34.28
C GLN B 776 6.46 -11.91 -35.78
N ALA B 777 7.51 -11.70 -36.55
CA ALA B 777 7.45 -11.80 -38.00
C ALA B 777 7.19 -13.24 -38.43
N MET B 778 6.43 -13.39 -39.51
CA MET B 778 6.41 -14.67 -40.19
C MET B 778 7.52 -14.71 -41.23
N GLY B 779 8.30 -15.77 -41.21
CA GLY B 779 9.34 -15.87 -42.20
C GLY B 779 9.97 -17.24 -42.25
N VAL B 780 11.27 -17.21 -42.37
CA VAL B 780 12.05 -18.42 -42.49
C VAL B 780 12.93 -18.58 -41.27
N PHE B 781 12.70 -19.63 -40.49
CA PHE B 781 13.30 -19.71 -39.15
C PHE B 781 14.60 -20.47 -39.14
N LEU B 782 14.64 -21.63 -39.76
CA LEU B 782 15.87 -22.27 -40.18
C LEU B 782 15.59 -23.02 -41.45
N THR B 783 16.64 -23.28 -42.19
CA THR B 783 16.43 -23.70 -43.55
C THR B 783 16.07 -25.17 -43.66
N ASN B 784 16.08 -25.92 -42.55
CA ASN B 784 15.76 -27.34 -42.56
C ASN B 784 14.38 -27.63 -42.04
N TYR B 785 13.38 -26.87 -42.46
CA TYR B 785 12.03 -27.21 -42.02
C TYR B 785 11.48 -28.45 -42.68
N ASN B 786 12.21 -29.07 -43.60
CA ASN B 786 11.74 -30.36 -44.07
C ASN B 786 11.88 -31.45 -43.02
N VAL B 787 13.03 -31.56 -42.37
CA VAL B 787 13.25 -32.67 -41.46
C VAL B 787 12.86 -32.36 -40.02
N ARG B 788 12.89 -31.12 -39.60
CA ARG B 788 12.56 -30.77 -38.22
C ARG B 788 11.08 -30.99 -37.97
N MET B 789 10.75 -31.48 -36.80
CA MET B 789 9.36 -31.57 -36.39
C MET B 789 9.21 -30.74 -35.14
N ASP B 790 8.49 -29.63 -35.27
CA ASP B 790 8.28 -28.66 -34.21
C ASP B 790 6.79 -28.30 -34.14
N THR B 791 6.34 -27.95 -32.96
CA THR B 791 4.93 -27.75 -32.73
C THR B 791 4.43 -26.45 -33.33
N MET B 792 5.31 -25.45 -33.45
CA MET B 792 5.00 -24.27 -34.23
C MET B 792 6.07 -24.09 -35.27
N ALA B 793 5.64 -23.87 -36.50
CA ALA B 793 6.50 -23.40 -37.56
C ALA B 793 5.61 -22.74 -38.58
N ASN B 794 6.09 -21.67 -39.20
CA ASN B 794 5.37 -20.98 -40.26
C ASN B 794 6.36 -20.44 -41.26
N ILE B 795 6.16 -20.76 -42.53
CA ILE B 795 7.00 -20.19 -43.56
C ILE B 795 6.21 -19.11 -44.26
N LEU B 796 6.80 -17.93 -44.36
CA LEU B 796 6.23 -16.92 -45.23
C LEU B 796 6.73 -17.15 -46.64
N TYR B 797 5.82 -17.04 -47.61
CA TYR B 797 6.10 -17.52 -48.96
C TYR B 797 7.24 -16.79 -49.63
N TYR B 798 7.16 -15.50 -49.76
CA TYR B 798 7.88 -14.79 -50.79
C TYR B 798 8.71 -13.68 -50.20
N PRO B 799 9.79 -14.01 -49.56
CA PRO B 799 10.38 -13.10 -48.61
C PRO B 799 11.40 -12.24 -49.30
N GLN B 800 11.30 -10.92 -49.12
CA GLN B 800 12.13 -10.00 -49.89
C GLN B 800 13.08 -9.28 -48.96
N LYS B 801 14.29 -9.13 -49.41
CA LYS B 801 15.12 -8.30 -48.56
C LYS B 801 14.69 -6.87 -48.72
N PRO B 802 14.63 -6.14 -47.64
CA PRO B 802 14.04 -4.81 -47.69
C PRO B 802 14.92 -3.84 -48.43
N LEU B 803 14.29 -2.93 -49.17
CA LEU B 803 15.03 -1.90 -49.88
C LEU B 803 15.61 -0.88 -48.94
N ALA B 804 15.01 -0.70 -47.79
CA ALA B 804 15.69 -0.04 -46.68
C ALA B 804 16.34 -1.13 -45.85
N LYS B 805 17.33 -1.80 -46.42
CA LYS B 805 18.24 -2.61 -45.65
C LYS B 805 19.11 -1.68 -44.82
N THR B 806 19.85 -2.25 -43.90
CA THR B 806 20.82 -1.49 -43.15
C THR B 806 22.20 -1.80 -43.68
N GLN B 807 23.21 -1.46 -42.92
CA GLN B 807 24.44 -2.20 -43.11
C GLN B 807 24.57 -3.28 -42.07
N ALA B 808 23.73 -3.26 -41.04
CA ALA B 808 23.81 -4.26 -39.98
C ALA B 808 23.06 -5.54 -40.32
N MET B 809 22.09 -5.51 -41.24
CA MET B 809 21.33 -6.72 -41.57
C MET B 809 22.15 -7.75 -42.33
N GLU B 810 23.39 -7.46 -42.67
CA GLU B 810 24.30 -8.50 -43.12
C GLU B 810 24.64 -9.44 -42.00
N TYR B 811 24.52 -9.00 -40.77
CA TYR B 811 25.09 -9.80 -39.72
C TYR B 811 24.03 -10.43 -38.88
N LEU B 812 22.78 -10.29 -39.28
CA LEU B 812 21.75 -11.18 -38.85
C LEU B 812 21.19 -11.99 -40.00
N LYS B 813 21.86 -11.95 -41.14
CA LYS B 813 21.54 -12.70 -42.34
C LYS B 813 20.15 -12.41 -42.87
N PHE B 814 19.52 -11.32 -42.43
CA PHE B 814 18.10 -11.10 -42.73
C PHE B 814 17.90 -10.76 -44.20
N ARG B 815 18.93 -10.24 -44.87
CA ARG B 815 18.83 -10.10 -46.31
C ARG B 815 18.97 -11.44 -47.02
N GLU B 816 19.40 -12.48 -46.33
CA GLU B 816 19.36 -13.80 -46.95
C GLU B 816 18.31 -14.69 -46.35
N LEU B 817 17.64 -14.25 -45.29
CA LEU B 817 16.41 -14.88 -44.79
C LEU B 817 15.48 -13.77 -44.30
N PRO B 818 14.65 -13.23 -45.16
CA PRO B 818 13.76 -12.18 -44.70
C PRO B 818 12.42 -12.73 -44.32
N ALA B 819 11.63 -11.87 -43.70
CA ALA B 819 10.40 -12.26 -43.04
C ALA B 819 9.31 -11.26 -43.35
N GLY B 820 9.13 -10.96 -44.62
CA GLY B 820 8.11 -10.04 -45.03
C GLY B 820 8.27 -9.71 -46.50
N GLN B 821 7.79 -8.53 -46.88
CA GLN B 821 7.83 -8.12 -48.27
C GLN B 821 7.94 -6.61 -48.38
N ASN B 822 8.14 -6.15 -49.61
CA ASN B 822 7.92 -4.77 -49.99
C ASN B 822 6.57 -4.65 -50.68
N ALA B 823 5.59 -4.08 -50.01
CA ALA B 823 4.36 -3.73 -50.69
C ALA B 823 4.21 -2.22 -50.77
N ILE B 824 3.18 -1.75 -51.46
CA ILE B 824 3.11 -0.36 -51.89
C ILE B 824 2.34 0.50 -50.91
N VAL B 825 3.05 1.42 -50.27
CA VAL B 825 2.50 2.36 -49.30
C VAL B 825 1.83 3.50 -50.04
N ALA B 826 0.66 3.90 -49.57
CA ALA B 826 -0.03 5.05 -50.13
C ALA B 826 -0.84 5.75 -49.05
N ILE B 827 -0.26 6.76 -48.41
CA ILE B 827 -0.80 7.25 -47.15
C ILE B 827 -1.90 8.24 -47.50
N ALA B 828 -3.11 7.76 -47.65
CA ALA B 828 -4.16 8.65 -48.08
C ALA B 828 -5.50 8.10 -47.65
N CYS B 829 -6.22 8.88 -46.84
CA CYS B 829 -7.59 8.56 -46.45
C CYS B 829 -8.37 8.37 -47.71
N TYR B 830 -9.04 7.24 -47.82
CA TYR B 830 -9.65 6.95 -49.08
C TYR B 830 -11.15 6.88 -48.87
N SER B 831 -11.67 5.94 -48.11
CA SER B 831 -13.08 5.90 -47.85
C SER B 831 -13.33 5.59 -46.41
N GLY B 832 -12.59 6.22 -45.52
CA GLY B 832 -12.82 6.07 -44.11
C GLY B 832 -12.44 4.74 -43.54
N TYR B 833 -11.87 3.86 -44.33
CA TYR B 833 -11.55 2.58 -43.78
C TYR B 833 -10.23 2.57 -43.11
N ASN B 834 -9.47 3.64 -43.19
CA ASN B 834 -8.29 3.58 -42.37
C ASN B 834 -8.34 4.53 -41.18
N GLN B 835 -9.52 5.02 -40.83
CA GLN B 835 -9.72 5.82 -39.63
C GLN B 835 -9.23 5.11 -38.37
N GLU B 836 -8.16 5.65 -37.80
CA GLU B 836 -7.43 5.04 -36.68
C GLU B 836 -6.94 3.64 -36.99
N ASP B 837 -5.93 3.58 -37.84
CA ASP B 837 -4.90 2.57 -37.82
C ASP B 837 -5.34 1.29 -38.48
N SER B 838 -6.53 1.22 -39.04
CA SER B 838 -6.83 0.11 -39.94
C SER B 838 -6.22 0.42 -41.29
N MET B 839 -6.46 -0.44 -42.27
CA MET B 839 -5.81 -0.23 -43.54
C MET B 839 -6.56 -0.89 -44.67
N ILE B 840 -6.07 -0.66 -45.87
CA ILE B 840 -6.68 -1.15 -47.09
C ILE B 840 -5.72 -2.12 -47.73
N MET B 841 -6.21 -3.24 -48.22
CA MET B 841 -5.33 -4.14 -48.96
C MET B 841 -6.00 -4.66 -50.22
N ASN B 842 -5.25 -4.58 -51.32
CA ASN B 842 -5.74 -4.93 -52.65
C ASN B 842 -5.75 -6.45 -52.84
N GLN B 843 -6.95 -6.99 -53.03
CA GLN B 843 -7.16 -8.44 -52.99
C GLN B 843 -6.47 -9.14 -54.14
N SER B 844 -6.40 -8.47 -55.27
CA SER B 844 -5.71 -9.04 -56.41
C SER B 844 -4.22 -9.22 -56.13
N SER B 845 -3.64 -8.37 -55.29
CA SER B 845 -2.24 -8.55 -54.95
C SER B 845 -2.04 -9.75 -54.04
N ILE B 846 -3.01 -10.03 -53.17
CA ILE B 846 -2.97 -11.25 -52.39
C ILE B 846 -3.13 -12.47 -53.27
N ASP B 847 -4.02 -12.37 -54.24
CA ASP B 847 -4.21 -13.43 -55.22
C ASP B 847 -2.96 -13.69 -56.00
N ARG B 848 -2.12 -12.68 -56.16
CA ARG B 848 -0.82 -12.90 -56.74
C ARG B 848 0.16 -13.50 -55.76
N GLY B 849 -0.21 -13.63 -54.49
CA GLY B 849 0.62 -14.34 -53.53
C GLY B 849 1.10 -13.54 -52.35
N LEU B 850 0.49 -12.40 -52.07
CA LEU B 850 1.03 -11.47 -51.09
C LEU B 850 0.97 -12.06 -49.68
N PHE B 851 2.14 -12.31 -49.12
CA PHE B 851 2.34 -12.77 -47.75
C PHE B 851 1.61 -14.07 -47.44
N ARG B 852 1.31 -14.90 -48.43
CA ARG B 852 0.56 -16.12 -48.17
C ARG B 852 1.39 -17.10 -47.33
N SER B 853 0.76 -17.75 -46.36
CA SER B 853 1.48 -18.24 -45.20
C SER B 853 1.43 -19.74 -45.06
N LEU B 854 2.60 -20.37 -44.97
CA LEU B 854 2.62 -21.78 -44.61
C LEU B 854 2.40 -21.94 -43.12
N PHE B 855 1.75 -23.05 -42.75
CA PHE B 855 1.42 -23.35 -41.36
C PHE B 855 1.79 -24.78 -41.01
N PHE B 856 2.69 -24.96 -40.05
CA PHE B 856 3.12 -26.28 -39.62
C PHE B 856 2.83 -26.50 -38.16
N ARG B 857 2.72 -27.77 -37.77
CA ARG B 857 2.51 -28.15 -36.38
C ARG B 857 2.91 -29.58 -36.15
N SER B 858 3.65 -29.86 -35.08
CA SER B 858 3.98 -31.22 -34.72
C SER B 858 3.22 -31.68 -33.48
N TYR B 859 2.58 -32.83 -33.58
CA TYR B 859 1.93 -33.50 -32.45
C TYR B 859 2.85 -34.56 -31.86
N MET B 860 2.29 -35.39 -30.98
CA MET B 860 3.05 -36.36 -30.23
C MET B 860 2.11 -37.34 -29.55
N ASP B 861 2.61 -38.58 -29.34
CA ASP B 861 2.05 -39.60 -28.45
C ASP B 861 3.10 -40.70 -28.30
N GLN B 862 2.92 -41.55 -27.29
CA GLN B 862 3.88 -42.59 -26.99
C GLN B 862 3.16 -43.72 -26.27
N GLU B 863 3.82 -44.86 -26.16
CA GLU B 863 3.20 -45.99 -25.47
C GLU B 863 3.54 -46.01 -23.99
N LYS B 864 2.54 -46.30 -23.19
CA LYS B 864 2.71 -46.46 -21.77
C LYS B 864 2.68 -47.95 -21.46
N ARG B 865 3.21 -48.29 -20.30
CA ARG B 865 3.28 -49.67 -19.85
C ARG B 865 2.58 -49.79 -18.50
N PHE B 866 1.43 -50.47 -18.50
CA PHE B 866 0.63 -50.61 -17.29
C PHE B 866 0.87 -51.92 -16.58
N GLY B 867 1.76 -52.75 -17.09
CA GLY B 867 2.14 -53.98 -16.43
C GLY B 867 3.28 -54.60 -17.19
N ILE B 868 3.89 -55.60 -16.58
CA ILE B 868 5.01 -56.28 -17.21
C ILE B 868 4.54 -57.02 -18.46
N SER B 869 3.30 -57.49 -18.43
CA SER B 869 2.69 -58.11 -19.60
C SER B 869 1.56 -57.25 -20.15
N ILE B 870 1.41 -56.03 -19.65
CA ILE B 870 0.28 -55.17 -19.99
C ILE B 870 0.86 -53.86 -20.54
N VAL B 871 0.75 -53.65 -21.85
CA VAL B 871 1.25 -52.43 -22.48
C VAL B 871 0.16 -51.81 -23.33
N GLU B 872 0.54 -50.79 -24.09
CA GLU B 872 -0.36 -50.08 -24.97
C GLU B 872 -0.14 -50.43 -26.43
N GLU B 873 -1.10 -50.05 -27.26
CA GLU B 873 -1.07 -50.40 -28.67
C GLU B 873 -1.88 -49.39 -29.46
N PHE B 874 -1.22 -48.70 -30.38
CA PHE B 874 -1.90 -47.78 -31.28
C PHE B 874 -2.58 -48.59 -32.35
N GLU B 875 -3.89 -48.77 -32.24
CA GLU B 875 -4.57 -49.54 -33.27
C GLU B 875 -5.85 -48.80 -33.61
N LYS B 876 -6.51 -49.28 -34.67
CA LYS B 876 -7.80 -48.76 -35.06
C LYS B 876 -8.85 -49.42 -34.18
N PRO B 877 -9.49 -48.69 -33.28
CA PRO B 877 -10.42 -49.33 -32.35
C PRO B 877 -11.76 -49.61 -33.01
N THR B 878 -12.44 -50.64 -32.53
CA THR B 878 -13.74 -51.00 -33.06
C THR B 878 -14.82 -50.10 -32.49
N ARG B 879 -16.06 -50.36 -32.89
CA ARG B 879 -17.19 -49.76 -32.20
C ARG B 879 -17.74 -50.67 -31.11
N ALA B 880 -17.14 -51.84 -30.91
CA ALA B 880 -17.66 -52.76 -29.90
C ALA B 880 -16.73 -52.91 -28.72
N THR B 881 -15.49 -53.35 -28.95
CA THR B 881 -14.60 -53.77 -27.88
C THR B 881 -14.03 -52.62 -27.06
N THR B 882 -14.29 -51.37 -27.44
CA THR B 882 -13.55 -50.22 -26.95
C THR B 882 -14.51 -49.25 -26.28
N LEU B 883 -14.04 -48.58 -25.22
CA LEU B 883 -14.92 -47.72 -24.43
C LEU B 883 -14.72 -46.27 -24.81
N ARG B 884 -15.84 -45.53 -24.84
CA ARG B 884 -15.87 -44.07 -25.04
C ARG B 884 -15.15 -43.66 -26.32
N LEU B 885 -15.72 -44.05 -27.46
CA LEU B 885 -15.26 -43.52 -28.73
C LEU B 885 -15.46 -42.02 -28.76
N LYS B 886 -14.50 -41.30 -29.35
CA LYS B 886 -14.65 -39.88 -29.52
C LYS B 886 -15.76 -39.59 -30.53
N HIS B 887 -16.45 -38.46 -30.34
CA HIS B 887 -17.62 -38.20 -31.18
C HIS B 887 -17.28 -37.75 -32.60
N GLY B 888 -16.01 -37.71 -32.98
CA GLY B 888 -15.66 -37.65 -34.38
C GLY B 888 -15.78 -39.04 -35.02
N THR B 889 -15.45 -39.10 -36.30
CA THR B 889 -15.37 -40.40 -36.97
C THR B 889 -13.98 -40.99 -36.81
N TYR B 890 -13.78 -42.19 -37.34
CA TYR B 890 -12.51 -42.89 -37.26
C TYR B 890 -11.99 -43.31 -38.63
N GLU B 891 -12.73 -42.97 -39.68
CA GLU B 891 -12.52 -43.48 -41.03
C GLU B 891 -11.14 -43.17 -41.56
N LYS B 892 -10.59 -42.02 -41.24
CA LYS B 892 -9.32 -41.59 -41.79
C LYS B 892 -8.15 -42.36 -41.22
N LEU B 893 -8.36 -43.12 -40.16
CA LEU B 893 -7.31 -43.96 -39.62
C LEU B 893 -6.97 -45.10 -40.55
N ASP B 894 -5.79 -45.68 -40.36
CA ASP B 894 -5.32 -46.79 -41.17
C ASP B 894 -5.37 -48.09 -40.37
N GLU B 895 -4.77 -49.14 -40.93
CA GLU B 895 -4.64 -50.42 -40.24
C GLU B 895 -3.74 -50.35 -39.02
N ASP B 896 -2.79 -49.42 -39.01
CA ASP B 896 -1.80 -49.32 -37.94
C ASP B 896 -2.00 -48.10 -37.06
N GLY B 897 -3.16 -47.46 -37.13
CA GLY B 897 -3.52 -46.40 -36.19
C GLY B 897 -3.01 -45.03 -36.54
N LEU B 898 -2.11 -44.89 -37.49
CA LEU B 898 -1.59 -43.60 -37.85
C LEU B 898 -2.01 -43.33 -39.28
N ILE B 899 -2.65 -42.19 -39.50
CA ILE B 899 -3.23 -41.84 -40.78
C ILE B 899 -2.15 -41.64 -41.84
N ALA B 900 -2.41 -42.20 -43.09
CA ALA B 900 -1.50 -42.07 -44.22
C ALA B 900 -1.47 -40.65 -44.74
N PRO B 901 -0.31 -40.17 -45.17
CA PRO B 901 -0.22 -38.81 -45.69
C PRO B 901 -0.83 -38.71 -47.08
N GLY B 902 -1.05 -37.48 -47.50
CA GLY B 902 -1.80 -37.21 -48.70
C GLY B 902 -3.27 -37.03 -48.44
N VAL B 903 -3.77 -37.49 -47.30
CA VAL B 903 -5.20 -37.48 -47.02
C VAL B 903 -5.61 -36.16 -46.43
N ARG B 904 -6.62 -35.53 -47.03
CA ARG B 904 -7.25 -34.34 -46.49
C ARG B 904 -7.79 -34.61 -45.10
N VAL B 905 -7.47 -33.72 -44.17
CA VAL B 905 -7.96 -33.88 -42.81
C VAL B 905 -8.71 -32.64 -42.38
N SER B 906 -9.75 -32.87 -41.60
CA SER B 906 -10.55 -31.85 -40.98
C SER B 906 -10.22 -31.86 -39.50
N GLY B 907 -10.72 -30.86 -38.79
CA GLY B 907 -10.71 -30.93 -37.34
C GLY B 907 -11.69 -31.98 -36.84
N ASP B 908 -11.59 -32.31 -35.54
CA ASP B 908 -12.49 -33.18 -34.80
C ASP B 908 -12.42 -34.65 -35.21
N ASP B 909 -11.49 -35.03 -36.07
CA ASP B 909 -11.29 -36.45 -36.36
C ASP B 909 -9.88 -36.88 -36.01
N ILE B 910 -9.70 -38.17 -35.84
CA ILE B 910 -8.57 -38.74 -35.15
C ILE B 910 -7.32 -38.54 -36.00
N ILE B 911 -6.14 -38.50 -35.38
CA ILE B 911 -4.96 -39.06 -36.03
C ILE B 911 -4.32 -40.21 -35.25
N ILE B 912 -4.19 -40.15 -33.93
CA ILE B 912 -3.37 -41.14 -33.24
C ILE B 912 -4.25 -41.80 -32.20
N GLY B 913 -4.77 -42.99 -32.51
CA GLY B 913 -5.66 -43.71 -31.62
C GLY B 913 -4.89 -44.62 -30.70
N LYS B 914 -4.68 -44.17 -29.48
CA LYS B 914 -3.97 -44.97 -28.50
C LYS B 914 -5.00 -45.75 -27.69
N THR B 915 -5.09 -47.05 -27.98
CA THR B 915 -5.99 -47.96 -27.29
C THR B 915 -5.24 -48.72 -26.22
N THR B 916 -5.69 -48.54 -24.98
CA THR B 916 -5.22 -49.37 -23.89
C THR B 916 -6.34 -50.36 -23.58
N PRO B 917 -6.04 -51.65 -23.49
CA PRO B 917 -7.00 -52.56 -22.87
C PRO B 917 -7.03 -52.28 -21.39
N ILE B 918 -8.23 -52.23 -20.84
CA ILE B 918 -8.41 -52.00 -19.42
C ILE B 918 -7.82 -53.19 -18.68
N PRO B 919 -6.90 -52.95 -17.75
CA PRO B 919 -6.39 -54.02 -16.91
C PRO B 919 -7.51 -54.65 -16.09
N PRO B 920 -7.48 -55.98 -15.86
CA PRO B 920 -8.65 -56.75 -15.43
C PRO B 920 -9.26 -56.36 -14.08
N TYR B 931 -17.89 -58.23 -22.85
CA TYR B 931 -16.54 -57.84 -23.25
C TYR B 931 -16.25 -56.41 -22.82
N HIS B 932 -16.00 -55.54 -23.81
CA HIS B 932 -15.91 -54.09 -23.64
C HIS B 932 -14.78 -53.72 -22.70
N THR B 933 -13.53 -54.01 -23.09
CA THR B 933 -12.39 -53.89 -22.21
C THR B 933 -11.24 -53.04 -22.72
N LYS B 934 -11.39 -52.31 -23.82
CA LYS B 934 -10.35 -51.43 -24.30
C LYS B 934 -10.72 -49.98 -24.07
N ARG B 935 -9.71 -49.15 -23.85
CA ARG B 935 -9.98 -47.74 -23.68
C ARG B 935 -9.58 -46.98 -24.93
N ASP B 936 -10.55 -46.26 -25.50
CA ASP B 936 -10.26 -45.31 -26.57
C ASP B 936 -9.71 -44.02 -26.01
N ALA B 937 -8.41 -43.80 -26.21
CA ALA B 937 -7.71 -42.62 -25.73
C ALA B 937 -7.00 -41.92 -26.89
N SER B 938 -7.75 -41.65 -27.94
CA SER B 938 -7.22 -41.07 -29.16
C SER B 938 -6.75 -39.63 -28.93
N THR B 939 -5.73 -39.25 -29.70
CA THR B 939 -5.14 -37.92 -29.69
C THR B 939 -5.57 -37.20 -30.94
N PRO B 940 -6.58 -36.33 -30.89
CA PRO B 940 -7.14 -35.77 -32.12
C PRO B 940 -6.49 -34.49 -32.58
N LEU B 941 -6.81 -34.13 -33.83
CA LEU B 941 -6.44 -32.85 -34.39
C LEU B 941 -7.36 -31.78 -33.81
N ARG B 942 -6.88 -30.54 -33.80
CA ARG B 942 -7.56 -29.48 -33.03
C ARG B 942 -8.91 -29.12 -33.62
N SER B 943 -9.74 -28.45 -32.82
CA SER B 943 -11.12 -28.21 -33.23
C SER B 943 -11.26 -27.04 -34.20
N THR B 944 -10.16 -26.38 -34.53
CA THR B 944 -10.19 -25.22 -35.39
C THR B 944 -9.62 -25.47 -36.77
N GLU B 945 -8.88 -26.54 -36.96
CA GLU B 945 -7.95 -26.60 -38.08
C GLU B 945 -8.47 -27.46 -39.20
N ASN B 946 -7.86 -27.23 -40.36
CA ASN B 946 -8.05 -28.00 -41.58
C ASN B 946 -6.67 -28.36 -42.08
N GLY B 947 -6.58 -29.29 -43.01
CA GLY B 947 -5.25 -29.52 -43.56
C GLY B 947 -5.13 -30.80 -44.37
N ILE B 948 -3.90 -30.98 -44.86
CA ILE B 948 -3.47 -32.09 -45.70
C ILE B 948 -2.07 -32.47 -45.24
N VAL B 949 -1.83 -33.76 -45.02
CA VAL B 949 -0.81 -34.14 -44.04
C VAL B 949 0.49 -34.49 -44.73
N ASP B 950 1.61 -34.22 -44.04
CA ASP B 950 2.93 -34.11 -44.64
C ASP B 950 3.85 -35.30 -44.41
N GLN B 951 4.18 -35.63 -43.16
CA GLN B 951 5.36 -36.44 -42.92
C GLN B 951 5.24 -37.13 -41.57
N VAL B 952 4.68 -38.33 -41.58
CA VAL B 952 4.13 -38.92 -40.38
C VAL B 952 5.18 -39.82 -39.78
N LEU B 953 5.89 -39.31 -38.78
CA LEU B 953 7.01 -40.02 -38.17
C LEU B 953 6.50 -41.18 -37.33
N LEU B 954 7.26 -42.27 -37.32
CA LEU B 954 6.96 -43.45 -36.52
C LEU B 954 8.26 -44.12 -36.07
N THR B 955 8.43 -44.28 -34.77
CA THR B 955 9.69 -44.81 -34.26
C THR B 955 9.51 -45.34 -32.85
N THR B 956 10.65 -45.58 -32.21
CA THR B 956 10.72 -46.18 -30.89
C THR B 956 11.19 -45.14 -29.90
N ASN B 957 10.63 -45.21 -28.70
CA ASN B 957 10.84 -44.18 -27.71
C ASN B 957 12.14 -44.40 -26.95
N GLN B 958 12.32 -43.59 -25.90
CA GLN B 958 13.38 -43.83 -24.92
C GLN B 958 13.11 -45.11 -24.15
N GLU B 959 11.84 -45.43 -23.97
CA GLU B 959 11.37 -46.53 -23.17
C GLU B 959 11.60 -47.89 -23.82
N GLY B 960 11.67 -47.93 -25.14
CA GLY B 960 11.73 -49.19 -25.84
C GLY B 960 10.45 -49.55 -26.55
N LEU B 961 9.34 -48.95 -26.16
CA LEU B 961 8.08 -49.11 -26.87
C LEU B 961 8.04 -48.24 -28.11
N LYS B 962 6.86 -48.11 -28.70
CA LYS B 962 6.73 -47.26 -29.88
C LYS B 962 6.77 -45.79 -29.50
N PHE B 963 6.79 -44.96 -30.54
CA PHE B 963 6.69 -43.52 -30.38
C PHE B 963 6.17 -42.94 -31.69
N VAL B 964 5.38 -41.86 -31.61
CA VAL B 964 4.90 -41.20 -32.81
C VAL B 964 5.14 -39.71 -32.71
N LYS B 965 5.20 -39.06 -33.87
CA LYS B 965 5.13 -37.62 -34.09
C LYS B 965 4.55 -37.40 -35.47
N VAL B 966 3.69 -36.39 -35.62
CA VAL B 966 2.96 -36.13 -36.86
C VAL B 966 3.16 -34.66 -37.17
N ARG B 967 3.42 -34.33 -38.44
CA ARG B 967 3.54 -32.93 -38.81
C ARG B 967 2.48 -32.53 -39.83
N MET B 968 1.32 -32.14 -39.34
CA MET B 968 0.22 -31.70 -40.19
C MET B 968 0.57 -30.33 -40.76
N ARG B 969 -0.03 -29.97 -41.87
CA ARG B 969 0.15 -28.63 -42.39
C ARG B 969 -1.03 -28.17 -43.22
N THR B 970 -1.20 -26.85 -43.24
CA THR B 970 -2.12 -26.15 -44.12
C THR B 970 -1.56 -24.76 -44.39
N THR B 971 -2.34 -23.94 -45.06
CA THR B 971 -1.85 -22.67 -45.55
C THR B 971 -2.92 -21.62 -45.40
N LYS B 972 -2.55 -20.51 -44.76
CA LYS B 972 -3.55 -19.54 -44.36
C LYS B 972 -3.51 -18.31 -45.25
N VAL B 973 -4.67 -17.92 -45.73
CA VAL B 973 -4.82 -16.78 -46.63
C VAL B 973 -4.81 -15.54 -45.76
N PRO B 974 -3.97 -14.56 -46.04
CA PRO B 974 -4.00 -13.33 -45.25
C PRO B 974 -5.27 -12.55 -45.54
N GLN B 975 -6.23 -12.61 -44.61
CA GLN B 975 -7.55 -12.07 -44.89
C GLN B 975 -7.91 -11.03 -43.83
N ILE B 976 -9.16 -10.54 -43.91
CA ILE B 976 -9.64 -9.39 -43.13
C ILE B 976 -9.57 -9.61 -41.64
N GLY B 977 -8.78 -8.79 -40.97
CA GLY B 977 -8.57 -8.89 -39.56
C GLY B 977 -7.18 -9.31 -39.19
N ASP B 978 -6.43 -9.83 -40.15
CA ASP B 978 -5.07 -10.25 -39.87
C ASP B 978 -4.19 -9.04 -39.64
N LYS B 979 -3.59 -9.00 -38.47
CA LYS B 979 -2.74 -7.91 -38.03
C LYS B 979 -1.51 -7.83 -38.93
N PHE B 980 -1.08 -6.61 -39.24
CA PHE B 980 0.15 -6.31 -39.94
C PHE B 980 0.86 -5.23 -39.18
N ALA B 981 2.02 -4.84 -39.65
CA ALA B 981 2.80 -3.93 -38.85
C ALA B 981 3.72 -3.18 -39.77
N SER B 982 3.93 -1.93 -39.47
CA SER B 982 4.92 -1.18 -40.21
C SER B 982 6.30 -1.60 -39.79
N ARG B 983 7.28 -0.82 -40.18
CA ARG B 983 8.52 -0.91 -39.46
C ARG B 983 8.73 0.27 -38.53
N HIS B 984 7.64 0.94 -38.17
CA HIS B 984 7.68 2.04 -37.22
C HIS B 984 6.46 1.99 -36.33
N GLY B 985 5.82 0.83 -36.28
CA GLY B 985 4.80 0.62 -35.29
C GLY B 985 3.42 1.00 -35.72
N GLN B 986 3.28 1.61 -36.90
CA GLN B 986 2.02 2.17 -37.35
C GLN B 986 1.12 0.98 -37.71
N LYS B 987 0.65 0.28 -36.71
CA LYS B 987 0.18 -1.06 -36.94
C LYS B 987 -1.33 -1.08 -37.09
N GLY B 988 -1.89 -2.27 -37.06
CA GLY B 988 -3.31 -2.39 -37.25
C GLY B 988 -3.63 -3.60 -38.08
N THR B 989 -4.90 -3.74 -38.38
CA THR B 989 -5.45 -4.91 -39.01
C THR B 989 -5.81 -4.57 -40.43
N ILE B 990 -5.97 -5.60 -41.26
CA ILE B 990 -6.54 -5.37 -42.57
C ILE B 990 -8.00 -4.99 -42.42
N GLY B 991 -8.28 -3.72 -42.62
CA GLY B 991 -9.60 -3.21 -42.38
C GLY B 991 -10.55 -3.69 -43.44
N VAL B 992 -10.12 -3.68 -44.69
CA VAL B 992 -11.01 -3.92 -45.80
C VAL B 992 -10.21 -4.40 -47.00
N THR B 993 -10.83 -5.18 -47.85
CA THR B 993 -10.22 -5.64 -49.07
C THR B 993 -10.95 -5.07 -50.27
N TYR B 994 -10.18 -4.46 -51.15
CA TYR B 994 -10.62 -3.93 -52.42
C TYR B 994 -10.01 -4.75 -53.53
N ARG B 995 -10.76 -5.00 -54.59
CA ARG B 995 -10.18 -5.64 -55.75
C ARG B 995 -9.30 -4.65 -56.52
N HIS B 996 -8.85 -5.06 -57.69
CA HIS B 996 -7.71 -4.37 -58.29
C HIS B 996 -8.07 -3.01 -58.82
N GLU B 997 -9.16 -2.92 -59.57
CA GLU B 997 -9.50 -1.69 -60.24
C GLU B 997 -9.91 -0.60 -59.26
N ASP B 998 -10.38 -0.96 -58.08
CA ASP B 998 -10.98 0.02 -57.22
C ASP B 998 -9.97 0.79 -56.40
N MET B 999 -8.70 0.47 -56.54
CA MET B 999 -7.66 1.21 -55.88
C MET B 999 -7.58 2.60 -56.49
N PRO B 1000 -6.91 3.54 -55.83
CA PRO B 1000 -6.43 4.70 -56.56
C PRO B 1000 -5.24 4.24 -57.37
N PHE B 1001 -4.86 5.01 -58.38
CA PHE B 1001 -3.77 4.57 -59.23
C PHE B 1001 -3.13 5.74 -59.93
N SER B 1002 -1.81 5.74 -59.92
CA SER B 1002 -1.07 6.87 -60.41
C SER B 1002 -0.97 6.80 -61.92
N ALA B 1003 -0.09 7.65 -62.45
CA ALA B 1003 -0.18 8.02 -63.85
C ALA B 1003 0.29 6.90 -64.76
N GLU B 1004 1.04 5.98 -64.22
CA GLU B 1004 1.59 4.92 -65.00
C GLU B 1004 0.76 3.64 -64.96
N GLY B 1005 -0.06 3.45 -63.94
CA GLY B 1005 -0.77 2.20 -63.78
C GLY B 1005 -0.52 1.50 -62.48
N ILE B 1006 0.46 1.97 -61.73
CA ILE B 1006 0.80 1.43 -60.44
C ILE B 1006 -0.38 1.61 -59.51
N VAL B 1007 -0.80 0.55 -58.86
CA VAL B 1007 -1.84 0.71 -57.86
C VAL B 1007 -1.10 0.47 -56.55
N PRO B 1008 -1.67 0.72 -55.39
CA PRO B 1008 -1.00 0.32 -54.14
C PRO B 1008 -1.58 -0.92 -53.50
N ASP B 1009 -0.89 -1.39 -52.46
CA ASP B 1009 -1.40 -2.51 -51.70
C ASP B 1009 -1.63 -2.22 -50.24
N LEU B 1010 -1.00 -1.20 -49.71
CA LEU B 1010 -1.28 -0.99 -48.31
C LEU B 1010 -1.33 0.51 -48.07
N ILE B 1011 -2.38 0.93 -47.38
CA ILE B 1011 -2.78 2.32 -47.25
C ILE B 1011 -2.89 2.60 -45.75
N ILE B 1012 -1.81 3.06 -45.14
CA ILE B 1012 -1.88 3.47 -43.78
C ILE B 1012 -2.54 4.84 -43.79
N ASN B 1013 -2.98 5.30 -42.63
CA ASN B 1013 -3.81 6.50 -42.48
C ASN B 1013 -2.97 7.75 -42.34
N PRO B 1014 -3.38 8.82 -42.99
CA PRO B 1014 -2.91 10.13 -42.58
C PRO B 1014 -3.05 10.38 -41.12
N HIS B 1015 -4.21 10.08 -40.53
CA HIS B 1015 -4.35 10.39 -39.11
C HIS B 1015 -3.55 9.46 -38.22
N ALA B 1016 -2.99 8.41 -38.77
CA ALA B 1016 -2.03 7.65 -38.01
C ALA B 1016 -0.73 8.39 -37.79
N ILE B 1017 -0.38 9.33 -38.65
CA ILE B 1017 0.90 10.00 -38.52
C ILE B 1017 1.05 11.17 -37.54
N PRO B 1018 0.25 12.24 -37.62
CA PRO B 1018 0.74 13.54 -37.16
C PRO B 1018 0.93 13.64 -35.66
N SER B 1019 0.27 12.78 -34.88
CA SER B 1019 0.49 12.74 -33.44
C SER B 1019 1.51 11.69 -33.08
N ARG B 1020 1.56 10.59 -33.81
CA ARG B 1020 2.53 9.59 -33.46
C ARG B 1020 3.94 10.01 -33.81
N MET B 1021 4.11 11.01 -34.66
CA MET B 1021 5.36 11.73 -34.88
C MET B 1021 6.47 10.81 -35.37
N THR B 1022 6.12 9.89 -36.27
CA THR B 1022 7.10 8.94 -36.79
C THR B 1022 7.50 9.33 -38.20
N VAL B 1023 8.45 10.26 -38.28
CA VAL B 1023 8.80 10.85 -39.56
C VAL B 1023 9.78 9.94 -40.29
N ALA B 1024 10.40 9.03 -39.55
CA ALA B 1024 11.23 8.00 -40.16
C ALA B 1024 10.46 7.14 -41.15
N HIS B 1025 9.15 6.97 -40.93
CA HIS B 1025 8.35 6.14 -41.82
C HIS B 1025 8.24 6.76 -43.20
N LEU B 1026 8.07 8.06 -43.24
CA LEU B 1026 8.10 8.76 -44.50
C LEU B 1026 9.47 8.69 -45.14
N ILE B 1027 10.53 8.80 -44.33
CA ILE B 1027 11.87 8.75 -44.90
C ILE B 1027 12.16 7.39 -45.50
N GLU B 1028 11.64 6.34 -44.87
CA GLU B 1028 11.79 5.01 -45.46
C GLU B 1028 11.03 4.89 -46.77
N CYS B 1029 9.80 5.41 -46.84
CA CYS B 1029 9.03 5.25 -48.08
C CYS B 1029 9.71 5.96 -49.24
N LEU B 1030 10.27 7.13 -48.98
CA LEU B 1030 10.92 7.89 -50.03
C LEU B 1030 12.20 7.21 -50.49
N LEU B 1031 13.04 6.80 -49.53
CA LEU B 1031 14.30 6.15 -49.88
C LEU B 1031 14.03 4.84 -50.60
N SER B 1032 12.92 4.21 -50.26
CA SER B 1032 12.50 2.99 -50.92
C SER B 1032 12.22 3.23 -52.39
N LYS B 1033 11.45 4.26 -52.70
CA LYS B 1033 11.06 4.50 -54.08
C LYS B 1033 12.27 4.82 -54.94
N VAL B 1034 13.20 5.59 -54.37
CA VAL B 1034 14.41 5.96 -55.12
C VAL B 1034 15.28 4.75 -55.35
N GLY B 1035 15.53 3.97 -54.31
CA GLY B 1035 16.38 2.79 -54.48
C GLY B 1035 15.72 1.72 -55.31
N SER B 1036 14.41 1.78 -55.46
CA SER B 1036 13.78 0.93 -56.45
C SER B 1036 14.11 1.41 -57.85
N ILE B 1037 14.00 2.71 -58.11
CA ILE B 1037 14.13 3.18 -59.50
C ILE B 1037 15.58 3.20 -59.95
N ARG B 1038 16.48 3.74 -59.16
CA ARG B 1038 17.88 3.50 -59.45
C ARG B 1038 18.34 2.08 -59.15
N GLY B 1039 17.48 1.25 -58.56
CA GLY B 1039 17.67 -0.17 -58.60
C GLY B 1039 18.67 -0.79 -57.64
N TYR B 1040 18.90 -0.19 -56.49
CA TYR B 1040 19.85 -0.78 -55.58
C TYR B 1040 19.42 -0.43 -54.18
N GLU B 1041 20.07 -1.03 -53.21
CA GLU B 1041 19.58 -0.96 -51.85
C GLU B 1041 20.33 0.10 -51.06
N GLY B 1042 19.63 1.17 -50.70
CA GLY B 1042 20.28 2.33 -50.16
C GLY B 1042 20.56 2.19 -48.68
N ASP B 1043 21.75 2.66 -48.29
CA ASP B 1043 22.25 2.50 -46.94
C ASP B 1043 21.43 3.39 -46.02
N ALA B 1044 20.53 2.75 -45.27
CA ALA B 1044 19.69 3.42 -44.30
C ALA B 1044 20.11 3.10 -42.88
N THR B 1045 21.34 2.62 -42.70
CA THR B 1045 21.92 2.55 -41.37
C THR B 1045 21.99 3.96 -40.80
N PRO B 1046 21.53 4.15 -39.58
CA PRO B 1046 21.33 5.50 -39.06
C PRO B 1046 22.63 6.25 -38.82
N PHE B 1047 22.47 7.54 -38.54
CA PHE B 1047 23.54 8.45 -38.13
C PHE B 1047 24.62 8.61 -39.18
N THR B 1048 24.21 8.76 -40.42
CA THR B 1048 25.13 9.10 -41.48
C THR B 1048 24.85 10.52 -41.95
N ASP B 1049 25.55 10.94 -42.99
CA ASP B 1049 25.17 12.18 -43.64
C ASP B 1049 24.10 11.98 -44.70
N LEU B 1050 23.44 10.84 -44.73
CA LEU B 1050 22.31 10.71 -45.62
C LEU B 1050 21.18 11.59 -45.13
N THR B 1051 20.99 12.71 -45.81
CA THR B 1051 19.96 13.66 -45.46
C THR B 1051 18.69 13.27 -46.17
N VAL B 1052 17.77 14.21 -46.23
CA VAL B 1052 16.63 14.06 -47.13
C VAL B 1052 16.93 14.71 -48.48
N ASP B 1053 17.92 15.64 -48.51
CA ASP B 1053 18.16 16.42 -49.72
C ASP B 1053 18.70 15.58 -50.86
N ALA B 1054 19.57 14.62 -50.55
CA ALA B 1054 20.09 13.78 -51.62
C ALA B 1054 18.99 12.93 -52.21
N VAL B 1055 18.07 12.47 -51.38
CA VAL B 1055 16.99 11.62 -51.85
C VAL B 1055 16.02 12.43 -52.68
N SER B 1056 15.81 13.67 -52.28
CA SER B 1056 14.91 14.55 -53.00
C SER B 1056 15.45 14.86 -54.39
N ASN B 1057 16.73 15.25 -54.45
CA ASN B 1057 17.33 15.60 -55.73
C ASN B 1057 17.37 14.41 -56.67
N LEU B 1058 17.65 13.22 -56.13
CA LEU B 1058 17.74 12.06 -57.00
C LEU B 1058 16.38 11.64 -57.54
N LEU B 1059 15.33 11.77 -56.71
CA LEU B 1059 14.01 11.45 -57.22
C LEU B 1059 13.57 12.44 -58.28
N ARG B 1060 13.94 13.70 -58.10
CA ARG B 1060 13.58 14.67 -59.13
C ARG B 1060 14.35 14.41 -60.40
N ASP B 1061 15.67 14.25 -60.28
CA ASP B 1061 16.52 14.15 -61.45
C ASP B 1061 16.46 12.79 -62.11
N ASN B 1062 15.71 11.84 -61.56
CA ASN B 1062 15.32 10.71 -62.36
C ASN B 1062 13.89 10.81 -62.86
N GLY B 1063 13.39 12.03 -63.04
CA GLY B 1063 12.16 12.26 -63.76
C GLY B 1063 10.89 12.13 -62.95
N TYR B 1064 10.83 12.73 -61.78
CA TYR B 1064 9.67 12.65 -60.90
C TYR B 1064 9.49 13.90 -60.08
N GLN B 1065 8.47 13.85 -59.23
CA GLN B 1065 8.24 14.93 -58.28
C GLN B 1065 9.22 14.82 -57.12
N SER B 1066 9.57 15.95 -56.52
CA SER B 1066 10.68 15.98 -55.59
C SER B 1066 10.34 15.41 -54.23
N ARG B 1067 9.11 15.58 -53.79
CA ARG B 1067 8.66 15.21 -52.46
C ARG B 1067 7.66 14.07 -52.48
N GLY B 1068 7.76 13.18 -53.45
CA GLY B 1068 7.06 11.91 -53.39
C GLY B 1068 5.77 11.81 -54.16
N PHE B 1069 5.05 12.90 -54.34
CA PHE B 1069 3.65 12.80 -54.72
C PHE B 1069 3.48 12.50 -56.21
N GLU B 1070 2.47 11.70 -56.51
CA GLU B 1070 1.98 11.65 -57.88
C GLU B 1070 0.48 11.85 -57.90
N VAL B 1071 -0.02 12.33 -59.02
CA VAL B 1071 -1.40 12.79 -59.07
C VAL B 1071 -2.33 11.61 -59.22
N MET B 1072 -2.88 11.17 -58.13
CA MET B 1072 -3.56 9.91 -58.21
C MET B 1072 -5.04 10.15 -58.37
N TYR B 1073 -5.77 9.09 -58.72
CA TYR B 1073 -7.14 9.20 -59.19
C TYR B 1073 -8.08 8.40 -58.32
N ASN B 1074 -9.33 8.79 -58.36
CA ASN B 1074 -10.41 7.88 -58.07
C ASN B 1074 -10.35 6.71 -59.01
N GLY B 1075 -10.65 5.54 -58.47
CA GLY B 1075 -10.89 4.40 -59.31
C GLY B 1075 -12.35 4.30 -59.76
N HIS B 1076 -13.22 5.09 -59.15
CA HIS B 1076 -14.63 5.02 -59.49
C HIS B 1076 -15.03 6.12 -60.46
N THR B 1077 -14.19 7.15 -60.61
CA THR B 1077 -14.37 8.11 -61.68
C THR B 1077 -13.14 8.41 -62.51
N GLY B 1078 -11.97 8.49 -61.90
CA GLY B 1078 -10.85 9.05 -62.60
C GLY B 1078 -10.77 10.54 -62.51
N LYS B 1079 -11.83 11.18 -62.01
CA LYS B 1079 -11.76 12.55 -61.57
C LYS B 1079 -10.66 12.67 -60.54
N LYS B 1080 -9.67 13.47 -60.90
CA LYS B 1080 -8.38 13.51 -60.25
C LYS B 1080 -8.51 13.84 -58.78
N LEU B 1081 -7.73 13.15 -57.96
CA LEU B 1081 -7.78 13.45 -56.54
C LEU B 1081 -7.11 14.78 -56.31
N MET B 1082 -7.90 15.70 -55.75
CA MET B 1082 -7.58 17.11 -55.68
C MET B 1082 -6.23 17.38 -55.06
N ALA B 1083 -5.85 16.61 -54.08
CA ALA B 1083 -4.53 16.72 -53.51
C ALA B 1083 -3.68 15.60 -54.05
N GLN B 1084 -2.41 15.89 -54.24
CA GLN B 1084 -1.53 14.87 -54.72
C GLN B 1084 -1.15 13.94 -53.60
N VAL B 1085 -1.08 12.67 -53.92
CA VAL B 1085 -1.07 11.58 -52.97
C VAL B 1085 0.35 11.08 -52.88
N PHE B 1086 0.81 10.83 -51.67
CA PHE B 1086 2.15 10.31 -51.47
C PHE B 1086 2.16 8.80 -51.47
N PHE B 1087 3.20 8.20 -52.04
CA PHE B 1087 3.01 6.90 -52.68
C PHE B 1087 4.33 6.20 -52.99
N GLY B 1088 4.53 5.01 -52.46
CA GLY B 1088 5.77 4.28 -52.69
C GLY B 1088 5.80 2.85 -52.14
N PRO B 1089 6.94 2.17 -52.27
CA PRO B 1089 7.09 0.87 -51.62
C PRO B 1089 7.66 1.09 -50.23
N THR B 1090 7.66 0.06 -49.39
CA THR B 1090 8.14 0.11 -48.00
C THR B 1090 8.23 -1.33 -47.55
N TYR B 1091 9.05 -1.67 -46.55
CA TYR B 1091 9.12 -3.06 -46.13
C TYR B 1091 8.09 -3.39 -45.06
N TYR B 1092 7.30 -4.42 -45.32
CA TYR B 1092 6.25 -4.88 -44.42
C TYR B 1092 6.55 -6.27 -43.89
N GLN B 1093 5.86 -6.61 -42.81
CA GLN B 1093 6.03 -7.86 -42.10
C GLN B 1093 4.70 -8.37 -41.64
N ARG B 1094 4.70 -9.53 -41.01
CA ARG B 1094 3.45 -10.20 -40.69
C ARG B 1094 3.50 -10.69 -39.26
N LEU B 1095 2.69 -10.11 -38.38
CA LEU B 1095 2.76 -10.50 -36.99
C LEU B 1095 1.97 -11.77 -36.75
N ARG B 1096 2.28 -12.46 -35.64
CA ARG B 1096 1.90 -13.86 -35.51
C ARG B 1096 0.43 -14.08 -35.22
N HIS B 1097 -0.31 -13.05 -34.87
CA HIS B 1097 -1.71 -13.22 -34.50
C HIS B 1097 -2.47 -13.33 -35.80
N MET B 1098 -3.62 -13.94 -35.74
CA MET B 1098 -4.60 -13.89 -36.81
C MET B 1098 -5.97 -13.79 -36.17
N VAL B 1099 -7.00 -13.71 -37.00
CA VAL B 1099 -8.33 -13.64 -36.40
C VAL B 1099 -8.88 -15.04 -36.23
N ASP B 1100 -8.32 -16.00 -36.93
CA ASP B 1100 -8.80 -17.36 -36.84
C ASP B 1100 -8.30 -18.09 -35.61
N ASP B 1101 -7.56 -17.41 -34.76
CA ASP B 1101 -7.10 -17.99 -33.51
C ASP B 1101 -7.70 -17.34 -32.30
N LYS B 1102 -8.48 -16.27 -32.46
CA LYS B 1102 -9.05 -15.58 -31.33
C LYS B 1102 -10.53 -15.38 -31.45
N ILE B 1103 -11.12 -15.73 -32.59
CA ILE B 1103 -12.55 -15.88 -32.61
C ILE B 1103 -12.92 -17.08 -31.74
N HIS B 1104 -13.97 -16.91 -30.96
CA HIS B 1104 -14.56 -17.92 -30.09
C HIS B 1104 -15.91 -17.43 -29.60
N ALA B 1105 -16.90 -18.31 -29.63
CA ALA B 1105 -18.18 -18.04 -28.98
C ALA B 1105 -18.64 -19.33 -28.34
N ARG B 1106 -19.57 -19.23 -27.41
CA ARG B 1106 -19.92 -20.41 -26.63
C ARG B 1106 -21.37 -20.38 -26.16
N ALA B 1107 -22.15 -21.37 -26.57
CA ALA B 1107 -23.45 -21.53 -25.97
C ALA B 1107 -23.32 -22.14 -24.58
N ARG B 1108 -22.83 -23.38 -24.48
CA ARG B 1108 -22.75 -24.14 -23.24
C ARG B 1108 -21.58 -25.09 -23.30
N GLY B 1109 -21.61 -26.10 -22.47
CA GLY B 1109 -20.72 -27.21 -22.66
C GLY B 1109 -19.93 -27.58 -21.42
N PRO B 1110 -18.63 -27.44 -21.49
CA PRO B 1110 -17.76 -27.99 -20.45
C PRO B 1110 -17.78 -27.17 -19.18
N VAL B 1111 -18.20 -27.83 -18.11
CA VAL B 1111 -18.19 -27.26 -16.78
C VAL B 1111 -17.24 -28.08 -15.92
N GLN B 1112 -16.61 -27.40 -14.97
CA GLN B 1112 -15.72 -28.08 -14.05
C GLN B 1112 -16.53 -28.92 -13.06
N VAL B 1113 -15.92 -30.00 -12.58
CA VAL B 1113 -16.55 -30.82 -11.55
C VAL B 1113 -16.61 -30.05 -10.25
N LEU B 1114 -15.52 -29.36 -9.92
CA LEU B 1114 -15.31 -28.73 -8.63
C LEU B 1114 -16.31 -27.63 -8.33
N THR B 1115 -16.65 -26.79 -9.30
CA THR B 1115 -17.50 -25.63 -9.03
C THR B 1115 -18.65 -25.45 -9.99
N ARG B 1116 -18.73 -26.23 -11.08
CA ARG B 1116 -19.84 -26.21 -12.06
C ARG B 1116 -20.04 -24.86 -12.72
N GLN B 1117 -19.08 -24.01 -12.65
CA GLN B 1117 -18.98 -22.81 -13.46
C GLN B 1117 -18.15 -23.11 -14.69
N PRO B 1118 -18.56 -22.60 -15.85
CA PRO B 1118 -17.94 -23.02 -17.10
C PRO B 1118 -16.46 -22.65 -17.19
N VAL B 1119 -15.73 -23.41 -18.01
CA VAL B 1119 -14.29 -23.63 -17.85
C VAL B 1119 -13.46 -22.51 -18.44
N GLU B 1120 -12.16 -22.56 -18.21
CA GLU B 1120 -11.30 -21.43 -18.50
C GLU B 1120 -10.20 -21.79 -19.50
N GLY B 1121 -10.06 -20.98 -20.54
CA GLY B 1121 -9.11 -21.23 -21.61
C GLY B 1121 -9.81 -21.25 -22.95
N ARG B 1122 -9.08 -21.04 -24.04
CA ARG B 1122 -9.70 -21.12 -25.35
C ARG B 1122 -9.77 -22.58 -25.77
N SER B 1123 -8.73 -23.33 -25.42
CA SER B 1123 -8.49 -24.66 -25.94
C SER B 1123 -9.59 -25.66 -25.60
N ARG B 1124 -10.34 -25.45 -24.52
CA ARG B 1124 -11.42 -26.34 -24.14
C ARG B 1124 -12.76 -25.70 -24.43
N ASP B 1125 -12.77 -24.67 -25.27
CA ASP B 1125 -13.93 -23.83 -25.54
C ASP B 1125 -14.57 -23.32 -24.27
N GLY B 1126 -13.79 -22.59 -23.49
CA GLY B 1126 -14.31 -22.03 -22.27
C GLY B 1126 -15.22 -20.84 -22.48
N GLY B 1127 -15.50 -20.14 -21.38
CA GLY B 1127 -16.35 -18.99 -21.40
C GLY B 1127 -15.63 -17.77 -20.87
N LEU B 1128 -16.21 -16.60 -21.10
CA LEU B 1128 -15.54 -15.37 -20.72
C LEU B 1128 -15.85 -14.97 -19.29
N ARG B 1129 -14.93 -14.20 -18.71
CA ARG B 1129 -15.07 -13.75 -17.34
C ARG B 1129 -15.80 -12.42 -17.32
N PHE B 1130 -17.10 -12.49 -17.09
CA PHE B 1130 -17.94 -11.32 -16.88
C PHE B 1130 -17.60 -10.79 -15.50
N GLY B 1131 -16.51 -10.04 -15.46
CA GLY B 1131 -15.78 -9.76 -14.23
C GLY B 1131 -16.46 -8.73 -13.35
N GLU B 1132 -15.69 -8.33 -12.33
CA GLU B 1132 -16.14 -7.38 -11.33
C GLU B 1132 -16.64 -6.10 -11.94
N MET B 1133 -15.82 -5.50 -12.79
CA MET B 1133 -16.08 -4.12 -13.12
C MET B 1133 -17.13 -4.05 -14.21
N GLU B 1134 -17.34 -5.16 -14.90
CA GLU B 1134 -18.56 -5.32 -15.68
C GLU B 1134 -19.80 -5.29 -14.79
N ARG B 1135 -19.76 -5.95 -13.64
CA ARG B 1135 -20.90 -5.90 -12.74
C ARG B 1135 -21.07 -4.49 -12.19
N ASP B 1136 -19.95 -3.79 -12.03
CA ASP B 1136 -19.99 -2.41 -11.58
C ASP B 1136 -20.73 -1.53 -12.56
N CYS B 1137 -20.44 -1.68 -13.84
CA CYS B 1137 -21.15 -0.85 -14.79
C CYS B 1137 -22.58 -1.32 -14.99
N MET B 1138 -22.85 -2.59 -14.70
CA MET B 1138 -24.25 -3.00 -14.70
C MET B 1138 -25.02 -2.38 -13.54
N ILE B 1139 -24.36 -2.20 -12.41
CA ILE B 1139 -24.99 -1.53 -11.29
C ILE B 1139 -25.18 -0.06 -11.63
N ALA B 1140 -24.24 0.51 -12.37
CA ALA B 1140 -24.36 1.92 -12.70
C ALA B 1140 -25.52 2.18 -13.62
N HIS B 1141 -25.69 1.35 -14.63
CA HIS B 1141 -26.94 1.36 -15.36
C HIS B 1141 -28.10 0.91 -14.50
N GLY B 1142 -27.85 0.00 -13.58
CA GLY B 1142 -28.87 -0.29 -12.62
C GLY B 1142 -29.82 -1.39 -12.98
N ALA B 1143 -29.86 -1.79 -14.25
CA ALA B 1143 -30.82 -2.81 -14.64
C ALA B 1143 -30.35 -4.15 -14.09
N ALA B 1144 -30.72 -4.40 -12.84
CA ALA B 1144 -30.17 -5.55 -12.15
C ALA B 1144 -30.80 -6.85 -12.62
N GLY B 1145 -31.94 -6.76 -13.33
CA GLY B 1145 -32.55 -7.97 -13.87
C GLY B 1145 -31.66 -8.64 -14.89
N PHE B 1146 -30.89 -7.84 -15.63
CA PHE B 1146 -29.85 -8.40 -16.47
C PHE B 1146 -28.80 -9.09 -15.64
N LEU B 1147 -28.48 -8.53 -14.47
CA LEU B 1147 -27.46 -9.15 -13.63
C LEU B 1147 -27.97 -10.47 -13.06
N LYS B 1148 -29.27 -10.57 -12.83
CA LYS B 1148 -29.83 -11.83 -12.37
C LYS B 1148 -29.95 -12.82 -13.51
N GLU B 1149 -29.96 -12.32 -14.75
CA GLU B 1149 -29.73 -13.27 -15.83
C GLU B 1149 -28.30 -13.79 -15.80
N ARG B 1150 -27.32 -12.90 -15.66
CA ARG B 1150 -25.93 -13.30 -15.82
C ARG B 1150 -25.44 -14.21 -14.70
N LEU B 1151 -25.71 -13.87 -13.46
CA LEU B 1151 -25.12 -14.71 -12.44
C LEU B 1151 -26.06 -15.75 -11.89
N MET B 1152 -27.14 -16.07 -12.57
CA MET B 1152 -27.93 -17.24 -12.21
C MET B 1152 -28.08 -18.18 -13.37
N GLU B 1153 -28.31 -17.65 -14.57
CA GLU B 1153 -29.06 -18.42 -15.55
C GLU B 1153 -28.19 -18.89 -16.67
N ALA B 1154 -27.13 -18.17 -16.98
CA ALA B 1154 -26.17 -18.67 -17.95
C ALA B 1154 -24.94 -19.22 -17.29
N SER B 1155 -25.10 -19.83 -16.14
CA SER B 1155 -24.01 -20.26 -15.28
C SER B 1155 -24.48 -21.47 -14.48
N ASP B 1156 -23.89 -21.67 -13.30
CA ASP B 1156 -24.25 -22.74 -12.38
C ASP B 1156 -25.58 -22.54 -11.66
N ALA B 1157 -26.69 -22.57 -12.40
CA ALA B 1157 -28.00 -22.52 -11.76
C ALA B 1157 -28.19 -23.77 -10.92
N PHE B 1158 -28.51 -23.56 -9.65
CA PHE B 1158 -28.45 -24.69 -8.75
C PHE B 1158 -29.54 -24.59 -7.69
N ARG B 1159 -30.12 -25.73 -7.33
CA ARG B 1159 -31.34 -25.77 -6.55
C ARG B 1159 -31.10 -26.58 -5.30
N VAL B 1160 -31.39 -25.99 -4.15
CA VAL B 1160 -31.18 -26.66 -2.86
C VAL B 1160 -32.49 -26.59 -2.10
N HIS B 1161 -32.48 -27.11 -0.88
CA HIS B 1161 -33.65 -27.07 0.00
C HIS B 1161 -33.28 -26.55 1.38
N VAL B 1162 -34.26 -25.96 2.08
CA VAL B 1162 -34.10 -25.55 3.47
C VAL B 1162 -35.28 -25.98 4.33
N CYS B 1163 -34.94 -26.52 5.49
CA CYS B 1163 -35.86 -26.68 6.60
C CYS B 1163 -36.09 -25.33 7.24
N GLY B 1164 -37.36 -24.97 7.43
CA GLY B 1164 -37.64 -23.63 7.84
C GLY B 1164 -37.41 -23.34 9.31
N ILE B 1165 -36.99 -24.33 10.09
CA ILE B 1165 -36.85 -24.10 11.53
C ILE B 1165 -35.41 -23.88 11.91
N CYS B 1166 -34.55 -24.86 11.67
CA CYS B 1166 -33.13 -24.62 11.90
C CYS B 1166 -32.47 -23.92 10.73
N GLY B 1167 -33.22 -23.62 9.68
CA GLY B 1167 -32.75 -22.73 8.64
C GLY B 1167 -31.69 -23.28 7.74
N LEU B 1168 -31.32 -24.54 7.87
CA LEU B 1168 -30.16 -25.02 7.14
C LEU B 1168 -30.58 -25.77 5.89
N MET B 1169 -29.59 -26.15 5.10
CA MET B 1169 -29.74 -27.07 3.97
C MET B 1169 -29.35 -28.50 4.32
N SER B 1170 -29.88 -29.10 5.37
CA SER B 1170 -29.51 -30.47 5.65
C SER B 1170 -30.53 -31.44 5.09
N VAL B 1171 -31.57 -30.92 4.46
CA VAL B 1171 -32.75 -31.69 4.13
C VAL B 1171 -32.44 -32.65 3.00
N ILE B 1172 -32.54 -33.92 3.29
CA ILE B 1172 -32.22 -34.97 2.36
C ILE B 1172 -33.37 -35.05 1.38
N ALA B 1173 -33.04 -35.16 0.09
CA ALA B 1173 -34.02 -35.02 -0.97
C ALA B 1173 -34.13 -36.31 -1.75
N ASN B 1174 -35.14 -37.11 -1.44
CA ASN B 1174 -35.60 -38.15 -2.35
C ASN B 1174 -36.85 -37.62 -3.03
N LEU B 1175 -36.93 -37.87 -4.34
CA LEU B 1175 -37.94 -37.18 -5.14
C LEU B 1175 -38.94 -38.12 -5.77
N LYS B 1176 -38.51 -39.24 -6.34
CA LYS B 1176 -39.50 -40.18 -6.87
C LYS B 1176 -40.23 -40.89 -5.75
N LYS B 1177 -39.65 -40.91 -4.55
CA LYS B 1177 -40.42 -41.26 -3.37
C LYS B 1177 -40.92 -40.03 -2.62
N ASN B 1178 -40.33 -38.86 -2.90
CA ASN B 1178 -40.91 -37.54 -2.57
C ASN B 1178 -41.07 -37.34 -1.06
N GLN B 1179 -39.97 -37.52 -0.33
CA GLN B 1179 -40.00 -37.45 1.12
C GLN B 1179 -38.75 -36.73 1.61
N PHE B 1180 -38.82 -36.13 2.81
CA PHE B 1180 -37.77 -35.26 3.31
C PHE B 1180 -37.70 -35.36 4.83
N GLU B 1181 -36.52 -35.08 5.40
CA GLU B 1181 -36.38 -35.13 6.86
C GLU B 1181 -35.22 -34.28 7.33
N CYS B 1182 -35.53 -33.17 7.98
CA CYS B 1182 -34.52 -32.41 8.70
C CYS B 1182 -34.15 -33.23 9.93
N ARG B 1183 -33.05 -33.98 9.84
CA ARG B 1183 -32.79 -34.99 10.85
C ARG B 1183 -32.24 -34.42 12.15
N SER B 1184 -31.96 -33.13 12.20
CA SER B 1184 -31.62 -32.53 13.48
C SER B 1184 -32.84 -31.99 14.18
N CYS B 1185 -33.98 -32.07 13.54
CA CYS B 1185 -35.15 -31.36 14.06
C CYS B 1185 -36.40 -32.21 14.11
N LYS B 1186 -36.42 -33.34 13.42
CA LYS B 1186 -37.64 -34.05 13.05
C LYS B 1186 -38.64 -33.08 12.46
N ASN B 1187 -38.17 -32.34 11.45
CA ASN B 1187 -39.03 -31.45 10.70
C ASN B 1187 -39.34 -32.12 9.38
N LYS B 1188 -40.62 -32.19 9.04
CA LYS B 1188 -41.07 -32.85 7.83
C LYS B 1188 -42.01 -31.97 7.02
N THR B 1189 -42.27 -30.75 7.45
CA THR B 1189 -43.24 -29.91 6.77
C THR B 1189 -42.73 -28.52 6.43
N ASN B 1190 -41.88 -27.94 7.28
CA ASN B 1190 -41.45 -26.55 7.11
C ASN B 1190 -40.25 -26.54 6.15
N ILE B 1191 -40.54 -26.80 4.88
CA ILE B 1191 -39.53 -27.11 3.88
C ILE B 1191 -39.70 -26.22 2.66
N TYR B 1192 -38.66 -25.50 2.29
CA TYR B 1192 -38.68 -24.74 1.06
C TYR B 1192 -37.44 -25.05 0.24
N GLN B 1193 -37.54 -24.78 -1.05
CA GLN B 1193 -36.38 -24.82 -1.91
C GLN B 1193 -35.96 -23.40 -2.27
N LEU B 1194 -34.79 -23.27 -2.86
CA LEU B 1194 -34.27 -21.98 -3.27
C LEU B 1194 -33.74 -22.06 -4.68
N HIS B 1195 -33.16 -20.95 -5.14
CA HIS B 1195 -32.42 -20.87 -6.39
C HIS B 1195 -31.16 -20.05 -6.15
N ILE B 1196 -30.06 -20.72 -5.87
CA ILE B 1196 -28.83 -20.01 -5.55
C ILE B 1196 -27.72 -20.49 -6.48
N PRO B 1197 -26.64 -19.74 -6.61
CA PRO B 1197 -25.49 -20.23 -7.38
C PRO B 1197 -24.81 -21.39 -6.69
N TYR B 1198 -24.32 -22.34 -7.50
CA TYR B 1198 -23.70 -23.54 -6.97
C TYR B 1198 -22.45 -23.21 -6.20
N ALA B 1199 -21.78 -22.13 -6.58
CA ALA B 1199 -20.66 -21.67 -5.78
C ALA B 1199 -21.11 -21.04 -4.48
N ALA B 1200 -22.32 -20.49 -4.42
CA ALA B 1200 -22.80 -20.01 -3.13
C ALA B 1200 -23.10 -21.17 -2.20
N LYS B 1201 -23.64 -22.25 -2.75
CA LYS B 1201 -23.84 -23.47 -1.99
C LYS B 1201 -22.49 -24.02 -1.54
N LEU B 1202 -21.49 -23.88 -2.40
CA LEU B 1202 -20.14 -24.33 -2.08
C LEU B 1202 -19.59 -23.54 -0.90
N LEU B 1203 -19.83 -22.23 -0.89
CA LEU B 1203 -19.52 -21.40 0.26
C LEU B 1203 -20.19 -21.94 1.52
N PHE B 1204 -21.47 -22.32 1.42
CA PHE B 1204 -22.19 -22.76 2.60
C PHE B 1204 -21.67 -24.10 3.14
N GLN B 1205 -21.35 -25.03 2.25
CA GLN B 1205 -20.82 -26.31 2.72
C GLN B 1205 -19.42 -26.16 3.27
N GLU B 1206 -18.60 -25.31 2.66
CA GLU B 1206 -17.28 -25.01 3.19
C GLU B 1206 -17.35 -24.39 4.57
N LEU B 1207 -18.27 -23.46 4.77
CA LEU B 1207 -18.38 -22.79 6.06
C LEU B 1207 -18.90 -23.74 7.13
N MET B 1208 -19.90 -24.55 6.81
CA MET B 1208 -20.41 -25.48 7.80
C MET B 1208 -19.39 -26.57 8.08
N ALA B 1209 -18.48 -26.80 7.15
CA ALA B 1209 -17.34 -27.64 7.46
C ALA B 1209 -16.24 -26.88 8.16
N MET B 1210 -16.39 -25.57 8.35
CA MET B 1210 -15.52 -24.89 9.29
C MET B 1210 -16.21 -24.47 10.56
N ASN B 1211 -17.44 -24.93 10.81
CA ASN B 1211 -18.28 -24.49 11.94
C ASN B 1211 -18.49 -23.00 11.99
N ILE B 1212 -19.11 -22.44 10.96
CA ILE B 1212 -19.92 -21.23 11.04
C ILE B 1212 -21.27 -21.62 10.46
N ALA B 1213 -22.35 -21.06 10.97
CA ALA B 1213 -23.66 -21.57 10.57
C ALA B 1213 -24.47 -20.52 9.83
N PRO B 1214 -24.42 -20.49 8.53
CA PRO B 1214 -25.31 -19.59 7.80
C PRO B 1214 -26.69 -20.15 7.81
N ARG B 1215 -27.65 -19.43 8.35
CA ARG B 1215 -29.00 -19.93 8.35
C ARG B 1215 -29.88 -18.98 7.55
N LEU B 1216 -30.68 -19.53 6.64
CA LEU B 1216 -31.37 -18.70 5.67
C LEU B 1216 -32.86 -18.66 6.00
N TYR B 1217 -33.28 -17.66 6.74
CA TYR B 1217 -34.70 -17.54 6.96
C TYR B 1217 -35.30 -16.64 5.91
N THR B 1218 -36.43 -17.09 5.38
CA THR B 1218 -37.02 -16.52 4.20
C THR B 1218 -37.99 -15.40 4.53
N GLU B 1219 -37.97 -14.90 5.76
CA GLU B 1219 -38.85 -13.83 6.17
C GLU B 1219 -38.10 -12.85 7.06
N ARG B 1220 -38.47 -11.58 6.95
CA ARG B 1220 -37.85 -10.52 7.74
C ARG B 1220 -38.33 -10.65 9.19
N SER B 1221 -37.41 -10.49 10.13
CA SER B 1221 -37.73 -10.78 11.53
C SER B 1221 -37.56 -9.58 12.45
N GLY B 1222 -36.47 -8.85 12.28
CA GLY B 1222 -36.22 -7.68 13.11
C GLY B 1222 -35.07 -7.87 14.06
N GLU C 4 -18.77 10.58 -83.54
CA GLU C 4 -17.95 11.54 -82.82
C GLU C 4 -16.62 11.03 -82.19
N PRO C 5 -16.59 9.94 -81.43
CA PRO C 5 -15.36 9.60 -80.72
C PRO C 5 -14.30 9.04 -81.64
N LYS C 6 -13.07 9.41 -81.39
CA LYS C 6 -12.00 9.14 -82.34
C LYS C 6 -10.83 8.45 -81.66
N VAL C 7 -10.29 7.49 -82.37
CA VAL C 7 -9.22 6.63 -81.88
C VAL C 7 -7.94 7.13 -82.52
N ASN C 8 -6.85 7.06 -81.81
CA ASN C 8 -5.57 7.44 -82.38
C ASN C 8 -4.50 6.56 -81.76
N ILE C 9 -4.11 5.50 -82.46
CA ILE C 9 -3.04 4.63 -82.02
C ILE C 9 -1.74 5.41 -82.14
N ILE C 10 -0.87 5.31 -81.15
CA ILE C 10 0.38 6.03 -81.22
C ILE C 10 1.54 5.08 -81.38
N ASN C 11 1.67 4.14 -80.46
CA ASN C 11 2.58 3.04 -80.65
C ASN C 11 1.76 1.78 -80.75
N ALA C 12 2.39 0.75 -81.29
CA ALA C 12 1.88 -0.58 -81.11
C ALA C 12 3.04 -1.52 -81.25
N GLN C 13 3.13 -2.43 -80.30
CA GLN C 13 3.86 -3.66 -80.46
C GLN C 13 3.04 -4.71 -79.74
N ASP C 14 3.64 -5.85 -79.48
CA ASP C 14 2.81 -6.98 -79.05
C ASP C 14 2.75 -7.08 -77.54
N ASP C 15 3.66 -6.41 -76.84
CA ASP C 15 3.60 -6.39 -75.40
C ASP C 15 2.86 -5.17 -74.85
N GLU C 16 2.62 -4.16 -75.68
CA GLU C 16 1.89 -2.99 -75.20
C GLU C 16 1.27 -2.23 -76.36
N VAL C 17 0.31 -1.39 -76.02
CA VAL C 17 -0.33 -0.44 -76.93
C VAL C 17 -0.56 0.84 -76.14
N GLU C 18 -0.18 1.97 -76.72
CA GLU C 18 -0.45 3.26 -76.13
C GLU C 18 -1.33 4.07 -77.07
N LEU C 19 -2.62 4.12 -76.79
CA LEU C 19 -3.49 4.76 -77.76
C LEU C 19 -3.90 6.11 -77.21
N MET C 20 -4.65 6.85 -78.01
CA MET C 20 -5.16 8.15 -77.60
C MET C 20 -6.64 8.23 -77.97
N LEU C 21 -7.46 7.71 -77.08
CA LEU C 21 -8.90 7.81 -77.21
C LEU C 21 -9.26 9.26 -77.04
N SER C 22 -9.98 9.82 -78.01
CA SER C 22 -10.36 11.21 -77.93
C SER C 22 -11.87 11.34 -78.00
N ASP C 23 -12.37 12.32 -77.26
CA ASP C 23 -13.75 12.78 -77.30
C ASP C 23 -14.74 11.71 -76.88
N VAL C 24 -14.56 11.21 -75.67
CA VAL C 24 -15.63 10.57 -74.92
C VAL C 24 -15.66 11.25 -73.56
N ASN C 25 -16.66 10.91 -72.76
CA ASN C 25 -16.68 11.36 -71.38
C ASN C 25 -15.53 10.76 -70.58
N LEU C 26 -15.39 11.22 -69.34
CA LEU C 26 -14.35 10.67 -68.49
C LEU C 26 -14.78 9.34 -67.89
N SER C 27 -16.07 9.23 -67.56
CA SER C 27 -16.57 7.99 -66.97
C SER C 27 -16.47 6.84 -67.94
N LEU C 28 -16.65 7.09 -69.23
CA LEU C 28 -16.67 6.00 -70.16
C LEU C 28 -15.26 5.47 -70.39
N ALA C 29 -14.27 6.34 -70.38
CA ALA C 29 -12.90 5.89 -70.53
C ALA C 29 -12.45 5.13 -69.30
N ASN C 30 -12.81 5.60 -68.12
CA ASN C 30 -12.36 4.87 -66.95
C ASN C 30 -13.13 3.57 -66.78
N SER C 31 -14.36 3.51 -67.31
CA SER C 31 -15.09 2.26 -67.32
C SER C 31 -14.44 1.25 -68.25
N LEU C 32 -13.90 1.70 -69.38
CA LEU C 32 -13.06 0.85 -70.20
C LEU C 32 -11.87 0.33 -69.41
N ARG C 33 -11.26 1.19 -68.59
CA ARG C 33 -10.11 0.76 -67.80
C ARG C 33 -10.47 -0.32 -66.79
N ARG C 34 -11.61 -0.15 -66.13
CA ARG C 34 -12.03 -1.11 -65.14
C ARG C 34 -12.38 -2.43 -65.79
N THR C 35 -12.95 -2.39 -66.99
CA THR C 35 -13.18 -3.63 -67.70
C THR C 35 -11.88 -4.33 -68.04
N MET C 36 -10.91 -3.60 -68.57
CA MET C 36 -9.71 -4.26 -69.08
C MET C 36 -8.78 -4.70 -67.96
N LEU C 37 -9.02 -4.29 -66.72
CA LEU C 37 -8.46 -5.12 -65.67
C LEU C 37 -9.38 -6.26 -65.30
N ALA C 38 -10.68 -6.03 -65.21
CA ALA C 38 -11.48 -7.00 -64.48
C ALA C 38 -12.18 -8.03 -65.34
N GLU C 39 -13.06 -7.64 -66.24
CA GLU C 39 -14.05 -8.59 -66.75
C GLU C 39 -13.68 -9.26 -68.06
N VAL C 40 -12.43 -9.63 -68.27
CA VAL C 40 -12.09 -10.30 -69.52
C VAL C 40 -12.06 -11.81 -69.32
N PRO C 41 -13.00 -12.56 -69.89
CA PRO C 41 -13.03 -14.00 -69.70
C PRO C 41 -11.83 -14.67 -70.34
N THR C 42 -10.99 -15.28 -69.51
CA THR C 42 -9.84 -16.04 -69.98
C THR C 42 -9.78 -17.35 -69.24
N LEU C 43 -8.66 -18.04 -69.37
CA LEU C 43 -8.57 -19.44 -69.01
C LEU C 43 -7.33 -19.70 -68.18
N ALA C 44 -7.48 -20.43 -67.08
CA ALA C 44 -6.32 -20.77 -66.26
C ALA C 44 -6.60 -22.04 -65.47
N ILE C 45 -5.65 -22.38 -64.59
CA ILE C 45 -5.64 -23.68 -63.95
C ILE C 45 -6.47 -23.69 -62.68
N ASP C 46 -7.57 -24.46 -62.70
CA ASP C 46 -8.65 -24.30 -61.74
C ASP C 46 -8.76 -25.42 -60.69
N LEU C 47 -8.56 -26.69 -61.04
CA LEU C 47 -8.40 -27.73 -60.02
C LEU C 47 -7.10 -28.45 -60.32
N VAL C 48 -6.25 -28.62 -59.31
CA VAL C 48 -4.97 -29.28 -59.49
C VAL C 48 -5.00 -30.57 -58.69
N GLU C 49 -4.57 -31.66 -59.31
CA GLU C 49 -4.49 -32.95 -58.66
C GLU C 49 -3.08 -33.49 -58.87
N ILE C 50 -2.30 -33.52 -57.80
CA ILE C 50 -1.01 -34.17 -57.81
C ILE C 50 -1.25 -35.67 -57.94
N LYS C 51 -0.66 -36.28 -58.96
CA LYS C 51 -0.59 -37.72 -58.96
C LYS C 51 0.51 -38.20 -58.04
N MET C 52 1.70 -37.62 -58.14
CA MET C 52 2.79 -37.96 -57.23
C MET C 52 3.73 -36.78 -57.09
N ASN C 53 3.98 -36.37 -55.84
CA ASN C 53 4.94 -35.31 -55.55
C ASN C 53 5.91 -35.81 -54.49
N THR C 54 7.19 -35.46 -54.67
CA THR C 54 8.22 -35.67 -53.67
C THR C 54 9.21 -34.52 -53.60
N SER C 55 8.76 -33.30 -53.74
CA SER C 55 9.72 -32.26 -54.07
C SER C 55 10.36 -31.64 -52.84
N VAL C 56 11.17 -30.61 -53.10
CA VAL C 56 11.52 -29.66 -52.06
C VAL C 56 10.47 -28.59 -51.87
N LEU C 57 9.40 -28.61 -52.64
CA LEU C 57 8.34 -27.65 -52.45
C LEU C 57 7.03 -28.34 -52.14
N ALA C 58 6.25 -27.70 -51.28
CA ALA C 58 4.97 -28.25 -50.90
C ALA C 58 3.96 -28.04 -52.01
N ASP C 59 2.73 -28.40 -51.71
CA ASP C 59 1.87 -28.85 -52.79
C ASP C 59 0.99 -27.72 -53.31
N GLU C 60 0.16 -27.19 -52.44
CA GLU C 60 -0.62 -26.00 -52.72
C GLU C 60 0.24 -24.80 -53.09
N PHE C 61 1.48 -24.78 -52.63
CA PHE C 61 2.52 -23.89 -53.16
C PHE C 61 2.59 -23.99 -54.67
N ILE C 62 2.78 -25.20 -55.18
CA ILE C 62 2.99 -25.35 -56.62
C ILE C 62 1.68 -25.17 -57.35
N SER C 63 0.57 -25.49 -56.72
CA SER C 63 -0.71 -25.23 -57.36
C SER C 63 -0.98 -23.73 -57.48
N HIS C 64 -0.60 -22.98 -56.46
CA HIS C 64 -0.62 -21.52 -56.50
C HIS C 64 0.22 -20.96 -57.64
N ARG C 65 1.47 -21.42 -57.74
CA ARG C 65 2.34 -20.89 -58.78
C ARG C 65 1.86 -21.30 -60.16
N LEU C 66 1.25 -22.47 -60.28
CA LEU C 66 0.65 -22.85 -61.55
C LEU C 66 -0.54 -21.99 -61.89
N GLY C 67 -1.30 -21.60 -60.87
CA GLY C 67 -2.39 -20.68 -61.10
C GLY C 67 -1.94 -19.33 -61.62
N LEU C 68 -0.73 -18.91 -61.26
CA LEU C 68 -0.23 -17.68 -61.88
C LEU C 68 0.28 -17.84 -63.31
N ILE C 69 0.14 -18.99 -63.97
CA ILE C 69 0.85 -19.14 -65.24
C ILE C 69 0.06 -18.68 -66.46
N PRO C 70 0.67 -17.88 -67.33
CA PRO C 70 -0.02 -17.37 -68.51
C PRO C 70 -0.21 -18.43 -69.59
N LEU C 71 -1.47 -18.63 -69.95
CA LEU C 71 -1.89 -19.51 -71.03
C LEU C 71 -2.28 -18.69 -72.26
N VAL C 72 -2.36 -19.36 -73.41
CA VAL C 72 -3.01 -18.76 -74.56
C VAL C 72 -4.52 -18.91 -74.41
N SER C 73 -5.26 -17.81 -74.52
CA SER C 73 -6.71 -17.95 -74.60
C SER C 73 -7.29 -17.12 -75.72
N GLU C 74 -6.67 -17.15 -76.91
CA GLU C 74 -7.18 -16.37 -78.03
C GLU C 74 -8.55 -16.87 -78.48
N ASP C 75 -8.79 -18.16 -78.33
CA ASP C 75 -9.97 -18.79 -78.88
C ASP C 75 -11.05 -18.97 -77.82
N VAL C 76 -10.98 -18.22 -76.72
CA VAL C 76 -11.59 -18.69 -75.49
C VAL C 76 -13.10 -18.48 -75.44
N GLU C 77 -13.68 -17.63 -76.30
CA GLU C 77 -15.10 -17.35 -76.12
C GLU C 77 -15.98 -18.44 -76.70
N GLU C 78 -15.42 -19.36 -77.48
CA GLU C 78 -16.14 -20.60 -77.73
C GLU C 78 -15.81 -21.69 -76.72
N MET C 79 -15.22 -21.32 -75.60
CA MET C 79 -15.19 -22.17 -74.43
C MET C 79 -16.03 -21.52 -73.34
N LYS C 80 -16.90 -22.31 -72.72
CA LYS C 80 -17.90 -21.80 -71.81
C LYS C 80 -17.32 -21.61 -70.42
N TYR C 81 -18.13 -21.08 -69.51
CA TYR C 81 -17.68 -21.00 -68.12
C TYR C 81 -17.81 -22.35 -67.45
N SER C 82 -16.94 -22.56 -66.46
CA SER C 82 -16.90 -23.83 -65.75
C SER C 82 -18.19 -24.12 -65.01
N ARG C 83 -18.75 -23.11 -64.36
CA ARG C 83 -19.85 -23.38 -63.44
C ARG C 83 -21.17 -23.50 -64.15
N ASP C 84 -21.19 -23.36 -65.48
CA ASP C 84 -22.37 -23.63 -66.26
C ASP C 84 -22.10 -24.56 -67.45
N CYS C 85 -20.98 -25.29 -67.45
CA CYS C 85 -20.76 -26.29 -68.48
C CYS C 85 -21.42 -27.60 -68.08
N THR C 86 -21.98 -28.29 -69.08
CA THR C 86 -22.97 -29.34 -68.89
C THR C 86 -22.39 -30.66 -68.38
N CYS C 87 -21.21 -30.66 -67.79
CA CYS C 87 -20.68 -31.85 -67.17
C CYS C 87 -20.62 -31.71 -65.64
N GLU C 88 -20.95 -32.82 -64.98
CA GLU C 88 -20.35 -33.14 -63.69
C GLU C 88 -18.90 -33.50 -63.96
N ASP C 89 -18.09 -33.51 -62.90
CA ASP C 89 -16.69 -33.08 -62.82
C ASP C 89 -15.85 -33.57 -64.02
N TYR C 90 -14.83 -32.77 -64.34
CA TYR C 90 -14.31 -32.36 -65.64
C TYR C 90 -14.41 -33.40 -66.77
N CYS C 91 -14.73 -32.91 -67.96
CA CYS C 91 -14.62 -33.69 -69.18
C CYS C 91 -13.87 -32.86 -70.23
N ASP C 92 -13.89 -33.30 -71.49
CA ASP C 92 -13.17 -32.62 -72.57
C ASP C 92 -14.07 -31.69 -73.39
N GLU C 93 -15.19 -31.25 -72.82
CA GLU C 93 -15.95 -30.12 -73.34
C GLU C 93 -15.43 -28.79 -72.84
N CYS C 94 -15.00 -28.72 -71.56
CA CYS C 94 -14.61 -27.46 -70.92
C CYS C 94 -13.31 -27.57 -70.12
N SER C 95 -12.39 -28.44 -70.49
CA SER C 95 -11.16 -28.48 -69.73
C SER C 95 -10.00 -28.45 -70.69
N VAL C 96 -8.84 -28.07 -70.19
CA VAL C 96 -7.57 -28.34 -70.85
C VAL C 96 -6.69 -29.07 -69.86
N VAL C 97 -6.76 -30.38 -69.90
CA VAL C 97 -6.12 -31.20 -68.90
C VAL C 97 -4.64 -31.26 -69.18
N LEU C 98 -3.86 -30.63 -68.33
CA LEU C 98 -2.41 -30.82 -68.34
C LEU C 98 -2.05 -31.93 -67.37
N GLU C 99 -1.44 -32.97 -67.91
CA GLU C 99 -0.72 -33.93 -67.10
C GLU C 99 0.76 -33.74 -67.34
N LEU C 100 1.49 -33.49 -66.28
CA LEU C 100 2.92 -33.33 -66.40
C LEU C 100 3.61 -34.25 -65.42
N SER C 101 4.63 -34.95 -65.90
CA SER C 101 5.62 -35.47 -64.98
C SER C 101 7.00 -35.34 -65.56
N ALA C 102 7.68 -34.25 -65.31
CA ALA C 102 9.12 -34.27 -65.38
C ALA C 102 9.61 -35.05 -64.17
N ARG C 103 10.84 -35.55 -64.27
CA ARG C 103 11.35 -36.44 -63.26
C ARG C 103 12.86 -36.47 -63.39
N HIS C 104 13.54 -36.01 -62.35
CA HIS C 104 14.99 -35.96 -62.37
C HIS C 104 15.49 -37.39 -62.26
N GLU C 105 15.57 -38.05 -63.39
CA GLU C 105 16.15 -39.36 -63.52
C GLU C 105 17.64 -39.24 -63.72
N GLY C 106 18.40 -40.06 -63.01
CA GLY C 106 19.81 -39.83 -62.86
C GLY C 106 19.97 -39.11 -61.55
N GLU C 107 20.94 -39.50 -60.74
CA GLU C 107 20.91 -39.08 -59.35
C GLU C 107 21.76 -37.85 -59.09
N GLU C 108 21.97 -37.01 -60.10
CA GLU C 108 22.82 -35.84 -59.97
C GLU C 108 22.25 -34.69 -60.79
N GLY C 109 21.91 -33.61 -60.10
CA GLY C 109 21.73 -32.35 -60.77
C GLY C 109 20.37 -31.70 -60.64
N THR C 110 20.24 -30.61 -61.38
CA THR C 110 19.20 -29.62 -61.25
C THR C 110 18.23 -29.74 -62.42
N THR C 111 16.95 -29.90 -62.10
CA THR C 111 15.93 -30.11 -63.10
C THR C 111 14.87 -29.01 -63.01
N ASP C 112 14.87 -28.11 -63.98
CA ASP C 112 13.94 -27.00 -63.93
C ASP C 112 12.72 -27.31 -64.79
N VAL C 113 11.63 -27.69 -64.14
CA VAL C 113 10.35 -27.87 -64.81
C VAL C 113 9.91 -26.51 -65.29
N TYR C 114 10.00 -26.28 -66.59
CA TYR C 114 9.62 -24.98 -67.11
C TYR C 114 8.24 -24.98 -67.71
N SER C 115 7.90 -23.79 -68.19
CA SER C 115 6.63 -23.62 -68.88
C SER C 115 6.62 -24.35 -70.20
N SER C 116 7.77 -24.46 -70.87
CA SER C 116 7.72 -25.07 -72.19
C SER C 116 7.55 -26.58 -72.14
N SER C 117 7.83 -27.21 -71.01
CA SER C 117 7.62 -28.64 -70.91
C SER C 117 6.18 -29.00 -70.61
N LEU C 118 5.34 -28.02 -70.32
CA LEU C 118 3.96 -28.28 -69.93
C LEU C 118 3.20 -28.84 -71.11
N ILE C 119 2.50 -29.95 -70.92
CA ILE C 119 1.87 -30.68 -72.01
C ILE C 119 0.37 -30.49 -71.96
N LYS C 120 -0.19 -29.95 -73.04
CA LYS C 120 -1.61 -30.14 -73.27
C LYS C 120 -1.87 -31.56 -73.69
N VAL C 121 -2.73 -32.24 -72.93
CA VAL C 121 -3.17 -33.57 -73.26
C VAL C 121 -4.50 -33.56 -73.98
N SER C 122 -5.44 -32.74 -73.53
CA SER C 122 -6.70 -32.60 -74.25
C SER C 122 -7.20 -31.17 -74.04
N GLY C 123 -8.42 -30.93 -74.52
CA GLY C 123 -8.92 -29.60 -74.72
C GLY C 123 -9.96 -29.70 -75.81
N PRO C 124 -10.98 -28.85 -75.78
CA PRO C 124 -12.03 -28.95 -76.81
C PRO C 124 -11.53 -28.38 -78.12
N GLY C 125 -10.71 -29.18 -78.80
CA GLY C 125 -9.90 -28.67 -79.88
C GLY C 125 -10.69 -28.54 -81.18
N ASN C 126 -10.00 -28.05 -82.22
CA ASN C 126 -8.56 -27.73 -82.18
C ASN C 126 -8.31 -26.26 -81.92
N LEU C 127 -9.16 -25.67 -81.07
CA LEU C 127 -8.99 -24.30 -80.64
C LEU C 127 -7.67 -24.18 -79.88
N ASN C 128 -6.81 -23.27 -80.32
CA ASN C 128 -5.45 -23.22 -79.81
C ASN C 128 -5.45 -22.52 -78.46
N VAL C 129 -5.97 -23.21 -77.47
CA VAL C 129 -6.09 -22.69 -76.12
C VAL C 129 -5.07 -23.41 -75.26
N GLY C 130 -4.78 -22.86 -74.10
CA GLY C 130 -4.08 -23.59 -73.05
C GLY C 130 -2.64 -23.89 -73.32
N GLU C 131 -2.08 -23.43 -74.40
CA GLU C 131 -0.66 -23.53 -74.54
C GLU C 131 -0.04 -22.49 -73.62
N PRO C 132 1.10 -22.77 -73.01
CA PRO C 132 1.81 -21.71 -72.29
C PRO C 132 2.28 -20.67 -73.27
N VAL C 133 2.16 -19.41 -72.87
CA VAL C 133 2.51 -18.33 -73.79
C VAL C 133 4.00 -18.26 -73.95
N ARG C 134 4.43 -18.12 -75.19
CA ARG C 134 5.83 -18.20 -75.56
C ARG C 134 6.28 -16.85 -76.09
N ARG C 135 7.31 -16.28 -75.46
CA ARG C 135 7.89 -15.04 -75.96
C ARG C 135 8.45 -15.23 -77.36
N ASP C 136 9.52 -15.99 -77.45
CA ASP C 136 10.00 -16.53 -78.68
C ASP C 136 9.53 -17.98 -78.63
N ASP C 137 9.92 -18.79 -79.60
CA ASP C 137 9.60 -20.20 -79.45
C ASP C 137 10.64 -20.95 -78.62
N TYR C 138 11.79 -20.34 -78.36
CA TYR C 138 12.81 -20.88 -77.49
C TYR C 138 12.68 -20.32 -76.09
N ASP C 139 11.44 -20.11 -75.67
CA ASP C 139 11.08 -19.53 -74.39
C ASP C 139 10.74 -20.65 -73.42
N GLN C 140 11.75 -21.15 -72.72
CA GLN C 140 11.51 -22.17 -71.71
C GLN C 140 10.62 -21.66 -70.59
N GLY C 141 11.02 -20.57 -69.94
CA GLY C 141 10.04 -19.69 -69.33
C GLY C 141 9.88 -19.75 -67.83
N ILE C 142 8.69 -20.11 -67.40
CA ILE C 142 8.23 -19.91 -66.04
C ILE C 142 8.90 -20.91 -65.12
N LEU C 143 9.47 -20.40 -64.05
CA LEU C 143 10.32 -21.21 -63.20
C LEU C 143 9.50 -21.92 -62.14
N LEU C 144 9.00 -23.10 -62.47
CA LEU C 144 8.10 -23.82 -61.58
C LEU C 144 8.76 -24.65 -60.50
N CYS C 145 9.89 -25.29 -60.75
CA CYS C 145 10.42 -26.21 -59.76
C CYS C 145 11.90 -26.41 -60.02
N LYS C 146 12.61 -26.79 -58.97
CA LYS C 146 13.96 -27.28 -59.16
C LYS C 146 14.06 -28.67 -58.54
N LEU C 147 14.21 -29.69 -59.38
CA LEU C 147 14.16 -31.05 -58.92
C LEU C 147 15.53 -31.69 -58.88
N ARG C 148 15.71 -32.57 -57.89
CA ARG C 148 16.89 -33.40 -57.68
C ARG C 148 16.50 -34.87 -57.60
N ASN C 149 17.47 -35.67 -57.14
CA ASN C 149 17.53 -37.14 -57.19
C ASN C 149 16.21 -37.80 -56.87
N HIS C 150 15.67 -38.52 -57.84
CA HIS C 150 14.45 -39.32 -57.77
C HIS C 150 13.21 -38.54 -57.38
N GLN C 151 13.23 -37.22 -57.35
CA GLN C 151 12.13 -36.48 -56.75
C GLN C 151 10.96 -36.45 -57.71
N GLU C 152 10.12 -37.46 -57.61
CA GLU C 152 9.09 -37.67 -58.60
C GLU C 152 8.01 -36.64 -58.42
N LEU C 153 7.77 -35.91 -59.50
CA LEU C 153 6.77 -34.87 -59.55
C LEU C 153 5.84 -35.22 -60.69
N ASN C 154 4.72 -35.85 -60.37
CA ASN C 154 3.72 -36.17 -61.40
C ASN C 154 2.45 -35.42 -61.04
N ILE C 155 2.07 -34.48 -61.88
CA ILE C 155 0.96 -33.59 -61.59
C ILE C 155 -0.06 -33.66 -62.71
N ARG C 156 -1.31 -33.44 -62.34
CA ARG C 156 -2.42 -33.42 -63.29
C ARG C 156 -3.31 -32.23 -63.00
N CYS C 157 -3.35 -31.29 -63.93
CA CYS C 157 -4.15 -30.09 -63.79
C CYS C 157 -5.36 -30.11 -64.70
N ILE C 158 -6.37 -29.35 -64.32
CA ILE C 158 -7.51 -29.04 -65.17
C ILE C 158 -7.36 -27.56 -65.48
N ALA C 159 -7.90 -27.11 -66.61
CA ALA C 159 -7.95 -25.70 -66.91
C ALA C 159 -9.39 -25.27 -67.16
N LYS C 160 -9.89 -24.36 -66.33
CA LYS C 160 -11.26 -23.89 -66.49
C LYS C 160 -11.28 -22.37 -66.51
N LYS C 161 -12.45 -21.82 -66.76
CA LYS C 161 -12.53 -20.47 -67.30
C LYS C 161 -13.14 -19.49 -66.32
N GLY C 162 -12.30 -18.63 -65.77
CA GLY C 162 -12.72 -17.69 -64.74
C GLY C 162 -12.28 -16.29 -65.12
N ILE C 163 -12.78 -15.32 -64.37
CA ILE C 163 -12.52 -13.91 -64.65
C ILE C 163 -11.74 -13.38 -63.48
N ALA C 164 -11.39 -12.09 -63.55
CA ALA C 164 -10.61 -11.55 -62.45
C ALA C 164 -11.43 -11.38 -61.18
N LYS C 165 -12.75 -11.45 -61.26
CA LYS C 165 -13.59 -11.23 -60.09
C LYS C 165 -13.49 -12.38 -59.10
N GLU C 166 -13.38 -13.60 -59.60
CA GLU C 166 -13.21 -14.74 -58.71
C GLU C 166 -11.90 -14.66 -57.97
N HIS C 167 -10.86 -14.24 -58.66
CA HIS C 167 -9.51 -14.34 -58.18
C HIS C 167 -8.67 -13.67 -59.25
N ALA C 168 -7.49 -13.18 -58.89
CA ALA C 168 -6.71 -12.51 -59.91
C ALA C 168 -5.72 -13.42 -60.61
N LYS C 169 -5.83 -14.72 -60.46
CA LYS C 169 -5.05 -15.55 -61.35
C LYS C 169 -5.62 -15.51 -62.75
N TRP C 170 -6.87 -15.13 -62.89
CA TRP C 170 -7.43 -14.84 -64.20
C TRP C 170 -7.29 -13.39 -64.57
N SER C 171 -6.21 -12.74 -64.20
CA SER C 171 -5.94 -11.41 -64.75
C SER C 171 -5.62 -11.52 -66.22
N PRO C 172 -6.37 -10.87 -67.09
CA PRO C 172 -5.95 -10.77 -68.49
C PRO C 172 -4.71 -9.92 -68.68
N CYS C 173 -4.59 -8.78 -68.00
CA CYS C 173 -3.54 -7.84 -68.32
C CYS C 173 -2.94 -7.20 -67.08
N SER C 174 -1.95 -6.35 -67.33
CA SER C 174 -0.91 -6.06 -66.37
C SER C 174 -0.98 -4.69 -65.73
N ALA C 175 -0.93 -3.62 -66.52
CA ALA C 175 -0.80 -2.30 -65.91
C ALA C 175 -1.30 -1.22 -66.85
N ILE C 176 -2.14 -0.33 -66.35
CA ILE C 176 -2.92 0.57 -67.21
C ILE C 176 -2.61 2.01 -66.84
N ALA C 177 -1.86 2.70 -67.67
CA ALA C 177 -1.73 4.15 -67.51
C ALA C 177 -3.04 4.83 -67.89
N PHE C 178 -3.18 6.08 -67.48
CA PHE C 178 -4.43 6.79 -67.68
C PHE C 178 -4.14 8.24 -67.36
N GLU C 179 -4.32 9.17 -68.32
CA GLU C 179 -4.35 10.58 -67.97
C GLU C 179 -5.01 11.41 -69.05
N TYR C 180 -5.52 12.55 -68.60
CA TYR C 180 -6.29 13.50 -69.37
C TYR C 180 -5.98 14.86 -68.80
N ASP C 181 -5.99 15.87 -69.66
CA ASP C 181 -5.62 17.24 -69.33
C ASP C 181 -4.25 17.28 -68.63
N PRO C 182 -3.17 17.04 -69.36
CA PRO C 182 -1.86 17.05 -68.71
C PRO C 182 -1.40 18.42 -68.28
N HIS C 183 -2.04 19.49 -68.76
CA HIS C 183 -1.71 20.82 -68.31
C HIS C 183 -2.76 21.45 -67.42
N ASN C 184 -3.67 20.64 -66.85
CA ASN C 184 -4.52 21.03 -65.72
C ASN C 184 -5.41 22.22 -66.07
N LYS C 185 -5.81 22.33 -67.33
CA LYS C 185 -6.58 23.48 -67.78
C LYS C 185 -8.01 23.46 -67.24
N LEU C 186 -8.42 22.42 -66.54
CA LEU C 186 -9.69 22.45 -65.86
C LEU C 186 -9.56 22.83 -64.40
N LYS C 187 -8.34 22.84 -63.88
CA LYS C 187 -8.07 22.88 -62.44
C LYS C 187 -8.87 21.84 -61.68
N HIS C 188 -9.05 20.66 -62.29
CA HIS C 188 -9.50 19.53 -61.51
C HIS C 188 -8.52 19.14 -60.46
N THR C 189 -7.23 19.21 -60.73
CA THR C 189 -6.32 18.94 -59.66
C THR C 189 -5.75 20.24 -59.15
N ASP C 190 -5.19 20.16 -57.98
CA ASP C 190 -4.63 21.28 -57.25
C ASP C 190 -3.27 20.82 -56.79
N PHE C 191 -2.24 21.50 -57.21
CA PHE C 191 -0.91 21.11 -56.77
C PHE C 191 -0.68 21.53 -55.34
N TRP C 192 -0.04 20.64 -54.58
CA TRP C 192 0.70 21.05 -53.41
C TRP C 192 2.04 21.60 -53.85
N PHE C 193 2.48 22.69 -53.22
CA PHE C 193 3.68 23.34 -53.71
C PHE C 193 4.35 24.10 -52.60
N GLU C 194 5.67 23.98 -52.55
CA GLU C 194 6.43 24.82 -51.65
C GLU C 194 6.46 26.24 -52.18
N VAL C 195 7.06 26.40 -53.35
CA VAL C 195 7.55 27.69 -53.77
C VAL C 195 6.66 28.18 -54.90
N ASP C 196 6.52 27.36 -55.94
CA ASP C 196 5.88 27.83 -57.15
C ASP C 196 5.44 26.63 -57.97
N ALA C 197 4.20 26.69 -58.46
CA ALA C 197 3.54 25.50 -58.98
C ALA C 197 4.13 25.05 -60.30
N LYS C 198 4.68 25.97 -61.07
CA LYS C 198 5.04 25.59 -62.43
C LYS C 198 6.36 24.85 -62.45
N LYS C 199 7.26 25.14 -61.53
CA LYS C 199 8.63 24.67 -61.69
C LYS C 199 8.78 23.20 -61.37
N GLU C 200 8.09 22.70 -60.34
CA GLU C 200 8.56 21.49 -59.72
C GLU C 200 7.86 20.21 -60.17
N TRP C 201 6.66 20.29 -60.71
CA TRP C 201 5.98 19.11 -61.21
C TRP C 201 6.35 18.89 -62.66
N PRO C 202 7.10 17.85 -62.99
CA PRO C 202 7.63 17.72 -64.34
C PRO C 202 6.56 17.30 -65.31
N ASP C 203 6.83 17.62 -66.58
CA ASP C 203 5.82 17.54 -67.61
C ASP C 203 5.44 16.10 -67.89
N SER C 204 4.27 15.92 -68.46
CA SER C 204 3.86 14.58 -68.79
C SER C 204 4.59 14.10 -70.02
N LYS C 205 4.52 12.79 -70.23
CA LYS C 205 4.84 12.20 -71.52
C LYS C 205 3.80 12.49 -72.56
N TYR C 206 2.72 13.17 -72.20
CA TYR C 206 1.81 13.72 -73.19
C TYR C 206 1.76 15.23 -73.13
N ALA C 207 2.75 15.85 -72.51
CA ALA C 207 2.82 17.31 -72.55
C ALA C 207 3.06 17.80 -73.97
N THR C 208 3.93 17.13 -74.69
CA THR C 208 4.32 17.57 -76.01
C THR C 208 3.31 17.22 -77.08
N TRP C 209 2.21 16.57 -76.72
CA TRP C 209 1.13 16.37 -77.65
C TRP C 209 0.12 17.51 -77.66
N GLU C 210 0.25 18.47 -76.75
CA GLU C 210 -0.58 19.67 -76.76
C GLU C 210 0.26 20.89 -76.41
N GLU C 211 -0.41 22.03 -76.27
CA GLU C 211 0.10 23.38 -76.06
C GLU C 211 0.12 23.73 -74.57
N PRO C 212 0.87 24.76 -74.16
CA PRO C 212 0.75 25.24 -72.79
C PRO C 212 -0.50 26.10 -72.63
N PRO C 213 -0.85 26.50 -71.40
CA PRO C 213 -1.88 27.51 -71.24
C PRO C 213 -1.26 28.90 -71.21
N LYS C 214 -2.04 29.89 -71.60
CA LYS C 214 -1.58 31.27 -71.59
C LYS C 214 -2.08 31.96 -70.32
N PRO C 215 -1.24 32.76 -69.67
CA PRO C 215 -1.61 33.32 -68.36
C PRO C 215 -2.78 34.29 -68.40
N GLY C 216 -3.08 34.88 -69.55
CA GLY C 216 -4.17 35.83 -69.63
C GLY C 216 -5.51 35.17 -69.81
N GLU C 217 -5.52 33.87 -70.06
CA GLU C 217 -6.77 33.17 -70.31
C GLU C 217 -7.56 33.01 -69.02
N VAL C 218 -8.88 33.12 -69.11
CA VAL C 218 -9.74 32.87 -67.98
C VAL C 218 -9.96 31.37 -67.81
N PHE C 219 -10.56 31.02 -66.69
CA PHE C 219 -10.97 29.66 -66.39
C PHE C 219 -12.13 29.28 -67.29
N ASP C 220 -11.90 28.39 -68.24
CA ASP C 220 -12.97 27.96 -69.12
C ASP C 220 -13.85 27.01 -68.32
N TYR C 221 -14.81 27.60 -67.64
CA TYR C 221 -15.75 26.89 -66.82
C TYR C 221 -16.68 25.98 -67.61
N LYS C 222 -17.04 26.31 -68.84
CA LYS C 222 -17.85 25.38 -69.61
C LYS C 222 -17.03 24.36 -70.36
N ALA C 223 -15.71 24.33 -70.18
CA ALA C 223 -14.92 23.26 -70.75
C ALA C 223 -15.06 22.00 -69.92
N LYS C 224 -14.78 20.87 -70.54
CA LYS C 224 -14.84 19.57 -69.90
C LYS C 224 -13.58 18.80 -70.29
N PRO C 225 -13.25 17.70 -69.60
CA PRO C 225 -12.10 16.90 -70.07
C PRO C 225 -12.45 16.19 -71.37
N ASN C 226 -11.49 16.13 -72.28
CA ASN C 226 -11.91 15.66 -73.59
C ASN C 226 -10.91 14.79 -74.33
N ARG C 227 -9.66 14.70 -73.87
CA ARG C 227 -8.66 13.87 -74.52
C ARG C 227 -7.92 13.04 -73.49
N PHE C 228 -7.79 11.75 -73.78
CA PHE C 228 -7.35 10.74 -72.82
C PHE C 228 -6.10 10.09 -73.37
N TYR C 229 -5.43 9.28 -72.56
CA TYR C 229 -4.32 8.46 -72.99
C TYR C 229 -4.25 7.24 -72.10
N MET C 230 -4.20 6.05 -72.67
CA MET C 230 -4.07 4.88 -71.79
C MET C 230 -3.10 3.90 -72.39
N THR C 231 -2.71 2.90 -71.61
CA THR C 231 -1.68 1.95 -71.97
C THR C 231 -2.10 0.56 -71.54
N VAL C 232 -2.54 -0.25 -72.48
CA VAL C 232 -3.07 -1.58 -72.19
C VAL C 232 -1.99 -2.57 -72.56
N GLU C 233 -1.14 -2.96 -71.62
CA GLU C 233 -0.11 -3.94 -71.93
C GLU C 233 -0.68 -5.35 -71.95
N THR C 234 0.17 -6.31 -72.29
CA THR C 234 -0.25 -7.71 -72.36
C THR C 234 0.63 -8.55 -71.45
N THR C 235 0.03 -9.63 -70.96
CA THR C 235 0.73 -10.75 -70.37
C THR C 235 1.24 -11.70 -71.41
N GLY C 236 0.84 -11.51 -72.64
CA GLY C 236 1.06 -12.50 -73.67
C GLY C 236 -0.11 -13.42 -73.86
N SER C 237 -1.05 -13.44 -72.90
CA SER C 237 -2.17 -14.36 -72.98
C SER C 237 -3.09 -14.03 -74.14
N LEU C 238 -3.21 -12.75 -74.44
CA LEU C 238 -3.93 -12.29 -75.60
C LEU C 238 -2.99 -11.34 -76.33
N LYS C 239 -3.38 -10.91 -77.52
CA LYS C 239 -2.70 -9.79 -78.12
C LYS C 239 -3.54 -8.53 -77.91
N ALA C 240 -2.87 -7.37 -77.86
CA ALA C 240 -3.44 -6.18 -77.23
C ALA C 240 -4.68 -5.70 -77.96
N ASN C 241 -4.68 -5.80 -79.28
CA ASN C 241 -5.88 -5.54 -80.07
C ASN C 241 -7.04 -6.44 -79.66
N GLN C 242 -6.77 -7.72 -79.41
CA GLN C 242 -7.83 -8.64 -79.01
C GLN C 242 -8.33 -8.30 -77.62
N VAL C 243 -7.42 -7.85 -76.75
CA VAL C 243 -7.76 -7.43 -75.40
C VAL C 243 -8.76 -6.31 -75.45
N PHE C 244 -8.38 -5.27 -76.16
CA PHE C 244 -9.20 -4.08 -76.33
C PHE C 244 -10.56 -4.43 -76.91
N SER C 245 -10.54 -5.27 -77.95
CA SER C 245 -11.76 -5.64 -78.65
C SER C 245 -12.70 -6.38 -77.74
N ARG C 246 -12.19 -7.40 -77.06
CA ARG C 246 -13.06 -8.23 -76.25
C ARG C 246 -13.47 -7.53 -74.97
N GLY C 247 -12.66 -6.61 -74.47
CA GLY C 247 -13.06 -5.84 -73.32
C GLY C 247 -14.23 -4.94 -73.63
N ILE C 248 -14.16 -4.27 -74.78
CA ILE C 248 -15.31 -3.52 -75.24
C ILE C 248 -16.49 -4.43 -75.45
N LYS C 249 -16.24 -5.61 -76.03
CA LYS C 249 -17.30 -6.57 -76.33
C LYS C 249 -18.01 -7.03 -75.07
N THR C 250 -17.23 -7.34 -74.04
CA THR C 250 -17.80 -7.81 -72.79
C THR C 250 -18.59 -6.71 -72.12
N LEU C 251 -18.07 -5.49 -72.19
CA LEU C 251 -18.74 -4.38 -71.56
C LEU C 251 -20.06 -4.09 -72.24
N GLN C 252 -20.08 -4.21 -73.58
CA GLN C 252 -21.30 -4.21 -74.36
C GLN C 252 -22.28 -5.26 -73.85
N GLU C 253 -21.78 -6.47 -73.62
CA GLU C 253 -22.68 -7.57 -73.29
C GLU C 253 -23.30 -7.39 -71.92
N LYS C 254 -22.54 -6.85 -70.98
CA LYS C 254 -23.10 -6.57 -69.66
C LYS C 254 -24.14 -5.45 -69.73
N LEU C 255 -23.83 -4.41 -70.50
CA LEU C 255 -24.79 -3.32 -70.67
C LEU C 255 -26.06 -3.81 -71.37
N ALA C 256 -25.90 -4.72 -72.31
CA ALA C 256 -27.05 -5.24 -73.03
C ALA C 256 -27.88 -6.15 -72.15
N ASN C 257 -27.24 -6.84 -71.20
CA ASN C 257 -28.02 -7.68 -70.29
C ASN C 257 -28.82 -6.80 -69.34
N VAL C 258 -28.25 -5.67 -68.93
CA VAL C 258 -29.00 -4.71 -68.13
C VAL C 258 -30.19 -4.19 -68.91
N LEU C 259 -29.96 -3.90 -70.19
CA LEU C 259 -31.04 -3.50 -71.10
C LEU C 259 -32.12 -4.55 -71.17
N PHE C 260 -31.73 -5.82 -71.26
CA PHE C 260 -32.74 -6.87 -71.41
C PHE C 260 -33.51 -7.07 -70.12
N GLU C 261 -32.86 -6.91 -68.98
CA GLU C 261 -33.61 -7.05 -67.74
C GLU C 261 -34.55 -5.90 -67.54
N LEU C 262 -34.18 -4.71 -68.04
CA LEU C 262 -35.13 -3.62 -68.12
C LEU C 262 -36.32 -4.00 -68.96
N GLU C 263 -36.07 -4.47 -70.17
CA GLU C 263 -37.14 -4.72 -71.11
C GLU C 263 -37.94 -5.97 -70.79
N ASN C 264 -37.42 -6.85 -69.95
CA ASN C 264 -38.13 -8.06 -69.55
C ASN C 264 -38.91 -7.86 -68.27
N SER C 265 -38.37 -7.08 -67.32
CA SER C 265 -39.18 -6.52 -66.27
C SER C 265 -40.32 -5.70 -66.85
N ARG C 266 -40.03 -4.94 -67.90
CA ARG C 266 -41.04 -4.30 -68.72
C ARG C 266 -41.90 -5.36 -69.37
N VAL D 3 -47.57 -26.35 1.58
CA VAL D 3 -48.60 -25.92 0.64
C VAL D 3 -49.50 -24.87 1.29
N SER D 4 -50.54 -25.30 2.00
CA SER D 4 -51.44 -24.38 2.69
C SER D 4 -50.89 -24.10 4.09
N THR D 5 -50.88 -22.84 4.49
CA THR D 5 -50.28 -22.41 5.75
C THR D 5 -51.28 -21.57 6.54
N SER D 6 -50.88 -21.15 7.75
CA SER D 6 -51.80 -20.45 8.63
C SER D 6 -51.26 -19.12 9.16
N THR D 7 -51.99 -18.55 10.12
CA THR D 7 -51.59 -17.28 10.73
C THR D 7 -50.37 -17.41 11.63
N VAL D 8 -50.26 -18.51 12.37
CA VAL D 8 -49.13 -18.65 13.29
C VAL D 8 -47.85 -18.85 12.52
N GLY D 9 -46.88 -17.95 12.72
CA GLY D 9 -45.57 -18.10 12.11
C GLY D 9 -44.42 -18.16 13.09
N GLU D 22 -46.04 -32.64 23.44
CA GLU D 22 -46.77 -33.82 22.95
C GLU D 22 -48.25 -33.64 23.16
N GLU D 23 -49.00 -33.74 22.06
CA GLU D 23 -50.44 -33.52 22.11
C GLU D 23 -51.17 -34.60 22.91
N ASN D 24 -51.86 -34.14 23.94
CA ASN D 24 -52.61 -34.98 24.87
C ASN D 24 -53.92 -34.23 25.07
N ALA D 25 -55.03 -34.73 24.53
CA ALA D 25 -56.29 -34.01 24.76
C ALA D 25 -56.69 -34.03 26.23
N THR D 26 -56.28 -35.06 26.97
CA THR D 26 -56.57 -35.13 28.40
C THR D 26 -55.90 -33.97 29.15
N LEU D 27 -54.67 -33.63 28.81
CA LEU D 27 -53.96 -32.52 29.44
C LEU D 27 -54.11 -31.18 28.71
N LEU D 28 -55.03 -31.08 27.75
CA LEU D 28 -55.26 -29.85 27.00
C LEU D 28 -53.99 -29.34 26.30
N ARG D 29 -53.17 -30.24 25.78
CA ARG D 29 -52.02 -29.82 24.99
C ARG D 29 -52.38 -30.07 23.53
N LEU D 30 -52.71 -29.00 22.80
CA LEU D 30 -53.21 -29.11 21.44
C LEU D 30 -52.19 -28.71 20.38
N GLY D 31 -50.94 -28.47 20.78
CA GLY D 31 -49.90 -28.14 19.84
C GLY D 31 -49.85 -26.67 19.49
N PRO D 32 -48.93 -26.32 18.58
CA PRO D 32 -48.66 -24.90 18.27
C PRO D 32 -49.76 -24.22 17.46
N GLU D 33 -50.58 -24.99 16.74
CA GLU D 33 -51.61 -24.42 15.88
C GLU D 33 -52.88 -24.06 16.62
N PHE D 34 -53.18 -24.72 17.73
CA PHE D 34 -54.48 -24.49 18.36
C PHE D 34 -54.35 -23.91 19.77
N ALA D 35 -53.51 -22.89 19.90
CA ALA D 35 -53.37 -22.12 21.13
C ALA D 35 -54.68 -21.44 21.50
N LEU D 36 -54.78 -21.02 22.77
CA LEU D 36 -55.98 -20.32 23.23
C LEU D 36 -56.21 -19.02 22.47
N LYS D 37 -55.16 -18.23 22.25
CA LYS D 37 -55.27 -16.96 21.52
C LYS D 37 -54.77 -17.14 20.09
N GLN D 38 -55.69 -17.04 19.12
CA GLN D 38 -55.38 -17.04 17.70
C GLN D 38 -55.35 -15.61 17.15
N TYR D 39 -54.93 -15.50 15.90
CA TYR D 39 -54.94 -14.22 15.20
C TYR D 39 -55.60 -14.38 13.83
N ASP D 40 -56.46 -13.44 13.46
CA ASP D 40 -57.12 -13.46 12.17
C ASP D 40 -56.19 -12.90 11.10
N HIS D 41 -56.70 -12.79 9.86
CA HIS D 41 -55.88 -12.26 8.75
C HIS D 41 -55.63 -10.77 8.83
N ASP D 42 -55.97 -10.07 9.90
CA ASP D 42 -55.64 -8.65 10.04
C ASP D 42 -54.67 -8.39 11.18
N GLY D 43 -54.28 -9.42 11.94
CA GLY D 43 -53.40 -9.27 13.07
C GLY D 43 -54.10 -9.07 14.39
N ASN D 44 -55.44 -9.01 14.39
CA ASN D 44 -56.18 -8.80 15.62
C ASN D 44 -56.21 -10.08 16.44
N GLU D 45 -56.16 -9.91 17.75
CA GLU D 45 -56.19 -11.04 18.67
C GLU D 45 -57.59 -11.61 18.75
N HIS D 46 -57.66 -12.92 19.01
CA HIS D 46 -58.94 -13.62 18.95
C HIS D 46 -58.79 -14.92 19.72
N ASP D 47 -59.82 -15.25 20.50
CA ASP D 47 -59.86 -16.52 21.21
C ASP D 47 -60.05 -17.66 20.23
N LEU D 48 -59.50 -18.83 20.58
CA LEU D 48 -59.59 -19.99 19.70
C LEU D 48 -61.04 -20.39 19.50
N ILE D 49 -61.37 -20.74 18.26
CA ILE D 49 -62.75 -21.05 17.88
C ILE D 49 -62.82 -22.58 17.77
N ALA D 50 -63.22 -23.20 18.88
CA ALA D 50 -63.50 -24.62 18.93
C ALA D 50 -65.00 -24.82 18.75
N LEU D 51 -65.39 -25.82 17.97
CA LEU D 51 -66.77 -25.95 17.56
C LEU D 51 -67.32 -27.30 18.02
N SER D 52 -68.47 -27.26 18.69
CA SER D 52 -69.17 -28.48 19.02
C SER D 52 -69.68 -29.14 17.74
N LEU D 53 -70.12 -30.39 17.88
CA LEU D 53 -70.67 -31.08 16.73
C LEU D 53 -71.89 -30.35 16.17
N SER D 54 -72.62 -29.66 17.05
CA SER D 54 -73.86 -29.00 16.65
C SER D 54 -73.59 -27.69 15.93
N GLU D 55 -72.71 -26.85 16.50
CA GLU D 55 -72.20 -25.67 15.79
C GLU D 55 -71.69 -26.01 14.40
N SER D 56 -70.74 -26.94 14.34
CA SER D 56 -70.14 -27.36 13.06
C SER D 56 -71.18 -27.79 12.05
N ARG D 57 -72.25 -28.44 12.49
CA ARG D 57 -73.28 -28.86 11.54
C ARG D 57 -73.94 -27.65 10.92
N LEU D 58 -74.18 -26.59 11.70
CA LEU D 58 -74.82 -25.39 11.17
C LEU D 58 -73.90 -24.67 10.18
N LEU D 59 -72.64 -24.41 10.56
CA LEU D 59 -71.71 -23.72 9.67
C LEU D 59 -71.54 -24.47 8.34
N ILE D 60 -71.25 -25.76 8.40
CA ILE D 60 -70.95 -26.50 7.18
C ILE D 60 -72.16 -26.51 6.25
N ARG D 61 -73.34 -26.78 6.82
CA ARG D 61 -74.54 -26.80 5.98
C ARG D 61 -74.88 -25.42 5.44
N GLU D 62 -74.71 -24.38 6.28
CA GLU D 62 -74.99 -23.04 5.80
C GLU D 62 -74.03 -22.64 4.68
N ALA D 63 -72.73 -22.87 4.90
CA ALA D 63 -71.73 -22.50 3.91
C ALA D 63 -71.95 -23.21 2.58
N LEU D 64 -72.38 -24.47 2.62
CA LEU D 64 -72.51 -25.22 1.39
C LEU D 64 -73.71 -24.74 0.57
N LYS D 65 -74.83 -24.46 1.24
CA LYS D 65 -76.00 -24.00 0.50
C LYS D 65 -75.88 -22.52 0.10
N ALA D 66 -75.16 -21.72 0.89
CA ALA D 66 -74.86 -20.35 0.50
C ALA D 66 -73.95 -20.29 -0.73
N ARG D 67 -72.99 -21.20 -0.85
CA ARG D 67 -72.16 -21.26 -2.04
C ARG D 67 -72.97 -21.69 -3.26
N SER D 68 -73.90 -22.62 -3.08
CA SER D 68 -74.74 -23.06 -4.18
C SER D 68 -75.66 -21.94 -4.64
N ARG D 69 -76.16 -21.13 -3.71
CA ARG D 69 -77.05 -20.04 -4.06
C ARG D 69 -76.29 -18.94 -4.79
N ALA D 70 -75.06 -18.64 -4.36
CA ALA D 70 -74.26 -17.61 -5.02
C ALA D 70 -73.94 -18.00 -6.46
N ARG D 71 -73.67 -19.28 -6.71
CA ARG D 71 -73.44 -19.73 -8.07
C ARG D 71 -74.69 -19.66 -8.93
N ASN D 72 -75.88 -19.66 -8.32
CA ASN D 72 -77.12 -19.55 -9.05
C ASN D 72 -77.64 -18.12 -9.12
N GLY D 73 -76.81 -17.13 -8.79
CA GLY D 73 -77.24 -15.76 -8.89
C GLY D 73 -78.29 -15.33 -7.89
N GLY D 74 -78.63 -16.16 -6.91
CA GLY D 74 -79.63 -15.78 -5.93
C GLY D 74 -81.01 -16.35 -6.15
N VAL D 75 -81.09 -17.65 -6.45
CA VAL D 75 -82.36 -18.38 -6.38
C VAL D 75 -82.48 -19.13 -5.05
N ILE D 84 -81.02 -28.64 1.67
CA ILE D 84 -82.01 -29.57 2.19
C ILE D 84 -81.35 -30.91 2.55
N ASP D 85 -81.11 -31.75 1.54
CA ASP D 85 -80.57 -33.09 1.74
C ASP D 85 -79.05 -33.04 1.79
N ASP D 86 -78.46 -33.89 2.64
CA ASP D 86 -77.01 -33.84 2.83
C ASP D 86 -76.26 -34.45 1.64
N ASP D 87 -76.80 -35.51 1.04
CA ASP D 87 -76.13 -36.11 -0.11
C ASP D 87 -76.13 -35.16 -1.29
N GLU D 88 -77.15 -34.31 -1.39
CA GLU D 88 -77.22 -33.28 -2.42
C GLU D 88 -76.39 -32.07 -2.03
N LEU D 89 -76.39 -31.72 -0.73
CA LEU D 89 -75.65 -30.56 -0.25
C LEU D 89 -74.14 -30.78 -0.34
N ALA D 90 -73.68 -32.01 -0.22
CA ALA D 90 -72.26 -32.32 -0.33
C ALA D 90 -71.77 -32.33 -1.77
N LYS D 91 -72.68 -32.36 -2.75
CA LYS D 91 -72.30 -32.29 -4.15
C LYS D 91 -71.93 -30.89 -4.59
N VAL D 92 -72.14 -29.89 -3.74
CA VAL D 92 -71.70 -28.53 -4.02
C VAL D 92 -70.18 -28.44 -4.12
N THR D 93 -69.45 -29.31 -3.41
CA THR D 93 -67.99 -29.29 -3.42
C THR D 93 -67.43 -29.68 -4.78
N SER D 94 -66.13 -29.44 -4.94
CA SER D 94 -65.42 -29.59 -6.20
C SER D 94 -64.42 -30.72 -6.05
N GLY D 95 -64.62 -31.81 -6.80
CA GLY D 95 -63.70 -32.93 -6.74
C GLY D 95 -64.23 -34.09 -5.90
N ALA D 96 -63.98 -35.32 -6.34
CA ALA D 96 -64.50 -36.50 -5.64
C ALA D 96 -63.92 -36.66 -4.24
N VAL D 97 -62.68 -36.19 -4.01
CA VAL D 97 -62.10 -36.24 -2.67
C VAL D 97 -62.90 -35.36 -1.71
N ALA D 98 -63.27 -34.15 -2.15
CA ALA D 98 -64.05 -33.26 -1.32
C ALA D 98 -65.48 -33.77 -1.13
N ASN D 99 -66.08 -34.32 -2.19
CA ASN D 99 -67.42 -34.92 -2.03
C ASN D 99 -67.40 -35.98 -0.92
N GLY D 100 -66.33 -36.76 -0.87
CA GLY D 100 -66.19 -37.83 0.10
C GLY D 100 -66.09 -37.32 1.53
N VAL D 101 -65.12 -36.45 1.79
CA VAL D 101 -64.91 -35.96 3.15
C VAL D 101 -66.15 -35.22 3.65
N VAL D 102 -66.82 -34.49 2.78
CA VAL D 102 -67.95 -33.69 3.22
C VAL D 102 -69.15 -34.57 3.49
N LYS D 103 -69.41 -35.55 2.61
CA LYS D 103 -70.51 -36.47 2.84
C LYS D 103 -70.31 -37.29 4.10
N LYS D 104 -69.09 -37.80 4.31
CA LYS D 104 -68.82 -38.55 5.53
C LYS D 104 -68.93 -37.66 6.77
N THR D 105 -68.63 -36.37 6.65
CA THR D 105 -68.71 -35.49 7.80
C THR D 105 -70.17 -35.10 8.12
N LEU D 106 -70.98 -34.90 7.09
CA LEU D 106 -72.37 -34.52 7.35
C LEU D 106 -73.14 -35.65 8.01
N ASP D 107 -73.01 -36.87 7.49
CA ASP D 107 -73.71 -38.02 8.08
C ASP D 107 -73.28 -38.25 9.53
N TYR D 108 -72.00 -38.06 9.83
CA TYR D 108 -71.57 -38.16 11.21
C TYR D 108 -72.24 -37.10 12.07
N LEU D 109 -72.22 -35.84 11.62
CA LEU D 109 -72.90 -34.75 12.31
C LEU D 109 -74.42 -34.93 12.31
N ASN D 110 -74.97 -35.53 11.26
CA ASN D 110 -76.42 -35.76 11.20
C ASN D 110 -76.88 -36.75 12.26
N THR D 111 -76.01 -37.64 12.73
CA THR D 111 -76.38 -38.68 13.67
C THR D 111 -75.77 -38.49 15.06
N PHE D 112 -75.12 -37.36 15.33
CA PHE D 112 -74.57 -37.10 16.67
C PHE D 112 -74.69 -35.66 17.14
N ALA D 113 -75.23 -34.77 16.33
CA ALA D 113 -75.47 -33.38 16.74
C ALA D 113 -76.78 -33.35 17.53
N ARG D 114 -76.67 -33.12 18.84
CA ARG D 114 -77.85 -33.12 19.69
C ARG D 114 -78.77 -31.97 19.33
N PHE D 115 -78.22 -30.77 19.21
CA PHE D 115 -79.01 -29.55 19.02
C PHE D 115 -79.01 -29.25 17.52
N LYS D 116 -79.98 -29.81 16.81
CA LYS D 116 -80.00 -29.82 15.36
C LYS D 116 -80.65 -28.58 14.75
N ASP D 117 -80.88 -27.54 15.54
CA ASP D 117 -81.38 -26.27 15.03
C ASP D 117 -80.71 -25.13 15.77
N GLU D 118 -80.79 -23.93 15.17
CA GLU D 118 -80.10 -22.77 15.72
C GLU D 118 -80.79 -22.22 16.96
N GLU D 119 -82.11 -22.43 17.08
CA GLU D 119 -82.82 -22.05 18.30
C GLU D 119 -82.20 -22.73 19.53
N THR D 120 -82.21 -24.06 19.55
CA THR D 120 -81.56 -24.80 20.64
C THR D 120 -80.07 -24.48 20.73
N CYS D 121 -79.42 -24.30 19.58
CA CYS D 121 -77.96 -24.10 19.58
C CYS D 121 -77.58 -22.79 20.27
N THR D 122 -78.28 -21.70 19.96
CA THR D 122 -78.03 -20.46 20.67
C THR D 122 -78.38 -20.57 22.14
N ALA D 123 -79.41 -21.35 22.48
CA ALA D 123 -79.70 -21.62 23.88
C ALA D 123 -78.53 -22.30 24.57
N VAL D 124 -77.92 -23.30 23.91
CA VAL D 124 -76.71 -23.93 24.45
C VAL D 124 -75.56 -22.94 24.45
N ASP D 125 -75.53 -22.03 23.46
CA ASP D 125 -74.47 -21.04 23.41
C ASP D 125 -74.52 -20.14 24.63
N GLN D 126 -75.70 -19.61 24.94
CA GLN D 126 -75.85 -18.73 26.10
C GLN D 126 -75.67 -19.50 27.41
N LEU D 127 -76.14 -20.75 27.46
CA LEU D 127 -75.98 -21.56 28.66
C LEU D 127 -74.51 -21.73 29.04
N LEU D 128 -73.64 -21.92 28.05
CA LEU D 128 -72.22 -22.15 28.28
C LEU D 128 -71.41 -20.86 28.35
N HIS D 129 -71.88 -19.78 27.73
CA HIS D 129 -71.21 -18.49 27.79
C HIS D 129 -72.00 -17.48 28.64
N LEU D 137 -63.16 -21.42 31.93
CA LEU D 137 -63.83 -22.17 30.88
C LEU D 137 -63.06 -22.16 29.56
N HIS D 138 -62.40 -23.29 29.22
CA HIS D 138 -61.58 -23.37 28.01
C HIS D 138 -62.45 -23.69 26.79
N PRO D 139 -62.10 -23.13 25.61
CA PRO D 139 -62.93 -23.38 24.42
C PRO D 139 -63.03 -24.84 24.00
N PHE D 140 -62.00 -25.65 24.29
CA PHE D 140 -62.06 -27.08 23.99
C PHE D 140 -63.12 -27.79 24.84
N GLU D 141 -63.17 -27.48 26.13
CA GLU D 141 -64.16 -28.08 27.02
C GLU D 141 -65.57 -27.67 26.63
N ILE D 142 -65.76 -26.40 26.25
CA ILE D 142 -67.09 -25.91 25.92
C ILE D 142 -67.68 -26.69 24.75
N ALA D 143 -66.82 -27.07 23.80
CA ALA D 143 -67.29 -27.86 22.65
C ALA D 143 -67.50 -29.32 23.02
N GLN D 144 -66.70 -29.85 23.95
CA GLN D 144 -66.86 -31.25 24.35
C GLN D 144 -68.17 -31.49 25.11
N LEU D 145 -68.46 -30.64 26.12
CA LEU D 145 -69.71 -30.74 26.87
C LEU D 145 -70.93 -30.73 25.96
N SER D 146 -70.90 -29.96 24.87
CA SER D 146 -72.03 -29.94 23.94
C SER D 146 -72.06 -31.16 23.05
N SER D 147 -70.89 -31.67 22.65
CA SER D 147 -70.84 -32.78 21.69
C SER D 147 -71.17 -34.11 22.35
N LEU D 148 -70.66 -34.34 23.56
CA LEU D 148 -70.78 -35.60 24.27
C LEU D 148 -71.94 -35.53 25.24
N GLY D 149 -73.02 -36.24 24.95
CA GLY D 149 -74.11 -36.34 25.91
C GLY D 149 -73.65 -37.04 27.18
N CYS D 150 -74.09 -36.53 28.32
CA CYS D 150 -73.70 -37.10 29.60
C CYS D 150 -74.90 -37.12 30.54
N GLU D 151 -74.87 -38.09 31.47
CA GLU D 151 -75.89 -38.20 32.51
C GLU D 151 -75.52 -37.39 33.75
N ASP D 152 -74.39 -37.73 34.37
CA ASP D 152 -74.03 -37.17 35.67
C ASP D 152 -72.67 -36.47 35.58
N VAL D 153 -72.32 -35.76 36.66
CA VAL D 153 -71.02 -35.12 36.77
C VAL D 153 -69.89 -36.15 36.73
N ASP D 154 -70.15 -37.36 37.26
CA ASP D 154 -69.12 -38.40 37.27
C ASP D 154 -68.64 -38.75 35.87
N GLU D 155 -69.57 -38.81 34.90
CA GLU D 155 -69.21 -39.13 33.52
C GLU D 155 -68.53 -37.97 32.81
N ALA D 156 -68.78 -36.73 33.24
CA ALA D 156 -68.20 -35.58 32.55
C ALA D 156 -66.74 -35.36 32.93
N ILE D 157 -66.40 -35.45 34.22
CA ILE D 157 -65.01 -35.26 34.63
C ILE D 157 -64.12 -36.43 34.28
N THR D 158 -64.69 -37.55 33.86
CA THR D 158 -63.89 -38.68 33.39
C THR D 158 -63.50 -38.47 31.92
N LEU D 159 -64.51 -38.34 31.05
CA LEU D 159 -64.27 -38.14 29.62
C LEU D 159 -63.57 -36.81 29.31
N ILE D 160 -63.68 -35.82 30.19
CA ILE D 160 -63.06 -34.51 30.02
C ILE D 160 -62.26 -34.22 31.28
N PRO D 161 -61.10 -34.84 31.47
CA PRO D 161 -60.39 -34.74 32.75
C PRO D 161 -59.80 -33.36 33.02
N SER D 162 -60.12 -32.38 32.18
CA SER D 162 -59.59 -31.05 32.38
C SER D 162 -60.49 -30.23 33.29
N LEU D 163 -61.76 -30.62 33.43
CA LEU D 163 -62.69 -29.93 34.31
C LEU D 163 -62.41 -30.18 35.78
N ALA D 164 -61.44 -31.04 36.09
CA ALA D 164 -61.04 -31.35 37.47
C ALA D 164 -60.83 -30.11 38.31
N ALA D 165 -59.69 -29.46 38.11
CA ALA D 165 -59.29 -28.33 38.95
C ALA D 165 -59.83 -26.99 38.47
N LYS D 166 -61.09 -26.90 38.06
CA LYS D 166 -61.63 -25.58 37.76
C LYS D 166 -62.59 -25.08 38.82
N LYS D 167 -63.25 -25.98 39.54
CA LYS D 167 -63.94 -25.70 40.80
C LYS D 167 -65.22 -24.87 40.65
N GLU D 168 -65.97 -25.01 39.55
CA GLU D 168 -67.15 -24.16 39.38
C GLU D 168 -68.16 -24.92 38.53
N VAL D 169 -69.07 -25.63 39.19
CA VAL D 169 -69.89 -26.62 38.53
C VAL D 169 -71.13 -25.88 37.99
N ASN D 170 -72.30 -26.14 38.58
CA ASN D 170 -73.63 -26.03 37.97
C ASN D 170 -73.76 -27.09 36.89
N LEU D 171 -72.60 -27.60 36.45
CA LEU D 171 -72.36 -28.73 35.55
C LEU D 171 -73.58 -29.62 35.44
N GLN D 172 -74.15 -29.99 36.60
CA GLN D 172 -75.26 -30.92 36.60
C GLN D 172 -76.49 -30.30 35.94
N ARG D 173 -76.84 -29.07 36.32
CA ARG D 173 -77.96 -28.41 35.66
C ARG D 173 -77.60 -28.00 34.24
N ILE D 174 -76.32 -27.77 33.96
CA ILE D 174 -75.85 -27.68 32.58
C ILE D 174 -76.19 -28.94 31.82
N LEU D 175 -75.72 -30.08 32.31
CA LEU D 175 -76.03 -31.37 31.68
C LEU D 175 -77.53 -31.63 31.65
N ASP D 176 -78.23 -31.25 32.73
CA ASP D 176 -79.68 -31.44 32.76
C ASP D 176 -80.35 -30.56 31.72
N GLU D 177 -79.96 -29.28 31.63
CA GLU D 177 -80.54 -28.42 30.61
C GLU D 177 -80.12 -28.87 29.22
N LEU D 178 -78.85 -29.22 29.05
CA LEU D 178 -78.37 -29.77 27.78
C LEU D 178 -79.17 -31.00 27.37
N ASN D 179 -79.40 -31.92 28.32
CA ASN D 179 -80.16 -33.13 28.01
C ASN D 179 -81.64 -32.82 27.79
N ARG D 180 -82.17 -31.81 28.49
CA ARG D 180 -83.56 -31.43 28.25
C ARG D 180 -83.71 -30.72 26.91
N LEU D 181 -82.79 -29.81 26.60
CA LEU D 181 -82.76 -29.16 25.29
C LEU D 181 -82.55 -30.16 24.17
N GLU D 182 -81.87 -31.28 24.44
CA GLU D 182 -81.63 -32.32 23.45
C GLU D 182 -82.94 -32.90 22.92
N ASP D 183 -83.22 -32.67 21.64
CA ASP D 183 -84.46 -33.17 21.04
C ASP D 183 -84.47 -34.68 20.97
N PRO D 184 -85.66 -35.30 20.91
CA PRO D 184 -85.74 -36.74 20.69
C PRO D 184 -85.29 -37.14 19.29
N TYR D 185 -85.12 -38.45 19.10
CA TYR D 185 -84.69 -38.99 17.82
C TYR D 185 -85.40 -40.29 17.46
N GLU E 2 1.90 45.03 25.44
CA GLU E 2 2.93 44.13 25.93
C GLU E 2 2.38 42.73 26.06
N ASP E 3 3.18 41.83 26.65
CA ASP E 3 2.78 40.44 26.83
C ASP E 3 1.57 40.31 27.75
N ASN E 4 1.36 41.30 28.63
CA ASN E 4 0.16 41.29 29.46
C ASN E 4 -1.07 41.73 28.68
N ASN E 5 -0.94 42.75 27.82
CA ASN E 5 -2.07 43.29 27.07
C ASN E 5 -2.69 42.25 26.17
N ARG E 6 -1.87 41.43 25.53
CA ARG E 6 -2.40 40.42 24.66
C ARG E 6 -3.15 39.37 25.45
N ILE E 7 -2.70 39.03 26.66
CA ILE E 7 -3.38 38.03 27.46
C ILE E 7 -4.74 38.53 27.90
N ILE E 8 -4.77 39.78 28.36
CA ILE E 8 -6.02 40.38 28.78
C ILE E 8 -6.98 40.52 27.61
N SER E 9 -6.45 40.83 26.44
CA SER E 9 -7.31 40.99 25.28
C SER E 9 -7.83 39.64 24.80
N ARG E 10 -7.01 38.60 24.95
CA ARG E 10 -7.50 37.26 24.62
C ARG E 10 -8.62 36.87 25.55
N LEU E 11 -8.45 37.19 26.82
CA LEU E 11 -9.53 37.00 27.78
C LEU E 11 -10.75 37.80 27.39
N TRP E 12 -10.54 38.98 26.82
CA TRP E 12 -11.64 39.87 26.47
C TRP E 12 -12.45 39.31 25.32
N ARG E 13 -11.76 38.87 24.26
CA ARG E 13 -12.44 38.27 23.13
C ARG E 13 -13.08 36.97 23.54
N SER E 14 -12.44 36.25 24.45
CA SER E 14 -12.98 35.03 24.98
C SER E 14 -14.23 35.30 25.77
N PHE E 15 -14.27 36.42 26.46
CA PHE E 15 -15.39 36.77 27.32
C PHE E 15 -16.59 37.14 26.48
N ARG E 16 -16.35 37.93 25.43
CA ARG E 16 -17.43 38.23 24.49
C ARG E 16 -17.87 36.98 23.76
N THR E 17 -16.95 36.04 23.59
CA THR E 17 -17.28 34.79 22.94
C THR E 17 -18.19 33.95 23.80
N VAL E 18 -17.87 33.85 25.09
CA VAL E 18 -18.72 33.09 26.00
C VAL E 18 -20.07 33.74 26.13
N LYS E 19 -20.09 35.08 26.14
CA LYS E 19 -21.37 35.77 26.18
C LYS E 19 -22.12 35.56 24.87
N GLU E 20 -21.40 35.35 23.78
CA GLU E 20 -22.09 34.99 22.55
C GLU E 20 -22.66 33.60 22.64
N MET E 21 -21.98 32.71 23.36
CA MET E 21 -22.56 31.39 23.57
C MET E 21 -23.86 31.51 24.35
N ALA E 22 -23.85 32.36 25.36
CA ALA E 22 -25.03 32.56 26.19
C ALA E 22 -26.18 33.14 25.38
N ALA E 23 -25.89 34.11 24.51
CA ALA E 23 -26.94 34.73 23.74
C ALA E 23 -27.45 33.81 22.64
N ASP E 24 -26.58 32.95 22.10
CA ASP E 24 -27.02 32.14 20.98
C ASP E 24 -27.95 31.02 21.43
N ARG E 25 -27.64 30.41 22.56
CA ARG E 25 -28.44 29.29 23.01
C ARG E 25 -29.78 29.71 23.55
N GLY E 26 -29.87 30.90 24.13
CA GLY E 26 -31.10 31.41 24.68
C GLY E 26 -30.96 32.25 25.93
N TYR E 27 -29.75 32.41 26.47
CA TYR E 27 -29.58 33.16 27.71
C TYR E 27 -29.40 34.64 27.44
N PHE E 28 -29.81 35.45 28.41
CA PHE E 28 -30.00 36.88 28.22
C PHE E 28 -28.84 37.67 28.80
N ILE E 29 -28.13 38.39 27.95
CA ILE E 29 -27.19 39.41 28.38
C ILE E 29 -27.73 40.75 27.91
N SER E 30 -27.63 41.76 28.77
CA SER E 30 -27.97 43.12 28.39
C SER E 30 -27.05 43.60 27.27
N GLN E 31 -27.58 44.52 26.47
CA GLN E 31 -26.78 45.13 25.42
C GLN E 31 -25.65 45.98 25.96
N GLU E 32 -25.81 46.54 27.15
CA GLU E 32 -24.73 47.30 27.76
C GLU E 32 -23.59 46.39 28.17
N GLU E 33 -23.87 45.11 28.47
CA GLU E 33 -22.79 44.20 28.80
C GLU E 33 -22.25 43.52 27.55
N MET E 34 -23.14 43.18 26.61
CA MET E 34 -22.80 42.58 25.32
C MET E 34 -21.73 43.37 24.59
N ASP E 35 -21.86 44.67 24.61
CA ASP E 35 -20.97 45.53 23.88
C ASP E 35 -19.88 46.12 24.75
N GLN E 36 -19.40 45.34 25.71
CA GLN E 36 -18.30 45.78 26.56
C GLN E 36 -17.06 45.97 25.71
N SER E 37 -16.40 47.11 25.88
CA SER E 37 -15.19 47.40 25.14
C SER E 37 -13.98 46.78 25.82
N LEU E 38 -12.81 47.27 25.44
CA LEU E 38 -11.58 46.77 26.05
C LEU E 38 -11.28 47.52 27.35
N GLU E 39 -11.37 48.84 27.33
CA GLU E 39 -10.82 49.62 28.43
C GLU E 39 -11.75 49.59 29.64
N GLU E 40 -13.05 49.57 29.38
CA GLU E 40 -14.04 49.34 30.42
C GLU E 40 -13.83 47.97 31.05
N PHE E 41 -13.44 47.01 30.21
CA PHE E 41 -13.15 45.68 30.73
C PHE E 41 -11.91 45.69 31.62
N ARG E 42 -10.88 46.46 31.24
CA ARG E 42 -9.70 46.55 32.11
C ARG E 42 -9.99 47.39 33.33
N SER E 43 -11.00 48.24 33.25
CA SER E 43 -11.42 49.02 34.39
C SER E 43 -12.05 48.12 35.43
N LYS E 44 -12.91 47.21 35.00
CA LYS E 44 -13.55 46.31 35.93
C LYS E 44 -12.60 45.26 36.46
N ILE E 45 -11.89 44.57 35.58
CA ILE E 45 -11.30 43.31 35.94
C ILE E 45 -9.84 43.42 36.35
N CYS E 46 -9.05 44.23 35.65
CA CYS E 46 -7.64 44.36 35.95
C CYS E 46 -7.45 45.01 37.31
N ASP E 47 -6.30 44.72 37.91
CA ASP E 47 -6.04 45.15 39.28
C ASP E 47 -5.63 46.61 39.34
N SER E 48 -5.06 47.01 40.48
CA SER E 48 -4.36 48.29 40.52
C SER E 48 -3.00 48.21 39.82
N MET E 49 -2.56 47.02 39.44
CA MET E 49 -1.29 46.85 38.74
C MET E 49 -1.44 46.39 37.30
N GLY E 50 -2.57 45.80 36.94
CA GLY E 50 -2.78 45.30 35.59
C GLY E 50 -2.93 43.80 35.48
N ASN E 51 -3.58 43.17 36.44
CA ASN E 51 -3.65 41.71 36.45
C ASN E 51 -5.09 41.22 36.64
N PRO E 52 -5.46 40.06 36.10
CA PRO E 52 -6.87 39.73 35.97
C PRO E 52 -7.53 39.31 37.28
N GLN E 53 -8.86 39.35 37.26
CA GLN E 53 -9.72 38.83 38.32
C GLN E 53 -10.79 37.97 37.69
N ARG E 54 -10.55 36.67 37.62
CA ARG E 54 -11.54 35.78 37.02
C ARG E 54 -12.76 35.65 37.91
N LYS E 55 -12.58 35.68 39.23
CA LYS E 55 -13.74 35.48 40.10
C LYS E 55 -14.57 36.75 40.25
N LEU E 56 -14.13 37.86 39.67
CA LEU E 56 -15.07 38.96 39.45
C LEU E 56 -15.64 38.92 38.04
N MET E 57 -15.29 37.90 37.25
CA MET E 57 -15.93 37.63 35.98
C MET E 57 -16.90 36.49 36.07
N SER E 58 -16.83 35.72 37.16
CA SER E 58 -17.74 34.61 37.33
C SER E 58 -19.13 35.13 37.55
N PHE E 59 -20.07 34.68 36.73
CA PHE E 59 -21.35 35.36 36.76
C PHE E 59 -22.46 34.39 36.43
N LEU E 60 -23.69 34.87 36.62
CA LEU E 60 -24.91 34.13 36.40
C LEU E 60 -25.68 34.76 35.26
N ALA E 61 -26.31 33.92 34.46
CA ALA E 61 -27.18 34.41 33.43
C ALA E 61 -28.49 33.65 33.48
N ASN E 62 -29.44 34.13 32.69
CA ASN E 62 -30.82 33.68 32.68
C ASN E 62 -31.34 33.78 31.27
N PRO E 63 -32.39 33.04 30.92
CA PRO E 63 -32.85 33.05 29.54
C PRO E 63 -33.45 34.39 29.13
N THR E 64 -33.27 34.73 27.86
CA THR E 64 -34.28 35.52 27.19
C THR E 64 -35.59 34.75 27.27
N PRO E 65 -36.71 35.45 27.43
CA PRO E 65 -37.93 34.72 27.84
C PRO E 65 -38.59 33.91 26.75
N GLU E 66 -38.51 34.32 25.49
CA GLU E 66 -39.14 33.52 24.43
C GLU E 66 -38.31 32.30 24.12
N ALA E 67 -37.02 32.35 24.46
CA ALA E 67 -36.25 31.12 24.49
C ALA E 67 -36.80 30.21 25.57
N LEU E 68 -37.24 30.79 26.68
CA LEU E 68 -37.77 29.96 27.74
C LEU E 68 -39.17 29.47 27.37
N GLU E 69 -39.83 30.15 26.45
CA GLU E 69 -40.95 29.55 25.75
C GLU E 69 -40.49 28.37 24.90
N LYS E 70 -39.39 28.53 24.18
CA LYS E 70 -38.95 27.52 23.24
C LYS E 70 -38.34 26.32 23.95
N TYR E 71 -37.52 26.56 24.95
CA TYR E 71 -36.81 25.48 25.64
C TYR E 71 -37.44 25.34 27.01
N SER E 72 -38.10 24.21 27.25
CA SER E 72 -38.80 23.98 28.51
C SER E 72 -37.86 23.64 29.65
N ASP E 73 -36.58 23.55 29.39
CA ASP E 73 -35.61 22.97 30.30
C ASP E 73 -34.36 23.81 30.41
N LEU E 74 -34.32 24.95 29.75
CA LEU E 74 -33.17 25.82 29.76
C LEU E 74 -33.19 26.59 31.07
N GLY E 75 -32.53 26.06 32.09
CA GLY E 75 -32.64 26.62 33.41
C GLY E 75 -31.72 27.80 33.60
N THR E 76 -30.86 27.72 34.61
CA THR E 76 -29.96 28.81 34.92
C THR E 76 -28.53 28.44 34.57
N LEU E 77 -27.74 29.46 34.23
CA LEU E 77 -26.41 29.31 33.66
C LEU E 77 -25.38 29.98 34.55
N TRP E 78 -24.52 29.18 35.16
CA TRP E 78 -23.41 29.73 35.91
C TRP E 78 -22.15 29.56 35.08
N VAL E 79 -21.53 30.67 34.72
CA VAL E 79 -20.28 30.64 33.98
C VAL E 79 -19.19 31.13 34.90
N GLU E 80 -18.26 30.26 35.23
CA GLU E 80 -17.27 30.59 36.23
C GLU E 80 -15.90 30.22 35.69
N PHE E 81 -14.93 31.05 35.99
CA PHE E 81 -13.57 30.86 35.50
C PHE E 81 -12.73 30.46 36.69
N CYS E 82 -12.02 29.36 36.56
CA CYS E 82 -11.17 28.89 37.64
C CYS E 82 -9.81 29.55 37.56
N ASP E 83 -9.44 30.26 38.61
CA ASP E 83 -8.09 30.83 38.71
C ASP E 83 -7.00 29.77 38.75
N GLU E 84 -7.32 28.54 39.13
CA GLU E 84 -6.33 27.50 39.27
C GLU E 84 -6.15 26.86 37.91
N PRO E 85 -4.92 26.77 37.39
CA PRO E 85 -4.71 26.06 36.12
C PRO E 85 -5.07 24.58 36.17
N SER E 86 -4.46 23.81 37.07
CA SER E 86 -4.75 22.40 37.21
C SER E 86 -6.14 22.24 37.78
N VAL E 87 -6.96 21.42 37.13
CA VAL E 87 -8.33 21.18 37.58
C VAL E 87 -8.46 19.73 38.01
N GLY E 88 -8.53 19.51 39.32
CA GLY E 88 -8.69 18.20 39.89
C GLY E 88 -9.96 18.07 40.71
N ILE E 89 -9.95 17.11 41.64
CA ILE E 89 -11.14 16.72 42.38
C ILE E 89 -11.58 17.78 43.38
N LYS E 90 -10.63 18.55 43.92
CA LYS E 90 -10.98 19.48 44.98
C LYS E 90 -11.68 20.70 44.41
N THR E 91 -11.13 21.27 43.36
CA THR E 91 -11.75 22.41 42.70
C THR E 91 -13.07 22.02 42.08
N MET E 92 -13.11 20.87 41.42
CA MET E 92 -14.37 20.34 40.88
C MET E 92 -15.37 20.08 41.97
N ARG E 93 -14.93 19.62 43.14
CA ARG E 93 -15.86 19.22 44.18
C ARG E 93 -16.38 20.43 44.95
N ASN E 94 -15.50 21.40 45.22
CA ASN E 94 -15.95 22.73 45.66
C ASN E 94 -16.89 23.36 44.66
N PHE E 95 -16.63 23.13 43.38
CA PHE E 95 -17.50 23.68 42.35
C PHE E 95 -18.85 23.02 42.39
N CYS E 96 -18.88 21.69 42.52
CA CYS E 96 -20.13 20.95 42.61
C CYS E 96 -20.92 21.38 43.84
N LEU E 97 -20.21 21.65 44.95
CA LEU E 97 -20.81 22.23 46.13
C LEU E 97 -21.45 23.58 45.83
N ARG E 98 -20.71 24.46 45.17
CA ARG E 98 -21.19 25.80 44.94
C ARG E 98 -22.34 25.80 43.93
N ILE E 99 -22.37 24.80 43.06
CA ILE E 99 -23.49 24.65 42.14
C ILE E 99 -24.73 24.18 42.88
N GLN E 100 -24.58 23.11 43.68
CA GLN E 100 -25.72 22.52 44.37
C GLN E 100 -26.33 23.49 45.36
N GLU E 101 -25.50 24.33 45.98
CA GLU E 101 -26.02 25.31 46.91
C GLU E 101 -26.82 26.37 46.18
N LYS E 102 -26.28 26.89 45.07
CA LYS E 102 -27.05 27.83 44.27
C LYS E 102 -27.99 27.14 43.29
N ASN E 103 -28.17 25.82 43.43
CA ASN E 103 -29.19 24.96 42.82
C ASN E 103 -29.52 25.27 41.35
N PHE E 104 -28.47 25.22 40.52
CA PHE E 104 -28.62 25.57 39.12
C PHE E 104 -29.30 24.47 38.31
N SER E 105 -29.38 24.70 37.00
CA SER E 105 -29.76 23.63 36.10
C SER E 105 -28.61 23.22 35.18
N THR E 106 -27.87 24.18 34.65
CA THR E 106 -26.66 23.87 33.88
C THR E 106 -25.65 24.97 34.09
N GLY E 107 -24.60 24.66 34.84
CA GLY E 107 -23.51 25.60 35.00
C GLY E 107 -22.36 25.13 34.14
N ILE E 108 -21.64 26.05 33.53
CA ILE E 108 -20.61 25.70 32.58
C ILE E 108 -19.29 26.29 33.07
N PHE E 109 -18.30 25.43 33.21
CA PHE E 109 -17.13 25.69 34.03
C PHE E 109 -15.91 25.84 33.13
N ILE E 110 -15.36 27.03 33.06
CA ILE E 110 -14.34 27.33 32.08
C ILE E 110 -12.99 27.40 32.78
N TYR E 111 -12.07 26.58 32.33
CA TYR E 111 -10.77 26.45 32.96
C TYR E 111 -9.72 27.14 32.12
N GLN E 112 -8.50 27.16 32.64
CA GLN E 112 -7.38 27.74 31.91
C GLN E 112 -6.54 26.71 31.18
N ASN E 113 -6.19 25.60 31.80
CA ASN E 113 -5.35 24.66 31.07
C ASN E 113 -5.96 23.29 30.84
N ASN E 114 -6.30 22.55 31.88
CA ASN E 114 -6.52 21.13 31.70
C ASN E 114 -7.23 20.55 32.90
N ILE E 115 -7.72 19.33 32.73
CA ILE E 115 -8.62 18.66 33.66
C ILE E 115 -7.97 17.33 34.03
N THR E 116 -8.15 16.88 35.26
CA THR E 116 -7.81 15.51 35.59
C THR E 116 -8.86 14.56 34.99
N PRO E 117 -8.45 13.38 34.53
CA PRO E 117 -9.44 12.43 34.02
C PRO E 117 -10.33 11.87 35.09
N SER E 118 -9.89 11.94 36.36
CA SER E 118 -10.80 11.72 37.46
C SER E 118 -11.90 12.78 37.49
N ALA E 119 -11.57 14.02 37.14
CA ALA E 119 -12.62 15.02 37.06
C ALA E 119 -13.43 14.90 35.77
N ASN E 120 -12.86 14.29 34.73
CA ASN E 120 -13.68 13.80 33.64
C ASN E 120 -14.67 12.76 34.14
N LYS E 121 -14.27 11.93 35.10
CA LYS E 121 -15.22 11.05 35.73
C LYS E 121 -16.17 11.80 36.65
N MET E 122 -15.83 13.01 37.07
CA MET E 122 -16.76 13.79 37.89
C MET E 122 -17.73 14.59 37.08
N ILE E 123 -17.74 14.41 35.76
CA ILE E 123 -18.71 15.05 34.90
C ILE E 123 -20.10 14.43 35.03
N PRO E 124 -20.34 13.11 34.86
CA PRO E 124 -21.72 12.64 34.88
C PRO E 124 -22.35 12.56 36.26
N THR E 125 -21.55 12.70 37.32
CA THR E 125 -21.96 12.33 38.66
C THR E 125 -22.81 13.37 39.34
N VAL E 126 -23.09 14.49 38.70
CA VAL E 126 -23.59 15.63 39.43
C VAL E 126 -24.94 16.04 38.80
N SER E 127 -25.53 15.10 38.07
CA SER E 127 -26.85 15.25 37.50
C SER E 127 -27.88 15.44 38.61
N PRO E 128 -28.95 16.22 38.35
CA PRO E 128 -29.41 16.90 37.13
C PRO E 128 -28.64 18.18 36.83
N ALA E 129 -27.82 18.63 37.76
CA ALA E 129 -27.03 19.82 37.52
C ALA E 129 -25.87 19.52 36.58
N ILE E 130 -26.08 19.78 35.28
CA ILE E 130 -25.17 19.33 34.25
C ILE E 130 -24.02 20.32 34.17
N ILE E 131 -22.79 19.80 34.18
CA ILE E 131 -21.57 20.61 34.24
C ILE E 131 -20.73 20.33 33.00
N GLU E 132 -20.32 21.41 32.30
CA GLU E 132 -19.59 21.32 31.05
C GLU E 132 -18.40 22.27 31.04
N THR E 133 -17.36 21.94 30.27
CA THR E 133 -16.09 22.68 30.32
C THR E 133 -15.60 23.07 28.94
N PHE E 134 -14.63 24.01 28.91
CA PHE E 134 -13.98 24.49 27.70
C PHE E 134 -12.60 25.01 28.06
N GLN E 135 -11.64 24.83 27.17
CA GLN E 135 -10.34 25.43 27.43
C GLN E 135 -10.36 26.86 26.90
N GLU E 136 -9.50 27.70 27.45
CA GLU E 136 -9.44 29.10 27.07
C GLU E 136 -9.03 29.28 25.61
N SER E 137 -7.96 28.62 25.19
CA SER E 137 -7.40 28.88 23.87
C SER E 137 -8.33 28.38 22.78
N ASP E 138 -8.98 27.24 23.02
CA ASP E 138 -9.94 26.71 22.05
C ASP E 138 -11.16 27.60 21.90
N LEU E 139 -11.51 28.37 22.91
CA LEU E 139 -12.52 29.39 22.73
C LEU E 139 -11.98 30.79 22.94
N VAL E 140 -10.81 31.09 22.42
CA VAL E 140 -10.45 32.49 22.25
C VAL E 140 -11.39 33.14 21.25
N VAL E 141 -11.51 32.57 20.06
CA VAL E 141 -12.25 33.20 18.97
C VAL E 141 -13.54 32.44 18.80
N ASN E 142 -14.65 33.15 18.63
CA ASN E 142 -15.89 32.49 18.26
C ASN E 142 -15.73 31.96 16.85
N ILE E 143 -15.89 30.65 16.74
CA ILE E 143 -15.75 30.05 15.44
C ILE E 143 -17.01 30.20 14.63
N THR E 144 -18.15 30.44 15.28
CA THR E 144 -19.38 30.41 14.49
C THR E 144 -19.59 31.64 13.63
N HIS E 145 -18.71 32.62 13.68
CA HIS E 145 -18.79 33.71 12.74
C HIS E 145 -18.19 33.37 11.39
N HIS E 146 -17.65 32.17 11.22
CA HIS E 146 -16.83 31.85 10.06
C HIS E 146 -17.69 31.68 8.82
N GLU E 147 -17.10 31.94 7.64
CA GLU E 147 -17.86 31.68 6.42
C GLU E 147 -17.99 30.19 6.18
N LEU E 148 -16.94 29.44 6.49
CA LEU E 148 -16.98 27.99 6.34
C LEU E 148 -17.87 27.33 7.35
N VAL E 149 -18.06 27.92 8.52
CA VAL E 149 -18.85 27.27 9.55
C VAL E 149 -20.19 28.00 9.65
N PRO E 150 -21.28 27.36 9.29
CA PRO E 150 -22.55 28.07 9.29
C PRO E 150 -23.18 28.11 10.67
N LYS E 151 -24.45 28.51 10.71
CA LYS E 151 -25.12 28.81 11.98
C LYS E 151 -25.93 27.63 12.47
N HIS E 152 -26.32 27.68 13.75
CA HIS E 152 -26.82 26.51 14.44
C HIS E 152 -28.01 26.84 15.32
N ILE E 153 -29.13 26.19 15.04
CA ILE E 153 -30.39 26.40 15.73
C ILE E 153 -30.87 25.05 16.20
N ARG E 154 -30.86 24.82 17.50
CA ARG E 154 -31.32 23.54 17.99
C ARG E 154 -32.84 23.50 17.96
N LEU E 155 -33.37 22.40 17.44
CA LEU E 155 -34.80 22.18 17.46
C LEU E 155 -35.36 22.13 18.87
N SER E 156 -36.66 22.40 18.96
CA SER E 156 -37.39 21.99 20.14
C SER E 156 -37.66 20.50 20.04
N ASP E 157 -38.24 19.97 21.10
CA ASP E 157 -38.63 18.58 21.06
C ASP E 157 -39.82 18.38 20.14
N GLY E 158 -40.74 19.35 20.11
CA GLY E 158 -41.86 19.25 19.18
C GLY E 158 -41.40 19.40 17.74
N GLU E 159 -40.45 20.30 17.52
CA GLU E 159 -39.88 20.47 16.19
C GLU E 159 -39.11 19.23 15.78
N LYS E 160 -38.49 18.57 16.74
CA LYS E 160 -37.81 17.31 16.46
C LYS E 160 -38.80 16.22 16.06
N SER E 161 -39.92 16.13 16.77
CA SER E 161 -40.89 15.09 16.44
C SER E 161 -41.51 15.35 15.08
N GLN E 162 -41.65 16.63 14.75
CA GLN E 162 -42.16 16.99 13.44
C GLN E 162 -41.18 16.57 12.35
N LEU E 163 -39.89 16.75 12.62
CA LEU E 163 -38.84 16.30 11.69
C LEU E 163 -38.92 14.81 11.46
N LEU E 164 -39.01 14.03 12.53
CA LEU E 164 -38.89 12.59 12.32
C LEU E 164 -40.21 11.98 11.89
N GLN E 165 -41.31 12.72 12.00
CA GLN E 165 -42.49 12.26 11.28
C GLN E 165 -42.33 12.49 9.80
N ARG E 166 -41.69 13.60 9.42
CA ARG E 166 -41.69 13.98 8.02
C ARG E 166 -40.88 13.00 7.17
N TYR E 167 -39.58 12.90 7.41
CA TYR E 167 -38.75 12.01 6.64
C TYR E 167 -38.93 10.54 7.03
N LYS E 168 -39.73 10.27 8.06
CA LYS E 168 -40.13 8.93 8.49
C LYS E 168 -38.93 8.07 8.87
N LEU E 169 -38.30 8.45 9.97
CA LEU E 169 -37.13 7.74 10.48
C LEU E 169 -37.34 7.28 11.91
N LYS E 170 -36.26 6.76 12.49
CA LYS E 170 -36.06 6.59 13.91
C LYS E 170 -34.66 7.09 14.26
N GLU E 171 -34.42 7.32 15.56
CA GLU E 171 -33.51 8.38 15.96
C GLU E 171 -32.05 8.06 15.67
N SER E 172 -31.76 6.83 15.28
CA SER E 172 -30.38 6.42 14.98
C SER E 172 -29.98 6.64 13.51
N GLN E 173 -30.97 6.95 12.68
CA GLN E 173 -30.75 7.10 11.24
C GLN E 173 -30.34 8.48 10.67
N LEU E 174 -29.98 9.43 11.53
CA LEU E 174 -29.58 10.73 11.06
C LEU E 174 -28.07 10.76 10.85
N PRO E 175 -27.62 11.63 9.97
CA PRO E 175 -26.23 12.04 10.00
C PRO E 175 -25.88 12.51 11.39
N ARG E 176 -24.70 12.15 11.84
CA ARG E 176 -24.38 12.29 13.24
C ARG E 176 -23.32 13.37 13.44
N ILE E 177 -23.26 13.88 14.66
CA ILE E 177 -22.13 14.71 15.09
C ILE E 177 -21.62 14.13 16.40
N GLN E 178 -20.31 14.27 16.62
CA GLN E 178 -19.72 13.90 17.88
C GLN E 178 -20.27 14.81 18.97
N ARG E 179 -20.27 14.34 20.20
CA ARG E 179 -20.65 15.25 21.27
C ARG E 179 -19.55 16.26 21.51
N GLU E 180 -18.30 15.84 21.44
CA GLU E 180 -17.22 16.79 21.62
C GLU E 180 -16.71 17.38 20.33
N ASP E 181 -17.52 17.41 19.28
CA ASP E 181 -17.31 18.36 18.21
C ASP E 181 -17.46 19.77 18.76
N PRO E 182 -16.61 20.72 18.36
CA PRO E 182 -16.61 22.05 19.00
C PRO E 182 -17.89 22.84 18.85
N VAL E 183 -18.64 22.63 17.77
CA VAL E 183 -19.93 23.30 17.70
C VAL E 183 -20.91 22.69 18.69
N ALA E 184 -20.86 21.37 18.87
CA ALA E 184 -21.84 20.70 19.71
C ALA E 184 -21.64 21.00 21.19
N ARG E 185 -20.48 21.53 21.54
CA ARG E 185 -20.30 22.03 22.89
C ARG E 185 -20.54 23.52 22.93
N TYR E 186 -20.32 24.20 21.81
CA TYR E 186 -20.74 25.58 21.70
C TYR E 186 -22.25 25.70 21.80
N LEU E 187 -22.99 24.68 21.42
CA LEU E 187 -24.41 24.66 21.77
C LEU E 187 -24.71 23.76 22.95
N GLY E 188 -23.69 23.18 23.56
CA GLY E 188 -23.81 22.38 24.78
C GLY E 188 -24.74 21.21 24.63
N LEU E 189 -24.48 20.34 23.67
CA LEU E 189 -25.54 19.46 23.22
C LEU E 189 -25.71 18.25 24.10
N LYS E 190 -26.90 17.69 24.07
CA LYS E 190 -27.21 16.43 24.72
C LYS E 190 -27.68 15.41 23.71
N ARG E 191 -27.87 14.18 24.19
CA ARG E 191 -28.25 13.10 23.31
C ARG E 191 -29.70 13.26 22.88
N GLY E 192 -29.96 13.06 21.61
CA GLY E 192 -31.24 13.32 21.05
C GLY E 192 -31.42 14.74 20.54
N GLN E 193 -30.53 15.65 20.91
CA GLN E 193 -30.67 17.00 20.42
C GLN E 193 -30.17 17.12 18.99
N VAL E 194 -31.09 17.45 18.10
CA VAL E 194 -30.85 17.48 16.67
C VAL E 194 -30.80 18.92 16.19
N VAL E 195 -29.63 19.40 15.83
CA VAL E 195 -29.44 20.79 15.42
C VAL E 195 -29.93 20.99 14.00
N LYS E 196 -29.99 22.25 13.58
CA LYS E 196 -30.29 22.68 12.21
C LYS E 196 -29.13 23.49 11.67
N ILE E 197 -28.82 23.29 10.39
CA ILE E 197 -27.71 23.97 9.73
C ILE E 197 -28.17 24.40 8.35
N ILE E 198 -27.94 25.66 8.02
CA ILE E 198 -28.24 26.19 6.71
C ILE E 198 -26.95 26.38 5.96
N ARG E 199 -26.84 25.79 4.77
CA ARG E 199 -25.58 25.92 4.03
C ARG E 199 -25.69 26.73 2.77
N ARG E 200 -24.58 27.40 2.48
CA ARG E 200 -24.28 27.93 1.17
C ARG E 200 -24.40 26.86 0.12
N SER E 201 -25.44 26.95 -0.70
CA SER E 201 -25.72 25.86 -1.62
C SER E 201 -25.53 26.29 -3.04
N GLU E 202 -24.32 26.13 -3.55
CA GLU E 202 -23.95 26.71 -4.82
C GLU E 202 -24.53 26.01 -6.03
N THR E 203 -25.51 25.14 -5.86
CA THR E 203 -26.35 24.70 -6.96
C THR E 203 -27.83 24.77 -6.64
N SER E 204 -28.20 25.29 -5.47
CA SER E 204 -29.59 25.58 -5.21
C SER E 204 -29.82 26.86 -4.44
N GLY E 205 -28.77 27.56 -4.06
CA GLY E 205 -28.91 28.72 -3.20
C GLY E 205 -28.77 28.40 -1.73
N ARG E 206 -29.74 27.72 -1.16
CA ARG E 206 -29.82 27.57 0.29
C ARG E 206 -30.12 26.13 0.65
N TYR E 207 -29.33 25.55 1.54
CA TYR E 207 -29.57 24.14 1.82
C TYR E 207 -29.65 23.89 3.31
N ALA E 208 -30.60 23.08 3.68
CA ALA E 208 -31.02 22.96 5.07
C ALA E 208 -30.59 21.62 5.60
N SER E 209 -29.60 21.62 6.49
CA SER E 209 -29.09 20.40 7.06
C SER E 209 -29.67 20.16 8.45
N TYR E 210 -29.66 18.90 8.85
CA TYR E 210 -29.81 18.52 10.24
C TYR E 210 -28.79 17.45 10.55
N ARG E 211 -28.13 17.55 11.69
CA ARG E 211 -27.25 16.48 12.14
C ARG E 211 -27.51 16.21 13.60
N ILE E 212 -27.29 14.96 14.02
CA ILE E 212 -27.71 14.53 15.34
C ILE E 212 -26.49 14.39 16.22
N CYS E 213 -26.70 14.58 17.52
CA CYS E 213 -25.63 14.49 18.49
C CYS E 213 -25.24 13.05 18.77
N LEU E 214 -24.02 12.87 19.25
CA LEU E 214 -23.60 11.64 19.87
C LEU E 214 -22.91 11.96 21.19
N GLU F 71 -50.74 -1.75 8.86
CA GLU F 71 -49.44 -1.93 9.52
C GLU F 71 -48.42 -0.98 8.89
N LEU F 72 -48.20 -1.13 7.58
CA LEU F 72 -47.31 -0.21 6.88
C LEU F 72 -48.07 0.69 5.92
N ALA F 73 -48.99 0.12 5.12
CA ALA F 73 -49.46 0.72 3.87
C ALA F 73 -50.18 2.04 4.09
N ILE F 74 -50.04 2.92 3.10
CA ILE F 74 -50.54 4.29 3.18
C ILE F 74 -51.74 4.39 2.24
N LEU F 75 -52.71 5.24 2.60
CA LEU F 75 -53.85 5.54 1.75
C LEU F 75 -53.39 6.23 0.47
N LYS F 76 -54.23 6.18 -0.56
CA LYS F 76 -53.85 6.72 -1.87
C LYS F 76 -54.13 8.21 -1.99
N GLU F 77 -54.11 8.93 -0.87
CA GLU F 77 -54.38 10.36 -0.90
C GLU F 77 -53.23 11.17 -0.32
N GLU F 78 -52.40 10.54 0.52
CA GLU F 78 -51.21 11.17 1.05
C GLU F 78 -50.02 10.99 0.14
N ARG F 79 -50.24 10.76 -1.15
CA ARG F 79 -49.19 10.27 -2.01
C ARG F 79 -48.26 11.41 -2.39
N THR F 80 -47.11 11.45 -1.72
CA THR F 80 -46.14 12.50 -1.88
C THR F 80 -44.95 12.12 -2.72
N THR F 81 -45.01 11.02 -3.46
CA THR F 81 -43.96 10.72 -4.38
C THR F 81 -44.30 11.25 -5.77
N THR F 82 -43.32 11.23 -6.66
CA THR F 82 -43.50 11.89 -7.95
C THR F 82 -44.45 11.09 -8.83
N PRO F 83 -45.40 11.75 -9.48
CA PRO F 83 -46.41 11.05 -10.27
C PRO F 83 -45.97 10.70 -11.68
N TYR F 84 -44.69 10.75 -11.98
CA TYR F 84 -44.20 10.40 -13.30
C TYR F 84 -43.78 8.95 -13.30
N LEU F 85 -43.88 8.31 -14.45
CA LEU F 85 -43.03 7.18 -14.68
C LEU F 85 -41.62 7.72 -14.86
N THR F 86 -40.63 7.09 -14.26
CA THR F 86 -39.28 7.39 -14.70
C THR F 86 -38.71 6.19 -15.45
N LYS F 87 -37.53 6.40 -16.03
CA LYS F 87 -37.06 5.51 -17.09
C LYS F 87 -36.76 4.11 -16.59
N TYR F 88 -36.43 3.97 -15.32
CA TYR F 88 -36.13 2.68 -14.75
C TYR F 88 -37.40 1.88 -14.56
N GLU F 89 -38.40 2.55 -13.97
CA GLU F 89 -39.75 2.05 -13.93
C GLU F 89 -40.25 1.70 -15.32
N ARG F 90 -40.00 2.59 -16.29
CA ARG F 90 -40.42 2.38 -17.67
C ARG F 90 -39.79 1.13 -18.23
N ALA F 91 -38.52 0.93 -17.92
CA ALA F 91 -37.79 -0.22 -18.42
C ALA F 91 -38.40 -1.50 -17.89
N ARG F 92 -38.70 -1.53 -16.60
CA ARG F 92 -39.22 -2.78 -16.07
C ARG F 92 -40.62 -3.04 -16.58
N ILE F 93 -41.42 -1.99 -16.75
CA ILE F 93 -42.76 -2.16 -17.28
C ILE F 93 -42.71 -2.70 -18.70
N LEU F 94 -41.77 -2.18 -19.51
CA LEU F 94 -41.62 -2.67 -20.87
C LEU F 94 -41.18 -4.13 -20.89
N GLY F 95 -40.22 -4.47 -20.04
CA GLY F 95 -39.73 -5.85 -20.01
C GLY F 95 -40.79 -6.83 -19.60
N THR F 96 -41.55 -6.48 -18.58
CA THR F 96 -42.46 -7.45 -17.99
C THR F 96 -43.72 -7.57 -18.83
N ARG F 97 -44.22 -6.45 -19.34
CA ARG F 97 -45.36 -6.49 -20.24
C ARG F 97 -45.00 -7.23 -21.52
N ALA F 98 -43.78 -7.04 -22.01
CA ALA F 98 -43.35 -7.74 -23.20
C ALA F 98 -43.18 -9.22 -22.93
N LEU F 99 -42.76 -9.55 -21.71
CA LEU F 99 -42.62 -10.96 -21.38
C LEU F 99 -43.98 -11.62 -21.32
N GLN F 100 -44.98 -10.91 -20.80
CA GLN F 100 -46.33 -11.47 -20.79
C GLN F 100 -46.88 -11.65 -22.19
N ILE F 101 -46.69 -10.66 -23.05
CA ILE F 101 -47.28 -10.73 -24.38
C ILE F 101 -46.49 -11.70 -25.24
N SER F 102 -45.24 -11.95 -24.87
CA SER F 102 -44.53 -13.09 -25.42
C SER F 102 -45.15 -14.41 -25.00
N MET F 103 -45.71 -14.47 -23.79
CA MET F 103 -46.38 -15.68 -23.32
C MET F 103 -47.87 -15.62 -23.55
N ASN F 104 -48.27 -15.02 -24.67
CA ASN F 104 -49.60 -15.16 -25.27
C ASN F 104 -50.66 -14.46 -24.44
N ALA F 105 -50.31 -13.28 -23.92
CA ALA F 105 -51.29 -12.37 -23.37
C ALA F 105 -51.78 -11.41 -24.44
N PRO F 106 -53.08 -11.43 -24.74
CA PRO F 106 -53.58 -10.70 -25.92
C PRO F 106 -53.52 -9.19 -25.75
N VAL F 107 -53.37 -8.53 -26.86
CA VAL F 107 -52.96 -7.13 -26.93
C VAL F 107 -54.20 -6.25 -27.00
N LEU F 108 -54.17 -5.15 -26.26
CA LEU F 108 -55.27 -4.21 -26.23
C LEU F 108 -55.21 -3.20 -27.38
N VAL F 109 -54.09 -3.08 -28.08
CA VAL F 109 -53.93 -2.10 -29.14
C VAL F 109 -53.83 -2.82 -30.47
N ASP F 110 -53.98 -2.06 -31.55
CA ASP F 110 -53.96 -2.63 -32.89
C ASP F 110 -52.55 -3.09 -33.24
N ILE F 111 -52.43 -3.95 -34.22
CA ILE F 111 -51.14 -4.53 -34.59
C ILE F 111 -50.92 -4.25 -36.06
N GLU F 112 -50.15 -3.21 -36.38
CA GLU F 112 -49.95 -2.84 -37.78
C GLU F 112 -48.80 -3.62 -38.42
N GLY F 113 -47.59 -3.37 -37.95
CA GLY F 113 -46.41 -4.10 -38.40
C GLY F 113 -45.58 -4.42 -37.19
N GLU F 114 -46.02 -3.88 -36.07
CA GLU F 114 -45.31 -4.00 -34.80
C GLU F 114 -45.67 -5.35 -34.21
N THR F 115 -44.97 -6.40 -34.64
CA THR F 115 -45.25 -7.75 -34.16
C THR F 115 -44.18 -8.28 -33.22
N ASP F 116 -42.98 -7.73 -33.26
CA ASP F 116 -42.01 -8.06 -32.23
C ASP F 116 -42.48 -7.48 -30.90
N PRO F 117 -42.27 -8.19 -29.79
CA PRO F 117 -42.98 -7.86 -28.55
C PRO F 117 -42.61 -6.54 -27.94
N LEU F 118 -41.37 -6.08 -28.17
CA LEU F 118 -40.94 -4.81 -27.62
C LEU F 118 -41.66 -3.65 -28.29
N GLN F 119 -41.89 -3.76 -29.60
CA GLN F 119 -42.63 -2.70 -30.27
C GLN F 119 -44.11 -2.73 -29.89
N ILE F 120 -44.63 -3.92 -29.55
CA ILE F 120 -45.98 -4.04 -29.02
C ILE F 120 -46.09 -3.32 -27.69
N ALA F 121 -45.07 -3.49 -26.85
CA ALA F 121 -45.08 -2.86 -25.53
C ALA F 121 -44.99 -1.35 -25.63
N MET F 122 -44.14 -0.85 -26.53
CA MET F 122 -44.07 0.60 -26.71
C MET F 122 -45.30 1.17 -27.39
N LYS F 123 -46.02 0.34 -28.18
CA LYS F 123 -47.31 0.78 -28.70
C LYS F 123 -48.33 0.88 -27.59
N GLU F 124 -48.24 0.01 -26.58
CA GLU F 124 -49.16 0.17 -25.48
C GLU F 124 -48.80 1.37 -24.61
N LEU F 125 -47.53 1.49 -24.21
CA LEU F 125 -47.13 2.58 -23.30
C LEU F 125 -47.30 3.94 -23.95
N SER F 126 -47.23 3.99 -25.28
CA SER F 126 -47.61 5.18 -26.03
C SER F 126 -49.04 5.60 -25.76
N GLN F 127 -49.91 4.67 -25.46
CA GLN F 127 -51.30 4.97 -25.25
C GLN F 127 -51.68 4.91 -23.78
N ARG F 128 -50.75 4.45 -22.93
CA ARG F 128 -50.99 4.22 -21.50
C ARG F 128 -52.13 3.22 -21.31
N LYS F 129 -51.88 1.97 -21.71
CA LYS F 129 -52.86 0.88 -21.64
C LYS F 129 -52.33 -0.32 -20.87
N ILE F 130 -51.76 -0.12 -19.69
CA ILE F 130 -50.97 -1.17 -19.05
C ILE F 130 -51.58 -1.64 -17.75
N PRO F 131 -51.99 -2.89 -17.66
CA PRO F 131 -52.56 -3.43 -16.41
C PRO F 131 -51.50 -3.86 -15.40
N LEU F 132 -50.73 -2.91 -14.90
CA LEU F 132 -49.76 -3.21 -13.86
C LEU F 132 -49.86 -2.18 -12.74
N VAL F 133 -49.13 -2.44 -11.66
CA VAL F 133 -49.09 -1.57 -10.50
C VAL F 133 -47.67 -1.47 -10.00
N ILE F 134 -47.14 -0.25 -9.89
CA ILE F 134 -45.86 -0.05 -9.24
C ILE F 134 -46.04 -0.13 -7.75
N ARG F 135 -45.20 -0.89 -7.08
CA ARG F 135 -45.12 -0.83 -5.64
C ARG F 135 -43.78 -0.24 -5.30
N ARG F 136 -43.73 1.07 -5.19
CA ARG F 136 -42.53 1.77 -4.74
C ARG F 136 -42.36 1.53 -3.25
N TYR F 137 -41.31 0.84 -2.88
CA TYR F 137 -41.06 0.65 -1.46
C TYR F 137 -40.46 1.92 -0.88
N LEU F 138 -41.28 2.68 -0.23
CA LEU F 138 -40.76 3.82 0.48
C LEU F 138 -39.95 3.34 1.68
N PRO F 139 -38.89 4.04 2.02
CA PRO F 139 -37.83 3.39 2.80
C PRO F 139 -38.10 3.27 4.28
N ASP F 140 -39.31 3.49 4.72
CA ASP F 140 -39.70 2.87 5.97
C ASP F 140 -39.99 1.39 5.80
N GLY F 141 -40.53 1.02 4.65
CA GLY F 141 -41.17 -0.25 4.44
C GLY F 141 -42.56 -0.15 3.86
N SER F 142 -43.23 0.98 4.05
CA SER F 142 -44.53 1.19 3.44
C SER F 142 -44.37 1.49 1.96
N TYR F 143 -45.50 1.70 1.31
CA TYR F 143 -45.48 1.65 -0.13
C TYR F 143 -46.72 2.33 -0.68
N GLU F 144 -46.55 3.04 -1.79
CA GLU F 144 -47.65 3.74 -2.44
C GLU F 144 -48.06 2.97 -3.69
N ASP F 145 -49.20 2.33 -3.62
CA ASP F 145 -49.70 1.58 -4.76
C ASP F 145 -50.15 2.52 -5.87
N TRP F 146 -49.23 2.85 -6.76
CA TRP F 146 -49.55 3.64 -7.94
C TRP F 146 -50.04 2.70 -9.03
N GLY F 147 -51.20 3.00 -9.58
CA GLY F 147 -51.56 2.37 -10.84
C GLY F 147 -50.74 2.94 -11.98
N CYS F 148 -50.64 2.17 -13.07
CA CYS F 148 -50.03 2.72 -14.27
C CYS F 148 -50.88 3.82 -14.85
N ASP F 149 -52.20 3.68 -14.76
CA ASP F 149 -53.14 4.54 -15.44
C ASP F 149 -53.06 5.97 -14.94
N GLU F 150 -52.81 6.15 -13.66
CA GLU F 150 -52.72 7.49 -13.16
C GLU F 150 -51.38 8.16 -13.45
N LEU F 151 -50.28 7.42 -13.53
CA LEU F 151 -48.98 8.07 -13.58
C LEU F 151 -48.71 8.67 -14.95
N ILE F 152 -48.08 9.82 -14.95
CA ILE F 152 -47.84 10.54 -16.18
C ILE F 152 -46.68 9.92 -16.92
N VAL F 153 -46.98 9.34 -18.08
CA VAL F 153 -46.01 8.80 -19.01
C VAL F 153 -45.16 9.95 -19.51
N ASP F 154 -43.84 9.79 -19.44
CA ASP F 154 -42.91 10.82 -19.85
C ASP F 154 -42.90 11.11 -21.35
N MET G 1 -62.28 -33.29 16.29
CA MET G 1 -62.54 -32.01 16.92
C MET G 1 -62.53 -30.88 15.87
N PHE G 2 -63.66 -30.20 15.73
CA PHE G 2 -63.84 -29.18 14.70
C PHE G 2 -63.37 -27.81 15.15
N PHE G 3 -62.72 -27.08 14.24
CA PHE G 3 -62.29 -25.71 14.51
C PHE G 3 -62.60 -24.84 13.30
N LEU G 4 -62.59 -23.52 13.55
CA LEU G 4 -62.49 -22.53 12.48
C LEU G 4 -61.03 -22.06 12.46
N LYS G 5 -60.38 -22.22 11.31
CA LYS G 5 -58.97 -21.89 11.16
C LYS G 5 -58.78 -20.89 10.04
N ASP G 6 -57.96 -19.87 10.30
CA ASP G 6 -57.59 -18.88 9.30
C ASP G 6 -56.36 -19.35 8.53
N LEU G 7 -56.54 -19.75 7.27
CA LEU G 7 -55.50 -20.33 6.45
C LEU G 7 -55.23 -19.45 5.22
N SER G 8 -54.19 -19.82 4.46
CA SER G 8 -53.90 -19.14 3.20
C SER G 8 -53.16 -20.09 2.27
N LEU G 9 -53.28 -19.82 0.98
CA LEU G 9 -52.70 -20.67 -0.06
C LEU G 9 -52.02 -19.80 -1.08
N ILE G 10 -50.78 -20.12 -1.42
CA ILE G 10 -50.06 -19.42 -2.48
C ILE G 10 -50.43 -20.07 -3.81
N LEU G 11 -50.99 -19.28 -4.72
CA LEU G 11 -51.34 -19.74 -6.06
C LEU G 11 -50.51 -18.97 -7.07
N THR G 12 -49.85 -19.69 -7.95
CA THR G 12 -49.06 -19.10 -9.03
C THR G 12 -49.81 -19.27 -10.35
N LEU G 13 -49.98 -18.18 -11.07
CA LEU G 13 -50.79 -18.14 -12.27
C LEU G 13 -49.92 -17.85 -13.48
N HIS G 14 -50.05 -18.70 -14.50
CA HIS G 14 -49.32 -18.56 -15.74
C HIS G 14 -49.93 -17.42 -16.57
N PRO G 15 -49.10 -16.68 -17.32
CA PRO G 15 -49.63 -15.50 -18.03
C PRO G 15 -50.76 -15.80 -18.99
N SER G 16 -50.85 -17.00 -19.56
CA SER G 16 -51.99 -17.27 -20.43
C SER G 16 -53.32 -17.25 -19.69
N TYR G 17 -53.32 -17.18 -18.37
CA TYR G 17 -54.52 -17.08 -17.56
C TYR G 17 -54.83 -15.64 -17.17
N PHE G 18 -54.10 -14.67 -17.71
CA PHE G 18 -54.28 -13.26 -17.37
C PHE G 18 -55.45 -12.72 -18.21
N GLY G 19 -56.65 -13.16 -17.84
CA GLY G 19 -57.86 -12.82 -18.56
C GLY G 19 -58.93 -12.19 -17.70
N PRO G 20 -60.10 -11.94 -18.29
CA PRO G 20 -61.15 -11.19 -17.57
C PRO G 20 -61.79 -11.90 -16.40
N GLN G 21 -61.65 -13.21 -16.26
CA GLN G 21 -62.23 -13.94 -15.14
C GLN G 21 -61.17 -14.46 -14.19
N MET G 22 -60.06 -13.72 -14.06
CA MET G 22 -58.90 -14.22 -13.32
C MET G 22 -59.25 -14.47 -11.85
N ASN G 23 -59.90 -13.51 -11.19
CA ASN G 23 -60.19 -13.68 -9.77
C ASN G 23 -61.13 -14.84 -9.52
N GLN G 24 -62.15 -15.00 -10.38
CA GLN G 24 -63.07 -16.12 -10.17
C GLN G 24 -62.37 -17.46 -10.39
N TYR G 25 -61.48 -17.54 -11.38
CA TYR G 25 -60.68 -18.75 -11.55
C TYR G 25 -59.88 -19.09 -10.29
N LEU G 26 -59.29 -18.08 -9.64
CA LEU G 26 -58.47 -18.36 -8.47
C LEU G 26 -59.34 -18.85 -7.31
N ARG G 27 -60.55 -18.31 -7.20
CA ARG G 27 -61.43 -18.73 -6.11
C ARG G 27 -61.87 -20.19 -6.30
N GLU G 28 -62.24 -20.56 -7.53
CA GLU G 28 -62.53 -21.97 -7.82
C GLU G 28 -61.30 -22.83 -7.60
N LYS G 29 -60.13 -22.33 -7.99
CA LYS G 29 -58.90 -23.10 -7.86
C LYS G 29 -58.58 -23.37 -6.39
N LEU G 30 -58.75 -22.36 -5.52
CA LEU G 30 -58.55 -22.58 -4.09
C LEU G 30 -59.43 -23.71 -3.56
N LEU G 31 -60.71 -23.71 -3.93
CA LEU G 31 -61.63 -24.72 -3.42
C LEU G 31 -61.25 -26.11 -3.91
N THR G 32 -60.94 -26.23 -5.21
CA THR G 32 -60.54 -27.51 -5.76
C THR G 32 -59.29 -28.04 -5.08
N ASP G 33 -58.39 -27.16 -4.65
CA ASP G 33 -57.08 -27.56 -4.16
C ASP G 33 -57.06 -27.83 -2.66
N VAL G 34 -57.98 -27.23 -1.90
CA VAL G 34 -57.91 -27.22 -0.45
C VAL G 34 -59.00 -28.07 0.21
N GLU G 35 -60.19 -28.11 -0.39
CA GLU G 35 -61.30 -28.82 0.23
C GLU G 35 -61.12 -30.33 0.13
N GLY G 36 -61.20 -31.01 1.29
CA GLY G 36 -61.07 -32.45 1.35
C GLY G 36 -59.66 -32.96 1.58
N THR G 37 -58.66 -32.11 1.47
CA THR G 37 -57.28 -32.53 1.69
C THR G 37 -56.97 -32.54 3.18
N CYS G 38 -55.97 -33.36 3.54
CA CYS G 38 -55.58 -33.52 4.94
C CYS G 38 -54.11 -33.20 5.11
N THR G 39 -53.79 -32.58 6.24
CA THR G 39 -52.41 -32.38 6.67
C THR G 39 -52.31 -32.67 8.16
N GLY G 40 -51.16 -33.21 8.58
CA GLY G 40 -50.98 -33.42 10.01
C GLY G 40 -50.96 -32.14 10.82
N GLN G 41 -50.69 -31.00 10.18
CA GLN G 41 -50.56 -29.74 10.91
C GLN G 41 -51.92 -29.12 11.28
N PHE G 42 -52.91 -29.20 10.38
CA PHE G 42 -54.25 -28.66 10.60
C PHE G 42 -55.35 -29.71 10.62
N GLY G 43 -55.16 -30.85 10.00
CA GLY G 43 -56.19 -31.84 9.88
C GLY G 43 -56.86 -31.85 8.53
N TYR G 44 -58.08 -32.36 8.52
CA TYR G 44 -58.88 -32.32 7.30
C TYR G 44 -59.48 -30.94 7.16
N ILE G 45 -59.36 -30.36 5.98
CA ILE G 45 -60.05 -29.12 5.65
C ILE G 45 -61.39 -29.52 5.07
N VAL G 46 -62.47 -29.33 5.85
CA VAL G 46 -63.76 -29.91 5.49
C VAL G 46 -64.45 -29.04 4.45
N THR G 47 -64.79 -27.81 4.81
CA THR G 47 -65.36 -26.85 3.86
C THR G 47 -64.81 -25.46 4.15
N VAL G 48 -64.67 -24.68 3.08
CA VAL G 48 -64.20 -23.30 3.15
C VAL G 48 -65.39 -22.37 3.30
N LEU G 49 -65.30 -21.41 4.21
CA LEU G 49 -66.38 -20.46 4.44
C LEU G 49 -66.36 -19.35 3.41
N ASP G 50 -67.55 -19.00 2.90
CA ASP G 50 -67.74 -17.81 2.09
C ASP G 50 -66.89 -17.86 0.81
N GLY G 51 -66.93 -19.01 0.14
CA GLY G 51 -66.00 -19.25 -0.94
C GLY G 51 -66.13 -18.25 -2.08
N MET G 52 -67.36 -17.87 -2.43
CA MET G 52 -67.54 -16.98 -3.57
C MET G 52 -67.16 -15.52 -3.28
N ASN G 53 -66.84 -15.19 -2.03
CA ASN G 53 -66.43 -13.82 -1.67
C ASN G 53 -64.98 -13.75 -1.20
N ILE G 54 -64.19 -14.79 -1.41
CA ILE G 54 -62.81 -14.78 -0.93
C ILE G 54 -62.03 -13.69 -1.64
N ASP G 55 -61.29 -12.90 -0.86
CA ASP G 55 -60.44 -11.84 -1.41
C ASP G 55 -59.09 -12.44 -1.80
N VAL G 56 -58.84 -12.52 -3.11
CA VAL G 56 -57.61 -13.14 -3.60
C VAL G 56 -56.45 -12.18 -3.62
N GLY G 57 -56.68 -10.89 -3.43
CA GLY G 57 -55.61 -9.91 -3.43
C GLY G 57 -55.12 -9.62 -4.84
N LYS G 58 -53.96 -8.99 -4.92
CA LYS G 58 -53.30 -8.71 -6.19
C LYS G 58 -52.15 -9.67 -6.42
N GLY G 59 -51.96 -10.06 -7.68
CA GLY G 59 -50.86 -10.95 -8.01
C GLY G 59 -49.58 -10.18 -8.23
N ARG G 60 -48.54 -10.59 -7.51
CA ARG G 60 -47.19 -10.06 -7.70
C ARG G 60 -46.55 -10.77 -8.88
N ILE G 61 -46.07 -10.00 -9.86
CA ILE G 61 -45.38 -10.62 -11.00
C ILE G 61 -43.99 -11.03 -10.52
N ILE G 62 -43.63 -12.30 -10.72
CA ILE G 62 -42.32 -12.82 -10.33
C ILE G 62 -41.26 -12.33 -11.32
N PRO G 63 -40.26 -11.59 -10.88
CA PRO G 63 -39.20 -11.15 -11.80
C PRO G 63 -38.53 -12.34 -12.48
N GLY G 64 -38.44 -12.25 -13.81
CA GLY G 64 -37.76 -13.23 -14.61
C GLY G 64 -38.63 -14.35 -15.14
N SER G 65 -39.87 -14.48 -14.65
CA SER G 65 -40.75 -15.56 -15.10
C SER G 65 -42.10 -15.09 -15.58
N GLY G 66 -42.51 -13.85 -15.30
CA GLY G 66 -43.75 -13.35 -15.86
C GLY G 66 -44.99 -13.79 -15.14
N SER G 67 -44.94 -14.97 -14.52
CA SER G 67 -46.06 -15.52 -13.76
C SER G 67 -46.35 -14.67 -12.53
N ALA G 68 -47.58 -14.78 -12.06
CA ALA G 68 -48.06 -13.97 -10.95
C ALA G 68 -48.33 -14.85 -9.74
N GLU G 69 -47.98 -14.34 -8.57
CA GLU G 69 -48.11 -15.05 -7.31
C GLU G 69 -49.17 -14.37 -6.46
N PHE G 70 -50.24 -15.10 -6.15
CA PHE G 70 -51.31 -14.66 -5.28
C PHE G 70 -51.25 -15.38 -3.94
N GLU G 71 -51.48 -14.64 -2.84
CA GLU G 71 -51.71 -15.27 -1.54
C GLU G 71 -53.21 -15.17 -1.22
N VAL G 72 -53.93 -16.28 -1.38
CA VAL G 72 -55.37 -16.33 -1.17
C VAL G 72 -55.61 -16.66 0.29
N LYS G 73 -55.98 -15.65 1.08
CA LYS G 73 -56.36 -15.86 2.47
C LYS G 73 -57.82 -16.28 2.61
N TYR G 74 -58.09 -17.24 3.51
CA TYR G 74 -59.44 -17.76 3.70
C TYR G 74 -59.59 -18.31 5.11
N ARG G 75 -60.82 -18.69 5.44
CA ARG G 75 -61.16 -19.29 6.73
C ARG G 75 -61.97 -20.56 6.49
N ALA G 76 -61.58 -21.66 7.14
CA ALA G 76 -62.24 -22.93 6.90
C ALA G 76 -62.64 -23.63 8.20
N VAL G 77 -63.57 -24.56 8.05
CA VAL G 77 -63.86 -25.55 9.08
C VAL G 77 -62.87 -26.70 8.92
N VAL G 78 -62.09 -26.97 9.96
CA VAL G 78 -61.09 -28.04 9.93
C VAL G 78 -61.42 -29.03 11.04
N TRP G 79 -61.03 -30.28 10.81
CA TRP G 79 -61.22 -31.37 11.78
C TRP G 79 -59.89 -32.07 12.06
N LYS G 80 -59.37 -31.94 13.28
CA LYS G 80 -58.17 -32.69 13.63
C LYS G 80 -58.42 -33.51 14.90
N PRO G 81 -58.08 -34.79 14.90
CA PRO G 81 -58.18 -35.61 16.13
C PRO G 81 -56.98 -35.43 17.03
N PHE G 82 -57.14 -35.88 18.29
CA PHE G 82 -56.08 -35.73 19.28
C PHE G 82 -56.00 -36.99 20.14
N LYS G 83 -54.79 -37.36 20.54
CA LYS G 83 -54.62 -38.42 21.52
C LYS G 83 -55.25 -37.99 22.84
N GLY G 84 -56.14 -38.82 23.38
CA GLY G 84 -56.85 -38.52 24.61
C GLY G 84 -58.28 -38.06 24.40
N GLU G 85 -58.61 -37.63 23.18
CA GLU G 85 -59.92 -37.04 22.87
C GLU G 85 -60.98 -38.13 22.77
N VAL G 86 -62.07 -37.97 23.52
CA VAL G 86 -63.20 -38.90 23.41
C VAL G 86 -64.18 -38.36 22.37
N VAL G 87 -64.62 -39.25 21.47
CA VAL G 87 -65.52 -38.94 20.36
C VAL G 87 -66.49 -40.09 20.17
N ASP G 88 -67.63 -39.80 19.57
CA ASP G 88 -68.57 -40.82 19.14
C ASP G 88 -68.25 -41.26 17.72
N ALA G 89 -68.82 -42.40 17.30
CA ALA G 89 -68.50 -42.94 16.00
C ALA G 89 -69.56 -43.95 15.56
N ILE G 90 -69.46 -44.38 14.31
CA ILE G 90 -70.32 -45.40 13.73
C ILE G 90 -69.44 -46.51 13.15
N VAL G 91 -69.61 -47.73 13.65
CA VAL G 91 -68.75 -48.83 13.24
C VAL G 91 -69.07 -49.20 11.79
N SER G 92 -68.03 -49.33 10.97
CA SER G 92 -68.17 -49.66 9.57
C SER G 92 -67.96 -51.15 9.28
N ASN G 93 -67.05 -51.79 10.01
CA ASN G 93 -66.76 -53.20 9.82
C ASN G 93 -66.40 -53.81 11.16
N VAL G 94 -66.64 -55.11 11.28
CA VAL G 94 -66.20 -55.91 12.43
C VAL G 94 -65.46 -57.14 11.92
N SER G 95 -64.29 -57.41 12.51
CA SER G 95 -63.45 -58.50 12.05
C SER G 95 -62.80 -59.15 13.28
N PRO G 96 -62.15 -60.30 13.13
CA PRO G 96 -61.50 -60.92 14.30
C PRO G 96 -60.45 -60.07 15.02
N ILE G 97 -59.92 -59.02 14.42
CA ILE G 97 -58.88 -58.20 15.06
C ILE G 97 -59.46 -56.95 15.70
N GLY G 98 -60.77 -56.82 15.73
CA GLY G 98 -61.47 -55.68 16.29
C GLY G 98 -62.53 -55.11 15.38
N PHE G 99 -62.77 -53.81 15.45
CA PHE G 99 -63.70 -53.18 14.54
C PHE G 99 -63.17 -51.83 14.09
N PHE G 100 -63.77 -51.33 13.01
CA PHE G 100 -63.43 -50.04 12.44
C PHE G 100 -64.65 -49.13 12.56
N ALA G 101 -64.42 -47.90 12.99
CA ALA G 101 -65.47 -46.93 13.32
C ALA G 101 -65.20 -45.62 12.59
N ASP G 102 -66.23 -45.13 11.90
CA ASP G 102 -66.15 -43.89 11.13
C ASP G 102 -66.43 -42.71 12.05
N VAL G 103 -65.40 -41.89 12.29
CA VAL G 103 -65.60 -40.65 13.04
C VAL G 103 -65.46 -39.48 12.07
N GLY G 104 -66.53 -39.21 11.32
CA GLY G 104 -66.54 -38.10 10.40
C GLY G 104 -65.73 -38.41 9.16
N PRO G 105 -64.68 -37.61 8.95
CA PRO G 105 -63.86 -37.74 7.74
C PRO G 105 -63.16 -39.10 7.63
N LEU G 106 -62.56 -39.56 8.73
CA LEU G 106 -61.62 -40.67 8.71
C LEU G 106 -62.21 -41.89 9.41
N ASN G 107 -61.40 -42.94 9.48
CA ASN G 107 -61.80 -44.22 10.03
C ASN G 107 -60.85 -44.61 11.16
N VAL G 108 -61.40 -45.12 12.25
CA VAL G 108 -60.63 -45.48 13.43
C VAL G 108 -60.66 -46.99 13.62
N PHE G 109 -59.51 -47.58 13.91
CA PHE G 109 -59.38 -49.01 14.16
C PHE G 109 -59.32 -49.25 15.66
N VAL G 110 -60.22 -50.07 16.19
CA VAL G 110 -60.14 -50.54 17.57
C VAL G 110 -59.78 -52.02 17.54
N SER G 111 -58.63 -52.37 18.14
CA SER G 111 -58.15 -53.74 18.15
C SER G 111 -58.74 -54.52 19.31
N THR G 112 -58.59 -55.85 19.23
CA THR G 112 -59.20 -56.72 20.23
C THR G 112 -58.60 -56.50 21.62
N ARG G 113 -57.31 -56.18 21.71
CA ARG G 113 -56.71 -55.93 23.01
C ARG G 113 -57.17 -54.62 23.65
N LEU G 114 -57.80 -53.73 22.90
CA LEU G 114 -58.45 -52.54 23.45
C LEU G 114 -59.97 -52.66 23.50
N ILE G 115 -60.49 -53.88 23.55
CA ILE G 115 -61.91 -54.15 23.74
C ILE G 115 -62.06 -54.92 25.04
N PRO G 116 -63.00 -54.55 25.92
CA PRO G 116 -63.20 -55.31 27.17
C PRO G 116 -63.40 -56.80 26.89
N ASP G 117 -62.96 -57.61 27.86
CA ASP G 117 -62.88 -59.05 27.66
C ASP G 117 -64.23 -59.69 27.42
N ASN G 118 -65.29 -59.19 28.07
CA ASN G 118 -66.60 -59.82 27.91
C ASN G 118 -67.23 -59.61 26.54
N LEU G 119 -66.66 -58.77 25.68
CA LEU G 119 -67.16 -58.59 24.33
C LEU G 119 -66.47 -59.60 23.40
N VAL G 120 -67.23 -60.58 22.92
CA VAL G 120 -66.66 -61.71 22.18
C VAL G 120 -67.14 -61.64 20.73
N TYR G 121 -66.21 -61.76 19.80
CA TYR G 121 -66.55 -61.75 18.37
C TYR G 121 -67.33 -63.01 18.00
N ASN G 122 -68.51 -62.82 17.43
CA ASN G 122 -69.42 -63.92 17.10
C ASN G 122 -69.66 -63.91 15.60
N PRO G 123 -68.91 -64.71 14.82
CA PRO G 123 -69.17 -64.76 13.37
C PRO G 123 -70.45 -65.47 12.99
N SER G 124 -70.86 -66.48 13.76
CA SER G 124 -72.07 -67.22 13.43
C SER G 124 -73.33 -66.36 13.53
N ASN G 125 -73.29 -65.33 14.37
CA ASN G 125 -74.43 -64.45 14.53
C ASN G 125 -74.73 -63.75 13.19
N SER G 126 -76.00 -63.40 12.99
CA SER G 126 -76.41 -62.62 11.83
C SER G 126 -77.15 -61.35 12.23
N PRO G 127 -76.52 -60.18 12.02
CA PRO G 127 -75.18 -59.97 11.43
C PRO G 127 -74.01 -60.11 12.41
N PRO G 128 -72.81 -60.33 11.88
CA PRO G 128 -71.64 -60.54 12.76
C PRO G 128 -71.40 -59.33 13.66
N ALA G 129 -70.98 -59.61 14.89
CA ALA G 129 -70.84 -58.56 15.89
C ALA G 129 -69.95 -59.05 17.02
N TYR G 130 -69.48 -58.09 17.83
CA TYR G 130 -68.92 -58.38 19.14
C TYR G 130 -70.02 -58.30 20.18
N MET G 131 -70.21 -59.38 20.94
CA MET G 131 -71.41 -59.48 21.76
C MET G 131 -71.05 -59.72 23.21
N SER G 132 -71.97 -59.33 24.09
CA SER G 132 -71.93 -59.71 25.49
C SER G 132 -73.37 -60.04 25.88
N ASN G 133 -73.64 -60.02 27.17
CA ASN G 133 -75.00 -60.10 27.68
C ASN G 133 -75.34 -58.70 28.19
N ASP G 134 -75.93 -57.91 27.29
CA ASP G 134 -76.49 -56.55 27.36
C ASP G 134 -75.68 -55.60 26.49
N GLU G 135 -74.68 -56.12 25.77
CA GLU G 135 -73.85 -55.36 24.85
C GLU G 135 -73.96 -55.92 23.44
N LEU G 136 -73.84 -55.06 22.43
CA LEU G 136 -74.02 -55.53 21.06
C LEU G 136 -73.40 -54.51 20.11
N ILE G 137 -72.25 -54.86 19.54
CA ILE G 137 -71.53 -53.99 18.60
C ILE G 137 -71.51 -54.63 17.21
N THR G 138 -72.52 -54.36 16.39
CA THR G 138 -72.54 -54.76 14.99
C THR G 138 -72.39 -53.53 14.10
N LYS G 139 -72.31 -53.77 12.79
CA LYS G 139 -72.12 -52.67 11.85
C LYS G 139 -73.28 -51.68 11.96
N GLY G 140 -72.95 -50.39 12.08
CA GLY G 140 -73.96 -49.37 12.27
C GLY G 140 -74.27 -49.05 13.72
N SER G 141 -73.54 -49.63 14.67
CA SER G 141 -73.75 -49.39 16.09
C SER G 141 -73.07 -48.10 16.54
N LYS G 142 -73.85 -47.22 17.17
CA LYS G 142 -73.27 -46.03 17.77
C LYS G 142 -72.35 -46.47 18.90
N VAL G 143 -71.12 -45.99 18.86
CA VAL G 143 -70.09 -46.36 19.84
C VAL G 143 -69.40 -45.07 20.26
N ARG G 144 -68.87 -45.08 21.49
CA ARG G 144 -68.13 -43.95 22.03
C ARG G 144 -66.72 -44.42 22.35
N LEU G 145 -65.74 -43.88 21.65
CA LEU G 145 -64.37 -44.35 21.78
C LEU G 145 -63.46 -43.20 22.19
N LYS G 146 -62.22 -43.53 22.47
CA LYS G 146 -61.22 -42.55 22.87
C LYS G 146 -60.05 -42.74 21.92
N VAL G 147 -59.62 -41.66 21.29
CA VAL G 147 -58.49 -41.72 20.37
C VAL G 147 -57.21 -41.81 21.19
N VAL G 148 -56.52 -42.94 21.06
CA VAL G 148 -55.33 -43.24 21.85
C VAL G 148 -54.05 -43.14 21.04
N GLY G 149 -54.15 -42.84 19.74
CA GLY G 149 -52.99 -42.69 18.89
C GLY G 149 -53.37 -42.18 17.51
N THR G 150 -52.69 -41.13 17.06
CA THR G 150 -52.85 -40.55 15.73
C THR G 150 -51.57 -40.68 14.92
N ARG G 151 -51.66 -41.33 13.76
CA ARG G 151 -50.55 -41.52 12.83
C ARG G 151 -50.91 -40.71 11.60
N THR G 152 -49.90 -40.07 10.99
CA THR G 152 -50.08 -39.14 9.88
C THR G 152 -49.35 -39.56 8.61
N ASP G 153 -50.13 -39.71 7.54
CA ASP G 153 -49.62 -40.00 6.20
C ASP G 153 -49.62 -38.74 5.31
N VAL G 154 -50.00 -37.59 5.88
CA VAL G 154 -50.19 -36.31 5.20
C VAL G 154 -51.25 -36.36 4.09
N ASN G 155 -51.87 -37.52 3.91
CA ASN G 155 -52.87 -37.73 2.87
C ASN G 155 -54.19 -38.12 3.50
N GLU G 156 -54.11 -39.06 4.42
CA GLU G 156 -55.14 -39.58 5.29
C GLU G 156 -54.41 -39.83 6.60
N ILE G 157 -55.08 -39.59 7.67
CA ILE G 157 -54.54 -39.72 9.02
C ILE G 157 -55.10 -41.04 9.53
N TYR G 158 -54.34 -41.70 10.40
CA TYR G 158 -54.79 -42.97 10.94
C TYR G 158 -54.74 -42.89 12.45
N ALA G 159 -55.89 -43.21 13.03
CA ALA G 159 -56.17 -43.12 14.45
C ALA G 159 -56.59 -44.49 14.93
N ILE G 160 -56.07 -44.89 16.09
CA ILE G 160 -56.42 -46.15 16.73
C ILE G 160 -57.18 -45.80 18.00
N GLY G 161 -58.32 -46.46 18.19
CA GLY G 161 -59.15 -46.22 19.35
C GLY G 161 -59.12 -47.32 20.40
N SER G 162 -59.97 -47.12 21.39
CA SER G 162 -60.09 -48.01 22.54
C SER G 162 -61.45 -47.78 23.17
N ILE G 163 -62.09 -48.87 23.57
CA ILE G 163 -63.26 -48.82 24.45
C ILE G 163 -63.00 -49.57 25.75
N LYS G 164 -61.71 -49.79 26.07
CA LYS G 164 -61.25 -50.50 27.26
C LYS G 164 -61.15 -49.58 28.49
N GLU G 165 -62.10 -48.65 28.64
CA GLU G 165 -62.06 -47.70 29.73
C GLU G 165 -63.49 -47.35 30.14
N ASP G 166 -63.60 -46.55 31.20
CA ASP G 166 -64.91 -46.20 31.77
C ASP G 166 -65.73 -45.32 30.83
N PHE G 167 -67.04 -45.56 30.81
CA PHE G 167 -68.05 -44.82 30.07
C PHE G 167 -67.91 -44.94 28.55
N LEU G 168 -66.95 -45.72 28.07
CA LEU G 168 -66.73 -45.99 26.66
C LEU G 168 -67.33 -47.34 26.29
N GLY G 169 -67.91 -47.42 25.10
CA GLY G 169 -68.52 -48.64 24.62
C GLY G 169 -69.74 -48.32 23.79
N ALA G 170 -70.63 -49.30 23.64
CA ALA G 170 -71.85 -49.04 22.88
C ALA G 170 -72.74 -48.06 23.64
N ILE G 171 -73.55 -47.32 22.89
CA ILE G 171 -74.42 -46.32 23.48
C ILE G 171 -75.82 -46.38 22.87
N SER H 3 -39.74 44.40 -59.05
CA SER H 3 -39.17 43.19 -58.48
C SER H 3 -37.90 43.53 -57.73
N ALA H 4 -36.97 44.17 -58.43
CA ALA H 4 -35.73 44.69 -57.86
C ALA H 4 -36.05 45.68 -56.77
N LEU H 5 -35.44 45.47 -55.62
CA LEU H 5 -35.75 46.33 -54.49
C LEU H 5 -34.62 47.25 -54.15
N PHE H 6 -33.54 47.16 -54.90
CA PHE H 6 -32.38 48.00 -54.71
C PHE H 6 -31.91 48.33 -56.11
N ASP H 7 -31.23 49.47 -56.26
CA ASP H 7 -30.34 49.69 -57.38
C ASP H 7 -29.37 50.79 -57.04
N ASP H 8 -28.10 50.59 -57.42
CA ASP H 8 -27.04 51.56 -57.23
C ASP H 8 -25.83 51.10 -58.02
N ILE H 9 -24.85 51.99 -58.16
CA ILE H 9 -23.62 51.76 -58.91
C ILE H 9 -22.44 52.02 -57.99
N PHE H 10 -21.40 51.21 -58.06
CA PHE H 10 -20.40 51.20 -56.99
C PHE H 10 -18.97 51.30 -57.47
N THR H 11 -18.13 51.77 -56.56
CA THR H 11 -16.71 52.00 -56.76
C THR H 11 -15.92 50.94 -56.01
N VAL H 12 -15.04 50.26 -56.71
CA VAL H 12 -14.29 49.19 -56.09
C VAL H 12 -13.06 49.77 -55.41
N GLN H 13 -13.00 49.68 -54.09
CA GLN H 13 -11.86 50.31 -53.48
C GLN H 13 -10.82 49.32 -52.99
N THR H 14 -11.25 48.21 -52.40
CA THR H 14 -10.31 47.25 -51.86
C THR H 14 -10.68 45.85 -52.31
N VAL H 15 -9.67 45.01 -52.50
CA VAL H 15 -9.84 43.61 -52.84
C VAL H 15 -8.96 42.83 -51.89
N ASP H 16 -9.53 41.86 -51.19
CA ASP H 16 -8.75 40.98 -50.32
C ASP H 16 -8.86 39.55 -50.81
N ASN H 17 -7.83 39.09 -51.51
CA ASN H 17 -7.75 37.70 -51.90
C ASN H 17 -7.33 36.89 -50.68
N GLY H 18 -6.12 37.15 -50.20
CA GLY H 18 -5.67 36.80 -48.87
C GLY H 18 -5.74 35.33 -48.50
N ARG H 19 -6.69 35.04 -47.62
CA ARG H 19 -6.85 33.71 -47.07
C ARG H 19 -7.37 32.72 -48.11
N TYR H 20 -7.96 33.23 -49.18
CA TYR H 20 -8.70 32.38 -50.10
C TYR H 20 -8.19 32.59 -51.51
N ASN H 21 -7.86 31.48 -52.18
CA ASN H 21 -7.37 31.61 -53.53
C ASN H 21 -8.47 31.82 -54.54
N LYS H 22 -9.67 31.37 -54.25
CA LYS H 22 -10.76 31.50 -55.21
C LYS H 22 -11.78 32.56 -54.80
N VAL H 23 -11.67 33.10 -53.60
CA VAL H 23 -12.69 33.99 -53.07
C VAL H 23 -12.04 35.29 -52.62
N SER H 24 -12.62 36.42 -53.02
CA SER H 24 -12.08 37.72 -52.69
C SER H 24 -13.18 38.57 -52.04
N ARG H 25 -12.75 39.54 -51.24
CA ARG H 25 -13.65 40.46 -50.55
C ARG H 25 -13.52 41.86 -51.14
N ILE H 26 -14.62 42.40 -51.66
CA ILE H 26 -14.62 43.77 -52.14
C ILE H 26 -15.31 44.64 -51.10
N ILE H 27 -14.97 45.92 -51.10
CA ILE H 27 -15.63 46.93 -50.29
C ILE H 27 -15.99 48.09 -51.20
N GLY H 28 -17.28 48.25 -51.46
CA GLY H 28 -17.71 49.22 -52.43
C GLY H 28 -18.44 50.36 -51.75
N ILE H 29 -17.92 51.56 -51.95
CA ILE H 29 -18.53 52.78 -51.45
C ILE H 29 -19.31 53.41 -52.59
N SER H 30 -20.59 53.68 -52.34
CA SER H 30 -21.50 54.16 -53.38
C SER H 30 -21.06 55.48 -53.99
N THR H 31 -21.48 55.71 -55.23
CA THR H 31 -21.26 57.01 -55.84
C THR H 31 -22.47 57.90 -55.68
N THR H 32 -23.65 57.39 -56.01
CA THR H 32 -24.86 58.19 -56.14
C THR H 32 -25.36 58.74 -54.82
N ASN H 33 -24.95 58.16 -53.69
CA ASN H 33 -25.28 58.66 -52.37
C ASN H 33 -24.23 58.07 -51.44
N SER H 34 -23.30 58.91 -50.97
CA SER H 34 -22.24 58.36 -50.13
C SER H 34 -22.79 58.08 -48.73
N ALA H 35 -21.88 57.57 -47.89
CA ALA H 35 -22.21 56.84 -46.66
C ALA H 35 -23.22 55.73 -46.90
N ILE H 36 -23.15 55.08 -48.05
CA ILE H 36 -23.77 53.79 -48.31
C ILE H 36 -22.62 52.83 -48.58
N LYS H 37 -22.23 52.08 -47.56
CA LYS H 37 -21.08 51.20 -47.60
C LYS H 37 -21.54 49.79 -47.92
N LEU H 38 -20.86 49.15 -48.88
CA LEU H 38 -21.26 47.83 -49.36
C LEU H 38 -20.05 46.92 -49.44
N THR H 39 -20.15 45.77 -48.79
CA THR H 39 -19.12 44.75 -48.79
C THR H 39 -19.70 43.46 -49.36
N LEU H 40 -19.02 42.88 -50.34
CA LEU H 40 -19.49 41.62 -50.90
C LEU H 40 -18.32 40.71 -51.18
N ASP H 41 -18.26 39.58 -50.48
CA ASP H 41 -17.29 38.54 -50.80
C ASP H 41 -17.66 37.92 -52.12
N ILE H 42 -16.66 37.64 -52.96
CA ILE H 42 -16.93 37.20 -54.33
C ILE H 42 -15.91 36.17 -54.79
N ASN H 43 -16.31 35.43 -55.82
CA ASN H 43 -15.46 34.43 -56.45
C ASN H 43 -14.65 35.09 -57.53
N ASN H 44 -13.34 34.84 -57.54
CA ASN H 44 -12.52 35.26 -58.65
C ASN H 44 -12.91 34.54 -59.92
N GLU H 45 -12.75 33.23 -59.94
CA GLU H 45 -12.76 32.54 -61.22
C GLU H 45 -14.16 32.29 -61.77
N MET H 46 -15.19 32.83 -61.16
CA MET H 46 -16.38 32.96 -61.96
C MET H 46 -16.53 34.38 -62.49
N PHE H 47 -15.92 35.36 -61.83
CA PHE H 47 -16.15 36.76 -62.16
C PHE H 47 -15.07 37.63 -61.54
N PRO H 48 -13.92 37.72 -62.20
CA PRO H 48 -12.81 38.47 -61.61
C PRO H 48 -13.11 39.95 -61.63
N VAL H 49 -12.81 40.61 -60.52
CA VAL H 49 -13.05 42.03 -60.36
C VAL H 49 -11.73 42.67 -60.00
N SER H 50 -11.69 43.99 -60.03
CA SER H 50 -10.44 44.69 -59.88
C SER H 50 -10.69 46.05 -59.27
N GLN H 51 -9.62 46.69 -58.81
CA GLN H 51 -9.78 47.92 -58.08
C GLN H 51 -10.16 49.06 -59.02
N ASP H 52 -11.11 49.87 -58.56
CA ASP H 52 -11.71 51.01 -59.23
C ASP H 52 -12.37 50.63 -60.54
N ASP H 53 -13.22 49.62 -60.53
CA ASP H 53 -14.08 49.34 -61.67
C ASP H 53 -15.46 49.92 -61.42
N SER H 54 -16.40 49.52 -62.25
CA SER H 54 -17.80 49.90 -62.08
C SER H 54 -18.65 48.67 -61.88
N LEU H 55 -19.56 48.75 -60.92
CA LEU H 55 -20.40 47.62 -60.55
C LEU H 55 -21.84 48.07 -60.44
N THR H 56 -22.70 47.48 -61.23
CA THR H 56 -24.13 47.65 -61.06
C THR H 56 -24.63 46.57 -60.13
N VAL H 57 -25.20 46.96 -59.01
CA VAL H 57 -25.55 46.06 -57.92
C VAL H 57 -27.05 46.14 -57.73
N THR H 58 -27.70 44.99 -57.67
CA THR H 58 -29.13 44.90 -57.63
C THR H 58 -29.50 43.84 -56.61
N LEU H 59 -30.51 44.11 -55.81
CA LEU H 59 -31.06 43.12 -54.90
C LEU H 59 -32.51 42.86 -55.24
N ALA H 60 -32.85 41.60 -55.43
CA ALA H 60 -34.19 41.20 -55.78
C ALA H 60 -34.67 40.16 -54.79
N ASN H 61 -35.96 39.89 -54.83
CA ASN H 61 -36.54 38.80 -54.07
C ASN H 61 -37.20 37.76 -54.94
N SER H 62 -37.46 38.08 -56.20
CA SER H 62 -37.94 37.03 -57.09
C SER H 62 -37.42 37.33 -58.49
N LEU H 63 -36.72 36.35 -59.05
CA LEU H 63 -36.12 36.49 -60.37
C LEU H 63 -37.09 36.20 -61.48
N SER H 64 -38.26 35.66 -61.15
CA SER H 64 -39.38 35.65 -62.06
C SER H 64 -39.79 37.09 -62.32
N LEU H 65 -40.15 37.39 -63.54
CA LEU H 65 -40.40 38.78 -63.90
C LEU H 65 -41.83 39.19 -63.55
N LYS H 76 -40.60 22.51 -55.42
CA LYS H 76 -39.85 23.75 -55.35
C LYS H 76 -38.36 23.54 -55.42
N SER H 77 -37.94 22.30 -55.59
CA SER H 77 -36.52 21.95 -55.57
C SER H 77 -35.90 22.41 -56.88
N TRP H 78 -34.71 23.00 -56.78
CA TRP H 78 -34.01 23.55 -57.94
C TRP H 78 -33.60 22.47 -58.93
N ARG H 79 -34.19 22.49 -60.11
CA ARG H 79 -33.53 21.74 -61.16
C ARG H 79 -32.62 22.71 -61.89
N PRO H 80 -31.65 22.22 -62.63
CA PRO H 80 -30.85 23.10 -63.48
C PRO H 80 -31.68 23.72 -64.58
N PRO H 81 -31.31 24.91 -65.06
CA PRO H 81 -32.26 25.72 -65.82
C PRO H 81 -32.46 25.22 -67.24
N LYS H 82 -33.68 25.42 -67.73
CA LYS H 82 -33.99 25.11 -69.11
C LYS H 82 -33.43 26.17 -70.05
N PRO H 83 -33.50 25.98 -71.37
CA PRO H 83 -33.29 27.12 -72.26
C PRO H 83 -34.55 27.93 -72.54
N THR H 84 -35.73 27.30 -72.42
CA THR H 84 -36.96 27.95 -72.85
C THR H 84 -37.43 29.02 -71.90
N ASP H 85 -37.00 28.98 -70.66
CA ASP H 85 -37.42 29.97 -69.69
C ASP H 85 -36.45 31.14 -69.70
N LYS H 86 -36.73 32.12 -68.86
CA LYS H 86 -35.88 33.30 -68.80
C LYS H 86 -35.97 33.91 -67.41
N SER H 87 -34.97 34.73 -67.08
CA SER H 87 -34.82 35.24 -65.73
C SER H 87 -34.65 36.73 -65.77
N LEU H 88 -34.67 37.32 -64.58
CA LEU H 88 -34.15 38.67 -64.42
C LEU H 88 -32.65 38.69 -64.64
N ALA H 89 -31.99 37.57 -64.35
CA ALA H 89 -30.54 37.51 -64.36
C ALA H 89 -29.94 37.50 -65.75
N ASP H 90 -30.78 37.49 -66.78
CA ASP H 90 -30.28 37.24 -68.14
C ASP H 90 -29.44 38.39 -68.67
N ASP H 91 -29.53 39.56 -68.04
CA ASP H 91 -28.67 40.68 -68.36
C ASP H 91 -27.61 40.90 -67.30
N TYR H 92 -27.06 39.84 -66.74
CA TYR H 92 -26.15 39.94 -65.61
C TYR H 92 -25.06 38.91 -65.74
N ASP H 93 -24.13 38.91 -64.80
CA ASP H 93 -22.94 38.10 -64.97
C ASP H 93 -22.49 37.31 -63.75
N TYR H 94 -23.12 37.48 -62.59
CA TYR H 94 -22.67 36.84 -61.36
C TYR H 94 -23.81 36.79 -60.38
N VAL H 95 -24.53 35.69 -60.34
CA VAL H 95 -25.83 35.67 -59.67
C VAL H 95 -25.75 34.76 -58.45
N MET H 96 -25.87 35.35 -57.26
CA MET H 96 -25.78 34.59 -56.03
C MET H 96 -27.05 34.77 -55.20
N PHE H 97 -27.48 33.68 -54.61
CA PHE H 97 -28.67 33.65 -53.76
C PHE H 97 -28.22 33.64 -52.31
N GLY H 98 -29.01 34.23 -51.43
CA GLY H 98 -28.56 34.44 -50.08
C GLY H 98 -29.73 34.36 -49.11
N THR H 99 -29.47 34.69 -47.85
CA THR H 99 -30.49 34.65 -46.82
C THR H 99 -30.29 35.79 -45.84
N VAL H 100 -31.38 36.49 -45.51
CA VAL H 100 -31.29 37.64 -44.62
C VAL H 100 -31.21 37.15 -43.20
N TYR H 101 -30.05 37.27 -42.58
CA TYR H 101 -29.86 36.59 -41.31
C TYR H 101 -29.80 37.51 -40.11
N LYS H 102 -29.57 38.80 -40.30
CA LYS H 102 -29.50 39.72 -39.17
C LYS H 102 -29.84 41.12 -39.63
N PHE H 103 -30.91 41.67 -39.09
CA PHE H 103 -31.38 43.00 -39.50
C PHE H 103 -31.43 43.90 -38.28
N GLU H 104 -30.54 44.90 -38.26
CA GLU H 104 -30.31 45.71 -37.07
C GLU H 104 -30.63 47.17 -37.36
N GLU H 105 -31.74 47.66 -36.81
CA GLU H 105 -32.06 49.09 -36.83
C GLU H 105 -31.14 49.74 -35.81
N GLY H 106 -30.15 50.49 -36.30
CA GLY H 106 -29.15 51.06 -35.44
C GLY H 106 -29.43 52.50 -35.05
N ASP H 107 -28.45 53.34 -35.34
CA ASP H 107 -28.40 54.73 -34.94
C ASP H 107 -29.30 55.59 -35.81
N GLU H 108 -28.96 56.88 -35.82
CA GLU H 108 -29.57 57.95 -36.60
C GLU H 108 -29.90 57.51 -38.02
N ASP H 109 -28.88 57.10 -38.77
CA ASP H 109 -29.17 56.38 -40.00
C ASP H 109 -28.12 55.31 -40.24
N LYS H 110 -27.45 54.89 -39.17
CA LYS H 110 -26.58 53.72 -39.23
C LYS H 110 -27.48 52.50 -39.27
N ILE H 111 -27.89 52.09 -40.46
CA ILE H 111 -28.83 50.99 -40.63
C ILE H 111 -28.13 49.88 -41.38
N LYS H 112 -27.90 48.77 -40.68
CA LYS H 112 -27.03 47.69 -41.12
C LYS H 112 -27.86 46.47 -41.40
N VAL H 113 -27.68 45.91 -42.58
CA VAL H 113 -28.37 44.70 -43.01
C VAL H 113 -27.30 43.64 -43.17
N TYR H 114 -27.52 42.49 -42.57
CA TYR H 114 -26.62 41.37 -42.77
C TYR H 114 -27.38 40.23 -43.45
N VAL H 115 -27.02 39.98 -44.70
CA VAL H 115 -27.59 38.92 -45.52
C VAL H 115 -26.46 38.02 -45.96
N SER H 116 -26.59 36.72 -45.74
CA SER H 116 -25.50 35.79 -46.01
C SER H 116 -25.77 34.95 -47.24
N PHE H 117 -24.75 34.84 -48.09
CA PHE H 117 -24.80 34.03 -49.31
C PHE H 117 -24.16 32.68 -49.06
N GLY H 118 -24.58 32.01 -47.99
CA GLY H 118 -24.16 30.64 -47.74
C GLY H 118 -22.68 30.45 -47.59
N GLY H 119 -22.10 30.88 -46.51
CA GLY H 119 -20.67 30.99 -46.41
C GLY H 119 -20.12 32.30 -46.93
N LEU H 120 -20.92 33.05 -47.69
CA LEU H 120 -20.50 34.36 -48.16
C LEU H 120 -21.36 35.45 -47.54
N LEU H 121 -20.81 36.67 -47.49
CA LEU H 121 -21.30 37.73 -46.64
C LEU H 121 -21.64 39.00 -47.40
N MET H 122 -22.51 39.81 -46.81
CA MET H 122 -22.96 41.04 -47.45
C MET H 122 -23.44 42.04 -46.41
N CYS H 123 -22.60 43.04 -46.11
CA CYS H 123 -22.95 44.12 -45.19
C CYS H 123 -23.39 45.32 -46.00
N LEU H 124 -24.39 46.03 -45.51
CA LEU H 124 -24.93 47.17 -46.23
C LEU H 124 -25.40 48.22 -45.24
N GLU H 125 -24.98 49.47 -45.46
CA GLU H 125 -25.33 50.60 -44.60
C GLU H 125 -25.88 51.73 -45.46
N GLY H 126 -26.43 52.74 -44.81
CA GLY H 126 -26.92 53.89 -45.55
C GLY H 126 -28.29 54.32 -45.08
N GLY H 127 -28.97 55.05 -45.96
CA GLY H 127 -30.23 55.70 -45.64
C GLY H 127 -31.36 54.72 -45.42
N TYR H 128 -32.30 55.13 -44.57
CA TYR H 128 -33.46 54.30 -44.32
C TYR H 128 -34.35 54.23 -45.54
N LYS H 129 -34.35 55.29 -46.34
CA LYS H 129 -35.27 55.40 -47.45
C LYS H 129 -34.95 54.42 -48.57
N SER H 130 -33.69 53.98 -48.65
CA SER H 130 -33.37 52.89 -49.58
C SER H 130 -33.67 51.53 -48.99
N LEU H 131 -33.15 51.24 -47.80
CA LEU H 131 -33.14 49.90 -47.25
C LEU H 131 -34.47 49.52 -46.65
N ALA H 132 -35.46 50.43 -46.66
CA ALA H 132 -36.67 50.25 -45.87
C ALA H 132 -37.52 49.09 -46.36
N SER H 133 -37.41 48.72 -47.62
CA SER H 133 -38.21 47.60 -48.10
C SER H 133 -37.53 46.26 -47.91
N LEU H 134 -36.29 46.23 -47.43
CA LEU H 134 -35.47 45.03 -47.52
C LEU H 134 -35.80 43.95 -46.49
N LYS H 135 -36.73 44.17 -45.57
CA LYS H 135 -36.89 43.28 -44.42
C LYS H 135 -37.58 42.00 -44.89
N GLN H 136 -36.76 41.09 -45.41
CA GLN H 136 -37.21 39.85 -46.02
C GLN H 136 -36.40 38.68 -45.47
N ASP H 137 -36.50 37.54 -46.15
CA ASP H 137 -35.79 36.36 -45.67
C ASP H 137 -34.79 35.87 -46.71
N ASN H 138 -35.23 35.78 -47.96
CA ASN H 138 -34.40 35.32 -49.06
C ASN H 138 -34.21 36.43 -50.06
N LEU H 139 -32.99 36.96 -50.12
CA LEU H 139 -32.69 38.04 -51.02
C LEU H 139 -31.50 37.70 -51.90
N TYR H 140 -31.74 37.78 -53.20
CA TYR H 140 -30.77 37.52 -54.24
C TYR H 140 -29.76 38.62 -54.33
N ILE H 141 -28.96 38.55 -55.38
CA ILE H 141 -28.07 39.62 -55.78
C ILE H 141 -27.81 39.37 -57.25
N LEU H 142 -27.45 40.40 -57.99
CA LEU H 142 -27.30 40.29 -59.44
C LEU H 142 -26.32 41.34 -59.90
N ILE H 143 -25.05 40.99 -59.92
CA ILE H 143 -24.02 41.92 -60.33
C ILE H 143 -24.05 42.01 -61.84
N ARG H 144 -24.11 43.23 -62.35
CA ARG H 144 -23.96 43.54 -63.75
C ARG H 144 -22.57 44.11 -63.96
N ARG H 145 -21.92 43.71 -65.06
CA ARG H 145 -20.60 44.17 -65.48
C ARG H 145 -19.50 43.91 -64.47
N SER I 3 38.65 17.27 18.18
CA SER I 3 39.67 16.24 17.98
C SER I 3 40.44 15.98 19.27
N PHE I 4 40.35 14.76 19.78
CA PHE I 4 41.00 14.39 21.03
C PHE I 4 42.19 13.47 20.76
N ARG I 5 43.25 13.67 21.54
CA ARG I 5 44.52 12.98 21.39
C ARG I 5 44.50 11.67 22.17
N PHE I 6 45.46 10.79 21.85
CA PHE I 6 45.41 9.42 22.29
C PHE I 6 46.19 9.22 23.57
N CYS I 7 45.93 8.08 24.21
CA CYS I 7 46.82 7.60 25.25
C CYS I 7 48.04 6.95 24.62
N LEU I 8 49.21 7.25 25.18
CA LEU I 8 50.45 6.70 24.70
C LEU I 8 50.88 5.49 25.51
N GLU I 9 50.16 5.19 26.59
CA GLU I 9 50.51 4.15 27.54
C GLU I 9 49.50 3.03 27.61
N CYS I 10 48.20 3.34 27.46
CA CYS I 10 47.17 2.33 27.40
C CYS I 10 46.35 2.40 26.12
N ASN I 11 46.62 3.39 25.25
CA ASN I 11 46.19 3.53 23.87
C ASN I 11 44.71 3.82 23.73
N ASN I 12 44.04 4.27 24.80
CA ASN I 12 42.70 4.82 24.61
C ASN I 12 42.79 6.22 24.07
N MET I 13 41.63 6.82 23.86
CA MET I 13 41.57 8.27 23.85
C MET I 13 41.80 8.76 25.27
N LEU I 14 42.42 9.92 25.40
CA LEU I 14 42.56 10.56 26.70
C LEU I 14 41.21 11.17 27.10
N TYR I 15 41.16 11.78 28.27
CA TYR I 15 39.88 12.39 28.53
C TYR I 15 40.01 13.80 29.06
N PRO I 16 39.09 14.68 28.66
CA PRO I 16 39.06 16.05 29.21
C PRO I 16 38.38 16.09 30.57
N LYS I 17 38.88 16.98 31.44
CA LYS I 17 38.39 17.14 32.80
C LYS I 17 38.91 18.46 33.32
N GLU I 18 38.18 19.07 34.26
CA GLU I 18 38.65 20.26 34.96
C GLU I 18 39.45 19.91 36.20
N ASP I 19 40.64 20.49 36.32
CA ASP I 19 41.28 20.62 37.63
C ASP I 19 40.52 21.71 38.34
N LYS I 20 39.60 21.30 39.21
CA LYS I 20 38.80 22.27 39.95
C LYS I 20 39.66 23.04 40.93
N GLU I 21 40.74 22.44 41.41
CA GLU I 21 41.56 23.06 42.44
C GLU I 21 42.44 24.16 41.85
N ASN I 22 43.26 23.82 40.85
CA ASN I 22 44.23 24.77 40.33
C ASN I 22 43.64 25.65 39.23
N GLN I 23 42.32 25.53 38.97
CA GLN I 23 41.57 26.33 38.00
C GLN I 23 42.12 26.18 36.58
N ARG I 24 42.83 25.10 36.34
CA ARG I 24 43.50 24.87 35.08
C ARG I 24 42.81 23.72 34.38
N LEU I 25 42.94 23.63 33.08
CA LEU I 25 42.18 22.66 32.31
C LEU I 25 43.16 21.60 31.79
N LEU I 26 42.72 20.35 31.73
CA LEU I 26 43.65 19.23 31.66
C LEU I 26 43.29 18.23 30.59
N TYR I 27 44.14 17.21 30.48
CA TYR I 27 43.81 15.93 29.86
C TYR I 27 44.46 14.81 30.65
N SER I 28 43.66 13.91 31.17
CA SER I 28 44.18 12.69 31.76
C SER I 28 43.45 11.48 31.18
N CYS I 29 44.02 10.30 31.44
CA CYS I 29 43.50 9.06 30.88
C CYS I 29 42.42 8.46 31.76
N ARG I 30 41.92 7.33 31.33
CA ARG I 30 41.01 6.55 32.14
C ARG I 30 41.57 5.18 32.48
N ASN I 31 42.10 4.45 31.50
CA ASN I 31 42.56 3.09 31.75
C ASN I 31 44.04 3.02 32.09
N CYS I 32 44.72 4.16 32.16
CA CYS I 32 45.97 4.28 32.88
C CYS I 32 45.87 5.56 33.67
N ASP I 33 46.99 6.06 34.18
CA ASP I 33 46.92 7.27 34.98
C ASP I 33 47.78 8.40 34.44
N TYR I 34 48.00 8.43 33.13
CA TYR I 34 48.69 9.56 32.52
C TYR I 34 47.84 10.81 32.62
N THR I 35 48.49 11.96 32.84
CA THR I 35 47.81 13.20 33.19
C THR I 35 48.67 14.39 32.77
N GLU I 36 48.05 15.34 32.05
CA GLU I 36 48.70 16.59 31.70
C GLU I 36 47.68 17.69 31.42
N LEU I 37 48.19 18.86 31.06
CA LEU I 37 47.42 20.07 30.89
C LEU I 37 46.81 20.12 29.48
N ALA I 38 45.77 20.95 29.31
CA ALA I 38 44.97 20.93 28.08
C ALA I 38 45.37 22.03 27.10
N GLU I 39 44.55 22.22 26.07
CA GLU I 39 44.87 23.10 24.95
C GLU I 39 43.71 23.99 24.51
N ASP I 40 42.46 23.61 24.79
CA ASP I 40 41.29 24.28 24.21
C ASP I 40 40.19 24.34 25.26
N PRO I 41 39.79 25.52 25.71
CA PRO I 41 38.61 25.60 26.58
C PRO I 41 37.32 25.33 25.85
N LYS I 42 37.22 25.68 24.56
CA LYS I 42 36.07 25.23 23.77
C LYS I 42 36.17 23.74 23.56
N VAL I 43 35.34 22.98 24.27
CA VAL I 43 35.41 21.53 24.18
C VAL I 43 34.41 20.96 23.21
N TYR I 44 33.12 21.05 23.45
CA TYR I 44 32.16 20.44 22.55
C TYR I 44 31.82 21.47 21.50
N ARG I 45 31.42 20.98 20.34
CA ARG I 45 30.83 21.79 19.30
C ARG I 45 29.79 20.95 18.60
N HIS I 46 28.72 21.59 18.17
CA HIS I 46 27.74 21.00 17.27
C HIS I 46 27.46 22.09 16.25
N GLU I 47 27.99 21.95 15.06
CA GLU I 47 27.85 22.97 14.05
C GLU I 47 26.41 23.02 13.57
N LEU I 48 26.02 24.18 13.03
CA LEU I 48 24.71 24.32 12.44
C LEU I 48 24.82 24.72 10.99
N ILE I 49 25.53 25.82 10.71
CA ILE I 49 25.77 26.29 9.35
C ILE I 49 27.20 25.96 9.00
N THR I 50 27.38 25.19 7.92
CA THR I 50 28.70 24.86 7.42
C THR I 50 28.72 24.82 5.90
N ASN I 51 29.92 24.88 5.33
CA ASN I 51 30.16 24.70 3.90
C ASN I 51 31.38 23.82 3.64
N ILE I 52 31.61 22.82 4.48
CA ILE I 52 32.80 21.99 4.39
C ILE I 52 32.43 20.62 3.80
N GLY I 53 33.25 20.15 2.86
CA GLY I 53 32.86 19.13 1.91
C GLY I 53 32.69 19.68 0.51
N GLU I 54 33.33 20.82 0.24
CA GLU I 54 32.98 21.71 -0.86
C GLU I 54 33.78 21.38 -2.12
N THR I 55 35.10 21.18 -1.95
CA THR I 55 36.06 20.95 -3.01
C THR I 55 36.50 19.50 -3.09
N ALA I 56 35.56 18.57 -2.89
CA ALA I 56 35.79 17.14 -2.57
C ALA I 56 36.62 16.49 -3.68
N GLY I 57 36.32 16.71 -4.95
CA GLY I 57 37.03 16.04 -6.01
C GLY I 57 38.28 16.73 -6.50
N ILE I 58 39.38 16.68 -5.74
CA ILE I 58 40.66 17.25 -6.15
C ILE I 58 41.76 16.22 -5.94
N VAL I 59 42.44 15.85 -7.03
CA VAL I 59 43.61 14.96 -7.00
C VAL I 59 44.71 15.53 -7.91
N ASP I 60 45.87 14.87 -7.92
CA ASP I 60 47.01 15.37 -8.69
C ASP I 60 46.85 15.22 -10.20
N ASP I 61 46.44 14.05 -10.68
CA ASP I 61 46.29 13.80 -12.11
C ASP I 61 44.86 14.01 -12.57
N ILE I 62 44.22 15.06 -12.03
CA ILE I 62 42.78 15.22 -12.11
C ILE I 62 42.27 15.46 -13.53
N GLY I 63 42.93 16.33 -14.29
CA GLY I 63 42.49 16.60 -15.65
C GLY I 63 42.80 15.50 -16.63
N GLN I 64 43.80 14.69 -16.33
CA GLN I 64 44.16 13.53 -17.13
C GLN I 64 43.07 12.49 -17.16
N ASP I 65 42.24 12.43 -16.12
CA ASP I 65 40.93 11.83 -16.23
C ASP I 65 40.19 12.72 -17.21
N PRO I 66 39.90 12.22 -18.41
CA PRO I 66 39.53 13.11 -19.51
C PRO I 66 38.09 13.54 -19.47
N THR I 67 37.41 13.39 -18.34
CA THR I 67 36.04 13.79 -18.16
C THR I 67 35.88 15.26 -17.84
N LEU I 68 36.95 16.01 -17.82
CA LEU I 68 36.87 17.30 -17.16
C LEU I 68 37.05 18.45 -18.14
N PRO I 69 36.08 19.36 -18.19
CA PRO I 69 36.16 20.47 -19.14
C PRO I 69 37.22 21.45 -18.69
N ARG I 70 37.77 22.18 -19.66
CA ARG I 70 38.82 23.13 -19.37
C ARG I 70 38.30 24.53 -19.58
N SER I 71 39.05 25.51 -19.10
CA SER I 71 38.54 26.87 -19.03
C SER I 71 39.40 27.78 -19.87
N ASP I 72 38.92 29.02 -19.99
CA ASP I 72 39.72 30.11 -20.51
C ASP I 72 39.91 31.21 -19.49
N LYS I 73 39.91 30.87 -18.21
CA LYS I 73 40.28 31.84 -17.19
C LYS I 73 41.78 31.97 -17.09
N GLU I 74 42.23 33.05 -16.46
CA GLU I 74 43.65 33.25 -16.22
C GLU I 74 43.99 32.82 -14.80
N CYS I 75 45.06 32.05 -14.66
CA CYS I 75 45.51 31.58 -13.35
C CYS I 75 46.13 32.74 -12.57
N PRO I 76 45.96 32.78 -11.23
CA PRO I 76 46.68 33.80 -10.44
C PRO I 76 48.17 33.62 -10.44
N GLU I 77 48.64 32.38 -10.51
CA GLU I 77 50.05 32.04 -10.38
C GLU I 77 50.83 32.39 -11.65
N CYS I 78 50.47 31.76 -12.76
CA CYS I 78 51.33 31.68 -13.92
C CYS I 78 50.84 32.49 -15.11
N HIS I 79 49.62 33.06 -15.02
CA HIS I 79 49.06 34.01 -16.00
C HIS I 79 48.82 33.39 -17.37
N SER I 80 48.80 32.06 -17.46
CA SER I 80 48.30 31.39 -18.64
C SER I 80 46.78 31.55 -18.72
N ARG I 81 46.21 31.25 -19.88
CA ARG I 81 44.77 31.36 -20.11
C ARG I 81 44.18 29.97 -19.95
N ASP I 82 44.65 29.24 -18.94
CA ASP I 82 44.56 27.79 -18.97
C ASP I 82 44.21 27.28 -17.58
N CYS I 83 43.04 26.64 -17.45
CA CYS I 83 42.66 25.84 -16.29
C CYS I 83 41.46 24.97 -16.66
N VAL I 84 40.97 24.22 -15.68
CA VAL I 84 39.78 23.39 -15.83
C VAL I 84 38.70 24.02 -14.98
N PHE I 85 37.51 23.42 -14.97
CA PHE I 85 36.49 23.86 -14.03
C PHE I 85 35.54 22.72 -13.72
N PHE I 86 34.85 22.87 -12.60
CA PHE I 86 33.71 22.08 -12.17
C PHE I 86 33.04 22.76 -10.99
N GLN I 87 31.81 22.36 -10.68
CA GLN I 87 31.03 23.01 -9.64
C GLN I 87 31.54 22.63 -8.25
N SER I 88 30.84 23.08 -7.22
CA SER I 88 31.13 22.58 -5.90
C SER I 88 30.59 21.16 -5.73
N GLN I 89 31.44 20.29 -5.14
CA GLN I 89 31.22 18.85 -5.06
C GLN I 89 30.36 18.42 -3.88
N GLN I 90 30.10 19.33 -2.94
CA GLN I 90 29.11 19.10 -1.90
C GLN I 90 27.76 18.88 -2.56
N ARG I 91 26.98 17.93 -2.03
CA ARG I 91 25.77 17.50 -2.71
C ARG I 91 24.50 17.87 -1.97
N ARG I 92 24.60 18.79 -1.00
CA ARG I 92 23.41 19.37 -0.40
C ARG I 92 22.61 20.19 -1.42
N LYS I 93 21.36 20.49 -1.07
CA LYS I 93 20.41 20.98 -2.06
C LYS I 93 20.67 22.43 -2.43
N ASP I 94 21.23 23.23 -1.53
CA ASP I 94 21.41 24.64 -1.79
C ASP I 94 22.69 24.94 -2.55
N THR I 95 23.52 23.92 -2.80
CA THR I 95 24.98 24.05 -2.80
C THR I 95 25.45 25.05 -3.85
N ASN I 96 26.48 25.83 -3.49
CA ASN I 96 26.96 26.95 -4.26
C ASN I 96 27.47 26.47 -5.62
N MET I 97 26.64 26.69 -6.65
CA MET I 97 26.89 26.13 -7.97
C MET I 97 27.92 26.90 -8.77
N THR I 98 28.68 27.78 -8.14
CA THR I 98 29.73 28.46 -8.86
C THR I 98 30.93 27.53 -9.02
N LEU I 99 31.82 27.91 -9.93
CA LEU I 99 32.79 27.00 -10.49
C LEU I 99 34.05 26.90 -9.64
N PHE I 100 34.79 25.84 -9.87
CA PHE I 100 36.09 25.63 -9.26
C PHE I 100 37.15 25.51 -10.33
N TYR I 101 37.86 26.60 -10.60
CA TYR I 101 38.92 26.58 -11.58
C TYR I 101 40.18 26.04 -10.96
N VAL I 102 40.37 24.73 -11.05
CA VAL I 102 41.62 24.08 -10.69
C VAL I 102 42.58 24.33 -11.83
N CYS I 103 43.76 24.84 -11.52
CA CYS I 103 44.73 25.11 -12.57
C CYS I 103 45.37 23.81 -13.03
N LEU I 104 45.96 23.84 -14.22
CA LEU I 104 46.77 22.72 -14.68
C LEU I 104 48.26 23.05 -14.72
N ASN I 105 48.68 24.17 -14.13
CA ASN I 105 50.10 24.45 -13.92
C ASN I 105 50.45 24.20 -12.44
N CYS I 106 49.79 24.95 -11.55
CA CYS I 106 50.07 24.95 -10.12
C CYS I 106 48.93 24.41 -9.29
N LYS I 107 47.74 24.30 -9.89
CA LYS I 107 46.55 23.66 -9.32
C LYS I 107 45.97 24.43 -8.13
N LYS I 108 45.94 25.76 -8.19
CA LYS I 108 45.04 26.49 -7.31
C LYS I 108 43.62 26.42 -7.85
N THR I 109 42.67 26.12 -6.96
CA THR I 109 41.25 26.25 -7.22
C THR I 109 40.88 27.73 -7.10
N PHE I 110 40.30 28.29 -8.17
CA PHE I 110 39.64 29.59 -8.08
C PHE I 110 38.27 29.49 -8.75
N ARG I 111 37.54 30.61 -8.77
CA ARG I 111 36.10 30.58 -8.91
C ARG I 111 35.62 31.67 -9.86
N ASP I 112 34.31 31.89 -9.84
CA ASP I 112 33.66 32.99 -10.56
C ASP I 112 32.83 33.88 -9.65
N GLU I 113 33.01 33.77 -8.35
CA GLU I 113 32.40 34.76 -7.46
C GLU I 113 33.37 35.90 -7.16
N MET J 1 13.40 -16.81 -52.21
CA MET J 1 13.07 -18.20 -52.41
C MET J 1 13.33 -18.44 -53.87
N ILE J 2 12.28 -18.38 -54.65
CA ILE J 2 12.39 -18.56 -56.09
C ILE J 2 11.41 -17.57 -56.68
N ILE J 3 11.69 -17.16 -57.92
CA ILE J 3 11.09 -15.98 -58.51
C ILE J 3 9.59 -16.19 -58.63
N PRO J 4 8.78 -15.20 -58.38
CA PRO J 4 7.34 -15.35 -58.59
C PRO J 4 7.03 -15.19 -60.05
N VAL J 5 5.75 -15.21 -60.39
CA VAL J 5 5.43 -15.23 -61.80
C VAL J 5 5.13 -13.85 -62.31
N ARG J 6 4.08 -13.24 -61.76
CA ARG J 6 3.70 -11.90 -62.13
C ARG J 6 4.47 -10.93 -61.27
N CYS J 7 4.16 -9.66 -61.46
CA CYS J 7 4.45 -8.67 -60.46
C CYS J 7 3.47 -8.78 -59.33
N PHE J 8 3.81 -8.27 -58.17
CA PHE J 8 2.81 -8.17 -57.11
C PHE J 8 1.88 -6.99 -57.33
N SER J 9 2.43 -5.84 -57.71
CA SER J 9 1.58 -4.68 -57.95
C SER J 9 0.86 -4.79 -59.29
N CYS J 10 1.58 -4.76 -60.40
CA CYS J 10 0.85 -4.71 -61.65
C CYS J 10 0.31 -6.04 -62.10
N GLY J 11 1.17 -6.99 -62.47
CA GLY J 11 0.74 -8.22 -63.09
C GLY J 11 1.35 -8.51 -64.45
N LYS J 12 2.54 -8.00 -64.72
CA LYS J 12 3.34 -8.43 -65.86
C LYS J 12 4.12 -9.67 -65.48
N VAL J 13 4.03 -10.72 -66.30
CA VAL J 13 4.69 -11.99 -65.97
C VAL J 13 6.19 -11.79 -66.08
N VAL J 14 6.91 -12.13 -65.02
CA VAL J 14 8.34 -11.84 -64.96
C VAL J 14 9.20 -13.07 -64.75
N GLY J 15 8.61 -14.19 -64.35
CA GLY J 15 9.35 -15.33 -63.84
C GLY J 15 10.40 -15.91 -64.74
N ASP J 16 10.16 -15.84 -66.04
CA ASP J 16 11.12 -16.19 -67.05
C ASP J 16 12.38 -15.35 -66.96
N LYS J 17 12.26 -14.11 -66.51
CA LYS J 17 13.37 -13.19 -66.58
C LYS J 17 14.28 -13.31 -65.38
N TRP J 18 14.29 -14.46 -64.72
CA TRP J 18 15.24 -14.67 -63.65
C TRP J 18 16.57 -15.16 -64.19
N ASP J 19 16.53 -16.21 -65.02
CA ASP J 19 17.75 -16.82 -65.52
C ASP J 19 18.49 -15.87 -66.44
N ALA J 20 17.75 -15.19 -67.30
CA ALA J 20 18.32 -14.14 -68.10
C ALA J 20 18.92 -13.05 -67.24
N TYR J 21 18.30 -12.75 -66.10
CA TYR J 21 18.84 -11.71 -65.24
C TYR J 21 20.16 -12.13 -64.62
N LEU J 22 20.27 -13.39 -64.21
CA LEU J 22 21.54 -13.82 -63.66
C LEU J 22 22.60 -13.87 -64.72
N ARG J 23 22.23 -14.28 -65.94
CA ARG J 23 23.21 -14.34 -67.02
C ARG J 23 23.68 -12.96 -67.43
N LEU J 24 22.79 -11.97 -67.36
CA LEU J 24 23.23 -10.61 -67.56
C LEU J 24 24.07 -10.12 -66.41
N LEU J 25 23.82 -10.61 -65.20
CA LEU J 25 24.67 -10.24 -64.09
C LEU J 25 26.06 -10.82 -64.20
N GLU J 26 26.21 -11.94 -64.90
CA GLU J 26 27.49 -12.62 -64.93
C GLU J 26 28.55 -11.83 -65.68
N GLU J 27 28.13 -10.98 -66.59
CA GLU J 27 29.06 -10.23 -67.41
C GLU J 27 29.54 -8.99 -66.77
N GLY J 28 29.04 -8.67 -65.58
CA GLY J 28 29.44 -7.46 -64.90
C GLY J 28 28.50 -6.30 -65.05
N LYS J 29 27.24 -6.54 -65.42
CA LYS J 29 26.28 -5.46 -65.54
C LYS J 29 25.95 -4.85 -64.19
N GLN J 30 25.24 -3.74 -64.23
CA GLN J 30 24.64 -3.23 -63.01
C GLN J 30 23.13 -3.45 -63.05
N GLU J 31 22.58 -3.66 -61.86
CA GLU J 31 21.31 -4.36 -61.70
C GLU J 31 20.18 -3.52 -62.27
N GLY J 32 20.26 -2.21 -62.05
CA GLY J 32 19.32 -1.31 -62.68
C GLY J 32 19.42 -1.34 -64.18
N ASP J 33 20.65 -1.35 -64.71
CA ASP J 33 20.84 -1.39 -66.15
C ASP J 33 20.38 -2.71 -66.72
N ALA J 34 20.54 -3.78 -65.95
CA ALA J 34 20.05 -5.06 -66.41
C ALA J 34 18.53 -5.08 -66.46
N LEU J 35 17.88 -4.46 -65.47
CA LEU J 35 16.42 -4.35 -65.54
C LEU J 35 16.00 -3.44 -66.68
N ASP J 36 16.86 -2.47 -67.00
CA ASP J 36 16.60 -1.59 -68.12
C ASP J 36 16.57 -2.36 -69.41
N GLU J 37 17.51 -3.29 -69.57
CA GLU J 37 17.55 -4.05 -70.81
C GLU J 37 16.38 -5.02 -70.94
N LEU J 38 15.95 -5.58 -69.83
CA LEU J 38 14.85 -6.54 -69.89
C LEU J 38 13.50 -5.91 -70.14
N LYS J 39 13.43 -4.59 -70.34
CA LYS J 39 12.20 -3.83 -70.38
C LYS J 39 11.38 -3.99 -69.10
N LEU J 40 11.93 -3.49 -68.00
CA LEU J 40 11.21 -3.35 -66.75
C LEU J 40 11.22 -1.87 -66.41
N LYS J 41 10.09 -1.19 -66.61
CA LYS J 41 10.15 0.25 -66.51
C LYS J 41 9.30 0.82 -65.38
N ARG J 42 8.14 0.26 -65.08
CA ARG J 42 7.50 0.61 -63.82
C ARG J 42 8.33 0.00 -62.71
N TYR J 43 8.32 0.63 -61.53
CA TYR J 43 9.06 -0.01 -60.45
C TYR J 43 8.36 -1.24 -59.88
N CYS J 44 7.13 -1.55 -60.30
CA CYS J 44 6.45 -2.73 -59.79
C CYS J 44 7.17 -3.99 -60.25
N CYS J 45 7.43 -4.08 -61.53
CA CYS J 45 8.27 -5.14 -62.03
C CYS J 45 9.75 -4.81 -61.85
N ARG J 46 10.09 -3.86 -60.99
CA ARG J 46 11.49 -3.72 -60.60
C ARG J 46 11.70 -4.21 -59.18
N ARG J 47 10.71 -4.07 -58.33
CA ARG J 47 10.86 -4.62 -56.99
C ARG J 47 10.52 -6.10 -57.01
N MET J 48 9.80 -6.56 -58.03
CA MET J 48 9.47 -7.97 -57.99
C MET J 48 10.64 -8.83 -58.44
N VAL J 49 11.70 -8.22 -58.96
CA VAL J 49 12.88 -9.01 -59.27
C VAL J 49 14.09 -8.49 -58.50
N LEU J 50 14.12 -7.20 -58.19
CA LEU J 50 15.31 -6.63 -57.56
C LEU J 50 15.51 -7.08 -56.13
N THR J 51 14.45 -7.14 -55.34
CA THR J 51 14.55 -7.52 -53.95
C THR J 51 14.89 -8.97 -53.75
N HIS J 52 14.62 -9.79 -54.76
CA HIS J 52 14.33 -11.17 -54.46
C HIS J 52 15.59 -11.97 -54.19
N VAL J 53 15.51 -12.81 -53.16
CA VAL J 53 16.65 -13.49 -52.56
C VAL J 53 16.31 -14.96 -52.54
N ASP J 54 17.32 -15.82 -52.68
CA ASP J 54 17.21 -17.14 -53.27
C ASP J 54 17.54 -18.20 -52.22
N LEU J 55 16.53 -19.02 -51.86
CA LEU J 55 16.70 -20.04 -50.83
C LEU J 55 16.64 -21.45 -51.39
N ILE J 56 16.11 -21.60 -52.60
CA ILE J 56 15.77 -22.94 -53.02
C ILE J 56 17.03 -23.67 -53.45
N GLU J 57 18.10 -22.90 -53.73
CA GLU J 57 19.43 -23.46 -53.81
C GLU J 57 19.84 -24.13 -52.50
N LYS J 58 19.58 -23.45 -51.38
CA LYS J 58 19.88 -24.03 -50.08
C LYS J 58 19.04 -25.27 -49.83
N PHE J 59 17.82 -25.32 -50.35
CA PHE J 59 17.03 -26.54 -50.19
C PHE J 59 17.57 -27.68 -51.05
N LEU J 60 18.15 -27.36 -52.19
CA LEU J 60 18.78 -28.42 -52.92
C LEU J 60 20.19 -28.69 -52.42
N ARG J 61 20.65 -28.00 -51.38
CA ARG J 61 21.89 -28.43 -50.80
C ARG J 61 21.72 -29.66 -49.95
N TYR J 62 20.49 -30.02 -49.58
CA TYR J 62 20.27 -31.28 -48.87
C TYR J 62 20.49 -32.43 -49.81
N ASN J 63 21.62 -33.07 -49.64
CA ASN J 63 22.03 -34.31 -50.26
C ASN J 63 20.97 -35.35 -49.90
N PRO J 64 20.64 -36.30 -50.82
CA PRO J 64 19.24 -36.71 -51.04
C PRO J 64 18.44 -37.14 -49.82
N LEU J 65 17.23 -36.61 -49.73
CA LEU J 65 16.29 -36.98 -48.69
C LEU J 65 15.88 -38.45 -48.79
N GLU J 66 15.83 -38.98 -50.00
CA GLU J 66 15.34 -40.34 -50.20
C GLU J 66 16.39 -41.19 -50.90
N MET K 1 -12.58 -17.58 -42.93
CA MET K 1 -13.14 -18.91 -42.73
C MET K 1 -14.66 -18.78 -42.84
N ASN K 2 -15.15 -17.57 -42.58
CA ASN K 2 -16.48 -17.16 -43.05
C ASN K 2 -16.38 -16.53 -44.44
N ALA K 3 -15.37 -16.90 -45.22
CA ALA K 3 -15.10 -16.23 -46.48
C ALA K 3 -16.10 -16.69 -47.54
N PRO K 4 -16.92 -15.80 -48.07
CA PRO K 4 -17.94 -16.20 -49.04
C PRO K 4 -17.39 -16.40 -50.44
N ASP K 5 -18.33 -16.55 -51.37
CA ASP K 5 -18.02 -16.74 -52.76
C ASP K 5 -17.52 -15.45 -53.38
N ARG K 6 -16.64 -15.56 -54.38
CA ARG K 6 -16.26 -14.39 -55.17
C ARG K 6 -16.83 -14.48 -56.58
N PHE K 7 -17.88 -15.29 -56.77
CA PHE K 7 -18.78 -15.13 -57.89
C PHE K 7 -20.11 -14.49 -57.46
N GLU K 8 -20.19 -14.04 -56.21
CA GLU K 8 -21.20 -13.08 -55.74
C GLU K 8 -21.05 -11.70 -56.37
N LEU K 9 -20.02 -11.49 -57.20
CA LEU K 9 -19.84 -10.22 -57.88
C LEU K 9 -20.62 -10.13 -59.19
N PHE K 10 -21.00 -11.25 -59.81
CA PHE K 10 -21.71 -11.16 -61.08
C PHE K 10 -22.89 -12.10 -61.27
N ILE K 11 -22.95 -13.26 -60.60
CA ILE K 11 -24.04 -14.20 -60.81
C ILE K 11 -25.20 -13.88 -59.87
N LEU K 12 -26.36 -13.71 -60.46
CA LEU K 12 -27.61 -13.45 -59.76
C LEU K 12 -28.07 -14.69 -59.02
N PRO K 13 -28.83 -14.58 -57.93
CA PRO K 13 -29.53 -15.75 -57.39
C PRO K 13 -30.72 -16.18 -58.23
N ASP K 14 -31.47 -17.15 -57.70
CA ASP K 14 -32.56 -17.75 -58.46
C ASP K 14 -33.82 -16.88 -58.50
N ASP K 15 -34.49 -16.66 -57.36
CA ASP K 15 -35.73 -15.91 -57.34
C ASP K 15 -35.54 -14.44 -57.02
N VAL K 16 -34.31 -13.94 -57.12
CA VAL K 16 -34.00 -12.52 -57.01
C VAL K 16 -33.88 -11.99 -58.44
N PRO K 17 -34.56 -10.91 -58.79
CA PRO K 17 -34.38 -10.34 -60.13
C PRO K 17 -33.04 -9.65 -60.24
N LYS K 18 -32.52 -9.62 -61.47
CA LYS K 18 -31.31 -8.85 -61.74
C LYS K 18 -31.55 -7.37 -61.58
N LEU K 19 -32.77 -6.95 -61.91
CA LEU K 19 -33.06 -5.53 -61.92
C LEU K 19 -34.35 -5.32 -61.15
N LYS K 20 -34.22 -4.75 -59.96
CA LYS K 20 -35.30 -4.66 -58.98
C LYS K 20 -35.67 -3.19 -58.79
N ILE K 21 -36.80 -2.78 -59.35
CA ILE K 21 -37.24 -1.39 -59.34
C ILE K 21 -38.22 -1.23 -58.19
N THR K 22 -38.14 -0.11 -57.49
CA THR K 22 -39.19 0.39 -56.63
C THR K 22 -39.35 1.88 -56.85
N PRO K 23 -40.52 2.34 -57.25
CA PRO K 23 -40.74 3.77 -57.39
C PRO K 23 -40.89 4.45 -56.03
N ASP K 24 -40.16 5.54 -55.89
CA ASP K 24 -40.11 6.32 -54.65
C ASP K 24 -41.26 7.31 -54.71
N SER K 25 -42.17 7.22 -53.74
CA SER K 25 -43.34 8.07 -53.78
C SER K 25 -43.21 9.33 -52.96
N ARG K 26 -41.99 9.73 -52.57
CA ARG K 26 -41.85 11.03 -51.93
C ARG K 26 -42.11 12.15 -52.92
N VAL K 27 -41.37 12.17 -54.02
CA VAL K 27 -41.55 13.18 -55.06
C VAL K 27 -42.22 12.47 -56.23
N PRO K 28 -42.92 13.19 -57.11
CA PRO K 28 -43.47 12.53 -58.29
C PRO K 28 -42.36 12.21 -59.28
N ASN K 29 -42.56 11.11 -60.00
CA ASN K 29 -41.77 10.76 -61.18
C ASN K 29 -40.32 10.52 -60.81
N CYS K 30 -40.12 9.67 -59.79
CA CYS K 30 -38.80 9.24 -59.39
C CYS K 30 -38.83 7.76 -59.09
N ILE K 31 -37.68 7.11 -59.21
CA ILE K 31 -37.59 5.67 -59.02
C ILE K 31 -36.28 5.28 -58.35
N ILE K 32 -36.35 4.14 -57.66
CA ILE K 32 -35.22 3.52 -56.99
C ILE K 32 -35.05 2.14 -57.59
N ILE K 33 -33.83 1.80 -57.99
CA ILE K 33 -33.59 0.56 -58.69
C ILE K 33 -32.47 -0.19 -57.99
N LYS K 34 -32.78 -1.40 -57.57
CA LYS K 34 -31.89 -2.27 -56.82
C LYS K 34 -31.18 -3.19 -57.80
N PHE K 35 -30.07 -2.72 -58.34
CA PHE K 35 -29.20 -3.53 -59.19
C PHE K 35 -28.62 -4.68 -58.40
N GLU K 36 -28.63 -5.86 -58.98
CA GLU K 36 -27.92 -6.98 -58.44
C GLU K 36 -26.55 -7.15 -59.06
N ARG K 37 -25.58 -7.50 -58.22
CA ARG K 37 -24.35 -8.21 -58.60
C ARG K 37 -23.48 -7.36 -59.54
N GLU K 38 -23.12 -6.17 -59.09
CA GLU K 38 -22.27 -5.29 -59.88
C GLU K 38 -21.36 -4.49 -58.96
N ASP K 39 -20.66 -3.53 -59.57
CA ASP K 39 -19.86 -2.53 -58.89
C ASP K 39 -20.01 -1.19 -59.60
N HIS K 40 -19.04 -0.32 -59.37
CA HIS K 40 -19.01 1.00 -59.98
C HIS K 40 -19.03 0.96 -61.50
N THR K 41 -18.41 -0.06 -62.09
CA THR K 41 -18.11 -0.15 -63.51
C THR K 41 -19.34 0.04 -64.37
N LEU K 42 -20.47 -0.43 -63.90
CA LEU K 42 -21.73 -0.05 -64.53
C LEU K 42 -22.15 1.34 -64.12
N ALA K 43 -21.93 1.69 -62.86
CA ALA K 43 -22.73 2.73 -62.23
C ALA K 43 -22.29 4.11 -62.67
N ASN K 44 -20.98 4.36 -62.67
CA ASN K 44 -20.46 5.68 -63.02
C ASN K 44 -20.74 6.00 -64.48
N LEU K 45 -20.57 4.98 -65.31
CA LEU K 45 -20.91 5.05 -66.72
C LEU K 45 -22.37 5.42 -66.90
N LEU K 46 -23.24 4.83 -66.10
CA LEU K 46 -24.63 5.26 -66.19
C LEU K 46 -24.85 6.65 -65.62
N ARG K 47 -24.04 7.04 -64.65
CA ARG K 47 -24.26 8.32 -63.96
C ARG K 47 -23.99 9.49 -64.87
N GLU K 48 -22.79 9.56 -65.42
CA GLU K 48 -22.44 10.71 -66.25
C GLU K 48 -23.24 10.71 -67.55
N GLU K 49 -23.63 9.52 -68.02
CA GLU K 49 -24.44 9.48 -69.22
C GLU K 49 -25.86 9.91 -68.97
N LEU K 50 -26.37 9.65 -67.77
CA LEU K 50 -27.68 10.20 -67.46
C LEU K 50 -27.58 11.67 -67.08
N ALA K 51 -26.37 12.15 -66.84
CA ALA K 51 -26.24 13.52 -66.36
C ALA K 51 -26.47 14.56 -67.45
N LEU K 52 -25.94 14.34 -68.64
CA LEU K 52 -25.90 15.41 -69.61
C LEU K 52 -27.20 15.59 -70.36
N TYR K 53 -28.13 14.73 -70.17
CA TYR K 53 -29.37 14.83 -70.92
C TYR K 53 -30.24 15.94 -70.35
N PRO K 54 -31.08 16.57 -71.18
CA PRO K 54 -31.90 17.66 -70.66
C PRO K 54 -32.97 17.21 -69.71
N ASP K 55 -33.82 16.28 -70.15
CA ASP K 55 -35.02 15.90 -69.44
C ASP K 55 -34.75 15.23 -68.10
N VAL K 56 -33.56 14.70 -67.89
CA VAL K 56 -33.20 14.08 -66.65
C VAL K 56 -32.90 15.17 -65.65
N THR K 57 -33.52 15.10 -64.48
CA THR K 57 -33.24 16.06 -63.43
C THR K 57 -32.36 15.53 -62.31
N PHE K 58 -32.72 14.41 -61.71
CA PHE K 58 -31.91 13.94 -60.61
C PHE K 58 -31.57 12.50 -60.84
N VAL K 59 -30.29 12.17 -60.75
CA VAL K 59 -29.87 10.80 -60.82
C VAL K 59 -28.62 10.60 -59.95
N ALA K 60 -28.69 9.63 -59.05
CA ALA K 60 -27.63 9.40 -58.09
C ALA K 60 -27.69 7.97 -57.58
N TYR K 61 -26.51 7.40 -57.35
CA TYR K 61 -26.34 6.01 -57.00
C TYR K 61 -25.51 5.93 -55.73
N LYS K 62 -25.68 4.85 -54.97
CA LYS K 62 -24.73 4.63 -53.90
C LYS K 62 -24.43 3.14 -53.80
N VAL K 63 -23.20 2.85 -53.41
CA VAL K 63 -22.77 1.50 -53.11
C VAL K 63 -22.76 1.40 -51.60
N GLU K 64 -23.71 0.64 -51.02
CA GLU K 64 -23.90 0.67 -49.58
C GLU K 64 -22.68 0.16 -48.82
N HIS K 65 -22.12 -0.95 -49.25
CA HIS K 65 -20.86 -1.30 -48.63
C HIS K 65 -20.03 -2.07 -49.62
N PRO K 66 -18.77 -1.68 -49.82
CA PRO K 66 -17.95 -2.30 -50.86
C PRO K 66 -17.56 -3.73 -50.57
N LEU K 67 -17.88 -4.25 -49.40
CA LEU K 67 -17.77 -5.68 -49.21
C LEU K 67 -19.07 -6.40 -49.54
N PHE K 68 -19.93 -5.79 -50.34
CA PHE K 68 -21.12 -6.43 -50.87
C PHE K 68 -21.32 -5.93 -52.27
N ALA K 69 -21.45 -6.83 -53.23
CA ALA K 69 -21.40 -6.46 -54.65
C ALA K 69 -22.74 -5.97 -55.17
N ASN K 70 -23.34 -5.05 -54.43
CA ASN K 70 -24.60 -4.48 -54.86
C ASN K 70 -24.52 -2.99 -54.74
N PHE K 71 -25.50 -2.32 -55.35
CA PHE K 71 -25.62 -0.89 -55.24
C PHE K 71 -27.03 -0.50 -55.64
N VAL K 72 -27.40 0.72 -55.29
CA VAL K 72 -28.74 1.20 -55.46
C VAL K 72 -28.67 2.61 -56.00
N MET K 73 -29.64 2.98 -56.83
CA MET K 73 -29.60 4.23 -57.56
C MET K 73 -30.95 4.94 -57.47
N ARG K 74 -30.91 6.28 -57.53
CA ARG K 74 -32.10 7.12 -57.52
C ARG K 74 -32.25 7.79 -58.88
N LEU K 75 -33.47 7.89 -59.38
CA LEU K 75 -33.66 8.42 -60.72
C LEU K 75 -34.93 9.24 -60.80
N GLN K 76 -34.80 10.56 -60.80
CA GLN K 76 -35.92 11.47 -61.07
C GLN K 76 -35.59 12.32 -62.27
N THR K 77 -36.37 12.19 -63.33
CA THR K 77 -36.29 13.09 -64.46
C THR K 77 -37.37 14.15 -64.30
N GLU K 78 -37.66 14.86 -65.37
CA GLU K 78 -38.71 15.86 -65.30
C GLU K 78 -40.09 15.22 -65.19
N GLU K 79 -41.11 16.06 -65.31
CA GLU K 79 -42.50 15.62 -65.24
C GLU K 79 -42.85 14.58 -66.30
N GLY K 80 -42.52 14.85 -67.57
CA GLY K 80 -43.15 14.11 -68.65
C GLY K 80 -42.60 12.71 -68.82
N THR K 81 -41.31 12.54 -68.56
CA THR K 81 -40.58 11.32 -68.93
C THR K 81 -40.79 10.19 -67.93
N ARG K 82 -41.33 9.07 -68.43
CA ARG K 82 -41.09 7.85 -67.68
C ARG K 82 -39.62 7.51 -67.73
N PRO K 83 -38.94 7.46 -66.60
CA PRO K 83 -37.46 7.55 -66.62
C PRO K 83 -36.79 6.27 -67.06
N LYS K 84 -37.47 5.15 -66.86
CA LYS K 84 -37.09 3.87 -67.42
C LYS K 84 -36.85 3.96 -68.92
N GLN K 85 -37.73 4.67 -69.63
CA GLN K 85 -37.57 4.90 -71.06
C GLN K 85 -36.29 5.66 -71.35
N ALA K 86 -36.01 6.67 -70.53
CA ALA K 86 -34.81 7.47 -70.72
C ALA K 86 -33.55 6.65 -70.51
N LEU K 87 -33.57 5.76 -69.52
CA LEU K 87 -32.41 4.93 -69.26
C LEU K 87 -32.20 3.90 -70.36
N GLU K 88 -33.29 3.38 -70.93
CA GLU K 88 -33.16 2.47 -72.06
C GLU K 88 -32.59 3.18 -73.27
N ARG K 89 -33.01 4.42 -73.51
CA ARG K 89 -32.39 5.20 -74.57
C ARG K 89 -30.92 5.51 -74.25
N ALA K 90 -30.60 5.62 -72.96
CA ALA K 90 -29.22 5.87 -72.57
C ALA K 90 -28.33 4.69 -72.92
N CYS K 91 -28.80 3.47 -72.64
CA CYS K 91 -28.10 2.26 -73.07
C CYS K 91 -27.94 2.21 -74.58
N ALA K 92 -28.98 2.59 -75.31
CA ALA K 92 -28.92 2.62 -76.76
C ALA K 92 -27.80 3.53 -77.26
N SER K 93 -27.70 4.72 -76.67
CA SER K 93 -26.68 5.66 -77.11
C SER K 93 -25.29 5.19 -76.75
N ILE K 94 -25.15 4.55 -75.59
CA ILE K 94 -23.83 4.10 -75.17
C ILE K 94 -23.32 2.99 -76.08
N ILE K 95 -24.19 2.01 -76.40
CA ILE K 95 -23.75 0.93 -77.28
C ILE K 95 -23.51 1.46 -78.68
N ASN K 96 -24.25 2.51 -79.08
CA ASN K 96 -24.01 3.16 -80.36
C ASN K 96 -22.60 3.74 -80.43
N LYS K 97 -22.23 4.51 -79.39
CA LYS K 97 -20.89 5.09 -79.33
C LYS K 97 -19.81 4.02 -79.31
N LEU K 98 -19.98 2.99 -78.51
CA LEU K 98 -18.93 2.00 -78.38
C LEU K 98 -18.80 1.11 -79.59
N LYS K 99 -19.89 0.85 -80.30
CA LYS K 99 -19.77 -0.02 -81.46
C LYS K 99 -19.12 0.75 -82.59
N THR K 100 -19.37 2.06 -82.65
CA THR K 100 -18.58 2.92 -83.51
C THR K 100 -17.10 2.90 -83.08
N LEU K 101 -16.87 2.80 -81.77
CA LEU K 101 -15.51 2.82 -81.27
C LEU K 101 -14.75 1.57 -81.67
N ASP K 102 -15.38 0.41 -81.49
CA ASP K 102 -14.80 -0.86 -81.92
C ASP K 102 -14.54 -0.88 -83.41
N HIS K 103 -15.48 -0.32 -84.18
CA HIS K 103 -15.37 -0.27 -85.63
C HIS K 103 -14.15 0.49 -86.09
N LYS K 104 -14.00 1.73 -85.63
CA LYS K 104 -12.84 2.50 -86.05
C LYS K 104 -11.56 1.94 -85.46
N PHE K 105 -11.63 1.27 -84.31
CA PHE K 105 -10.42 0.68 -83.79
C PHE K 105 -9.95 -0.48 -84.63
N ASN K 106 -10.89 -1.30 -85.09
CA ASN K 106 -10.55 -2.38 -86.01
C ASN K 106 -9.90 -1.82 -87.26
N GLU K 107 -10.47 -0.74 -87.81
CA GLU K 107 -9.89 -0.12 -89.00
C GLU K 107 -8.48 0.40 -88.71
N GLU K 108 -8.28 0.94 -87.52
CA GLU K 108 -7.01 1.58 -87.27
C GLU K 108 -5.92 0.56 -86.99
N TRP K 109 -6.29 -0.58 -86.40
CA TRP K 109 -5.31 -1.64 -86.25
C TRP K 109 -5.02 -2.30 -87.58
N ASN K 110 -6.02 -2.31 -88.48
CA ASN K 110 -5.78 -2.78 -89.84
C ASN K 110 -4.74 -1.92 -90.54
N ILE K 111 -4.81 -0.61 -90.34
CA ILE K 111 -3.83 0.26 -91.00
C ILE K 111 -2.48 0.16 -90.31
N LYS K 112 -2.45 0.03 -88.99
CA LYS K 112 -1.21 0.16 -88.25
C LYS K 112 -0.32 -1.08 -88.37
N ASN K 113 -0.90 -2.23 -88.67
CA ASN K 113 -0.13 -3.41 -89.02
C ASN K 113 0.73 -3.19 -90.28
N GLY L 28 2.01 -53.96 -44.71
CA GLY L 28 1.52 -53.66 -46.05
C GLY L 28 1.92 -52.27 -46.51
N VAL L 29 1.95 -51.34 -45.57
CA VAL L 29 2.29 -49.94 -45.79
C VAL L 29 3.75 -49.84 -46.17
N LYS L 30 4.05 -49.12 -47.23
CA LYS L 30 5.44 -48.77 -47.49
C LYS L 30 5.91 -47.83 -46.40
N TYR L 31 6.64 -48.38 -45.45
CA TYR L 31 7.32 -47.56 -44.48
C TYR L 31 8.65 -47.20 -45.08
N THR L 32 8.79 -45.95 -45.46
CA THR L 32 10.01 -45.54 -46.14
C THR L 32 11.11 -45.50 -45.11
N CYS L 33 12.26 -46.06 -45.45
CA CYS L 33 13.40 -46.02 -44.55
C CYS L 33 13.88 -44.59 -44.44
N GLY L 34 14.46 -44.24 -43.30
CA GLY L 34 15.01 -42.92 -43.18
C GLY L 34 16.41 -42.77 -43.76
N ALA L 35 17.10 -43.87 -44.04
CA ALA L 35 18.46 -43.79 -44.54
C ALA L 35 18.60 -44.31 -45.96
N CYS L 36 18.21 -45.55 -46.21
CA CYS L 36 18.49 -46.20 -47.47
C CYS L 36 17.32 -46.18 -48.43
N ALA L 37 16.26 -45.43 -48.12
CA ALA L 37 15.05 -45.22 -48.93
C ALA L 37 14.29 -46.51 -49.22
N HIS L 38 14.53 -47.57 -48.47
CA HIS L 38 13.96 -48.85 -48.81
C HIS L 38 12.49 -48.88 -48.45
N ASN L 39 11.66 -49.25 -49.42
CA ASN L 39 10.24 -49.46 -49.16
C ASN L 39 10.05 -50.83 -48.53
N PHE L 40 9.84 -50.86 -47.22
CA PHE L 40 9.62 -52.13 -46.57
C PHE L 40 8.39 -52.02 -45.70
N SER L 41 7.53 -53.02 -45.83
CA SER L 41 6.35 -53.13 -45.01
C SER L 41 6.69 -53.97 -43.80
N LEU L 42 6.02 -53.65 -42.71
CA LEU L 42 6.26 -54.34 -41.46
C LEU L 42 4.93 -54.86 -40.95
N ASN L 43 4.96 -56.01 -40.28
CA ASN L 43 3.76 -56.81 -40.07
C ASN L 43 3.24 -56.61 -38.64
N LYS L 44 3.37 -55.37 -38.16
CA LYS L 44 3.03 -54.92 -36.81
C LYS L 44 3.77 -55.68 -35.72
N SER L 45 4.89 -56.29 -36.08
CA SER L 45 5.63 -57.19 -35.23
C SER L 45 7.12 -56.95 -35.28
N ASP L 46 7.61 -56.38 -36.38
CA ASP L 46 9.04 -56.25 -36.56
C ASP L 46 9.58 -55.09 -35.73
N PRO L 47 10.74 -55.27 -35.11
CA PRO L 47 11.43 -54.11 -34.55
C PRO L 47 11.90 -53.21 -35.67
N VAL L 48 11.73 -51.91 -35.45
CA VAL L 48 11.60 -50.98 -36.55
C VAL L 48 12.95 -50.29 -36.73
N ARG L 49 13.69 -50.74 -37.75
CA ARG L 49 15.01 -50.19 -38.04
C ARG L 49 15.26 -50.27 -39.53
N CYS L 50 16.40 -49.72 -39.95
CA CYS L 50 16.89 -49.95 -41.30
C CYS L 50 17.50 -51.33 -41.41
N LYS L 51 17.16 -52.03 -42.48
CA LYS L 51 17.70 -53.36 -42.69
C LYS L 51 19.13 -53.29 -43.19
N GLU L 52 19.61 -52.09 -43.50
CA GLU L 52 20.92 -51.95 -44.11
C GLU L 52 21.95 -51.38 -43.13
N CYS L 53 21.51 -50.52 -42.21
CA CYS L 53 22.45 -49.91 -41.27
C CYS L 53 21.92 -49.74 -39.85
N GLY L 54 20.72 -50.23 -39.53
CA GLY L 54 20.20 -50.11 -38.19
C GLY L 54 19.49 -48.80 -37.89
N HIS L 55 19.39 -47.92 -38.89
CA HIS L 55 18.71 -46.64 -38.77
C HIS L 55 17.23 -46.86 -38.47
N ARG L 56 16.79 -46.39 -37.30
CA ARG L 56 15.49 -46.80 -36.76
C ARG L 56 14.34 -45.88 -37.13
N VAL L 57 14.55 -44.93 -38.03
CA VAL L 57 13.55 -43.94 -38.34
C VAL L 57 12.85 -44.36 -39.61
N ILE L 58 11.53 -44.50 -39.55
CA ILE L 58 10.75 -44.70 -40.76
C ILE L 58 9.76 -43.56 -40.86
N TYR L 59 9.07 -43.52 -42.00
CA TYR L 59 7.95 -42.64 -42.24
C TYR L 59 7.02 -43.39 -43.16
N LYS L 60 5.74 -43.05 -43.15
CA LYS L 60 4.84 -43.64 -44.12
C LYS L 60 5.08 -42.98 -45.47
N ALA L 61 4.69 -43.66 -46.54
CA ALA L 61 4.74 -42.99 -47.83
C ALA L 61 3.36 -42.47 -48.19
N ARG L 62 3.28 -41.79 -49.33
CA ARG L 62 2.04 -41.14 -49.74
C ARG L 62 0.96 -42.18 -50.06
N THR L 63 -0.30 -41.76 -49.96
CA THR L 63 -1.43 -42.65 -50.11
C THR L 63 -1.60 -43.16 -51.54
N LYS L 64 -2.60 -44.03 -51.71
CA LYS L 64 -3.02 -44.47 -53.04
C LYS L 64 -4.05 -43.53 -53.63
N ARG L 65 -4.68 -42.71 -52.78
CA ARG L 65 -5.63 -41.72 -53.24
C ARG L 65 -4.96 -40.63 -54.04
N MET L 66 -5.76 -39.79 -54.66
CA MET L 66 -5.23 -38.61 -55.35
C MET L 66 -5.60 -37.35 -54.58
N ILE L 67 -4.60 -36.54 -54.28
CA ILE L 67 -4.78 -35.33 -53.49
C ILE L 67 -5.39 -34.29 -54.43
N GLN L 68 -6.09 -33.30 -53.88
CA GLN L 68 -6.66 -32.23 -54.69
C GLN L 68 -6.34 -30.85 -54.13
N PHE L 69 -6.30 -29.87 -55.03
CA PHE L 69 -5.99 -28.50 -54.68
C PHE L 69 -6.70 -27.55 -55.63
N ASP L 70 -6.96 -26.32 -55.16
CA ASP L 70 -7.66 -25.38 -56.01
C ASP L 70 -6.81 -24.17 -56.41
N ALA L 71 -5.50 -24.21 -56.14
CA ALA L 71 -4.50 -23.52 -56.95
C ALA L 71 -4.59 -22.01 -56.87
N ARG L 72 -5.20 -21.50 -55.82
CA ARG L 72 -5.33 -20.05 -55.67
C ARG L 72 -4.25 -19.56 -54.69
N PRO P 42 -6.18 -1.10 57.66
CA PRO P 42 -5.00 -1.43 58.45
C PRO P 42 -3.73 -0.91 57.81
N HIS P 43 -2.91 -0.19 58.58
CA HIS P 43 -1.66 0.36 58.09
C HIS P 43 -0.55 -0.69 58.07
N ARG P 44 0.32 -0.63 59.07
CA ARG P 44 1.43 -1.57 59.17
C ARG P 44 2.56 -1.25 58.20
N TYR P 45 3.21 -0.10 58.40
CA TYR P 45 4.31 0.33 57.54
C TYR P 45 5.55 -0.54 57.78
N ARG P 46 6.41 -0.60 56.76
CA ARG P 46 7.64 -1.39 56.85
C ARG P 46 8.45 -1.00 58.08
N PRO P 47 8.96 -2.00 58.79
CA PRO P 47 9.77 -1.78 59.99
C PRO P 47 10.91 -0.81 59.73
N GLY P 48 10.99 0.24 60.53
CA GLY P 48 12.02 1.24 60.39
C GLY P 48 11.52 2.65 60.58
N THR P 49 10.26 2.90 60.22
CA THR P 49 9.70 4.23 60.40
C THR P 49 9.46 4.53 61.87
N VAL P 50 9.03 3.52 62.62
CA VAL P 50 8.86 3.66 64.07
C VAL P 50 10.21 3.89 64.73
N ALA P 51 11.26 3.28 64.18
CA ALA P 51 12.61 3.43 64.74
C ALA P 51 13.11 4.86 64.61
N LEU P 52 13.04 5.41 63.41
CA LEU P 52 13.49 6.79 63.21
C LEU P 52 12.58 7.77 63.91
N ARG P 53 11.30 7.42 64.06
CA ARG P 53 10.38 8.27 64.80
C ARG P 53 10.72 8.30 66.28
N GLU P 54 11.14 7.16 66.84
CA GLU P 54 11.57 7.13 68.23
C GLU P 54 12.90 7.86 68.43
N ILE P 55 13.80 7.77 67.44
CA ILE P 55 15.07 8.49 67.52
C ILE P 55 14.82 10.00 67.55
N ARG P 56 13.94 10.48 66.66
CA ARG P 56 13.62 11.91 66.65
C ARG P 56 12.87 12.32 67.90
N ARG P 57 11.92 11.51 68.36
CA ARG P 57 11.14 11.83 69.54
C ARG P 57 12.00 11.87 70.80
N TYR P 58 13.02 11.02 70.88
CA TYR P 58 13.80 10.98 72.10
C TYR P 58 15.00 11.92 72.07
N GLN P 59 15.57 12.21 70.90
CA GLN P 59 16.53 13.30 70.84
C GLN P 59 15.86 14.66 70.96
N LYS P 60 14.56 14.76 70.63
CA LYS P 60 13.81 15.94 71.05
C LYS P 60 13.58 15.95 72.54
N SER P 61 13.37 14.79 73.15
CA SER P 61 13.01 14.75 74.56
C SER P 61 14.24 14.96 75.42
N THR P 62 14.00 15.26 76.69
CA THR P 62 15.08 15.54 77.63
C THR P 62 15.21 14.51 78.73
N GLU P 63 14.13 14.24 79.46
CA GLU P 63 14.23 13.66 80.79
C GLU P 63 14.41 12.14 80.80
N LEU P 64 14.18 11.54 81.97
CA LEU P 64 14.60 10.19 82.30
C LEU P 64 13.89 9.14 81.47
N LEU P 65 14.63 8.08 81.12
CA LEU P 65 14.07 6.94 80.43
C LEU P 65 13.81 5.75 81.34
N ILE P 66 14.76 5.38 82.19
CA ILE P 66 14.51 4.39 83.23
C ILE P 66 13.69 5.06 84.32
N ARG P 67 12.59 4.40 84.70
CA ARG P 67 11.68 4.93 85.71
C ARG P 67 12.40 5.25 87.00
N LYS P 68 11.63 5.66 88.02
CA LYS P 68 12.22 5.99 89.30
C LYS P 68 12.29 4.79 90.23
N LEU P 69 11.14 4.22 90.56
CA LEU P 69 11.04 3.29 91.69
C LEU P 69 11.77 1.95 91.51
N PRO P 70 11.74 1.27 90.34
CA PRO P 70 12.62 0.09 90.19
C PRO P 70 14.09 0.42 90.28
N PHE P 71 14.49 1.60 89.83
CA PHE P 71 15.88 2.00 89.97
C PHE P 71 16.22 2.23 91.44
N GLN P 72 15.28 2.81 92.20
CA GLN P 72 15.48 3.00 93.63
C GLN P 72 15.65 1.66 94.35
N ARG P 73 14.82 0.69 94.01
CA ARG P 73 14.92 -0.59 94.68
C ARG P 73 16.16 -1.37 94.23
N LEU P 74 16.64 -1.15 93.01
CA LEU P 74 17.90 -1.74 92.59
C LEU P 74 19.08 -1.16 93.37
N VAL P 75 19.07 0.16 93.54
CA VAL P 75 20.11 0.83 94.32
C VAL P 75 20.08 0.34 95.76
N ARG P 76 18.89 0.19 96.33
CA ARG P 76 18.80 -0.30 97.70
C ARG P 76 19.23 -1.75 97.82
N GLU P 77 19.01 -2.56 96.78
CA GLU P 77 19.48 -3.95 96.77
C GLU P 77 20.99 -4.03 96.81
N ILE P 78 21.66 -3.28 95.95
CA ILE P 78 23.12 -3.33 95.97
C ILE P 78 23.66 -2.59 97.20
N ALA P 79 22.91 -1.62 97.73
CA ALA P 79 23.40 -0.81 98.84
C ALA P 79 23.34 -1.56 100.16
N GLN P 80 22.31 -2.38 100.37
CA GLN P 80 22.20 -3.09 101.64
C GLN P 80 23.27 -4.16 101.78
N ASP P 81 23.77 -4.68 100.66
CA ASP P 81 24.79 -5.71 100.66
C ASP P 81 26.16 -5.21 101.09
N PHE P 82 26.36 -3.89 101.22
CA PHE P 82 27.62 -3.37 101.74
C PHE P 82 27.51 -2.77 103.12
N LYS P 83 26.31 -2.39 103.54
CA LYS P 83 26.08 -1.87 104.88
C LYS P 83 24.58 -1.97 105.14
N THR P 84 24.22 -2.30 106.36
CA THR P 84 22.82 -2.48 106.69
C THR P 84 22.16 -1.15 107.07
N ASP P 85 20.88 -1.03 106.71
CA ASP P 85 19.95 0.00 107.17
C ASP P 85 20.43 1.41 106.84
N LEU P 86 20.43 1.71 105.55
CA LEU P 86 20.77 3.03 105.07
C LEU P 86 19.53 3.92 104.99
N ARG P 87 19.77 5.22 104.82
CA ARG P 87 18.73 6.20 104.52
C ARG P 87 19.26 7.13 103.43
N PHE P 88 18.37 7.56 102.54
CA PHE P 88 18.80 8.19 101.29
C PHE P 88 18.18 9.55 101.06
N GLN P 89 18.98 10.45 100.49
CA GLN P 89 18.44 11.63 99.83
C GLN P 89 17.96 11.25 98.43
N SER P 90 16.82 11.81 98.04
CA SER P 90 16.23 11.48 96.75
C SER P 90 17.07 12.02 95.60
N ALA P 91 17.67 13.19 95.80
CA ALA P 91 18.50 13.79 94.77
C ALA P 91 19.75 12.97 94.51
N ALA P 92 20.23 12.25 95.54
CA ALA P 92 21.34 11.32 95.35
C ALA P 92 20.95 10.21 94.38
N ILE P 93 19.74 9.70 94.51
CA ILE P 93 19.30 8.62 93.65
C ILE P 93 19.06 9.13 92.24
N GLY P 94 18.55 10.36 92.13
CA GLY P 94 18.40 10.96 90.81
C GLY P 94 19.74 11.19 90.13
N ALA P 95 20.76 11.56 90.91
CA ALA P 95 22.09 11.71 90.37
C ALA P 95 22.65 10.38 89.91
N LEU P 96 22.37 9.31 90.67
CA LEU P 96 22.75 7.97 90.25
C LEU P 96 22.11 7.59 88.94
N GLN P 97 20.83 7.93 88.81
CA GLN P 97 20.09 7.65 87.58
C GLN P 97 20.67 8.42 86.41
N GLU P 98 21.09 9.67 86.66
CA GLU P 98 21.67 10.50 85.62
C GLU P 98 22.99 9.93 85.15
N ALA P 99 23.82 9.50 86.10
CA ALA P 99 25.11 8.91 85.74
C ALA P 99 24.93 7.59 85.01
N SER P 100 23.92 6.81 85.42
CA SER P 100 23.66 5.53 84.78
C SER P 100 23.22 5.74 83.33
N GLU P 101 22.32 6.69 83.10
CA GLU P 101 21.87 6.98 81.76
C GLU P 101 22.99 7.53 80.90
N ALA P 102 23.87 8.33 81.50
CA ALA P 102 25.05 8.83 80.79
C ALA P 102 25.97 7.70 80.35
N TYR P 103 26.23 6.77 81.27
CA TYR P 103 27.16 5.69 80.99
C TYR P 103 26.60 4.73 79.95
N LEU P 104 25.29 4.47 80.01
CA LEU P 104 24.67 3.60 79.02
C LEU P 104 24.60 4.27 77.65
N VAL P 105 24.35 5.59 77.61
CA VAL P 105 24.29 6.28 76.33
C VAL P 105 25.66 6.30 75.67
N GLY P 106 26.71 6.54 76.46
CA GLY P 106 28.06 6.46 75.91
C GLY P 106 28.42 5.07 75.41
N LEU P 107 28.00 4.05 76.15
CA LEU P 107 28.26 2.68 75.72
C LEU P 107 27.49 2.34 74.45
N PHE P 108 26.26 2.85 74.33
CA PHE P 108 25.48 2.58 73.13
C PHE P 108 26.03 3.33 71.93
N GLU P 109 26.55 4.54 72.14
CA GLU P 109 27.16 5.27 71.02
C GLU P 109 28.38 4.54 70.50
N ASP P 110 29.22 4.07 71.40
CA ASP P 110 30.38 3.31 70.95
C ASP P 110 29.97 1.97 70.33
N THR P 111 28.90 1.36 70.84
CA THR P 111 28.44 0.09 70.31
C THR P 111 27.89 0.27 68.91
N ASN P 112 27.16 1.36 68.69
CA ASN P 112 26.60 1.60 67.38
C ASN P 112 27.70 1.97 66.39
N LEU P 113 28.74 2.65 66.86
CA LEU P 113 29.86 2.93 65.96
C LEU P 113 30.60 1.65 65.58
N CYS P 114 30.73 0.72 66.53
CA CYS P 114 31.31 -0.58 66.21
C CYS P 114 30.44 -1.35 65.23
N ALA P 115 29.12 -1.25 65.40
CA ALA P 115 28.20 -1.99 64.54
C ALA P 115 28.24 -1.46 63.12
N ILE P 116 28.13 -0.14 62.96
CA ILE P 116 28.19 0.49 61.65
C ILE P 116 29.56 0.29 61.03
N HIS P 117 30.60 0.18 61.85
CA HIS P 117 31.89 -0.23 61.32
C HIS P 117 31.88 -1.66 60.81
N ALA P 118 31.16 -2.55 61.47
CA ALA P 118 31.15 -3.95 61.06
C ALA P 118 30.17 -4.25 59.92
N LYS P 119 29.67 -3.22 59.23
CA LYS P 119 28.71 -3.31 58.14
C LYS P 119 27.42 -3.99 58.57
N ARG P 120 27.07 -3.87 59.84
CA ARG P 120 25.89 -4.46 60.41
C ARG P 120 25.08 -3.40 61.13
N VAL P 121 23.78 -3.62 61.23
CA VAL P 121 22.95 -2.81 62.11
C VAL P 121 22.45 -3.60 63.31
N THR P 122 22.31 -4.91 63.18
CA THR P 122 22.00 -5.78 64.30
C THR P 122 23.20 -5.82 65.25
N ILE P 123 23.10 -5.13 66.38
CA ILE P 123 24.13 -5.20 67.39
C ILE P 123 24.08 -6.56 68.08
N MET P 124 25.24 -7.03 68.51
CA MET P 124 25.41 -8.29 69.19
C MET P 124 26.29 -8.05 70.40
N PRO P 125 26.26 -8.92 71.42
CA PRO P 125 27.02 -8.62 72.64
C PRO P 125 28.53 -8.60 72.47
N LYS P 126 29.07 -9.16 71.40
CA LYS P 126 30.50 -9.02 71.16
C LYS P 126 30.88 -7.61 70.73
N ASP P 127 29.91 -6.82 70.24
CA ASP P 127 30.15 -5.39 70.05
C ASP P 127 30.39 -4.68 71.38
N ILE P 128 29.58 -4.99 72.40
CA ILE P 128 29.80 -4.43 73.72
C ILE P 128 31.10 -4.97 74.32
N GLN P 129 31.47 -6.20 73.98
CA GLN P 129 32.78 -6.74 74.35
C GLN P 129 33.91 -5.89 73.80
N LEU P 130 33.86 -5.56 72.51
CA LEU P 130 34.89 -4.72 71.91
C LEU P 130 34.90 -3.32 72.51
N ALA P 131 33.71 -2.78 72.81
CA ALA P 131 33.60 -1.43 73.34
C ALA P 131 34.19 -1.32 74.74
N ARG P 132 33.76 -2.17 75.65
CA ARG P 132 34.31 -2.12 76.99
C ARG P 132 35.69 -2.75 77.09
N ARG P 133 36.18 -3.37 76.02
CA ARG P 133 37.62 -3.64 75.93
C ARG P 133 38.39 -2.36 75.66
N ILE P 134 37.97 -1.60 74.66
CA ILE P 134 38.80 -0.50 74.20
C ILE P 134 38.68 0.71 75.12
N ARG P 135 37.55 0.89 75.80
CA ARG P 135 37.59 1.87 76.88
C ARG P 135 38.40 1.41 78.08
N GLY P 136 38.69 0.12 78.19
CA GLY P 136 39.54 -0.37 79.25
C GLY P 136 38.91 -0.34 80.62
N GLU P 137 37.61 -0.12 80.71
CA GLU P 137 36.91 -0.02 81.97
C GLU P 137 36.18 -1.33 82.20
N ARG P 138 36.55 -2.03 83.26
CA ARG P 138 36.04 -3.38 83.48
C ARG P 138 35.31 -3.45 84.82
N ARG Q 27 14.61 -8.12 95.71
CA ARG Q 27 14.75 -9.35 94.92
C ARG Q 27 14.39 -9.09 93.47
N ASP Q 28 15.28 -9.52 92.57
CA ASP Q 28 15.08 -9.52 91.12
C ASP Q 28 14.84 -8.10 90.59
N ASN Q 29 15.42 -7.12 91.26
CA ASN Q 29 15.27 -5.74 90.80
C ASN Q 29 16.21 -5.41 89.65
N ILE Q 30 17.10 -6.33 89.29
CA ILE Q 30 17.81 -6.17 88.03
C ILE Q 30 16.85 -6.32 86.86
N GLN Q 31 15.78 -7.08 87.02
CA GLN Q 31 14.73 -7.13 86.03
C GLN Q 31 13.70 -6.04 86.23
N GLY Q 32 13.84 -5.22 87.27
CA GLY Q 32 13.15 -3.94 87.31
C GLY Q 32 13.57 -3.02 86.18
N ILE Q 33 14.81 -3.15 85.72
CA ILE Q 33 15.22 -2.61 84.43
C ILE Q 33 14.46 -3.36 83.35
N THR Q 34 13.52 -2.70 82.71
CA THR Q 34 12.63 -3.39 81.80
C THR Q 34 13.26 -3.48 80.41
N LYS Q 35 12.73 -4.40 79.60
CA LYS Q 35 13.08 -4.43 78.18
C LYS Q 35 12.71 -3.16 77.42
N PRO Q 36 11.53 -2.52 77.60
CA PRO Q 36 11.34 -1.21 76.96
C PRO Q 36 12.24 -0.11 77.49
N ALA Q 37 12.77 -0.22 78.72
CA ALA Q 37 13.72 0.80 79.18
C ALA Q 37 15.04 0.69 78.43
N ILE Q 38 15.56 -0.53 78.27
CA ILE Q 38 16.76 -0.73 77.48
C ILE Q 38 16.50 -0.35 76.02
N ARG Q 39 15.28 -0.58 75.54
CA ARG Q 39 14.92 -0.15 74.20
C ARG Q 39 14.93 1.37 74.07
N ARG Q 40 14.35 2.05 75.06
CA ARG Q 40 14.31 3.50 75.09
C ARG Q 40 15.71 4.09 75.08
N LEU Q 41 16.56 3.62 75.99
CA LEU Q 41 17.93 4.13 76.06
C LEU Q 41 18.75 3.75 74.84
N ALA Q 42 18.36 2.70 74.13
CA ALA Q 42 19.01 2.44 72.85
C ALA Q 42 18.58 3.47 71.81
N ARG Q 43 17.31 3.87 71.84
CA ARG Q 43 16.82 4.79 70.82
C ARG Q 43 17.37 6.20 71.03
N ARG Q 44 17.46 6.64 72.30
CA ARG Q 44 18.04 7.96 72.56
C ARG Q 44 19.50 8.01 72.13
N GLY Q 45 20.25 6.94 72.40
CA GLY Q 45 21.63 6.88 71.99
C GLY Q 45 21.84 6.73 70.51
N GLY Q 46 20.83 6.24 69.79
CA GLY Q 46 20.90 6.16 68.35
C GLY Q 46 20.82 4.78 67.77
N VAL Q 47 20.58 3.77 68.58
CA VAL Q 47 20.56 2.40 68.09
C VAL Q 47 19.24 2.15 67.37
N LYS Q 48 19.33 1.49 66.21
CA LYS Q 48 18.12 1.15 65.47
C LYS Q 48 17.69 -0.31 65.66
N ARG Q 49 18.61 -1.26 65.53
CA ARG Q 49 18.27 -2.68 65.56
C ARG Q 49 18.81 -3.31 66.83
N ILE Q 50 17.89 -3.64 67.75
CA ILE Q 50 18.23 -4.15 69.07
C ILE Q 50 18.05 -5.66 69.07
N SER Q 51 19.10 -6.39 69.41
CA SER Q 51 18.92 -7.83 69.49
C SER Q 51 18.29 -8.23 70.81
N GLY Q 52 18.21 -9.54 71.02
CA GLY Q 52 17.59 -10.07 72.22
C GLY Q 52 18.61 -10.48 73.26
N LEU Q 53 19.84 -10.67 72.85
CA LEU Q 53 20.90 -11.05 73.76
C LEU Q 53 21.58 -9.85 74.40
N ILE Q 54 21.18 -8.64 74.01
CA ILE Q 54 21.85 -7.44 74.51
C ILE Q 54 21.43 -7.14 75.93
N TYR Q 55 20.18 -7.48 76.28
CA TYR Q 55 19.51 -6.90 77.44
C TYR Q 55 20.19 -7.28 78.75
N GLU Q 56 20.51 -8.55 78.93
CA GLU Q 56 21.05 -8.97 80.21
C GLU Q 56 22.52 -8.61 80.34
N GLU Q 57 23.23 -8.51 79.21
CA GLU Q 57 24.59 -7.97 79.25
C GLU Q 57 24.58 -6.52 79.66
N THR Q 58 23.59 -5.76 79.18
CA THR Q 58 23.43 -4.37 79.58
C THR Q 58 23.09 -4.26 81.05
N ARG Q 59 22.23 -5.16 81.54
CA ARG Q 59 21.90 -5.21 82.96
C ARG Q 59 23.13 -5.50 83.81
N GLY Q 60 24.00 -6.40 83.33
CA GLY Q 60 25.21 -6.71 84.08
C GLY Q 60 26.20 -5.56 84.12
N VAL Q 61 26.35 -4.85 83.01
CA VAL Q 61 27.26 -3.70 82.98
C VAL Q 61 26.75 -2.59 83.88
N LEU Q 62 25.44 -2.33 83.85
CA LEU Q 62 24.80 -1.40 84.77
C LEU Q 62 25.04 -1.81 86.22
N LYS Q 63 24.99 -3.12 86.49
CA LYS Q 63 25.20 -3.60 87.85
C LYS Q 63 26.62 -3.37 88.33
N VAL Q 64 27.62 -3.63 87.48
CA VAL Q 64 29.02 -3.44 87.88
C VAL Q 64 29.32 -1.96 88.12
N PHE Q 65 28.78 -1.09 87.25
CA PHE Q 65 28.91 0.34 87.41
C PHE Q 65 28.32 0.81 88.74
N LEU Q 66 27.10 0.38 89.04
CA LEU Q 66 26.46 0.75 90.30
C LEU Q 66 27.20 0.17 91.50
N GLU Q 67 27.84 -1.00 91.33
CA GLU Q 67 28.66 -1.57 92.41
C GLU Q 67 29.80 -0.64 92.79
N ASN Q 68 30.59 -0.20 91.80
CA ASN Q 68 31.74 0.64 92.10
C ASN Q 68 31.29 1.99 92.67
N VAL Q 69 30.23 2.56 92.10
CA VAL Q 69 29.77 3.87 92.54
C VAL Q 69 29.22 3.81 93.95
N ILE Q 70 28.40 2.80 94.27
CA ILE Q 70 27.83 2.78 95.60
C ILE Q 70 28.85 2.30 96.64
N ARG Q 71 29.89 1.57 96.23
CA ARG Q 71 31.02 1.31 97.14
C ARG Q 71 31.68 2.61 97.57
N ASP Q 72 31.96 3.49 96.61
CA ASP Q 72 32.55 4.77 96.98
C ASP Q 72 31.58 5.64 97.79
N ALA Q 73 30.29 5.55 97.49
CA ALA Q 73 29.30 6.35 98.21
C ALA Q 73 29.19 5.94 99.67
N VAL Q 74 29.15 4.62 99.92
CA VAL Q 74 29.10 4.13 101.29
C VAL Q 74 30.42 4.41 101.99
N THR Q 75 31.53 4.46 101.25
CA THR Q 75 32.81 4.81 101.85
C THR Q 75 32.79 6.24 102.39
N TYR Q 76 32.37 7.19 101.56
CA TYR Q 76 32.23 8.57 102.01
C TYR Q 76 31.15 8.73 103.06
N THR Q 77 30.15 7.85 103.07
CA THR Q 77 29.12 7.98 104.10
C THR Q 77 29.63 7.51 105.45
N GLU Q 78 30.38 6.40 105.48
CA GLU Q 78 30.91 5.89 106.74
C GLU Q 78 31.98 6.81 107.30
N HIS Q 79 32.79 7.41 106.44
CA HIS Q 79 33.75 8.35 107.00
C HIS Q 79 33.11 9.66 107.42
N ALA Q 80 31.90 9.93 106.97
CA ALA Q 80 31.15 11.04 107.54
C ALA Q 80 30.64 10.77 108.94
N LYS Q 81 30.65 9.50 109.38
CA LYS Q 81 30.04 9.05 110.63
C LYS Q 81 28.59 9.47 110.72
N ARG Q 82 27.87 9.29 109.61
CA ARG Q 82 26.47 9.61 109.53
C ARG Q 82 25.75 8.45 108.87
N LYS Q 83 24.55 8.17 109.35
CA LYS Q 83 23.79 7.03 108.87
C LYS Q 83 22.90 7.39 107.69
N THR Q 84 23.27 8.41 106.93
CA THR Q 84 22.52 8.87 105.78
C THR Q 84 23.49 9.22 104.67
N VAL Q 85 23.18 8.79 103.45
CA VAL Q 85 24.00 9.07 102.29
C VAL Q 85 23.50 10.35 101.64
N THR Q 86 24.40 11.30 101.40
CA THR Q 86 23.99 12.55 100.78
C THR Q 86 24.32 12.57 99.30
N ALA Q 87 23.67 13.49 98.59
CA ALA Q 87 23.96 13.66 97.18
C ALA Q 87 25.35 14.22 96.96
N MET Q 88 25.83 15.03 97.90
CA MET Q 88 27.16 15.62 97.81
C MET Q 88 28.23 14.54 97.79
N ASP Q 89 28.02 13.48 98.58
CA ASP Q 89 28.93 12.35 98.60
C ASP Q 89 28.95 11.62 97.27
N VAL Q 90 27.78 11.54 96.62
CA VAL Q 90 27.70 10.93 95.31
C VAL Q 90 28.50 11.75 94.31
N VAL Q 91 28.38 13.07 94.39
CA VAL Q 91 29.11 13.97 93.51
C VAL Q 91 30.61 13.82 93.71
N TYR Q 92 31.04 13.73 94.96
CA TYR Q 92 32.46 13.66 95.24
C TYR Q 92 33.04 12.33 94.78
N ALA Q 93 32.25 11.26 94.94
CA ALA Q 93 32.68 9.95 94.44
C ALA Q 93 32.77 9.94 92.93
N LEU Q 94 31.84 10.62 92.27
CA LEU Q 94 31.93 10.73 90.82
C LEU Q 94 33.13 11.55 90.40
N LYS Q 95 33.50 12.55 91.20
CA LYS Q 95 34.74 13.28 90.96
C LYS Q 95 35.95 12.37 91.12
N ARG Q 96 35.86 11.40 92.02
CA ARG Q 96 36.93 10.43 92.15
C ARG Q 96 36.98 9.49 90.95
N GLN Q 97 35.88 9.34 90.22
CA GLN Q 97 35.89 8.50 89.02
C GLN Q 97 36.60 9.16 87.86
N GLY Q 98 36.17 10.36 87.49
CA GLY Q 98 36.53 10.95 86.21
C GLY Q 98 35.34 11.16 85.31
N ARG Q 99 34.14 11.13 85.88
CA ARG Q 99 32.86 11.19 85.18
C ARG Q 99 31.98 12.24 85.84
N THR Q 100 32.54 13.44 86.01
CA THR Q 100 32.02 14.43 86.96
C THR Q 100 30.66 14.96 86.55
N LEU Q 101 29.76 15.01 87.52
CA LEU Q 101 28.39 15.46 87.33
C LEU Q 101 28.21 16.84 87.93
N TYR Q 102 27.79 17.80 87.12
CA TYR Q 102 27.48 19.12 87.63
C TYR Q 102 26.05 19.15 88.16
N GLY Q 103 25.54 20.35 88.38
CA GLY Q 103 24.11 20.55 88.47
C GLY Q 103 23.50 20.41 89.84
N PHE Q 104 23.99 19.48 90.66
CA PHE Q 104 23.29 19.14 91.89
C PHE Q 104 24.02 19.66 93.12
N GLY Q 105 25.00 20.54 92.92
CA GLY Q 105 25.79 21.06 94.00
C GLY Q 105 27.18 20.44 94.05
N GLY Q 106 28.16 21.26 94.39
CA GLY Q 106 29.53 20.80 94.50
C GLY Q 106 30.27 20.84 93.18
N THR R 20 65.31 5.70 115.95
CA THR R 20 64.26 6.51 115.35
C THR R 20 62.89 5.98 115.74
N ARG R 21 61.85 6.52 115.13
CA ARG R 21 60.50 6.04 115.34
C ARG R 21 60.17 4.85 114.45
N SER R 22 61.07 4.50 113.53
CA SER R 22 60.79 3.45 112.56
C SER R 22 60.73 2.09 113.23
N SER R 23 61.79 1.72 113.96
CA SER R 23 61.77 0.49 114.72
C SER R 23 60.82 0.54 115.91
N ARG R 24 60.35 1.74 116.31
CA ARG R 24 59.28 1.85 117.29
C ARG R 24 57.94 1.39 116.74
N ALA R 25 57.82 1.26 115.43
CA ALA R 25 56.72 0.52 114.83
C ALA R 25 57.20 -0.70 114.05
N GLY R 26 58.49 -0.89 113.88
CA GLY R 26 59.01 -2.09 113.25
C GLY R 26 58.84 -2.16 111.75
N LEU R 27 59.26 -1.14 111.03
CA LEU R 27 59.16 -1.13 109.58
C LEU R 27 60.52 -0.80 108.97
N GLN R 28 60.52 -0.60 107.67
CA GLN R 28 61.72 -0.20 106.94
C GLN R 28 61.62 1.18 106.35
N PHE R 29 60.44 1.81 106.38
CA PHE R 29 60.20 3.13 105.84
C PHE R 29 60.13 4.16 106.96
N PRO R 30 60.71 5.33 106.78
CA PRO R 30 60.83 6.27 107.89
C PRO R 30 59.51 6.95 108.17
N VAL R 31 59.40 7.46 109.39
CA VAL R 31 58.23 8.25 109.72
C VAL R 31 58.53 9.73 109.60
N GLY R 32 59.78 10.11 109.88
CA GLY R 32 60.12 11.52 109.93
C GLY R 32 60.13 12.18 108.56
N ARG R 33 60.69 11.47 107.56
CA ARG R 33 60.70 11.99 106.19
C ARG R 33 59.28 12.17 105.66
N VAL R 34 58.43 11.19 105.93
CA VAL R 34 57.04 11.26 105.49
C VAL R 34 56.31 12.37 106.21
N HIS R 35 56.61 12.57 107.49
CA HIS R 35 55.99 13.62 108.26
C HIS R 35 56.46 14.99 107.80
N ARG R 36 57.69 15.07 107.30
CA ARG R 36 58.17 16.30 106.68
C ARG R 36 57.45 16.56 105.36
N LEU R 37 57.30 15.51 104.55
CA LEU R 37 56.67 15.65 103.24
C LEU R 37 55.20 16.02 103.36
N LEU R 38 54.54 15.60 104.43
CA LEU R 38 53.14 15.99 104.61
C LEU R 38 52.99 17.46 104.98
N ARG R 39 54.10 18.08 105.40
CA ARG R 39 54.10 19.49 105.77
C ARG R 39 54.54 20.34 104.57
N LYS R 40 55.51 19.85 103.82
CA LYS R 40 56.03 20.54 102.66
C LYS R 40 55.29 20.19 101.37
N GLY R 41 54.24 19.38 101.46
CA GLY R 41 53.29 19.29 100.37
C GLY R 41 52.08 20.16 100.54
N ASN R 42 51.93 20.75 101.73
CA ASN R 42 50.81 21.59 102.13
C ASN R 42 49.48 20.87 101.98
N TYR R 43 49.50 19.57 102.31
CA TYR R 43 48.35 18.72 102.09
C TYR R 43 47.24 18.97 103.09
N SER R 44 47.55 19.58 104.22
CA SER R 44 46.58 20.23 105.08
C SER R 44 47.33 21.23 105.94
N GLU R 45 46.66 21.70 106.99
CA GLU R 45 47.36 22.53 107.97
C GLU R 45 48.25 21.67 108.86
N ARG R 46 47.66 20.78 109.62
CA ARG R 46 48.39 20.02 110.62
C ARG R 46 48.41 18.54 110.26
N VAL R 47 49.37 17.83 110.84
CA VAL R 47 49.56 16.41 110.60
C VAL R 47 49.44 15.69 111.92
N GLY R 48 48.60 14.65 111.95
CA GLY R 48 48.39 13.88 113.15
C GLY R 48 49.60 13.04 113.52
N ALA R 49 49.47 12.35 114.65
CA ALA R 49 50.63 11.69 115.24
C ALA R 49 51.00 10.42 114.48
N GLY R 50 50.10 9.45 114.43
CA GLY R 50 50.47 8.16 113.90
C GLY R 50 50.14 7.93 112.44
N ALA R 51 49.51 8.91 111.79
CA ALA R 51 49.14 8.76 110.39
C ALA R 51 50.30 8.47 109.43
N PRO R 52 51.50 9.08 109.53
CA PRO R 52 52.57 8.63 108.64
C PRO R 52 53.07 7.24 108.94
N VAL R 53 52.90 6.73 110.17
CA VAL R 53 53.23 5.35 110.45
C VAL R 53 52.30 4.43 109.68
N TYR R 54 51.01 4.76 109.69
CA TYR R 54 50.00 4.04 108.93
C TYR R 54 50.34 4.02 107.45
N LEU R 55 50.75 5.18 106.94
CA LEU R 55 51.09 5.29 105.53
C LEU R 55 52.32 4.48 105.19
N ALA R 56 53.29 4.44 106.10
CA ALA R 56 54.48 3.65 105.89
C ALA R 56 54.14 2.17 105.82
N ALA R 57 53.20 1.73 106.66
CA ALA R 57 52.77 0.33 106.63
C ALA R 57 52.08 0.01 105.31
N VAL R 58 51.24 0.93 104.83
CA VAL R 58 50.54 0.72 103.57
C VAL R 58 51.51 0.61 102.41
N LEU R 59 52.48 1.52 102.37
CA LEU R 59 53.48 1.52 101.30
C LEU R 59 54.33 0.26 101.35
N GLU R 60 54.70 -0.19 102.54
CA GLU R 60 55.57 -1.34 102.62
C GLU R 60 54.82 -2.62 102.26
N TYR R 61 53.52 -2.70 102.58
CA TYR R 61 52.75 -3.85 102.13
C TYR R 61 52.61 -3.87 100.61
N LEU R 62 52.40 -2.70 100.00
CA LEU R 62 52.28 -2.61 98.55
C LEU R 62 53.56 -3.06 97.87
N THR R 63 54.69 -2.46 98.23
CA THR R 63 55.95 -2.84 97.61
C THR R 63 56.38 -4.26 97.97
N ALA R 64 55.89 -4.79 99.09
CA ALA R 64 56.14 -6.19 99.43
C ALA R 64 55.47 -7.11 98.43
N GLU R 65 54.19 -6.84 98.13
CA GLU R 65 53.49 -7.67 97.15
C GLU R 65 54.10 -7.52 95.77
N ILE R 66 54.52 -6.29 95.42
CA ILE R 66 55.11 -6.03 94.12
C ILE R 66 56.42 -6.78 93.96
N LEU R 67 57.29 -6.67 94.95
CA LEU R 67 58.58 -7.33 94.85
C LEU R 67 58.46 -8.84 95.02
N GLU R 68 57.41 -9.31 95.67
CA GLU R 68 57.11 -10.74 95.72
C GLU R 68 56.84 -11.28 94.32
N LEU R 69 55.92 -10.65 93.60
CA LEU R 69 55.63 -11.12 92.26
C LEU R 69 56.78 -10.84 91.31
N ALA R 70 57.56 -9.81 91.60
CA ALA R 70 58.78 -9.55 90.84
C ALA R 70 59.80 -10.66 91.05
N GLY R 71 59.89 -11.18 92.27
CA GLY R 71 60.81 -12.27 92.53
C GLY R 71 60.37 -13.55 91.84
N ASN R 72 59.06 -13.78 91.79
CA ASN R 72 58.56 -14.91 91.01
C ASN R 72 58.86 -14.75 89.53
N ALA R 73 58.77 -13.51 89.05
CA ALA R 73 59.12 -13.25 87.65
C ALA R 73 60.61 -13.45 87.42
N ALA R 74 61.43 -13.16 88.43
CA ALA R 74 62.86 -13.44 88.33
C ALA R 74 63.12 -14.93 88.29
N ARG R 75 62.33 -15.68 89.05
CA ARG R 75 62.39 -17.14 88.99
C ARG R 75 61.95 -17.67 87.63
N ASP R 76 61.12 -16.91 86.91
CA ASP R 76 60.62 -17.39 85.63
C ASP R 76 61.70 -17.48 84.56
N ASN R 77 62.49 -16.43 84.39
CA ASN R 77 63.54 -16.47 83.38
C ASN R 77 64.88 -16.92 83.95
N LYS R 78 64.89 -17.35 85.23
CA LYS R 78 66.06 -17.94 85.89
C LYS R 78 67.22 -16.95 85.97
N LYS R 79 66.93 -15.75 86.47
CA LYS R 79 67.94 -14.73 86.71
C LYS R 79 67.91 -14.37 88.19
N THR R 80 68.97 -13.73 88.66
CA THR R 80 69.06 -13.36 90.06
C THR R 80 68.79 -11.89 90.32
N ARG R 81 69.20 -11.01 89.43
CA ARG R 81 68.96 -9.59 89.58
C ARG R 81 67.74 -9.20 88.75
N ILE R 82 66.86 -8.41 89.35
CA ILE R 82 65.55 -8.12 88.76
C ILE R 82 65.72 -7.12 87.62
N ILE R 83 65.30 -7.51 86.43
CA ILE R 83 65.27 -6.64 85.27
C ILE R 83 63.86 -6.06 85.16
N PRO R 84 63.68 -4.87 84.57
CA PRO R 84 62.34 -4.25 84.59
C PRO R 84 61.31 -4.95 83.72
N ARG R 85 61.73 -5.84 82.82
CA ARG R 85 60.76 -6.68 82.11
C ARG R 85 60.04 -7.59 83.09
N HIS R 86 60.76 -8.11 84.09
CA HIS R 86 60.15 -8.91 85.12
C HIS R 86 59.16 -8.08 85.93
N LEU R 87 59.48 -6.81 86.14
CA LEU R 87 58.55 -5.89 86.78
C LEU R 87 57.28 -5.74 85.96
N GLN R 88 57.43 -5.53 84.66
CA GLN R 88 56.28 -5.29 83.80
C GLN R 88 55.37 -6.51 83.76
N LEU R 89 55.97 -7.70 83.64
CA LEU R 89 55.16 -8.91 83.58
C LEU R 89 54.48 -9.20 84.91
N ALA R 90 55.17 -8.92 86.03
CA ALA R 90 54.56 -9.14 87.33
C ALA R 90 53.44 -8.15 87.61
N ILE R 91 53.54 -6.93 87.07
CA ILE R 91 52.45 -5.99 87.25
C ILE R 91 51.26 -6.39 86.38
N ARG R 92 51.52 -6.82 85.15
CA ARG R 92 50.43 -7.10 84.22
C ARG R 92 49.73 -8.42 84.50
N ASN R 93 50.40 -9.37 85.16
CA ASN R 93 49.78 -10.68 85.32
C ASN R 93 48.69 -10.69 86.39
N ASP R 94 48.93 -10.05 87.52
CA ASP R 94 47.90 -9.96 88.55
C ASP R 94 46.74 -9.12 88.07
N GLU R 95 45.54 -9.46 88.53
CA GLU R 95 44.35 -8.71 88.12
C GLU R 95 44.35 -7.32 88.75
N GLU R 96 44.46 -7.25 90.07
CA GLU R 96 44.35 -5.97 90.76
C GLU R 96 45.56 -5.08 90.51
N LEU R 97 46.72 -5.68 90.32
CA LEU R 97 47.91 -4.89 89.98
C LEU R 97 47.92 -4.48 88.53
N ASN R 98 47.10 -5.10 87.69
CA ASN R 98 46.86 -4.51 86.39
C ASN R 98 45.75 -3.48 86.46
N LYS R 99 44.90 -3.54 87.49
CA LYS R 99 43.87 -2.51 87.66
C LYS R 99 44.48 -1.20 88.13
N LEU R 100 45.33 -1.25 89.14
CA LEU R 100 45.98 -0.03 89.62
C LEU R 100 46.93 0.53 88.57
N LEU R 101 47.96 -0.24 88.23
CA LEU R 101 48.98 0.26 87.32
C LEU R 101 48.67 -0.12 85.88
N GLY R 102 47.47 0.19 85.44
CA GLY R 102 47.12 -0.02 84.05
C GLY R 102 47.28 1.27 83.29
N ARG R 103 46.96 2.37 83.95
CA ARG R 103 47.07 3.69 83.34
C ARG R 103 48.47 4.27 83.44
N VAL R 104 49.43 3.52 83.96
CA VAL R 104 50.80 3.97 84.06
C VAL R 104 51.66 2.98 83.30
N THR R 105 52.16 3.41 82.15
CA THR R 105 53.15 2.61 81.46
C THR R 105 54.49 2.76 82.15
N ILE R 106 55.39 1.83 81.87
CA ILE R 106 56.69 1.77 82.53
C ILE R 106 57.77 1.75 81.46
N ALA R 107 58.80 2.57 81.65
CA ALA R 107 59.98 2.55 80.79
C ALA R 107 60.63 1.19 80.79
N GLN R 108 61.07 0.77 79.59
CA GLN R 108 61.65 -0.55 79.32
C GLN R 108 60.70 -1.69 79.68
N GLY R 109 59.40 -1.42 79.64
CA GLY R 109 58.43 -2.37 80.14
C GLY R 109 58.10 -3.47 79.16
N GLY R 110 57.66 -3.10 77.97
CA GLY R 110 57.15 -4.08 77.04
C GLY R 110 55.75 -4.48 77.41
N VAL R 111 55.27 -5.52 76.73
CA VAL R 111 53.94 -6.04 76.97
C VAL R 111 54.04 -7.55 77.19
N LEU R 112 52.88 -8.17 77.42
CA LEU R 112 52.81 -9.60 77.71
C LEU R 112 53.12 -10.42 76.47
N PRO R 113 53.47 -11.69 76.64
CA PRO R 113 53.43 -12.60 75.49
C PRO R 113 51.99 -12.84 75.09
N ASN R 114 51.56 -12.23 73.98
CA ASN R 114 50.16 -12.24 73.60
C ASN R 114 50.06 -12.61 72.14
N ILE R 115 49.35 -13.70 71.87
CA ILE R 115 49.08 -14.16 70.51
C ILE R 115 47.58 -14.38 70.41
N GLN R 116 46.95 -13.76 69.42
CA GLN R 116 45.54 -14.00 69.19
C GLN R 116 45.33 -15.35 68.52
N ALA R 117 44.53 -16.20 69.15
CA ALA R 117 44.36 -17.58 68.67
C ALA R 117 43.58 -17.61 67.37
N VAL R 118 42.74 -16.62 67.12
CA VAL R 118 42.03 -16.51 65.85
C VAL R 118 42.94 -16.12 64.69
N LEU R 119 44.20 -15.80 64.98
CA LEU R 119 45.19 -15.57 63.94
C LEU R 119 46.09 -16.77 63.70
N LEU R 120 45.90 -17.86 64.45
CA LEU R 120 46.81 -18.99 64.35
C LEU R 120 46.57 -19.77 63.06
N PRO R 121 47.63 -20.25 62.41
CA PRO R 121 47.45 -21.02 61.18
C PRO R 121 46.99 -22.45 61.47
N LYS R 122 46.35 -23.04 60.48
CA LYS R 122 45.80 -24.37 60.63
C LYS R 122 46.90 -25.43 60.56
N ARG S 35 75.82 21.18 93.68
CA ARG S 35 75.88 19.94 94.45
C ARG S 35 74.73 19.83 95.44
N SER S 36 73.50 19.84 94.93
CA SER S 36 72.35 19.67 95.80
C SER S 36 72.21 18.21 96.20
N ARG S 37 71.93 17.96 97.47
CA ARG S 37 71.88 16.61 98.01
C ARG S 37 70.47 16.08 97.78
N LYS S 38 70.32 15.32 96.70
CA LYS S 38 69.05 14.74 96.31
C LYS S 38 68.79 13.45 97.07
N GLU S 39 67.53 13.03 97.09
CA GLU S 39 67.07 11.93 97.91
C GLU S 39 66.51 10.81 97.05
N SER S 40 66.37 9.64 97.66
CA SER S 40 65.79 8.49 97.02
C SER S 40 65.23 7.57 98.10
N TYR S 41 64.90 6.34 97.71
CA TYR S 41 64.35 5.34 98.59
C TYR S 41 65.07 4.01 98.49
N SER S 42 66.34 4.03 98.09
CA SER S 42 67.00 2.80 97.63
C SER S 42 67.22 1.83 98.79
N ILE S 43 67.66 2.34 99.93
CA ILE S 43 68.08 1.45 101.01
C ILE S 43 66.88 0.80 101.69
N TYR S 44 65.80 1.55 101.85
CA TYR S 44 64.61 1.02 102.50
C TYR S 44 64.07 -0.17 101.69
N VAL S 45 63.63 0.11 100.48
CA VAL S 45 63.10 -0.90 99.58
C VAL S 45 64.11 -2.03 99.39
N TYR S 46 65.40 -1.70 99.42
CA TYR S 46 66.41 -2.73 99.28
C TYR S 46 66.43 -3.68 100.48
N LYS S 47 66.20 -3.13 101.68
CA LYS S 47 66.07 -3.97 102.86
C LYS S 47 64.80 -4.81 102.83
N VAL S 48 63.71 -4.25 102.29
CA VAL S 48 62.47 -5.03 102.16
C VAL S 48 62.68 -6.20 101.19
N LEU S 49 63.39 -5.95 100.10
CA LEU S 49 63.73 -7.01 99.15
C LEU S 49 64.62 -8.07 99.79
N LYS S 50 65.57 -7.63 100.62
CA LYS S 50 66.42 -8.61 101.30
C LYS S 50 65.65 -9.38 102.36
N GLN S 51 64.55 -8.84 102.88
CA GLN S 51 63.68 -9.66 103.73
C GLN S 51 62.97 -10.72 102.92
N VAL S 52 62.13 -10.32 101.97
CA VAL S 52 61.23 -11.30 101.35
C VAL S 52 61.87 -12.11 100.25
N HIS S 53 63.03 -11.71 99.75
CA HIS S 53 63.77 -12.47 98.74
C HIS S 53 65.25 -12.27 98.96
N PRO S 54 65.85 -13.07 99.85
CA PRO S 54 67.27 -12.84 100.17
C PRO S 54 68.21 -13.26 99.07
N ASP S 55 67.86 -14.26 98.29
CA ASP S 55 68.69 -14.70 97.16
C ASP S 55 68.19 -14.05 95.88
N THR S 56 68.16 -12.72 95.87
CA THR S 56 67.60 -11.97 94.75
C THR S 56 68.26 -10.61 94.70
N GLY S 57 68.80 -10.25 93.53
CA GLY S 57 69.35 -8.93 93.32
C GLY S 57 68.34 -7.97 92.73
N ILE S 58 68.85 -6.81 92.34
CA ILE S 58 68.03 -5.77 91.73
C ILE S 58 68.94 -4.89 90.88
N SER S 59 68.39 -4.40 89.77
CA SER S 59 69.06 -3.35 89.03
C SER S 59 68.68 -1.99 89.59
N SER S 60 69.61 -1.04 89.47
CA SER S 60 69.36 0.31 89.97
C SER S 60 68.28 1.03 89.16
N LYS S 61 68.14 0.64 87.89
CA LYS S 61 67.06 1.18 87.06
C LYS S 61 65.71 0.81 87.64
N ALA S 62 65.57 -0.44 88.06
CA ALA S 62 64.38 -0.88 88.76
C ALA S 62 64.18 -0.14 90.07
N MET S 63 65.27 0.26 90.72
CA MET S 63 65.12 1.03 91.95
C MET S 63 64.56 2.40 91.67
N GLY S 64 64.99 3.03 90.57
CA GLY S 64 64.39 4.28 90.17
C GLY S 64 62.92 4.12 89.81
N ILE S 65 62.59 2.99 89.18
CA ILE S 65 61.19 2.68 88.84
C ILE S 65 60.35 2.57 90.10
N MET S 66 60.86 1.84 91.09
CA MET S 66 60.11 1.67 92.34
C MET S 66 60.00 2.98 93.09
N ASN S 67 61.02 3.84 92.98
CA ASN S 67 60.97 5.14 93.65
C ASN S 67 59.87 6.00 93.04
N SER S 68 59.79 5.99 91.71
CA SER S 68 58.71 6.67 91.01
C SER S 68 57.36 6.10 91.40
N PHE S 69 57.31 4.77 91.57
CA PHE S 69 56.08 4.10 91.98
C PHE S 69 55.60 4.57 93.34
N VAL S 70 56.53 4.63 94.31
CA VAL S 70 56.15 5.03 95.66
C VAL S 70 55.77 6.50 95.69
N ASN S 71 56.44 7.32 94.87
CA ASN S 71 56.06 8.73 94.79
C ASN S 71 54.65 8.90 94.24
N ASP S 72 54.30 8.08 93.24
CA ASP S 72 52.95 8.14 92.66
C ASP S 72 51.90 7.72 93.69
N ILE S 73 52.14 6.59 94.37
CA ILE S 73 51.21 6.08 95.37
C ILE S 73 51.04 7.11 96.49
N PHE S 74 52.15 7.73 96.87
CA PHE S 74 52.15 8.72 97.93
C PHE S 74 51.36 9.96 97.55
N GLU S 75 51.53 10.45 96.33
CA GLU S 75 50.78 11.63 95.92
C GLU S 75 49.30 11.34 95.78
N ARG S 76 48.94 10.13 95.34
CA ARG S 76 47.52 9.82 95.23
C ARG S 76 46.87 9.75 96.60
N ILE S 77 47.55 9.12 97.55
CA ILE S 77 47.00 9.01 98.90
C ILE S 77 46.94 10.39 99.55
N ALA S 78 47.90 11.25 99.23
CA ALA S 78 47.89 12.61 99.74
C ALA S 78 46.71 13.40 99.20
N GLY S 79 46.42 13.26 97.91
CA GLY S 79 45.31 13.99 97.33
C GLY S 79 43.98 13.51 97.83
N GLU S 80 43.86 12.20 98.08
CA GLU S 80 42.61 11.70 98.63
C GLU S 80 42.44 12.13 100.07
N ALA S 81 43.54 12.19 100.83
CA ALA S 81 43.47 12.73 102.18
C ALA S 81 43.09 14.21 102.17
N SER S 82 43.60 14.92 101.18
CA SER S 82 43.26 16.33 100.98
C SER S 82 41.78 16.52 100.75
N ARG S 83 41.21 15.75 99.81
CA ARG S 83 39.78 15.90 99.54
C ARG S 83 38.93 15.40 100.69
N LEU S 84 39.42 14.44 101.47
CA LEU S 84 38.71 14.07 102.69
C LEU S 84 38.66 15.23 103.67
N ALA S 85 39.79 15.91 103.82
CA ALA S 85 39.87 17.07 104.71
C ALA S 85 38.95 18.20 104.24
N HIS S 86 38.88 18.40 102.93
CA HIS S 86 37.99 19.44 102.40
C HIS S 86 36.53 19.06 102.58
N TYR S 87 36.15 17.83 102.21
CA TYR S 87 34.74 17.49 102.30
C TYR S 87 34.32 17.08 103.70
N ASN S 88 35.18 17.25 104.71
CA ASN S 88 34.77 17.01 106.07
C ASN S 88 34.76 18.25 106.96
N LYS S 89 35.17 19.41 106.42
CA LYS S 89 35.26 20.68 107.16
C LYS S 89 36.16 20.57 108.38
N ARG S 90 37.23 19.78 108.28
CA ARG S 90 38.23 19.68 109.31
C ARG S 90 39.60 19.74 108.68
N SER S 91 40.63 19.86 109.52
CA SER S 91 42.00 19.96 109.03
C SER S 91 42.97 19.14 109.86
N THR S 92 42.47 18.32 110.76
CA THR S 92 43.30 17.47 111.61
C THR S 92 43.29 16.06 111.03
N ILE S 93 44.35 15.73 110.28
CA ILE S 93 44.43 14.44 109.61
C ILE S 93 44.76 13.38 110.66
N THR S 94 43.77 12.58 111.03
CA THR S 94 44.03 11.41 111.86
C THR S 94 44.49 10.28 110.94
N SER S 95 44.73 9.10 111.50
CA SER S 95 44.99 7.96 110.64
C SER S 95 43.72 7.42 110.00
N ARG S 96 42.56 7.84 110.48
CA ARG S 96 41.29 7.31 109.97
C ARG S 96 41.00 7.81 108.57
N GLU S 97 41.37 9.06 108.29
CA GLU S 97 41.28 9.60 106.93
C GLU S 97 42.21 8.86 105.99
N ILE S 98 43.41 8.53 106.48
CA ILE S 98 44.35 7.78 105.66
C ILE S 98 43.80 6.39 105.38
N GLN S 99 43.09 5.82 106.36
CA GLN S 99 42.47 4.52 106.21
C GLN S 99 41.39 4.53 105.13
N THR S 100 40.51 5.53 105.16
CA THR S 100 39.45 5.56 104.16
C THR S 100 40.02 5.88 102.77
N ALA S 101 41.15 6.60 102.71
CA ALA S 101 41.77 6.84 101.42
C ALA S 101 42.42 5.58 100.88
N VAL S 102 42.96 4.76 101.78
CA VAL S 102 43.53 3.47 101.36
C VAL S 102 42.45 2.57 100.81
N ARG S 103 41.29 2.53 101.47
CA ARG S 103 40.21 1.70 100.93
C ARG S 103 39.61 2.26 99.64
N LEU S 104 39.69 3.57 99.43
CA LEU S 104 39.22 4.13 98.16
C LEU S 104 40.17 3.79 97.02
N LEU S 105 41.43 4.17 97.16
CA LEU S 105 42.36 4.17 96.03
C LEU S 105 42.70 2.77 95.55
N LEU S 106 42.83 1.82 96.46
CA LEU S 106 43.29 0.51 96.07
C LEU S 106 42.13 -0.41 95.76
N PRO S 107 42.35 -1.42 94.92
CA PRO S 107 41.34 -2.47 94.76
C PRO S 107 41.14 -3.25 96.05
N GLY S 108 40.00 -3.94 96.12
CA GLY S 108 39.39 -4.44 97.35
C GLY S 108 40.19 -5.29 98.31
N GLU S 109 40.57 -6.50 97.90
CA GLU S 109 41.16 -7.45 98.85
C GLU S 109 42.57 -7.05 99.24
N LEU S 110 43.29 -6.45 98.29
CA LEU S 110 44.60 -5.89 98.59
C LEU S 110 44.46 -4.76 99.60
N ALA S 111 43.40 -3.95 99.47
CA ALA S 111 43.14 -2.92 100.46
C ALA S 111 42.74 -3.50 101.80
N LYS S 112 42.11 -4.67 101.80
CA LYS S 112 41.75 -5.32 103.05
C LYS S 112 42.98 -5.74 103.83
N HIS S 113 43.92 -6.39 103.13
CA HIS S 113 45.22 -6.68 103.73
C HIS S 113 45.97 -5.40 104.12
N ALA S 114 45.79 -4.33 103.36
CA ALA S 114 46.46 -3.08 103.68
C ALA S 114 45.91 -2.46 104.96
N VAL S 115 44.60 -2.52 105.15
CA VAL S 115 43.98 -2.07 106.39
C VAL S 115 44.47 -2.91 107.56
N SER S 116 44.66 -4.21 107.32
CA SER S 116 45.21 -5.10 108.35
C SER S 116 46.61 -4.66 108.76
N GLU S 117 47.48 -4.44 107.77
CA GLU S 117 48.86 -4.02 108.03
C GLU S 117 48.90 -2.67 108.74
N GLY S 118 48.04 -1.75 108.32
CA GLY S 118 48.06 -0.42 108.89
C GLY S 118 47.58 -0.39 110.31
N THR S 119 46.48 -1.09 110.59
CA THR S 119 45.94 -1.13 111.94
C THR S 119 46.89 -1.83 112.89
N LYS S 120 47.56 -2.88 112.39
CA LYS S 120 48.55 -3.58 113.21
C LYS S 120 49.74 -2.70 113.53
N ALA S 121 50.20 -1.91 112.56
CA ALA S 121 51.31 -1.00 112.83
C ALA S 121 50.91 0.12 113.78
N VAL S 122 49.67 0.61 113.67
CA VAL S 122 49.18 1.65 114.59
C VAL S 122 49.14 1.13 116.01
N THR S 123 48.60 -0.09 116.18
CA THR S 123 48.50 -0.66 117.53
C THR S 123 49.86 -0.96 118.11
N LYS S 124 50.79 -1.49 117.31
CA LYS S 124 52.11 -1.83 117.82
C LYS S 124 52.93 -0.58 118.10
N TYR S 125 52.65 0.52 117.41
CA TYR S 125 53.39 1.75 117.68
C TYR S 125 52.80 2.53 118.85
N THR S 126 51.48 2.47 119.04
CA THR S 126 50.86 3.29 120.07
C THR S 126 50.72 2.58 121.41
N SER S 127 50.71 1.25 121.42
CA SER S 127 50.69 0.54 122.70
C SER S 127 52.04 0.65 123.41
N ALA S 128 53.12 0.40 122.68
CA ALA S 128 54.46 0.72 123.15
C ALA S 128 54.75 2.18 122.79
N LYS S 129 56.01 2.59 122.91
CA LYS S 129 56.36 3.98 122.64
C LYS S 129 57.44 4.09 121.56
N HIS T 43 64.38 -22.07 50.58
CA HIS T 43 63.19 -21.86 49.76
C HIS T 43 62.27 -20.82 50.40
N ARG T 44 61.04 -20.77 49.90
CA ARG T 44 60.04 -19.82 50.36
C ARG T 44 59.13 -20.47 51.39
N TYR T 45 58.72 -19.69 52.40
CA TYR T 45 57.78 -20.18 53.39
C TYR T 45 56.36 -19.79 53.01
N ARG T 46 55.46 -20.07 53.91
CA ARG T 46 54.09 -19.63 53.76
C ARG T 46 53.89 -18.29 54.47
N PRO T 47 52.90 -17.49 54.06
CA PRO T 47 52.59 -16.28 54.81
C PRO T 47 51.98 -16.61 56.16
N GLY T 48 52.42 -15.86 57.17
CA GLY T 48 52.05 -16.08 58.55
C GLY T 48 53.13 -16.77 59.35
N THR T 49 53.99 -17.53 58.68
CA THR T 49 55.16 -18.12 59.33
C THR T 49 56.06 -17.04 59.88
N VAL T 50 56.58 -16.20 58.99
CA VAL T 50 57.52 -15.16 59.36
C VAL T 50 56.85 -14.10 60.21
N ALA T 51 55.58 -13.80 59.92
CA ALA T 51 54.89 -12.71 60.61
C ALA T 51 54.63 -13.05 62.08
N LEU T 52 53.98 -14.18 62.34
CA LEU T 52 53.76 -14.58 63.72
C LEU T 52 55.06 -14.96 64.41
N ARG T 53 56.04 -15.46 63.66
CA ARG T 53 57.34 -15.77 64.26
C ARG T 53 58.01 -14.51 64.75
N GLU T 54 57.85 -13.41 64.02
CA GLU T 54 58.41 -12.15 64.50
C GLU T 54 57.53 -11.48 65.54
N ILE T 55 56.24 -11.81 65.61
CA ILE T 55 55.45 -11.35 66.76
C ILE T 55 55.97 -12.02 68.04
N ARG T 56 56.27 -13.32 67.96
CA ARG T 56 56.89 -14.02 69.07
C ARG T 56 58.26 -13.42 69.40
N ARG T 57 59.05 -13.15 68.37
CA ARG T 57 60.40 -12.65 68.55
C ARG T 57 60.43 -11.19 69.01
N TYR T 58 59.35 -10.45 68.81
CA TYR T 58 59.30 -9.05 69.21
C TYR T 58 58.31 -8.76 70.32
N GLN T 59 57.75 -9.77 70.96
CA GLN T 59 57.11 -9.50 72.24
C GLN T 59 58.00 -9.83 73.43
N LYS T 60 59.31 -9.93 73.21
CA LYS T 60 60.23 -10.29 74.29
C LYS T 60 61.24 -9.21 74.61
N SER T 61 61.75 -8.48 73.63
CA SER T 61 62.76 -7.46 73.87
C SER T 61 62.10 -6.10 73.96
N THR T 62 62.35 -5.39 75.06
CA THR T 62 61.75 -4.10 75.33
C THR T 62 62.62 -2.95 74.88
N GLU T 63 63.76 -3.25 74.24
CA GLU T 63 64.58 -2.22 73.64
C GLU T 63 63.81 -1.51 72.53
N LEU T 64 64.09 -0.21 72.38
CA LEU T 64 63.31 0.63 71.50
C LEU T 64 63.59 0.32 70.04
N LEU T 65 62.59 0.58 69.19
CA LEU T 65 62.65 0.22 67.78
C LEU T 65 62.79 1.43 66.88
N ILE T 66 62.04 2.49 67.17
CA ILE T 66 62.25 3.76 66.48
C ILE T 66 63.56 4.31 66.99
N ARG T 67 64.61 4.19 66.17
CA ARG T 67 65.95 4.49 66.63
C ARG T 67 66.16 5.99 66.80
N LYS T 68 67.37 6.34 67.25
CA LYS T 68 67.57 7.58 67.98
C LYS T 68 67.52 8.80 67.08
N LEU T 69 68.45 8.89 66.13
CA LEU T 69 68.70 10.16 65.44
C LEU T 69 67.59 10.66 64.52
N PRO T 70 66.92 9.84 63.68
CA PRO T 70 65.81 10.42 62.91
C PRO T 70 64.64 10.85 63.77
N PHE T 71 64.33 10.08 64.82
CA PHE T 71 63.30 10.49 65.76
C PHE T 71 63.70 11.76 66.48
N GLN T 72 64.99 11.94 66.74
CA GLN T 72 65.47 13.15 67.38
C GLN T 72 65.32 14.37 66.47
N ARG T 73 65.68 14.20 65.20
CA ARG T 73 65.50 15.28 64.22
C ARG T 73 64.03 15.62 64.06
N LEU T 74 63.16 14.61 64.14
CA LEU T 74 61.72 14.84 64.09
C LEU T 74 61.24 15.64 65.29
N VAL T 75 61.70 15.29 66.48
CA VAL T 75 61.24 15.97 67.69
C VAL T 75 61.72 17.42 67.70
N ARG T 76 62.94 17.66 67.21
CA ARG T 76 63.42 19.04 67.13
C ARG T 76 62.66 19.82 66.07
N GLU T 77 62.25 19.15 64.99
CA GLU T 77 61.41 19.79 63.98
C GLU T 77 60.06 20.20 64.55
N ILE T 78 59.46 19.33 65.36
CA ILE T 78 58.17 19.64 65.98
C ILE T 78 58.31 20.79 66.96
N ALA T 79 59.35 20.74 67.79
CA ALA T 79 59.52 21.75 68.82
C ALA T 79 59.97 23.09 68.28
N GLN T 80 60.52 23.11 67.05
CA GLN T 80 61.11 24.31 66.48
C GLN T 80 60.10 25.45 66.35
N ASP T 81 58.84 25.12 66.13
CA ASP T 81 57.81 26.12 65.98
C ASP T 81 57.13 26.47 67.29
N PHE T 82 57.85 26.36 68.40
CA PHE T 82 57.34 26.85 69.67
C PHE T 82 58.23 27.95 70.24
N LYS T 83 59.54 27.78 70.16
CA LYS T 83 60.49 28.84 70.45
C LYS T 83 61.76 28.52 69.67
N THR T 84 62.49 29.56 69.30
CA THR T 84 63.67 29.40 68.49
C THR T 84 64.84 28.83 69.30
N ASP T 85 65.43 27.76 68.77
CA ASP T 85 66.74 27.23 69.18
C ASP T 85 66.74 26.81 70.65
N LEU T 86 65.93 25.81 70.96
CA LEU T 86 65.87 25.26 72.30
C LEU T 86 66.81 24.07 72.41
N ARG T 87 67.58 24.05 73.49
CA ARG T 87 68.51 22.96 73.73
C ARG T 87 67.77 21.82 74.41
N PHE T 88 68.30 20.61 74.25
CA PHE T 88 67.63 19.41 74.71
C PHE T 88 68.53 18.57 75.59
N GLN T 89 67.99 18.11 76.72
CA GLN T 89 68.55 16.97 77.41
C GLN T 89 68.34 15.71 76.58
N SER T 90 69.14 14.69 76.87
CA SER T 90 68.89 13.40 76.26
C SER T 90 67.76 12.65 76.96
N ALA T 91 67.47 13.01 78.22
CA ALA T 91 66.51 12.26 79.01
C ALA T 91 65.08 12.53 78.55
N ALA T 92 64.81 13.77 78.14
CA ALA T 92 63.49 14.08 77.62
C ALA T 92 63.25 13.37 76.29
N ILE T 93 64.29 13.26 75.46
CA ILE T 93 64.17 12.55 74.19
C ILE T 93 63.92 11.07 74.43
N GLY T 94 64.62 10.50 75.42
CA GLY T 94 64.37 9.10 75.76
C GLY T 94 62.98 8.85 76.31
N ALA T 95 62.48 9.78 77.13
CA ALA T 95 61.14 9.65 77.68
C ALA T 95 60.08 9.74 76.59
N LEU T 96 60.24 10.67 75.66
CA LEU T 96 59.24 10.76 74.60
C LEU T 96 59.36 9.60 73.63
N GLN T 97 60.54 9.01 73.50
CA GLN T 97 60.69 7.86 72.62
C GLN T 97 59.99 6.64 73.20
N GLU T 98 60.18 6.42 74.51
CA GLU T 98 59.47 5.36 75.22
C GLU T 98 57.95 5.58 75.18
N ALA T 99 57.51 6.82 75.41
CA ALA T 99 56.08 7.10 75.44
C ALA T 99 55.45 6.92 74.07
N SER T 100 56.19 7.28 73.01
CA SER T 100 55.69 7.12 71.66
C SER T 100 55.51 5.65 71.32
N GLU T 101 56.52 4.82 71.59
CA GLU T 101 56.37 3.42 71.21
C GLU T 101 55.33 2.71 72.06
N ALA T 102 55.21 3.08 73.34
CA ALA T 102 54.17 2.46 74.17
C ALA T 102 52.78 2.87 73.73
N TYR T 103 52.60 4.15 73.38
CA TYR T 103 51.28 4.61 72.97
C TYR T 103 50.87 3.99 71.65
N LEU T 104 51.82 3.79 70.75
CA LEU T 104 51.43 3.11 69.52
C LEU T 104 51.22 1.62 69.71
N VAL T 105 51.85 1.00 70.72
CA VAL T 105 51.51 -0.40 71.05
C VAL T 105 50.07 -0.51 71.51
N GLY T 106 49.65 0.38 72.42
CA GLY T 106 48.26 0.33 72.90
C GLY T 106 47.26 0.65 71.80
N LEU T 107 47.61 1.61 70.95
CA LEU T 107 46.76 1.96 69.81
C LEU T 107 46.62 0.79 68.84
N PHE T 108 47.72 0.10 68.55
CA PHE T 108 47.65 -1.05 67.66
C PHE T 108 46.88 -2.20 68.26
N GLU T 109 46.91 -2.37 69.58
CA GLU T 109 46.08 -3.39 70.22
C GLU T 109 44.60 -3.13 69.97
N ASP T 110 44.16 -1.89 70.21
CA ASP T 110 42.73 -1.62 69.99
C ASP T 110 42.37 -1.63 68.51
N THR T 111 43.30 -1.25 67.63
CA THR T 111 43.08 -1.34 66.20
C THR T 111 42.90 -2.79 65.74
N ASN T 112 43.76 -3.68 66.23
CA ASN T 112 43.67 -5.06 65.78
C ASN T 112 42.45 -5.75 66.35
N LEU T 113 42.04 -5.39 67.57
CA LEU T 113 40.81 -5.96 68.10
C LEU T 113 39.59 -5.50 67.31
N CYS T 114 39.58 -4.23 66.86
CA CYS T 114 38.52 -3.80 65.96
C CYS T 114 38.53 -4.56 64.64
N ALA T 115 39.71 -4.70 64.03
CA ALA T 115 39.79 -5.29 62.71
C ALA T 115 39.45 -6.77 62.72
N ILE T 116 39.70 -7.46 63.84
CA ILE T 116 39.23 -8.83 63.95
C ILE T 116 37.73 -8.87 64.23
N HIS T 117 37.24 -7.96 65.09
CA HIS T 117 35.84 -7.96 65.48
C HIS T 117 34.90 -7.68 64.32
N ALA T 118 35.34 -6.88 63.35
CA ALA T 118 34.54 -6.67 62.15
C ALA T 118 34.81 -7.71 61.07
N LYS T 119 35.26 -8.91 61.48
CA LYS T 119 35.40 -10.09 60.64
C LYS T 119 36.42 -9.89 59.52
N ARG T 120 37.57 -9.34 59.87
CA ARG T 120 38.70 -9.25 58.96
C ARG T 120 39.97 -9.66 59.68
N VAL T 121 41.02 -9.85 58.89
CA VAL T 121 42.31 -10.27 59.43
C VAL T 121 43.32 -9.13 59.36
N THR T 122 43.17 -8.23 58.40
CA THR T 122 44.14 -7.19 58.11
C THR T 122 43.55 -5.83 58.46
N ILE T 123 44.34 -5.00 59.12
CA ILE T 123 43.88 -3.69 59.55
C ILE T 123 43.78 -2.74 58.34
N MET T 124 42.99 -1.69 58.51
CA MET T 124 42.77 -0.59 57.58
C MET T 124 42.49 0.67 58.39
N PRO T 125 42.83 1.87 57.88
CA PRO T 125 42.88 3.06 58.76
C PRO T 125 41.57 3.48 59.39
N LYS T 126 40.44 3.04 58.87
CA LYS T 126 39.19 3.36 59.56
C LYS T 126 39.05 2.58 60.86
N ASP T 127 39.81 1.50 61.03
CA ASP T 127 39.90 0.87 62.35
C ASP T 127 40.52 1.82 63.35
N ILE T 128 41.61 2.48 62.94
CA ILE T 128 42.28 3.46 63.80
C ILE T 128 41.34 4.62 64.09
N GLN T 129 40.59 5.05 63.07
CA GLN T 129 39.60 6.12 63.26
C GLN T 129 38.52 5.70 64.25
N LEU T 130 38.07 4.45 64.15
CA LEU T 130 37.05 3.94 65.06
C LEU T 130 37.56 3.90 66.49
N ALA T 131 38.77 3.37 66.67
CA ALA T 131 39.34 3.24 68.01
C ALA T 131 39.61 4.60 68.64
N ARG T 132 40.12 5.54 67.84
CA ARG T 132 40.39 6.87 68.38
C ARG T 132 39.09 7.62 68.65
N ARG T 133 38.04 7.33 67.88
CA ARG T 133 36.72 7.83 68.20
C ARG T 133 36.21 7.25 69.51
N ILE T 134 36.54 6.00 69.80
CA ILE T 134 36.15 5.39 71.07
C ILE T 134 36.87 6.06 72.23
N ARG T 135 38.19 6.21 72.12
CA ARG T 135 38.97 6.72 73.25
C ARG T 135 38.76 8.20 73.54
N GLY T 136 38.01 8.92 72.69
CA GLY T 136 37.67 10.28 73.01
C GLY T 136 38.74 11.31 72.70
N GLU T 137 39.67 11.00 71.79
CA GLU T 137 40.62 12.00 71.34
C GLU T 137 39.99 12.92 70.31
N ARG T 138 39.34 12.33 69.30
CA ARG T 138 38.60 13.13 68.34
C ARG T 138 37.27 13.53 68.95
N ALA T 139 37.03 14.84 69.04
CA ALA T 139 35.83 15.35 69.67
C ALA T 139 34.58 15.09 68.83
N ASN U 29 62.76 14.71 57.45
CA ASN U 29 61.68 15.33 58.21
C ASN U 29 60.87 14.28 58.94
N ILE U 30 59.63 14.08 58.48
CA ILE U 30 58.77 13.07 59.04
C ILE U 30 59.20 11.68 58.59
N GLN U 31 59.97 11.58 57.51
CA GLN U 31 60.26 10.30 56.88
C GLN U 31 61.48 9.62 57.44
N GLY U 32 61.88 9.97 58.66
CA GLY U 32 62.70 9.06 59.43
C GLY U 32 61.92 7.89 59.99
N ILE U 33 60.60 8.02 60.06
CA ILE U 33 59.76 6.95 60.55
C ILE U 33 59.60 5.97 59.40
N THR U 34 60.50 5.00 59.31
CA THR U 34 60.52 4.13 58.14
C THR U 34 59.39 3.12 58.22
N LYS U 35 58.99 2.65 57.05
CA LYS U 35 58.01 1.57 56.89
C LYS U 35 58.27 0.33 57.75
N PRO U 36 59.45 -0.32 57.76
CA PRO U 36 59.57 -1.53 58.57
C PRO U 36 59.57 -1.27 60.07
N ALA U 37 59.87 -0.05 60.51
CA ALA U 37 59.76 0.25 61.93
C ALA U 37 58.30 0.29 62.37
N ILE U 38 57.45 0.89 61.53
CA ILE U 38 56.02 0.87 61.78
C ILE U 38 55.50 -0.55 61.71
N ARG U 39 56.10 -1.37 60.83
CA ARG U 39 55.78 -2.79 60.81
C ARG U 39 56.17 -3.47 62.13
N ARG U 40 57.32 -3.11 62.70
CA ARG U 40 57.74 -3.72 63.95
C ARG U 40 56.82 -3.32 65.09
N LEU U 41 56.36 -2.07 65.09
CA LEU U 41 55.36 -1.67 66.07
C LEU U 41 54.05 -2.40 65.87
N ALA U 42 53.69 -2.71 64.63
CA ALA U 42 52.51 -3.53 64.40
C ALA U 42 52.73 -4.96 64.88
N ARG U 43 53.96 -5.43 64.83
CA ARG U 43 54.27 -6.77 65.32
C ARG U 43 54.12 -6.83 66.83
N ARG U 44 54.66 -5.83 67.54
CA ARG U 44 54.54 -5.85 68.99
C ARG U 44 53.12 -5.54 69.43
N GLY U 45 52.41 -4.69 68.69
CA GLY U 45 51.03 -4.37 69.04
C GLY U 45 50.07 -5.53 68.87
N GLY U 46 50.44 -6.52 68.08
CA GLY U 46 49.64 -7.70 67.88
C GLY U 46 49.03 -7.85 66.51
N VAL U 47 49.51 -7.13 65.52
CA VAL U 47 48.88 -7.10 64.21
C VAL U 47 49.66 -8.00 63.26
N LYS U 48 48.96 -8.85 62.53
CA LYS U 48 49.60 -9.79 61.63
C LYS U 48 49.90 -9.20 60.26
N ARG U 49 48.91 -8.61 59.60
CA ARG U 49 49.03 -8.16 58.22
C ARG U 49 48.60 -6.70 58.13
N ILE U 50 49.29 -5.93 57.29
CA ILE U 50 49.18 -4.47 57.30
C ILE U 50 48.70 -4.00 55.93
N SER U 51 47.83 -2.99 55.91
CA SER U 51 47.44 -2.29 54.69
C SER U 51 48.46 -1.25 54.29
N GLY U 52 48.08 -0.35 53.38
CA GLY U 52 48.99 0.68 52.92
C GLY U 52 48.89 2.01 53.63
N LEU U 53 47.67 2.49 53.85
CA LEU U 53 47.44 3.85 54.33
C LEU U 53 47.58 3.99 55.84
N ILE U 54 47.80 2.86 56.52
CA ILE U 54 48.15 2.83 57.94
C ILE U 54 49.37 3.69 58.22
N TYR U 55 50.29 3.76 57.26
CA TYR U 55 51.52 4.54 57.41
C TYR U 55 51.22 6.03 57.58
N GLU U 56 50.41 6.58 56.68
CA GLU U 56 50.07 8.00 56.77
C GLU U 56 49.19 8.28 57.98
N GLU U 57 48.29 7.34 58.32
CA GLU U 57 47.45 7.57 59.49
C GLU U 57 48.25 7.55 60.78
N THR U 58 49.26 6.66 60.83
CA THR U 58 50.15 6.57 61.98
C THR U 58 50.97 7.84 62.13
N ARG U 59 51.51 8.35 61.00
CA ARG U 59 52.27 9.59 61.05
C ARG U 59 51.40 10.76 61.54
N GLY U 60 50.14 10.79 61.11
CA GLY U 60 49.25 11.86 61.56
C GLY U 60 48.96 11.82 63.04
N VAL U 61 48.61 10.64 63.55
CA VAL U 61 48.28 10.51 64.98
C VAL U 61 49.53 10.76 65.83
N LEU U 62 50.68 10.27 65.36
CA LEU U 62 51.95 10.51 66.03
C LEU U 62 52.27 11.98 66.12
N LYS U 63 52.03 12.72 65.03
CA LYS U 63 52.32 14.15 65.02
C LYS U 63 51.40 14.90 65.98
N VAL U 64 50.11 14.52 66.03
CA VAL U 64 49.16 15.21 66.90
C VAL U 64 49.52 15.01 68.38
N PHE U 65 49.82 13.76 68.75
CA PHE U 65 50.15 13.47 70.13
C PHE U 65 51.45 14.15 70.56
N LEU U 66 52.47 14.11 69.70
CA LEU U 66 53.72 14.78 70.05
C LEU U 66 53.55 16.29 70.11
N GLU U 67 52.65 16.86 69.31
CA GLU U 67 52.38 18.30 69.40
C GLU U 67 51.81 18.67 70.75
N ASN U 68 50.81 17.92 71.22
CA ASN U 68 50.22 18.22 72.53
C ASN U 68 51.25 18.08 73.65
N VAL U 69 52.07 17.03 73.57
CA VAL U 69 53.03 16.79 74.64
C VAL U 69 54.12 17.86 74.66
N ILE U 70 54.67 18.20 73.48
CA ILE U 70 55.72 19.19 73.43
C ILE U 70 55.20 20.58 73.77
N ARG U 71 53.93 20.89 73.45
CA ARG U 71 53.38 22.18 73.87
C ARG U 71 53.27 22.29 75.38
N ASP U 72 52.81 21.22 76.05
CA ASP U 72 52.77 21.29 77.51
C ASP U 72 54.17 21.31 78.12
N ALA U 73 55.12 20.62 77.48
CA ALA U 73 56.49 20.58 78.01
C ALA U 73 57.17 21.93 77.90
N VAL U 74 57.02 22.60 76.76
CA VAL U 74 57.63 23.90 76.59
C VAL U 74 56.86 24.96 77.38
N THR U 75 55.59 24.72 77.72
CA THR U 75 54.91 25.63 78.64
C THR U 75 55.49 25.52 80.04
N TYR U 76 55.75 24.29 80.50
CA TYR U 76 56.48 24.08 81.75
C TYR U 76 57.87 24.71 81.71
N THR U 77 58.57 24.58 80.59
CA THR U 77 59.91 25.12 80.49
C THR U 77 59.89 26.64 80.50
N GLU U 78 58.89 27.24 79.85
CA GLU U 78 58.79 28.69 79.85
C GLU U 78 58.36 29.23 81.21
N HIS U 79 57.63 28.45 81.99
CA HIS U 79 57.47 28.90 83.37
C HIS U 79 58.74 28.66 84.18
N ALA U 80 59.58 27.71 83.78
CA ALA U 80 60.85 27.54 84.47
C ALA U 80 61.87 28.59 84.11
N LYS U 81 61.59 29.42 83.09
CA LYS U 81 62.47 30.51 82.65
C LYS U 81 63.85 30.01 82.26
N ARG U 82 63.90 28.85 81.62
CA ARG U 82 65.14 28.23 81.21
C ARG U 82 65.03 27.80 79.76
N LYS U 83 66.18 27.54 79.14
CA LYS U 83 66.24 27.34 77.70
C LYS U 83 66.24 25.86 77.30
N THR U 84 66.31 24.94 78.26
CA THR U 84 66.48 23.54 77.93
C THR U 84 65.34 22.73 78.53
N VAL U 85 64.76 21.85 77.71
CA VAL U 85 63.67 20.99 78.16
C VAL U 85 64.21 19.94 79.12
N THR U 86 63.68 19.90 80.33
CA THR U 86 64.10 18.92 81.30
C THR U 86 63.47 17.57 81.00
N ALA U 87 63.89 16.56 81.75
CA ALA U 87 63.08 15.36 81.82
C ALA U 87 61.84 15.59 82.67
N MET U 88 61.95 16.45 83.68
CA MET U 88 60.88 16.62 84.64
C MET U 88 59.68 17.33 84.03
N ASP U 89 59.93 18.24 83.09
CA ASP U 89 58.83 18.88 82.38
C ASP U 89 58.07 17.86 81.55
N VAL U 90 58.78 16.94 80.91
CA VAL U 90 58.14 15.85 80.16
C VAL U 90 57.31 14.99 81.09
N VAL U 91 57.85 14.64 82.26
CA VAL U 91 57.15 13.77 83.19
C VAL U 91 55.90 14.43 83.72
N TYR U 92 55.98 15.70 84.12
CA TYR U 92 54.78 16.33 84.65
C TYR U 92 53.80 16.70 83.55
N ALA U 93 54.26 16.85 82.31
CA ALA U 93 53.34 17.08 81.22
C ALA U 93 52.54 15.82 80.91
N LEU U 94 53.21 14.66 80.93
CA LEU U 94 52.48 13.43 80.72
C LEU U 94 51.60 13.10 81.93
N LYS U 95 51.99 13.58 83.12
CA LYS U 95 51.07 13.57 84.26
C LYS U 95 49.83 14.39 83.98
N ARG U 96 50.01 15.53 83.33
CA ARG U 96 48.86 16.37 83.01
C ARG U 96 47.99 15.71 81.95
N GLN U 97 48.55 14.84 81.13
CA GLN U 97 47.76 14.10 80.15
C GLN U 97 46.97 12.95 80.75
N GLY U 98 47.23 12.58 82.00
CA GLY U 98 46.67 11.35 82.50
C GLY U 98 47.39 10.13 81.97
N ARG U 99 48.62 10.30 81.52
CA ARG U 99 49.45 9.28 80.89
C ARG U 99 50.77 9.17 81.62
N THR U 100 50.67 9.00 82.94
CA THR U 100 51.81 8.99 83.85
C THR U 100 52.82 7.92 83.47
N LEU U 101 54.10 8.30 83.48
CA LEU U 101 55.20 7.42 83.15
C LEU U 101 56.18 7.35 84.31
N TYR U 102 56.60 6.13 84.65
CA TYR U 102 57.58 5.90 85.70
C TYR U 102 58.98 5.86 85.10
N GLY U 103 59.94 5.41 85.90
CA GLY U 103 61.27 5.12 85.44
C GLY U 103 62.23 6.29 85.47
N PHE U 104 61.72 7.52 85.47
CA PHE U 104 62.56 8.69 85.30
C PHE U 104 62.41 9.66 86.48
N GLY U 105 61.91 9.18 87.60
CA GLY U 105 61.93 9.94 88.83
C GLY U 105 61.01 11.15 88.85
N GLY U 106 59.71 10.92 88.83
CA GLY U 106 58.75 12.01 88.84
C GLY U 106 57.89 12.07 90.10
N ALA V 18 38.35 54.24 93.78
CA ALA V 18 37.51 53.05 93.88
C ALA V 18 37.88 52.23 95.12
N LYS V 19 36.88 52.00 95.98
CA LYS V 19 37.14 51.28 97.22
C LYS V 19 37.32 49.78 96.96
N THR V 20 36.32 49.15 96.35
CA THR V 20 36.38 47.71 96.13
C THR V 20 37.35 47.40 94.99
N ARG V 21 38.09 46.30 95.16
CA ARG V 21 39.03 45.88 94.13
C ARG V 21 38.33 45.40 92.88
N SER V 22 37.06 45.01 92.98
CA SER V 22 36.25 44.74 91.81
C SER V 22 36.14 45.98 90.94
N SER V 23 35.87 47.12 91.58
CA SER V 23 35.83 48.38 90.85
C SER V 23 37.22 48.80 90.42
N ARG V 24 38.25 48.46 91.20
CA ARG V 24 39.62 48.77 90.81
C ARG V 24 40.08 47.90 89.65
N ALA V 25 39.44 46.76 89.44
CA ALA V 25 39.66 45.95 88.26
C ALA V 25 38.62 46.16 87.19
N GLY V 26 37.47 46.75 87.54
CA GLY V 26 36.41 46.94 86.58
C GLY V 26 35.74 45.66 86.12
N LEU V 27 35.77 44.63 86.96
CA LEU V 27 35.22 43.33 86.61
C LEU V 27 34.02 43.02 87.50
N GLN V 28 33.48 41.82 87.38
CA GLN V 28 32.28 41.48 88.13
C GLN V 28 32.42 40.29 89.06
N PHE V 29 33.27 39.33 88.73
CA PHE V 29 33.53 38.25 89.67
C PHE V 29 34.38 38.77 90.81
N PRO V 30 33.88 38.80 92.04
CA PRO V 30 34.53 39.56 93.12
C PRO V 30 35.86 38.96 93.56
N VAL V 31 36.90 39.77 93.41
CA VAL V 31 38.27 39.31 93.65
C VAL V 31 38.48 39.01 95.13
N GLY V 32 37.71 39.66 96.00
CA GLY V 32 37.87 39.44 97.43
C GLY V 32 37.41 38.07 97.89
N ARG V 33 36.29 37.58 97.36
CA ARG V 33 35.81 36.25 97.75
C ARG V 33 36.72 35.18 97.18
N VAL V 34 37.25 35.42 95.97
CA VAL V 34 38.32 34.60 95.41
C VAL V 34 39.53 34.59 96.33
N HIS V 35 39.86 35.76 96.90
CA HIS V 35 41.02 35.87 97.76
C HIS V 35 40.81 35.12 99.06
N ARG V 36 39.58 35.15 99.58
CA ARG V 36 39.27 34.38 100.79
C ARG V 36 39.33 32.89 100.52
N LEU V 37 38.84 32.44 99.37
CA LEU V 37 38.93 31.02 99.08
C LEU V 37 40.35 30.59 98.79
N LEU V 38 41.18 31.48 98.25
CA LEU V 38 42.57 31.14 98.00
C LEU V 38 43.39 31.11 99.28
N ARG V 39 43.01 31.88 100.29
CA ARG V 39 43.70 31.76 101.57
C ARG V 39 43.38 30.43 102.24
N LYS V 40 42.13 29.99 102.18
CA LYS V 40 41.75 28.68 102.70
C LYS V 40 41.72 27.65 101.58
N GLY V 41 42.87 27.48 100.93
CA GLY V 41 42.93 26.62 99.78
C GLY V 41 44.05 25.61 99.80
N ASN V 42 45.01 25.80 100.72
CA ASN V 42 46.18 24.92 100.88
C ASN V 42 46.97 24.80 99.58
N TYR V 43 47.32 25.95 99.00
CA TYR V 43 47.85 25.99 97.65
C TYR V 43 49.29 26.47 97.57
N SER V 44 49.66 27.40 98.43
CA SER V 44 51.05 27.78 98.64
C SER V 44 51.15 28.26 100.07
N GLU V 45 52.21 29.00 100.38
CA GLU V 45 52.23 29.69 101.66
C GLU V 45 51.58 31.06 101.54
N ARG V 46 51.96 31.82 100.52
CA ARG V 46 51.51 33.19 100.38
C ARG V 46 50.82 33.38 99.03
N VAL V 47 49.87 34.33 99.03
CA VAL V 47 49.03 34.62 97.87
C VAL V 47 49.29 36.06 97.47
N GLY V 48 49.63 36.27 96.20
CA GLY V 48 49.86 37.61 95.70
C GLY V 48 48.58 38.45 95.64
N ALA V 49 48.76 39.70 95.24
CA ALA V 49 47.68 40.66 95.19
C ALA V 49 47.12 40.87 93.80
N GLY V 50 47.75 40.32 92.76
CA GLY V 50 47.24 40.45 91.41
C GLY V 50 46.79 39.14 90.82
N ALA V 51 47.23 38.04 91.43
CA ALA V 51 46.80 36.72 90.96
C ALA V 51 45.30 36.49 91.04
N PRO V 52 44.56 36.84 92.11
CA PRO V 52 43.10 36.65 92.02
C PRO V 52 42.42 37.60 91.05
N VAL V 53 43.03 38.75 90.75
CA VAL V 53 42.53 39.60 89.68
C VAL V 53 42.63 38.88 88.35
N TYR V 54 43.80 38.31 88.08
CA TYR V 54 44.02 37.57 86.83
C TYR V 54 43.06 36.39 86.71
N LEU V 55 42.85 35.70 87.83
CA LEU V 55 41.99 34.53 87.84
C LEU V 55 40.54 34.89 87.62
N ALA V 56 40.07 35.96 88.28
CA ALA V 56 38.69 36.40 88.10
C ALA V 56 38.45 36.91 86.70
N ALA V 57 39.47 37.49 86.05
CA ALA V 57 39.33 37.87 84.66
C ALA V 57 39.18 36.64 83.76
N VAL V 58 39.96 35.59 84.00
CA VAL V 58 39.87 34.40 83.17
C VAL V 58 38.51 33.72 83.36
N LEU V 59 38.01 33.68 84.59
CA LEU V 59 36.70 33.09 84.85
C LEU V 59 35.57 33.91 84.23
N GLU V 60 35.69 35.24 84.26
CA GLU V 60 34.69 36.07 83.60
C GLU V 60 34.68 35.85 82.10
N TYR V 61 35.86 35.67 81.51
CA TYR V 61 35.92 35.42 80.08
C TYR V 61 35.31 34.08 79.72
N LEU V 62 35.53 33.04 80.54
CA LEU V 62 34.93 31.74 80.24
C LEU V 62 33.42 31.74 80.43
N THR V 63 32.92 32.40 81.47
CA THR V 63 31.48 32.47 81.66
C THR V 63 30.79 33.25 80.56
N ALA V 64 31.44 34.31 80.07
CA ALA V 64 30.90 35.02 78.92
C ALA V 64 30.94 34.16 77.66
N GLU V 65 32.01 33.37 77.50
CA GLU V 65 32.17 32.50 76.34
C GLU V 65 31.09 31.43 76.30
N ILE V 66 30.64 30.96 77.47
CA ILE V 66 29.55 29.99 77.48
C ILE V 66 28.19 30.66 77.34
N LEU V 67 27.95 31.76 78.06
CA LEU V 67 26.65 32.40 77.99
C LEU V 67 26.36 33.02 76.62
N GLU V 68 27.39 33.32 75.83
CA GLU V 68 27.19 33.74 74.45
C GLU V 68 26.51 32.63 73.63
N LEU V 69 27.07 31.44 73.70
CA LEU V 69 26.47 30.31 72.97
C LEU V 69 25.15 29.90 73.61
N ALA V 70 24.97 30.17 74.91
CA ALA V 70 23.69 29.93 75.55
C ALA V 70 22.61 30.85 75.01
N GLY V 71 22.97 32.12 74.79
CA GLY V 71 22.02 33.05 74.18
C GLY V 71 21.69 32.67 72.77
N ASN V 72 22.68 32.19 72.01
CA ASN V 72 22.40 31.71 70.65
C ASN V 72 21.50 30.47 70.67
N ALA V 73 21.69 29.59 71.65
CA ALA V 73 20.84 28.40 71.74
C ALA V 73 19.42 28.75 72.15
N ALA V 74 19.25 29.75 73.01
CA ALA V 74 17.91 30.18 73.37
C ALA V 74 17.24 30.93 72.23
N ARG V 75 18.05 31.56 71.37
CA ARG V 75 17.52 32.29 70.24
C ARG V 75 17.14 31.35 69.09
N ASP V 76 17.81 30.20 68.97
CA ASP V 76 17.49 29.26 67.89
C ASP V 76 16.13 28.61 68.09
N ASN V 77 15.69 28.47 69.35
CA ASN V 77 14.39 27.88 69.63
C ASN V 77 13.37 28.91 70.09
N LYS V 78 13.73 30.19 70.05
CA LYS V 78 12.89 31.32 70.45
C LYS V 78 12.36 31.15 71.87
N LYS V 79 13.27 30.84 72.80
CA LYS V 79 12.90 30.64 74.18
C LYS V 79 13.59 31.67 75.05
N THR V 80 12.88 32.15 76.06
CA THR V 80 13.37 33.24 76.89
C THR V 80 14.33 32.75 77.96
N ARG V 81 13.85 31.90 78.86
CA ARG V 81 14.68 31.38 79.93
C ARG V 81 15.59 30.30 79.38
N ILE V 82 16.89 30.41 79.65
CA ILE V 82 17.83 29.41 79.16
C ILE V 82 17.68 28.17 80.02
N ILE V 83 17.43 27.04 79.36
CA ILE V 83 17.21 25.75 80.02
C ILE V 83 18.50 24.94 79.89
N PRO V 84 18.72 23.90 80.69
CA PRO V 84 19.97 23.14 80.56
C PRO V 84 20.09 22.37 79.27
N ARG V 85 18.99 22.12 78.56
CA ARG V 85 19.08 21.61 77.20
C ARG V 85 19.84 22.59 76.32
N HIS V 86 19.54 23.88 76.45
CA HIS V 86 20.26 24.91 75.72
C HIS V 86 21.73 24.88 76.07
N LEU V 87 22.03 24.66 77.35
CA LEU V 87 23.42 24.61 77.80
C LEU V 87 24.15 23.45 77.17
N GLN V 88 23.52 22.28 77.14
CA GLN V 88 24.16 21.10 76.59
C GLN V 88 24.40 21.24 75.10
N LEU V 89 23.40 21.79 74.39
CA LEU V 89 23.57 22.03 72.96
C LEU V 89 24.64 23.08 72.70
N ALA V 90 24.71 24.09 73.57
CA ALA V 90 25.71 25.14 73.39
C ALA V 90 27.11 24.64 73.69
N ILE V 91 27.24 23.66 74.58
CA ILE V 91 28.56 23.10 74.84
C ILE V 91 28.98 22.20 73.69
N ARG V 92 28.07 21.37 73.20
CA ARG V 92 28.47 20.46 72.13
C ARG V 92 28.61 21.13 70.77
N ASN V 93 28.04 22.32 70.59
CA ASN V 93 28.19 22.99 69.29
C ASN V 93 29.55 23.63 69.12
N ASP V 94 30.22 23.99 70.20
CA ASP V 94 31.58 24.51 70.10
C ASP V 94 32.54 23.35 69.90
N GLU V 95 33.69 23.63 69.27
CA GLU V 95 34.68 22.58 69.11
C GLU V 95 35.71 22.60 70.25
N GLU V 96 36.18 23.78 70.66
CA GLU V 96 37.13 23.83 71.75
C GLU V 96 36.48 23.52 73.10
N LEU V 97 35.23 23.91 73.29
CA LEU V 97 34.58 23.58 74.55
C LEU V 97 34.21 22.11 74.65
N ASN V 98 34.10 21.42 73.52
CA ASN V 98 33.96 19.97 73.56
C ASN V 98 35.27 19.32 73.94
N LYS V 99 36.39 19.89 73.47
CA LYS V 99 37.69 19.32 73.76
C LYS V 99 38.08 19.55 75.22
N LEU V 100 37.55 20.60 75.84
CA LEU V 100 37.78 20.80 77.26
C LEU V 100 36.91 19.86 78.09
N LEU V 101 35.59 20.00 77.97
CA LEU V 101 34.65 19.43 78.93
C LEU V 101 34.09 18.10 78.49
N GLY V 102 34.87 17.30 77.76
CA GLY V 102 34.37 16.05 77.21
C GLY V 102 34.13 14.99 78.26
N ARG V 103 34.92 15.00 79.34
CA ARG V 103 34.72 14.10 80.45
C ARG V 103 33.82 14.72 81.53
N VAL V 104 33.06 15.74 81.16
CA VAL V 104 32.09 16.36 82.03
C VAL V 104 30.72 16.04 81.47
N THR V 105 29.78 15.72 82.34
CA THR V 105 28.44 15.35 81.91
C THR V 105 27.42 16.15 82.70
N ILE V 106 26.66 16.96 82.02
CA ILE V 106 25.71 17.86 82.63
C ILE V 106 24.37 17.15 82.78
N ALA V 107 23.73 17.36 83.93
CA ALA V 107 22.40 16.82 84.17
C ALA V 107 21.38 17.48 83.27
N GLN V 108 20.25 16.78 83.11
CA GLN V 108 19.08 17.19 82.32
C GLN V 108 19.38 17.41 80.85
N GLY V 109 20.53 16.93 80.36
CA GLY V 109 21.04 17.44 79.11
C GLY V 109 20.47 16.80 77.86
N GLY V 110 20.53 15.49 77.81
CA GLY V 110 20.34 14.82 76.54
C GLY V 110 21.64 14.88 75.75
N VAL V 111 21.54 14.57 74.47
CA VAL V 111 22.72 14.63 73.61
C VAL V 111 22.39 15.48 72.39
N LEU V 112 23.34 15.55 71.45
CA LEU V 112 23.10 16.17 70.16
C LEU V 112 21.98 15.45 69.42
N PRO V 113 21.20 16.17 68.62
CA PRO V 113 20.37 15.49 67.64
C PRO V 113 21.27 14.90 66.58
N ASN V 114 21.49 13.59 66.63
CA ASN V 114 22.55 12.96 65.84
C ASN V 114 21.99 11.71 65.20
N ILE V 115 22.03 11.67 63.86
CA ILE V 115 21.59 10.53 63.08
C ILE V 115 22.75 10.14 62.16
N GLN V 116 23.05 8.85 62.11
CA GLN V 116 24.16 8.36 61.32
C GLN V 116 23.80 8.31 59.84
N ALA V 117 24.74 7.79 59.04
CA ALA V 117 24.58 7.79 57.58
C ALA V 117 23.74 6.63 57.10
N VAL V 118 24.11 5.41 57.47
CA VAL V 118 23.42 4.22 56.97
C VAL V 118 22.11 3.93 57.66
N LEU V 119 21.71 4.74 58.64
CA LEU V 119 20.47 4.46 59.36
C LEU V 119 19.24 4.99 58.63
N LEU V 120 19.39 6.02 57.81
CA LEU V 120 18.23 6.54 57.09
C LEU V 120 17.83 5.59 55.97
N PRO V 121 16.53 5.43 55.71
CA PRO V 121 16.10 4.56 54.62
C PRO V 121 16.42 5.16 53.25
N LYS V 122 17.09 4.37 52.42
CA LYS V 122 17.42 4.77 51.07
C LYS V 122 16.17 4.83 50.19
N SER W 36 21.70 28.14 105.39
CA SER W 36 22.45 29.13 106.14
C SER W 36 23.06 30.16 105.20
N ARG W 37 24.31 30.56 105.48
CA ARG W 37 25.06 31.47 104.61
C ARG W 37 25.90 30.67 103.62
N LYS W 38 25.22 29.76 102.92
CA LYS W 38 25.86 28.94 101.90
C LYS W 38 26.08 29.84 100.69
N GLU W 39 27.33 30.25 100.48
CA GLU W 39 27.63 31.26 99.48
C GLU W 39 27.77 30.63 98.10
N SER W 40 27.14 31.26 97.12
CA SER W 40 27.12 30.80 95.74
C SER W 40 27.60 31.91 94.83
N TYR W 41 27.46 31.70 93.53
CA TYR W 41 27.93 32.65 92.52
C TYR W 41 26.78 33.23 91.72
N SER W 42 25.61 33.36 92.34
CA SER W 42 24.36 33.61 91.62
C SER W 42 24.34 34.99 90.99
N ILE W 43 24.44 36.03 91.80
CA ILE W 43 24.24 37.39 91.34
C ILE W 43 25.37 37.85 90.43
N TYR W 44 26.52 37.21 90.52
CA TYR W 44 27.66 37.58 89.70
C TYR W 44 27.44 37.15 88.26
N VAL W 45 27.00 35.90 88.07
CA VAL W 45 26.69 35.43 86.74
C VAL W 45 25.40 36.07 86.23
N TYR W 46 24.49 36.49 87.12
CA TYR W 46 23.37 37.34 86.69
C TYR W 46 23.85 38.64 86.07
N LYS W 47 24.84 39.28 86.70
CA LYS W 47 25.39 40.50 86.12
C LYS W 47 26.12 40.22 84.82
N VAL W 48 26.74 39.04 84.70
CA VAL W 48 27.37 38.64 83.44
C VAL W 48 26.32 38.50 82.33
N LEU W 49 25.20 37.84 82.66
CA LEU W 49 24.17 37.62 81.67
C LEU W 49 23.46 38.91 81.30
N LYS W 50 23.30 39.83 82.25
CA LYS W 50 22.75 41.13 81.93
C LYS W 50 23.71 41.95 81.08
N GLN W 51 25.01 41.74 81.23
CA GLN W 51 25.95 42.45 80.38
C GLN W 51 26.38 41.64 79.16
N VAL W 52 25.68 40.55 78.84
CA VAL W 52 25.90 39.92 77.53
C VAL W 52 24.60 39.88 76.73
N HIS W 53 23.59 39.17 77.23
CA HIS W 53 22.27 39.15 76.61
C HIS W 53 21.30 39.83 77.57
N PRO W 54 21.07 41.14 77.42
CA PRO W 54 20.48 41.92 78.51
C PRO W 54 19.01 41.66 78.77
N ASP W 55 18.33 40.86 77.96
CA ASP W 55 16.91 40.56 78.16
C ASP W 55 16.68 39.06 78.08
N THR W 56 17.50 38.29 78.79
CA THR W 56 17.41 36.84 78.76
C THR W 56 17.40 36.31 80.18
N GLY W 57 16.35 35.57 80.54
CA GLY W 57 16.26 34.93 81.84
C GLY W 57 16.91 33.56 81.85
N ILE W 58 16.92 32.95 83.04
CA ILE W 58 17.61 31.67 83.22
C ILE W 58 17.03 31.01 84.47
N SER W 59 17.16 29.68 84.55
CA SER W 59 16.51 28.88 85.57
C SER W 59 17.40 28.68 86.79
N SER W 60 16.87 27.98 87.78
CA SER W 60 17.63 27.75 89.00
C SER W 60 18.71 26.69 88.77
N LYS W 61 18.32 25.58 88.15
CA LYS W 61 19.27 24.48 87.98
C LYS W 61 20.35 24.82 86.98
N ALA W 62 20.05 25.68 86.00
CA ALA W 62 21.09 26.16 85.11
C ALA W 62 22.12 26.99 85.86
N MET W 63 21.65 27.78 86.83
CA MET W 63 22.57 28.52 87.68
C MET W 63 23.40 27.58 88.54
N GLY W 64 22.80 26.49 89.00
CA GLY W 64 23.58 25.47 89.69
C GLY W 64 24.63 24.83 88.81
N ILE W 65 24.32 24.63 87.53
CA ILE W 65 25.29 24.10 86.57
C ILE W 65 26.44 25.08 86.40
N MET W 66 26.12 26.38 86.30
CA MET W 66 27.16 27.40 86.21
C MET W 66 28.01 27.45 87.47
N ASN W 67 27.39 27.24 88.63
CA ASN W 67 28.12 27.25 89.89
C ASN W 67 29.11 26.11 89.96
N SER W 68 28.66 24.91 89.57
CA SER W 68 29.56 23.76 89.51
C SER W 68 30.64 23.98 88.46
N PHE W 69 30.33 24.67 87.38
CA PHE W 69 31.33 24.96 86.35
C PHE W 69 32.43 25.85 86.88
N VAL W 70 32.06 26.92 87.59
CA VAL W 70 33.06 27.85 88.09
C VAL W 70 33.90 27.20 89.17
N ASN W 71 33.28 26.38 90.03
CA ASN W 71 34.06 25.71 91.06
C ASN W 71 35.01 24.67 90.46
N ASP W 72 34.57 24.01 89.38
CA ASP W 72 35.44 23.06 88.69
C ASP W 72 36.66 23.77 88.10
N ILE W 73 36.44 24.84 87.36
CA ILE W 73 37.56 25.52 86.71
C ILE W 73 38.48 26.17 87.75
N PHE W 74 37.90 26.63 88.86
CA PHE W 74 38.69 27.20 89.94
C PHE W 74 39.61 26.16 90.56
N GLU W 75 39.07 24.98 90.88
CA GLU W 75 39.92 23.95 91.46
C GLU W 75 40.96 23.45 90.50
N ARG W 76 40.63 23.37 89.21
CA ARG W 76 41.62 22.91 88.24
C ARG W 76 42.80 23.87 88.14
N ILE W 77 42.51 25.17 88.07
CA ILE W 77 43.60 26.12 87.87
C ILE W 77 44.40 26.29 89.15
N ALA W 78 43.73 26.26 90.31
CA ALA W 78 44.46 26.39 91.57
C ALA W 78 45.32 25.16 91.85
N GLY W 79 44.82 23.98 91.52
CA GLY W 79 45.62 22.78 91.69
C GLY W 79 46.81 22.75 90.76
N GLU W 80 46.62 23.19 89.52
CA GLU W 80 47.74 23.20 88.58
C GLU W 80 48.78 24.24 88.97
N ALA W 81 48.31 25.35 89.56
CA ALA W 81 49.23 26.36 90.06
C ALA W 81 50.02 25.85 91.26
N SER W 82 49.36 25.09 92.15
CA SER W 82 50.07 24.53 93.29
C SER W 82 51.10 23.50 92.86
N ARG W 83 50.76 22.72 91.82
CA ARG W 83 51.74 21.81 91.23
C ARG W 83 52.95 22.56 90.70
N LEU W 84 52.74 23.67 90.00
CA LEU W 84 53.89 24.43 89.51
C LEU W 84 54.70 25.05 90.63
N ALA W 85 54.03 25.47 91.71
CA ALA W 85 54.71 26.00 92.87
C ALA W 85 55.64 24.97 93.47
N HIS W 86 55.20 23.72 93.54
CA HIS W 86 56.12 22.66 93.98
C HIS W 86 57.15 22.27 92.93
N TYR W 87 56.83 22.41 91.65
CA TYR W 87 57.73 21.92 90.62
C TYR W 87 58.89 22.87 90.39
N ASN W 88 58.80 24.12 90.83
CA ASN W 88 59.97 24.97 90.85
C ASN W 88 60.35 25.41 92.27
N LYS W 89 59.74 24.81 93.29
CA LYS W 89 60.02 25.05 94.71
C LYS W 89 59.90 26.53 95.06
N ARG W 90 58.78 27.10 94.68
CA ARG W 90 58.47 28.51 94.94
C ARG W 90 57.20 28.55 95.75
N SER W 91 57.30 29.02 96.99
CA SER W 91 56.28 28.77 97.98
C SER W 91 55.17 29.81 98.01
N THR W 92 55.07 30.65 96.98
CA THR W 92 54.03 31.64 96.93
C THR W 92 53.47 31.72 95.52
N ILE W 93 52.41 32.51 95.36
CA ILE W 93 51.64 32.57 94.12
C ILE W 93 51.61 34.01 93.63
N THR W 94 52.15 34.25 92.44
CA THR W 94 51.96 35.49 91.72
C THR W 94 50.93 35.27 90.61
N SER W 95 50.77 36.27 89.75
CA SER W 95 49.88 36.10 88.61
C SER W 95 50.51 35.24 87.51
N ARG W 96 51.84 35.10 87.49
CA ARG W 96 52.51 34.46 86.37
C ARG W 96 52.23 32.97 86.34
N GLU W 97 52.10 32.36 87.52
CA GLU W 97 51.71 30.97 87.62
C GLU W 97 50.31 30.74 87.06
N ILE W 98 49.39 31.68 87.34
CA ILE W 98 48.02 31.55 86.83
C ILE W 98 48.02 31.67 85.32
N GLN W 99 48.85 32.57 84.79
CA GLN W 99 48.97 32.76 83.34
C GLN W 99 49.43 31.49 82.65
N THR W 100 50.54 30.92 83.13
CA THR W 100 51.00 29.70 82.50
C THR W 100 50.12 28.50 82.84
N ALA W 101 49.31 28.58 83.90
CA ALA W 101 48.38 27.50 84.20
C ALA W 101 47.24 27.46 83.19
N VAL W 102 46.72 28.62 82.84
CA VAL W 102 45.68 28.65 81.82
C VAL W 102 46.28 28.41 80.43
N ARG W 103 47.58 28.67 80.25
CA ARG W 103 48.26 28.14 79.07
C ARG W 103 48.24 26.62 79.06
N LEU W 104 48.38 25.99 80.22
CA LEU W 104 48.40 24.53 80.28
C LEU W 104 47.04 23.92 80.02
N LEU W 105 45.99 24.44 80.67
CA LEU W 105 44.69 23.79 80.59
C LEU W 105 44.04 23.98 79.23
N LEU W 106 43.75 25.20 78.88
CA LEU W 106 42.94 25.41 77.70
C LEU W 106 43.78 25.32 76.44
N PRO W 107 43.23 24.82 75.34
CA PRO W 107 43.96 24.84 74.06
C PRO W 107 44.01 26.24 73.46
N GLY W 108 44.67 26.36 72.31
CA GLY W 108 45.23 27.58 71.77
C GLY W 108 44.45 28.88 71.78
N GLU W 109 43.31 28.95 71.08
CA GLU W 109 42.67 30.22 70.80
C GLU W 109 42.02 30.81 72.04
N LEU W 110 41.27 29.98 72.77
CA LEU W 110 40.66 30.42 74.01
C LEU W 110 41.72 30.80 75.04
N ALA W 111 42.85 30.09 75.03
CA ALA W 111 43.96 30.43 75.91
C ALA W 111 44.55 31.79 75.56
N LYS W 112 44.70 32.07 74.27
CA LYS W 112 45.26 33.34 73.83
C LYS W 112 44.35 34.49 74.22
N HIS W 113 43.03 34.31 74.04
CA HIS W 113 42.09 35.34 74.45
C HIS W 113 42.07 35.53 75.96
N ALA W 114 42.19 34.44 76.73
CA ALA W 114 42.16 34.57 78.18
C ALA W 114 43.43 35.24 78.69
N VAL W 115 44.57 34.97 78.05
CA VAL W 115 45.81 35.65 78.40
C VAL W 115 45.70 37.15 78.14
N SER W 116 45.12 37.50 76.99
CA SER W 116 44.91 38.92 76.68
C SER W 116 43.98 39.59 77.69
N GLU W 117 42.89 38.91 78.06
CA GLU W 117 41.94 39.47 79.03
C GLU W 117 42.57 39.64 80.40
N GLY W 118 43.32 38.64 80.85
CA GLY W 118 43.95 38.72 82.14
C GLY W 118 45.02 39.80 82.20
N THR W 119 45.85 39.89 81.17
CA THR W 119 46.88 40.93 81.13
C THR W 119 46.26 42.32 81.10
N LYS W 120 45.14 42.48 80.38
CA LYS W 120 44.50 43.78 80.33
C LYS W 120 43.91 44.17 81.68
N ALA W 121 43.24 43.22 82.35
CA ALA W 121 42.66 43.54 83.65
C ALA W 121 43.74 43.77 84.71
N VAL W 122 44.84 43.04 84.62
CA VAL W 122 45.93 43.19 85.59
C VAL W 122 46.62 44.53 85.41
N THR W 123 46.87 44.93 84.15
CA THR W 123 47.52 46.22 83.92
C THR W 123 46.60 47.38 84.31
N LYS W 124 45.29 47.23 84.08
CA LYS W 124 44.35 48.27 84.48
C LYS W 124 44.25 48.38 85.99
N TYR W 125 44.28 47.25 86.69
CA TYR W 125 44.36 47.29 88.15
C TYR W 125 45.71 47.80 88.64
N THR W 126 46.76 47.64 87.82
CA THR W 126 48.09 48.03 88.23
C THR W 126 48.26 49.54 88.21
N SER W 127 48.06 50.16 87.04
CA SER W 127 48.32 51.59 86.90
C SER W 127 47.31 52.42 87.67
N ALA W 128 46.05 52.03 87.65
CA ALA W 128 45.04 52.72 88.42
C ALA W 128 44.99 52.13 89.83
#